data_9HVM
#
_entry.id   9HVM
#
loop_
_entity.id
_entity.type
_entity.pdbx_description
1 polymer 'Ribulose bisphosphate carboxylase large chain'
2 polymer 'Ribulose bisphosphate carboxylase small subunit, chloroplastic 1'
#
loop_
_entity_poly.entity_id
_entity_poly.type
_entity_poly.pdbx_seq_one_letter_code
_entity_poly.pdbx_strand_id
1 'polypeptide(L)'
;TKAGAGFKAGVKDYRLTYYTPDYVVRDTDILAAFRMTPQLGVPPEECGAAVAAESSTGTWTTVWTDGLTSLDRYKGRCYD
IEPVPGEDNQYIAYVAYPIDLFEEGSVTNMFTSIVGNVFGFKALRALRLEDLRIPPAYVKTFVGPPHGIQVERDKLNKYG
RGLLGCTIKPKLGLSAKNYGRAVYECLRGGLDFTKDDENVNSQPFMRWRDRFLFVAEAIYKAQAETGEVKGHYLNATAGT
CEEMMKRAVCAKELGVPIIMHDYLTGGFTANTSLAIYCRDNGLLLHIHRAMHAVIDRQRNHGIHFRVLAKALRMSGGDHL
HSGTVVGKLEGEREVTLGFVDLMRDDYVEKDRSRGIYFTQDWCSMPGVMPVASGGIHVWHMPALVEIFGDDACLQFGGGT
LGHPWGNAPGAAANRVALEACTQARNEGRDLAREGGDVIRSACKWSPELAAACEVWKEIKFEFDTIDKL
;
A,C,E,G,I,K,M,O
2 'polypeptide(L)'
;MMVWTPVNNKMFETFSYLPPLTDEQIAAQVDYIVANGWIPCLEFAEADKAYVSNESAIRFGSVSCLYYDNRYWTMWKLPM
FGCRDPMQVLREIVACTKAFPDAYVRLVAFDNQKQVQIMGFLVQRPKTARDF
;
B,D,F,H,J,L,N,P
#
# COMPACT_ATOMS: atom_id res chain seq x y z
N THR A 1 -29.27 39.88 -19.31
CA THR A 1 -30.10 38.84 -18.60
C THR A 1 -29.29 38.03 -17.61
N LYS A 2 -29.89 37.67 -16.46
CA LYS A 2 -29.26 36.79 -15.48
C LYS A 2 -29.68 35.33 -15.67
N ALA A 3 -30.52 35.06 -16.70
CA ALA A 3 -31.06 33.79 -17.15
C ALA A 3 -32.56 33.95 -17.36
N GLY A 4 -33.14 33.18 -18.32
CA GLY A 4 -34.57 33.28 -18.61
C GLY A 4 -34.93 34.23 -19.72
N ALA A 5 -34.15 34.23 -20.81
CA ALA A 5 -34.39 35.07 -21.96
C ALA A 5 -34.74 34.22 -23.16
N GLY A 6 -35.88 34.53 -23.82
CA GLY A 6 -36.34 33.83 -25.01
C GLY A 6 -35.78 34.36 -26.30
N PHE A 7 -34.48 34.18 -26.55
CA PHE A 7 -33.83 34.59 -27.78
C PHE A 7 -34.43 34.00 -29.06
N LYS A 8 -34.66 34.85 -30.08
CA LYS A 8 -35.10 34.42 -31.40
C LYS A 8 -34.03 33.66 -32.17
N ALA A 9 -34.45 32.71 -33.03
CA ALA A 9 -33.56 31.92 -33.86
C ALA A 9 -32.63 32.73 -34.77
N GLY A 10 -31.42 32.19 -35.00
CA GLY A 10 -30.34 32.83 -35.75
C GLY A 10 -29.25 33.24 -34.80
N VAL A 11 -28.34 34.12 -35.21
CA VAL A 11 -27.29 34.65 -34.35
C VAL A 11 -27.37 36.16 -34.33
N LYS A 12 -27.31 36.77 -33.14
CA LYS A 12 -27.35 38.20 -32.94
C LYS A 12 -25.97 38.80 -33.21
N ASP A 13 -25.86 40.06 -33.69
CA ASP A 13 -24.58 40.70 -33.93
C ASP A 13 -23.74 40.77 -32.64
N TYR A 14 -22.48 40.29 -32.71
CA TYR A 14 -21.57 40.20 -31.59
C TYR A 14 -21.21 41.57 -31.05
N ARG A 15 -21.25 42.62 -31.89
CA ARG A 15 -20.97 43.98 -31.48
C ARG A 15 -22.10 44.57 -30.64
N LEU A 16 -23.28 43.96 -30.70
CA LEU A 16 -24.44 44.33 -29.91
C LEU A 16 -24.61 43.43 -28.70
N THR A 17 -23.69 42.47 -28.46
CA THR A 17 -23.84 41.49 -27.37
C THR A 17 -22.57 41.16 -26.59
N TYR A 18 -21.36 41.29 -27.15
CA TYR A 18 -20.12 40.95 -26.45
C TYR A 18 -19.05 42.05 -26.52
N TYR A 19 -19.40 43.26 -26.99
CA TYR A 19 -18.47 44.37 -27.09
C TYR A 19 -18.97 45.65 -26.41
N THR A 20 -18.22 46.11 -25.39
CA THR A 20 -18.58 47.23 -24.54
C THR A 20 -17.36 48.14 -24.36
N PRO A 21 -17.19 49.24 -25.09
CA PRO A 21 -15.96 50.03 -25.02
C PRO A 21 -15.87 50.92 -23.79
N ASP A 22 -16.87 50.90 -22.88
CA ASP A 22 -16.84 51.63 -21.62
C ASP A 22 -16.77 50.67 -20.42
N TYR A 23 -16.41 49.39 -20.63
CA TYR A 23 -16.29 48.39 -19.57
C TYR A 23 -15.28 48.76 -18.48
N VAL A 24 -15.64 48.54 -17.19
CA VAL A 24 -14.76 48.81 -16.07
C VAL A 24 -14.37 47.49 -15.42
N VAL A 25 -13.05 47.21 -15.36
CA VAL A 25 -12.50 45.95 -14.88
C VAL A 25 -12.61 45.74 -13.37
N ARG A 26 -12.68 44.48 -12.94
CA ARG A 26 -12.58 44.09 -11.54
C ARG A 26 -11.13 43.70 -11.26
N ASP A 27 -10.76 43.58 -9.97
CA ASP A 27 -9.41 43.16 -9.59
C ASP A 27 -9.25 41.66 -9.81
N THR A 28 -10.38 40.93 -9.88
CA THR A 28 -10.44 39.49 -10.11
C THR A 28 -10.64 39.12 -11.56
N ASP A 29 -10.84 40.10 -12.47
CA ASP A 29 -11.00 39.83 -13.90
C ASP A 29 -9.70 39.35 -14.56
N ILE A 30 -9.81 38.43 -15.53
CA ILE A 30 -8.73 37.91 -16.35
C ILE A 30 -8.82 38.63 -17.68
N LEU A 31 -7.74 39.33 -18.11
CA LEU A 31 -7.76 40.06 -19.37
C LEU A 31 -6.71 39.55 -20.33
N ALA A 32 -6.99 39.60 -21.63
CA ALA A 32 -6.05 39.20 -22.66
C ALA A 32 -5.96 40.24 -23.75
N ALA A 33 -4.73 40.56 -24.21
CA ALA A 33 -4.46 41.50 -25.26
C ALA A 33 -3.89 40.74 -26.45
N PHE A 34 -4.53 40.88 -27.64
CA PHE A 34 -4.15 40.15 -28.84
C PHE A 34 -3.89 41.09 -30.00
N ARG A 35 -2.87 40.81 -30.82
CA ARG A 35 -2.59 41.49 -32.07
C ARG A 35 -3.21 40.66 -33.19
N MET A 36 -4.09 41.25 -34.04
CA MET A 36 -4.87 40.47 -35.00
C MET A 36 -4.95 41.11 -36.37
N THR A 37 -5.08 40.27 -37.42
CA THR A 37 -5.48 40.75 -38.75
C THR A 37 -6.68 39.91 -39.23
N PRO A 38 -7.90 40.47 -39.29
CA PRO A 38 -9.07 39.84 -39.91
C PRO A 38 -8.91 39.49 -41.37
N GLN A 39 -9.71 38.54 -41.91
CA GLN A 39 -9.87 38.34 -43.35
C GLN A 39 -10.54 39.55 -44.01
N LEU A 40 -10.21 39.85 -45.28
CA LEU A 40 -10.74 41.00 -45.99
C LEU A 40 -12.25 40.92 -46.19
N GLY A 41 -12.99 41.73 -45.41
CA GLY A 41 -14.44 41.79 -45.37
C GLY A 41 -14.97 41.62 -43.97
N VAL A 42 -14.10 41.43 -42.97
CA VAL A 42 -14.48 41.23 -41.58
C VAL A 42 -14.16 42.47 -40.75
N PRO A 43 -15.11 43.25 -40.22
CA PRO A 43 -14.85 44.37 -39.32
C PRO A 43 -14.04 44.02 -38.07
N PRO A 44 -13.09 44.81 -37.57
CA PRO A 44 -12.28 44.42 -36.41
C PRO A 44 -13.07 44.39 -35.11
N GLU A 45 -14.18 45.15 -34.95
CA GLU A 45 -14.99 45.02 -33.75
C GLU A 45 -15.86 43.78 -33.82
N GLU A 46 -16.26 43.34 -35.03
CA GLU A 46 -16.95 42.08 -35.23
C GLU A 46 -16.05 40.91 -34.91
N CYS A 47 -14.77 40.98 -35.33
CA CYS A 47 -13.75 39.98 -35.02
C CYS A 47 -13.43 39.91 -33.53
N GLY A 48 -13.18 41.06 -32.86
CA GLY A 48 -12.92 41.12 -31.42
C GLY A 48 -14.05 40.58 -30.57
N ALA A 49 -15.27 41.03 -30.88
CA ALA A 49 -16.49 40.58 -30.24
C ALA A 49 -16.74 39.08 -30.44
N ALA A 50 -16.50 38.55 -31.67
CA ALA A 50 -16.62 37.15 -32.01
C ALA A 50 -15.63 36.28 -31.24
N VAL A 51 -14.38 36.76 -31.04
CA VAL A 51 -13.38 36.08 -30.21
C VAL A 51 -13.84 35.98 -28.76
N ALA A 52 -14.37 37.10 -28.19
CA ALA A 52 -14.93 37.12 -26.86
C ALA A 52 -16.17 36.22 -26.71
N ALA A 53 -17.02 36.16 -27.75
CA ALA A 53 -18.22 35.34 -27.76
C ALA A 53 -17.91 33.86 -27.90
N GLU A 54 -16.96 33.49 -28.77
CA GLU A 54 -16.60 32.09 -28.95
C GLU A 54 -15.79 31.52 -27.81
N SER A 55 -14.95 32.33 -27.15
CA SER A 55 -14.23 31.83 -25.99
C SER A 55 -15.03 31.81 -24.70
N SER A 56 -16.17 32.54 -24.62
CA SER A 56 -17.01 32.49 -23.43
C SER A 56 -18.34 31.77 -23.58
N THR A 57 -18.93 31.70 -24.78
CA THR A 57 -20.26 31.11 -24.96
C THR A 57 -20.25 30.17 -26.13
N GLY A 58 -20.10 30.69 -27.35
CA GLY A 58 -20.06 29.94 -28.59
C GLY A 58 -21.43 29.69 -29.17
N THR A 59 -21.58 29.93 -30.48
CA THR A 59 -22.86 29.68 -31.11
C THR A 59 -22.74 29.47 -32.60
N TRP A 60 -23.63 28.66 -33.15
CA TRP A 60 -23.76 28.40 -34.56
C TRP A 60 -25.23 28.55 -34.94
N THR A 61 -26.05 29.08 -34.01
CA THR A 61 -27.50 29.31 -34.04
C THR A 61 -27.91 29.38 -32.59
N THR A 62 -28.47 30.52 -32.14
CA THR A 62 -28.87 30.72 -30.75
C THR A 62 -30.37 30.81 -30.70
N VAL A 63 -31.00 30.09 -29.75
CA VAL A 63 -32.43 30.15 -29.50
C VAL A 63 -32.61 30.28 -28.01
N TRP A 64 -33.85 30.11 -27.48
CA TRP A 64 -34.17 30.20 -26.07
C TRP A 64 -33.33 29.31 -25.15
N THR A 65 -32.72 28.21 -25.66
CA THR A 65 -31.92 27.32 -24.84
C THR A 65 -30.58 27.90 -24.45
N ASP A 66 -30.09 28.94 -25.17
CA ASP A 66 -28.90 29.67 -24.77
C ASP A 66 -29.25 30.63 -23.60
N GLY A 67 -30.56 30.88 -23.41
CA GLY A 67 -31.18 31.64 -22.33
C GLY A 67 -31.17 30.95 -20.99
N LEU A 68 -30.82 29.65 -20.96
CA LEU A 68 -30.75 28.84 -19.77
C LEU A 68 -29.52 29.12 -18.91
N THR A 69 -28.49 29.80 -19.46
CA THR A 69 -27.28 30.14 -18.71
C THR A 69 -27.37 31.58 -18.25
N SER A 70 -26.72 31.90 -17.13
CA SER A 70 -26.67 33.25 -16.60
C SER A 70 -25.62 34.04 -17.34
N LEU A 71 -26.01 35.11 -18.08
CA LEU A 71 -25.08 35.83 -18.93
C LEU A 71 -24.47 37.03 -18.21
N ASP A 72 -25.30 37.94 -17.69
CA ASP A 72 -25.01 39.22 -17.05
C ASP A 72 -23.53 39.62 -16.83
N ARG A 73 -22.93 39.28 -15.67
CA ARG A 73 -21.55 39.62 -15.38
C ARG A 73 -20.63 38.44 -15.68
N TYR A 74 -21.20 37.28 -16.07
CA TYR A 74 -20.50 36.02 -16.23
C TYR A 74 -19.92 35.82 -17.63
N LYS A 75 -20.40 36.55 -18.64
CA LYS A 75 -19.88 36.43 -20.00
C LYS A 75 -18.66 37.30 -20.22
N GLY A 76 -17.72 36.86 -21.07
CA GLY A 76 -16.60 37.66 -21.55
C GLY A 76 -16.99 38.92 -22.28
N ARG A 77 -16.17 39.97 -22.17
CA ARG A 77 -16.47 41.27 -22.75
C ARG A 77 -15.27 41.77 -23.54
N CYS A 78 -15.52 42.26 -24.77
CA CYS A 78 -14.49 42.87 -25.59
C CYS A 78 -14.51 44.37 -25.31
N TYR A 79 -13.38 44.92 -24.85
CA TYR A 79 -13.23 46.32 -24.55
C TYR A 79 -12.84 47.07 -25.83
N ASP A 80 -12.69 48.42 -25.76
CA ASP A 80 -12.26 49.29 -26.85
C ASP A 80 -10.92 48.81 -27.46
N ILE A 81 -10.78 48.81 -28.80
CA ILE A 81 -9.64 48.21 -29.49
C ILE A 81 -8.89 49.28 -30.25
N GLU A 82 -7.62 49.02 -30.67
CA GLU A 82 -6.81 50.06 -31.30
C GLU A 82 -6.10 49.54 -32.55
N PRO A 83 -5.78 50.38 -33.54
CA PRO A 83 -4.94 50.02 -34.68
C PRO A 83 -3.46 49.83 -34.36
N VAL A 84 -2.75 49.00 -35.15
CA VAL A 84 -1.31 48.80 -35.10
C VAL A 84 -0.67 49.62 -36.22
N PRO A 85 0.34 50.47 -36.02
CA PRO A 85 0.85 51.31 -37.11
C PRO A 85 1.54 50.57 -38.24
N GLY A 86 2.23 49.44 -37.99
CA GLY A 86 3.01 48.67 -38.98
C GLY A 86 2.26 48.14 -40.17
N GLU A 87 0.96 47.84 -40.02
CA GLU A 87 0.14 47.33 -41.10
C GLU A 87 -1.29 47.76 -40.87
N ASP A 88 -1.98 48.28 -41.90
CA ASP A 88 -3.27 48.93 -41.74
C ASP A 88 -4.41 47.99 -41.37
N ASN A 89 -4.26 46.68 -41.66
CA ASN A 89 -5.22 45.66 -41.29
C ASN A 89 -4.84 44.96 -39.99
N GLN A 90 -3.77 45.42 -39.29
CA GLN A 90 -3.45 44.91 -37.97
C GLN A 90 -4.01 45.78 -36.86
N TYR A 91 -4.63 45.14 -35.84
CA TYR A 91 -5.29 45.79 -34.72
C TYR A 91 -4.92 45.08 -33.43
N ILE A 92 -4.98 45.79 -32.27
CA ILE A 92 -4.82 45.19 -30.95
C ILE A 92 -6.20 45.10 -30.30
N ALA A 93 -6.66 43.87 -30.03
CA ALA A 93 -7.90 43.55 -29.35
C ALA A 93 -7.68 43.31 -27.86
N TYR A 94 -8.60 43.82 -27.01
CA TYR A 94 -8.55 43.64 -25.56
C TYR A 94 -9.81 42.96 -25.06
N VAL A 95 -9.69 41.74 -24.50
CA VAL A 95 -10.86 40.96 -24.07
C VAL A 95 -10.75 40.66 -22.59
N ALA A 96 -11.81 40.97 -21.82
CA ALA A 96 -11.91 40.69 -20.40
C ALA A 96 -12.82 39.49 -20.13
N TYR A 97 -12.46 38.67 -19.12
CA TYR A 97 -13.25 37.55 -18.66
C TYR A 97 -13.40 37.66 -17.14
N PRO A 98 -14.54 37.43 -16.54
CA PRO A 98 -14.67 37.32 -15.08
C PRO A 98 -14.01 36.06 -14.52
N ILE A 99 -13.74 36.03 -13.20
CA ILE A 99 -13.18 34.88 -12.49
C ILE A 99 -14.10 33.66 -12.58
N ASP A 100 -15.43 33.90 -12.64
CA ASP A 100 -16.50 32.95 -12.73
C ASP A 100 -16.40 31.93 -13.87
N LEU A 101 -15.71 32.28 -14.98
CA LEU A 101 -15.68 31.47 -16.18
C LEU A 101 -14.66 30.33 -16.17
N PHE A 102 -13.56 30.40 -15.38
CA PHE A 102 -12.49 29.41 -15.44
C PHE A 102 -12.25 28.70 -14.11
N GLU A 103 -11.96 27.37 -14.13
CA GLU A 103 -11.57 26.63 -12.94
C GLU A 103 -10.27 27.17 -12.31
N GLU A 104 -10.24 27.32 -10.97
CA GLU A 104 -9.15 27.95 -10.23
C GLU A 104 -7.78 27.28 -10.38
N GLY A 105 -6.84 27.97 -11.08
CA GLY A 105 -5.49 27.48 -11.38
C GLY A 105 -5.44 26.36 -12.39
N SER A 106 -6.53 26.15 -13.13
CA SER A 106 -6.64 25.06 -14.09
C SER A 106 -6.05 25.42 -15.43
N VAL A 107 -4.75 25.11 -15.62
CA VAL A 107 -3.98 25.58 -16.75
C VAL A 107 -4.46 25.04 -18.10
N THR A 108 -4.95 23.77 -18.20
CA THR A 108 -5.42 23.26 -19.49
C THR A 108 -6.80 23.83 -19.81
N ASN A 109 -7.61 24.21 -18.80
CA ASN A 109 -8.91 24.83 -19.05
C ASN A 109 -8.71 26.26 -19.55
N MET A 110 -7.82 27.02 -18.88
CA MET A 110 -7.45 28.37 -19.29
C MET A 110 -6.77 28.38 -20.66
N PHE A 111 -5.81 27.48 -20.90
CA PHE A 111 -5.10 27.30 -22.16
C PHE A 111 -6.03 26.96 -23.31
N THR A 112 -6.93 25.96 -23.13
CA THR A 112 -7.90 25.58 -24.15
C THR A 112 -8.88 26.71 -24.43
N SER A 113 -9.38 27.40 -23.38
CA SER A 113 -10.29 28.54 -23.55
C SER A 113 -9.70 29.76 -24.27
N ILE A 114 -8.47 30.15 -23.88
CA ILE A 114 -7.79 31.37 -24.31
C ILE A 114 -7.02 31.18 -25.61
N VAL A 115 -6.33 30.03 -25.77
CA VAL A 115 -5.49 29.78 -26.92
C VAL A 115 -6.13 28.74 -27.82
N GLY A 116 -6.57 27.59 -27.26
CA GLY A 116 -7.09 26.46 -28.04
C GLY A 116 -8.24 26.77 -28.97
N ASN A 117 -9.35 27.31 -28.42
CA ASN A 117 -10.54 27.68 -29.19
C ASN A 117 -10.29 28.88 -30.10
N VAL A 118 -9.68 29.93 -29.52
CA VAL A 118 -9.44 31.22 -30.14
C VAL A 118 -8.53 31.20 -31.36
N PHE A 119 -7.39 30.49 -31.30
CA PHE A 119 -6.39 30.53 -32.35
C PHE A 119 -6.70 29.43 -33.36
N GLY A 120 -7.86 29.56 -34.03
CA GLY A 120 -8.32 28.60 -35.04
C GLY A 120 -9.01 29.24 -36.22
N PHE A 121 -10.02 30.09 -35.92
CA PHE A 121 -10.98 30.73 -36.82
C PHE A 121 -10.63 30.94 -38.29
N LYS A 122 -11.49 30.43 -39.19
CA LYS A 122 -11.38 30.51 -40.63
C LYS A 122 -11.52 31.91 -41.23
N ALA A 123 -12.18 32.85 -40.53
CA ALA A 123 -12.30 34.23 -40.97
C ALA A 123 -11.20 35.11 -40.38
N LEU A 124 -10.30 34.52 -39.58
CA LEU A 124 -9.15 35.16 -39.00
C LEU A 124 -7.88 34.78 -39.75
N ARG A 125 -7.15 35.75 -40.34
CA ARG A 125 -5.93 35.45 -41.07
C ARG A 125 -4.75 35.16 -40.16
N ALA A 126 -4.47 36.06 -39.22
CA ALA A 126 -3.39 35.83 -38.26
C ALA A 126 -3.75 36.49 -36.94
N LEU A 127 -3.30 35.86 -35.85
CA LEU A 127 -3.58 36.30 -34.50
C LEU A 127 -2.38 35.99 -33.62
N ARG A 128 -1.90 37.00 -32.88
CA ARG A 128 -0.76 36.90 -31.99
C ARG A 128 -1.10 37.36 -30.59
N LEU A 129 -0.72 36.59 -29.55
CA LEU A 129 -0.98 37.00 -28.18
C LEU A 129 0.07 38.03 -27.73
N GLU A 130 -0.36 39.21 -27.24
CA GLU A 130 0.54 40.28 -26.85
C GLU A 130 0.70 40.44 -25.35
N ASP A 131 -0.37 40.24 -24.55
CA ASP A 131 -0.24 40.27 -23.10
C ASP A 131 -1.44 39.62 -22.42
N LEU A 132 -1.33 39.42 -21.10
CA LEU A 132 -2.33 38.83 -20.23
C LEU A 132 -2.35 39.52 -18.87
N ARG A 133 -3.56 39.76 -18.32
CA ARG A 133 -3.73 40.23 -16.96
C ARG A 133 -4.17 39.01 -16.19
N ILE A 134 -3.30 38.50 -15.30
CA ILE A 134 -3.60 37.35 -14.47
C ILE A 134 -3.87 37.92 -13.08
N PRO A 135 -5.10 37.94 -12.55
CA PRO A 135 -5.39 38.51 -11.24
C PRO A 135 -4.68 37.78 -10.10
N PRO A 136 -4.32 38.42 -8.98
CA PRO A 136 -3.53 37.84 -7.89
C PRO A 136 -4.08 36.53 -7.37
N ALA A 137 -5.42 36.35 -7.35
CA ALA A 137 -6.05 35.16 -6.83
C ALA A 137 -5.91 33.95 -7.77
N TYR A 138 -5.54 34.18 -9.04
CA TYR A 138 -5.30 33.10 -9.98
C TYR A 138 -3.80 32.85 -10.00
N VAL A 139 -2.97 33.89 -9.76
CA VAL A 139 -1.52 33.78 -9.54
C VAL A 139 -1.18 32.91 -8.33
N LYS A 140 -1.98 33.01 -7.25
CA LYS A 140 -1.78 32.21 -6.05
C LYS A 140 -2.51 30.86 -6.07
N THR A 141 -3.22 30.50 -7.16
CA THR A 141 -3.87 29.19 -7.26
C THR A 141 -3.29 28.37 -8.40
N PHE A 142 -2.61 28.98 -9.39
CA PHE A 142 -1.23 28.65 -9.77
C PHE A 142 -0.25 28.39 -8.62
N VAL A 143 0.85 27.65 -8.89
CA VAL A 143 1.85 27.30 -7.88
C VAL A 143 3.16 28.04 -8.07
N GLY A 144 3.45 28.55 -9.30
CA GLY A 144 4.67 29.27 -9.64
C GLY A 144 5.96 28.47 -9.46
N PRO A 145 7.13 29.09 -9.44
CA PRO A 145 8.40 28.41 -9.17
C PRO A 145 8.42 27.58 -7.89
N PRO A 146 8.96 26.38 -7.81
CA PRO A 146 9.10 25.67 -6.54
C PRO A 146 10.16 26.29 -5.65
N HIS A 147 11.33 26.69 -6.16
CA HIS A 147 12.43 27.14 -5.36
C HIS A 147 13.23 28.21 -6.08
N GLY A 148 12.54 29.29 -6.50
CA GLY A 148 13.05 30.47 -7.21
C GLY A 148 14.29 31.18 -6.70
N ILE A 149 14.59 32.37 -7.26
CA ILE A 149 15.87 33.05 -7.10
C ILE A 149 16.23 33.41 -5.67
N GLN A 150 15.26 33.82 -4.84
CA GLN A 150 15.53 34.14 -3.45
C GLN A 150 15.69 32.91 -2.56
N VAL A 151 15.35 31.71 -3.07
CA VAL A 151 15.60 30.44 -2.39
C VAL A 151 16.90 29.84 -2.92
N GLU A 152 17.10 29.88 -4.26
CA GLU A 152 18.19 29.30 -5.00
C GLU A 152 19.53 29.92 -4.69
N ARG A 153 19.57 31.25 -4.41
CA ARG A 153 20.79 31.93 -3.97
C ARG A 153 21.35 31.34 -2.67
N ASP A 154 20.49 31.01 -1.68
CA ASP A 154 20.98 30.50 -0.42
C ASP A 154 21.18 28.98 -0.53
N LYS A 155 20.32 28.27 -1.31
CA LYS A 155 20.44 26.84 -1.54
C LYS A 155 21.68 26.37 -2.29
N LEU A 156 22.19 27.13 -3.28
CA LEU A 156 23.36 26.70 -4.03
C LEU A 156 24.67 27.02 -3.32
N ASN A 157 24.61 27.78 -2.21
CA ASN A 157 25.70 28.05 -1.30
C ASN A 157 26.86 28.91 -1.88
N LYS A 158 26.68 29.53 -3.06
CA LYS A 158 27.71 30.33 -3.68
C LYS A 158 27.05 31.39 -4.56
N TYR A 159 27.50 32.66 -4.48
CA TYR A 159 26.88 33.73 -5.27
C TYR A 159 27.81 34.94 -5.25
N GLY A 160 27.68 35.83 -6.25
CA GLY A 160 28.44 37.07 -6.36
C GLY A 160 29.11 37.22 -7.70
N ARG A 161 28.86 36.27 -8.61
CA ARG A 161 29.38 36.26 -9.95
C ARG A 161 28.49 35.23 -10.61
N GLY A 162 28.38 35.24 -11.96
CA GLY A 162 27.66 34.25 -12.74
C GLY A 162 28.05 32.81 -12.48
N LEU A 163 27.16 31.87 -12.83
CA LEU A 163 27.37 30.44 -12.62
C LEU A 163 27.87 29.78 -13.91
N LEU A 164 29.11 29.29 -13.89
CA LEU A 164 29.85 28.81 -15.05
C LEU A 164 29.62 27.35 -15.40
N GLY A 165 29.31 27.06 -16.67
CA GLY A 165 29.09 25.70 -17.11
C GLY A 165 29.36 25.42 -18.55
N CYS A 166 28.97 24.21 -19.00
CA CYS A 166 29.13 23.80 -20.37
C CYS A 166 28.18 22.66 -20.69
N THR A 167 27.73 22.63 -21.96
CA THR A 167 26.77 21.65 -22.47
C THR A 167 27.52 20.50 -23.08
N ILE A 168 27.27 19.26 -22.62
CA ILE A 168 28.08 18.12 -23.00
C ILE A 168 27.59 17.53 -24.32
N LYS A 169 28.56 17.42 -25.26
CA LYS A 169 28.37 16.97 -26.62
C LYS A 169 29.56 16.11 -26.96
N PRO A 170 29.56 15.25 -27.97
CA PRO A 170 28.46 14.96 -28.89
C PRO A 170 27.17 14.48 -28.23
N LYS A 171 25.98 14.82 -28.78
CA LYS A 171 24.70 14.31 -28.32
C LYS A 171 24.59 12.78 -28.39
N LEU A 172 25.05 12.22 -29.52
CA LEU A 172 25.19 10.80 -29.78
C LEU A 172 26.20 10.16 -28.83
N GLY A 173 25.72 9.39 -27.83
CA GLY A 173 26.05 7.96 -27.75
C GLY A 173 27.36 7.71 -27.05
N LEU A 174 27.90 8.73 -26.37
CA LEU A 174 29.14 8.67 -25.61
C LEU A 174 29.08 7.64 -24.48
N SER A 175 29.98 6.64 -24.48
CA SER A 175 30.03 5.59 -23.47
C SER A 175 30.29 6.09 -22.06
N ALA A 176 29.80 5.34 -21.05
CA ALA A 176 29.76 5.77 -19.67
C ALA A 176 31.11 6.13 -19.06
N LYS A 177 32.18 5.36 -19.36
CA LYS A 177 33.50 5.70 -18.83
C LYS A 177 34.18 6.88 -19.50
N ASN A 178 33.91 7.16 -20.80
CA ASN A 178 34.45 8.35 -21.44
C ASN A 178 33.66 9.60 -21.07
N TYR A 179 32.35 9.44 -20.80
CA TYR A 179 31.50 10.47 -20.23
C TYR A 179 31.90 10.82 -18.81
N GLY A 180 32.18 9.79 -17.98
CA GLY A 180 32.64 9.92 -16.60
C GLY A 180 33.95 10.66 -16.50
N ARG A 181 34.89 10.34 -17.41
CA ARG A 181 36.16 11.02 -17.53
C ARG A 181 36.02 12.48 -17.95
N ALA A 182 35.19 12.75 -18.98
CA ALA A 182 34.96 14.10 -19.46
C ALA A 182 34.29 15.01 -18.42
N VAL A 183 33.28 14.48 -17.69
CA VAL A 183 32.57 15.20 -16.64
C VAL A 183 33.48 15.51 -15.45
N TYR A 184 34.27 14.52 -14.99
CA TYR A 184 35.22 14.72 -13.90
C TYR A 184 36.26 15.78 -14.23
N GLU A 185 36.88 15.69 -15.42
CA GLU A 185 37.89 16.64 -15.84
C GLU A 185 37.39 18.08 -16.03
N CYS A 186 36.21 18.30 -16.66
CA CYS A 186 35.72 19.67 -16.83
C CYS A 186 35.23 20.30 -15.53
N LEU A 187 34.66 19.49 -14.60
CA LEU A 187 34.28 20.01 -13.29
C LEU A 187 35.51 20.31 -12.46
N ARG A 188 36.54 19.43 -12.52
CA ARG A 188 37.77 19.61 -11.74
C ARG A 188 38.62 20.77 -12.23
N GLY A 189 38.50 21.12 -13.53
CA GLY A 189 39.13 22.28 -14.16
C GLY A 189 38.57 23.62 -13.75
N GLY A 190 37.34 23.67 -13.19
CA GLY A 190 36.75 24.94 -12.76
C GLY A 190 35.34 25.25 -13.18
N LEU A 191 34.61 24.35 -13.87
CA LEU A 191 33.19 24.60 -14.14
C LEU A 191 32.36 24.41 -12.87
N ASP A 192 31.45 25.35 -12.55
CA ASP A 192 30.50 25.21 -11.46
C ASP A 192 29.49 24.09 -11.72
N PHE A 193 28.94 24.05 -12.95
CA PHE A 193 27.86 23.17 -13.35
C PHE A 193 28.07 22.64 -14.75
N THR A 194 27.81 21.35 -15.01
CA THR A 194 27.87 20.79 -16.37
C THR A 194 26.46 20.45 -16.78
N LYS A 195 26.16 20.28 -18.08
CA LYS A 195 24.80 19.94 -18.49
C LYS A 195 24.73 18.84 -19.54
N ASP A 196 23.71 17.97 -19.41
CA ASP A 196 23.34 16.95 -20.38
C ASP A 196 22.35 17.49 -21.42
N ASP A 197 22.29 16.83 -22.59
CA ASP A 197 21.27 17.06 -23.61
C ASP A 197 20.38 15.82 -23.66
N GLU A 198 19.28 15.88 -24.45
CA GLU A 198 18.21 14.91 -24.50
C GLU A 198 18.68 13.49 -24.86
N ASN A 199 19.62 13.34 -25.83
CA ASN A 199 20.10 12.03 -26.24
C ASN A 199 21.13 11.45 -25.27
N VAL A 200 21.80 12.30 -24.47
CA VAL A 200 22.87 11.91 -23.56
C VAL A 200 22.37 10.96 -22.47
N ASN A 201 21.19 11.26 -21.92
CA ASN A 201 20.46 10.50 -20.91
C ASN A 201 20.39 8.98 -21.11
N SER A 202 19.74 8.52 -22.19
CA SER A 202 19.42 7.12 -22.39
C SER A 202 19.53 6.81 -23.86
N GLN A 203 20.14 5.67 -24.20
CA GLN A 203 20.39 5.23 -25.56
C GLN A 203 20.05 3.75 -25.61
N PRO A 204 19.81 3.10 -26.74
CA PRO A 204 19.43 1.68 -26.81
C PRO A 204 20.19 0.70 -25.94
N PHE A 205 21.54 0.75 -25.86
CA PHE A 205 22.29 -0.14 -24.98
C PHE A 205 22.33 0.43 -23.55
N MET A 206 22.81 1.67 -23.40
CA MET A 206 23.01 2.34 -22.13
C MET A 206 21.76 2.95 -21.50
N ARG A 207 21.34 2.43 -20.33
CA ARG A 207 20.22 2.96 -19.59
C ARG A 207 20.62 4.19 -18.79
N TRP A 208 19.67 5.14 -18.61
CA TRP A 208 19.79 6.36 -17.80
C TRP A 208 20.29 6.09 -16.39
N ARG A 209 19.86 4.93 -15.84
CA ARG A 209 20.12 4.38 -14.53
C ARG A 209 21.61 4.19 -14.29
N ASP A 210 22.32 3.71 -15.31
CA ASP A 210 23.73 3.42 -15.27
C ASP A 210 24.53 4.68 -15.63
N ARG A 211 23.98 5.55 -16.50
CA ARG A 211 24.57 6.86 -16.79
C ARG A 211 24.61 7.73 -15.53
N PHE A 212 23.53 7.66 -14.73
CA PHE A 212 23.37 8.28 -13.43
C PHE A 212 24.36 7.76 -12.39
N LEU A 213 24.71 6.46 -12.44
CA LEU A 213 25.68 5.86 -11.54
C LEU A 213 27.10 6.32 -11.85
N PHE A 214 27.38 6.60 -13.15
CA PHE A 214 28.63 7.22 -13.57
C PHE A 214 28.69 8.70 -13.20
N VAL A 215 27.53 9.40 -13.18
CA VAL A 215 27.42 10.76 -12.64
C VAL A 215 27.71 10.76 -11.14
N ALA A 216 27.16 9.80 -10.37
CA ALA A 216 27.41 9.66 -8.94
C ALA A 216 28.89 9.44 -8.60
N GLU A 217 29.56 8.56 -9.39
CA GLU A 217 30.98 8.27 -9.28
C GLU A 217 31.84 9.51 -9.52
N ALA A 218 31.55 10.25 -10.62
CA ALA A 218 32.22 11.48 -10.96
C ALA A 218 31.98 12.64 -9.99
N ILE A 219 30.72 12.85 -9.56
CA ILE A 219 30.30 14.01 -8.77
C ILE A 219 30.85 13.98 -7.36
N TYR A 220 30.95 12.79 -6.72
CA TYR A 220 31.47 12.69 -5.36
C TYR A 220 32.90 13.23 -5.27
N LYS A 221 33.78 12.86 -6.22
CA LYS A 221 35.15 13.36 -6.24
C LYS A 221 35.26 14.75 -6.85
N ALA A 222 34.35 15.12 -7.77
CA ALA A 222 34.32 16.44 -8.37
C ALA A 222 33.74 17.54 -7.47
N GLN A 223 33.06 17.22 -6.35
CA GLN A 223 33.22 18.02 -5.15
C GLN A 223 34.38 17.72 -4.18
N ALA A 224 34.62 16.46 -3.78
CA ALA A 224 35.58 16.14 -2.72
C ALA A 224 37.03 16.55 -2.94
N GLU A 225 37.53 16.42 -4.19
CA GLU A 225 38.91 16.71 -4.54
C GLU A 225 39.15 18.16 -4.89
N THR A 226 38.07 18.98 -4.98
CA THR A 226 38.19 20.39 -5.36
C THR A 226 37.87 21.32 -4.20
N GLY A 227 36.96 20.93 -3.28
CA GLY A 227 36.55 21.75 -2.14
C GLY A 227 35.46 22.72 -2.44
N GLU A 228 35.57 23.40 -3.60
CA GLU A 228 34.57 24.31 -4.09
C GLU A 228 33.26 23.61 -4.46
N VAL A 229 32.11 24.22 -4.12
CA VAL A 229 30.80 23.69 -4.50
C VAL A 229 30.58 23.65 -6.02
N LYS A 230 30.15 22.48 -6.53
CA LYS A 230 29.86 22.15 -7.91
C LYS A 230 28.50 21.45 -7.96
N GLY A 231 27.83 21.38 -9.13
CA GLY A 231 27.07 20.16 -9.46
C GLY A 231 26.97 19.80 -10.92
N HIS A 232 25.96 18.99 -11.28
CA HIS A 232 25.67 18.63 -12.66
C HIS A 232 24.17 18.57 -12.94
N TYR A 233 23.70 19.33 -13.95
CA TYR A 233 22.31 19.35 -14.40
C TYR A 233 21.98 18.08 -15.19
N LEU A 234 21.29 17.11 -14.56
CA LEU A 234 20.81 15.91 -15.21
C LEU A 234 19.59 16.19 -16.08
N ASN A 235 19.60 15.76 -17.36
CA ASN A 235 18.50 16.02 -18.29
C ASN A 235 17.75 14.70 -18.49
N ALA A 236 17.01 14.26 -17.45
CA ALA A 236 16.31 12.98 -17.45
C ALA A 236 15.03 12.91 -18.29
N THR A 237 15.14 13.10 -19.62
CA THR A 237 14.04 13.05 -20.59
C THR A 237 13.31 11.70 -20.61
N ALA A 238 12.02 11.66 -21.02
CA ALA A 238 11.23 10.43 -20.91
C ALA A 238 10.10 10.33 -21.93
N GLY A 239 9.72 9.10 -22.32
CA GLY A 239 8.64 8.85 -23.28
C GLY A 239 7.24 8.84 -22.76
N THR A 240 7.02 8.46 -21.49
CA THR A 240 5.68 8.38 -20.89
C THR A 240 5.80 8.98 -19.50
N CYS A 241 4.66 9.28 -18.84
CA CYS A 241 4.65 9.81 -17.48
C CYS A 241 5.08 8.77 -16.45
N GLU A 242 4.87 7.46 -16.73
CA GLU A 242 5.36 6.38 -15.88
C GLU A 242 6.88 6.38 -15.89
N GLU A 243 7.48 6.54 -17.09
CA GLU A 243 8.91 6.71 -17.27
C GLU A 243 9.45 7.97 -16.59
N MET A 244 8.71 9.11 -16.66
CA MET A 244 9.04 10.34 -15.93
C MET A 244 9.08 10.13 -14.43
N MET A 245 8.05 9.45 -13.87
CA MET A 245 7.97 9.11 -12.47
C MET A 245 9.05 8.14 -12.03
N LYS A 246 9.37 7.11 -12.84
CA LYS A 246 10.47 6.19 -12.56
C LYS A 246 11.81 6.90 -12.51
N ARG A 247 12.05 7.82 -13.46
CA ARG A 247 13.22 8.67 -13.52
C ARG A 247 13.34 9.60 -12.32
N ALA A 248 12.21 10.18 -11.84
CA ALA A 248 12.15 10.99 -10.63
C ALA A 248 12.58 10.19 -9.39
N VAL A 249 12.05 8.96 -9.24
CA VAL A 249 11.91 8.34 -7.92
C VAL A 249 13.25 7.67 -7.62
N CYS A 250 13.89 7.10 -8.65
CA CYS A 250 15.21 6.49 -8.54
C CYS A 250 16.30 7.52 -8.24
N ALA A 251 16.12 8.80 -8.63
CA ALA A 251 17.08 9.83 -8.31
C ALA A 251 16.74 10.53 -7.00
N LYS A 252 15.52 10.32 -6.47
CA LYS A 252 15.12 10.71 -5.12
C LYS A 252 15.87 9.90 -4.07
N GLU A 253 16.16 8.62 -4.35
CA GLU A 253 16.91 7.69 -3.50
C GLU A 253 18.30 8.22 -3.16
N LEU A 254 18.95 8.90 -4.13
CA LEU A 254 20.26 9.48 -3.95
C LEU A 254 20.15 10.97 -3.64
N GLY A 255 18.92 11.53 -3.65
CA GLY A 255 18.52 12.93 -3.44
C GLY A 255 19.40 13.98 -4.05
N VAL A 256 19.78 13.80 -5.32
CA VAL A 256 20.72 14.67 -6.00
C VAL A 256 20.32 16.16 -6.15
N PRO A 257 21.27 17.10 -5.97
CA PRO A 257 21.11 18.51 -6.34
C PRO A 257 20.86 18.71 -7.84
N ILE A 258 20.79 19.99 -8.27
CA ILE A 258 19.85 20.50 -9.27
C ILE A 258 19.82 19.74 -10.60
N ILE A 259 18.60 19.45 -11.10
CA ILE A 259 18.41 18.75 -12.36
C ILE A 259 17.60 19.60 -13.31
N MET A 260 17.51 19.18 -14.59
CA MET A 260 16.74 19.92 -15.57
C MET A 260 15.81 18.99 -16.31
N HIS A 261 14.75 19.55 -16.93
CA HIS A 261 13.84 18.72 -17.72
C HIS A 261 13.23 19.39 -18.94
N ASP A 262 13.09 18.60 -20.03
CA ASP A 262 12.53 18.97 -21.31
C ASP A 262 11.18 18.30 -21.58
N TYR A 263 10.66 17.54 -20.60
CA TYR A 263 9.34 17.63 -19.98
C TYR A 263 8.42 18.80 -20.38
N LEU A 264 8.91 20.04 -20.57
CA LEU A 264 8.05 21.17 -20.93
C LEU A 264 8.12 21.38 -22.46
N THR A 265 8.65 20.38 -23.18
CA THR A 265 8.49 20.20 -24.63
C THR A 265 7.49 19.07 -24.76
N GLY A 266 7.44 18.16 -23.76
CA GLY A 266 6.43 17.11 -23.58
C GLY A 266 5.04 17.63 -23.23
N GLY A 267 4.91 18.45 -22.16
CA GLY A 267 3.61 19.00 -21.79
C GLY A 267 3.60 19.94 -20.60
N PHE A 268 2.64 20.89 -20.59
CA PHE A 268 2.50 21.93 -19.58
C PHE A 268 2.17 21.40 -18.19
N THR A 269 1.33 20.35 -18.13
CA THR A 269 0.84 19.79 -16.88
C THR A 269 1.86 18.82 -16.31
N ALA A 270 2.73 18.25 -17.18
CA ALA A 270 3.87 17.46 -16.79
C ALA A 270 4.86 18.28 -15.97
N ASN A 271 5.12 19.55 -16.38
CA ASN A 271 6.01 20.42 -15.64
C ASN A 271 5.37 20.89 -14.34
N THR A 272 4.05 21.16 -14.38
CA THR A 272 3.31 21.64 -13.20
C THR A 272 3.29 20.60 -12.08
N SER A 273 2.99 19.33 -12.43
CA SER A 273 3.03 18.21 -11.50
C SER A 273 4.41 17.92 -10.94
N LEU A 274 5.46 17.98 -11.80
CA LEU A 274 6.85 17.84 -11.40
C LEU A 274 7.29 18.96 -10.48
N ALA A 275 6.94 20.23 -10.75
CA ALA A 275 7.28 21.36 -9.90
C ALA A 275 6.70 21.23 -8.49
N ILE A 276 5.45 20.72 -8.38
CA ILE A 276 4.84 20.37 -7.10
C ILE A 276 5.61 19.27 -6.38
N TYR A 277 5.99 18.18 -7.09
CA TYR A 277 6.83 17.10 -6.59
C TYR A 277 8.22 17.58 -6.12
N CYS A 278 8.88 18.45 -6.93
CA CYS A 278 10.16 19.07 -6.64
C CYS A 278 10.10 19.96 -5.41
N ARG A 279 8.99 20.72 -5.26
CA ARG A 279 8.68 21.49 -4.06
C ARG A 279 8.51 20.60 -2.83
N ASP A 280 7.80 19.46 -2.97
CA ASP A 280 7.57 18.49 -1.92
C ASP A 280 8.86 17.83 -1.43
N ASN A 281 9.82 17.58 -2.34
CA ASN A 281 11.06 16.89 -2.01
C ASN A 281 12.21 17.88 -1.82
N GLY A 282 11.93 19.20 -1.82
CA GLY A 282 12.91 20.24 -1.54
C GLY A 282 14.06 20.37 -2.50
N LEU A 283 13.83 20.12 -3.81
CA LEU A 283 14.89 20.13 -4.81
C LEU A 283 15.29 21.52 -5.29
N LEU A 284 15.70 21.63 -6.57
CA LEU A 284 15.74 22.84 -7.38
C LEU A 284 15.45 22.33 -8.80
N LEU A 285 14.69 23.08 -9.62
CA LEU A 285 14.23 22.65 -10.93
C LEU A 285 14.62 23.54 -12.12
N HIS A 286 15.54 23.08 -13.00
CA HIS A 286 15.90 23.77 -14.23
C HIS A 286 15.00 23.40 -15.41
N ILE A 287 14.47 24.41 -16.13
CA ILE A 287 13.52 24.21 -17.21
C ILE A 287 14.17 24.41 -18.57
N HIS A 288 14.08 23.40 -19.46
CA HIS A 288 14.54 23.52 -20.83
C HIS A 288 13.46 24.14 -21.69
N ARG A 289 13.82 24.74 -22.84
CA ARG A 289 12.87 25.30 -23.78
C ARG A 289 13.42 25.14 -25.17
N ALA A 290 12.55 24.75 -26.12
CA ALA A 290 12.94 24.42 -27.47
C ALA A 290 11.82 24.84 -28.41
N MET A 291 11.90 24.48 -29.71
CA MET A 291 10.86 24.76 -30.70
C MET A 291 10.76 26.22 -31.13
N HIS A 292 11.88 26.96 -31.02
CA HIS A 292 11.96 28.41 -31.20
C HIS A 292 11.47 28.97 -32.54
N ALA A 293 11.64 28.24 -33.66
CA ALA A 293 11.14 28.66 -34.96
C ALA A 293 9.63 28.44 -35.16
N VAL A 294 8.99 27.54 -34.39
CA VAL A 294 7.55 27.25 -34.54
C VAL A 294 6.71 27.73 -33.36
N ILE A 295 7.31 28.09 -32.23
CA ILE A 295 6.62 28.72 -31.12
C ILE A 295 7.01 30.18 -31.05
N ASP A 296 8.21 30.47 -30.51
CA ASP A 296 8.74 31.77 -30.13
C ASP A 296 8.78 32.78 -31.29
N ARG A 297 9.18 32.33 -32.49
CA ARG A 297 9.32 33.13 -33.68
C ARG A 297 8.04 33.25 -34.52
N GLN A 298 6.84 33.11 -33.93
CA GLN A 298 5.60 33.24 -34.68
C GLN A 298 5.14 34.68 -34.91
N ARG A 299 5.99 35.44 -35.62
CA ARG A 299 5.96 36.86 -35.96
C ARG A 299 4.74 37.67 -35.58
N ASN A 300 3.73 37.70 -36.47
CA ASN A 300 2.47 38.38 -36.25
C ASN A 300 1.35 37.34 -36.18
N HIS A 301 1.70 36.04 -36.03
CA HIS A 301 0.77 34.94 -36.23
C HIS A 301 0.66 33.95 -35.08
N GLY A 302 1.26 34.19 -33.90
CA GLY A 302 1.07 33.26 -32.79
C GLY A 302 1.68 33.72 -31.49
N ILE A 303 2.65 32.95 -30.98
CA ILE A 303 3.19 33.11 -29.64
C ILE A 303 4.34 34.12 -29.69
N HIS A 304 4.60 34.83 -28.59
CA HIS A 304 5.70 35.77 -28.52
C HIS A 304 6.44 35.59 -27.21
N PHE A 305 7.68 36.10 -27.13
CA PHE A 305 8.58 36.02 -26.00
C PHE A 305 8.05 36.55 -24.68
N ARG A 306 7.37 37.72 -24.64
CA ARG A 306 6.90 38.21 -23.35
C ARG A 306 5.75 37.39 -22.76
N VAL A 307 4.82 36.92 -23.62
CA VAL A 307 3.74 36.04 -23.21
C VAL A 307 4.24 34.65 -22.85
N LEU A 308 5.29 34.18 -23.55
CA LEU A 308 5.99 32.95 -23.25
C LEU A 308 6.67 33.01 -21.87
N ALA A 309 7.36 34.12 -21.54
CA ALA A 309 7.97 34.32 -20.24
C ALA A 309 6.95 34.37 -19.11
N LYS A 310 5.81 35.07 -19.34
CA LYS A 310 4.70 35.06 -18.38
C LYS A 310 4.09 33.66 -18.19
N ALA A 311 3.81 32.94 -19.29
CA ALA A 311 3.27 31.59 -19.26
C ALA A 311 4.20 30.56 -18.62
N LEU A 312 5.51 30.64 -18.91
CA LEU A 312 6.51 29.76 -18.33
C LEU A 312 6.65 29.96 -16.83
N ARG A 313 6.66 31.23 -16.35
CA ARG A 313 6.80 31.51 -14.93
C ARG A 313 5.51 31.20 -14.15
N MET A 314 4.33 31.28 -14.81
CA MET A 314 3.04 30.91 -14.27
C MET A 314 2.65 29.42 -14.33
N SER A 315 3.45 28.58 -15.02
CA SER A 315 3.68 27.22 -14.53
C SER A 315 4.76 27.11 -13.48
N GLY A 316 6.01 27.54 -13.75
CA GLY A 316 7.07 27.51 -12.75
C GLY A 316 8.35 26.88 -13.23
N GLY A 317 9.45 27.19 -12.54
CA GLY A 317 10.80 26.73 -12.83
C GLY A 317 11.72 27.61 -12.07
N ASP A 318 12.93 27.13 -11.72
CA ASP A 318 13.87 27.89 -10.92
C ASP A 318 15.01 28.44 -11.76
N HIS A 319 15.57 27.62 -12.68
CA HIS A 319 16.30 28.12 -13.84
C HIS A 319 15.44 27.95 -15.08
N LEU A 320 15.63 28.77 -16.13
CA LEU A 320 14.91 28.58 -17.37
C LEU A 320 15.73 28.97 -18.60
N HIS A 321 15.70 28.07 -19.60
CA HIS A 321 16.42 28.15 -20.86
C HIS A 321 15.82 29.09 -21.90
N SER A 322 16.66 29.56 -22.84
CA SER A 322 17.08 30.95 -22.84
C SER A 322 18.31 31.05 -23.71
N GLY A 323 18.39 32.16 -24.46
CA GLY A 323 19.30 32.50 -25.56
C GLY A 323 20.61 31.78 -25.73
N THR A 324 20.85 31.29 -26.97
CA THR A 324 22.12 30.69 -27.33
C THR A 324 23.04 31.72 -27.94
N VAL A 325 22.48 32.92 -28.24
CA VAL A 325 23.13 34.11 -28.81
C VAL A 325 23.22 33.97 -30.31
N VAL A 326 23.86 32.87 -30.74
CA VAL A 326 24.02 32.44 -32.11
C VAL A 326 23.57 31.00 -32.14
N GLY A 327 23.27 30.45 -33.32
CA GLY A 327 22.77 29.10 -33.49
C GLY A 327 21.27 28.93 -33.46
N LYS A 328 20.70 28.45 -32.34
CA LYS A 328 19.31 27.97 -32.30
C LYS A 328 18.28 28.68 -31.42
N LEU A 329 18.67 29.53 -30.46
CA LEU A 329 17.73 30.34 -29.69
C LEU A 329 18.15 31.81 -29.82
N GLU A 330 17.37 32.73 -29.23
CA GLU A 330 17.52 34.18 -29.31
C GLU A 330 18.88 34.75 -28.88
N GLY A 331 19.25 35.92 -29.45
CA GLY A 331 20.41 36.67 -28.95
C GLY A 331 20.24 38.16 -29.07
N GLU A 332 19.00 38.65 -29.25
CA GLU A 332 18.75 40.02 -29.63
C GLU A 332 18.36 40.91 -28.46
N ARG A 333 18.79 42.20 -28.46
CA ARG A 333 18.55 43.15 -27.38
C ARG A 333 17.08 43.42 -27.11
N GLU A 334 16.24 43.45 -28.16
CA GLU A 334 14.81 43.73 -28.01
C GLU A 334 14.00 42.46 -27.79
N VAL A 335 14.68 41.31 -27.69
CA VAL A 335 14.06 40.03 -27.39
C VAL A 335 14.42 39.59 -25.99
N THR A 336 15.73 39.61 -25.66
CA THR A 336 16.23 38.97 -24.44
C THR A 336 15.96 39.74 -23.18
N LEU A 337 15.74 41.06 -23.25
CA LEU A 337 16.04 41.88 -22.09
C LEU A 337 14.75 42.01 -21.29
N GLY A 338 13.62 42.14 -22.03
CA GLY A 338 12.25 42.01 -21.58
C GLY A 338 11.96 40.63 -21.06
N PHE A 339 12.30 39.60 -21.86
CA PHE A 339 12.15 38.19 -21.52
C PHE A 339 12.80 37.85 -20.19
N VAL A 340 14.07 38.29 -20.00
CA VAL A 340 14.82 38.19 -18.76
C VAL A 340 14.22 38.99 -17.61
N ASP A 341 13.75 40.24 -17.82
CA ASP A 341 13.10 41.05 -16.80
C ASP A 341 11.84 40.40 -16.25
N LEU A 342 11.04 39.76 -17.14
CA LEU A 342 9.79 39.14 -16.77
C LEU A 342 10.01 37.83 -16.01
N MET A 343 11.24 37.28 -16.08
CA MET A 343 11.64 36.14 -15.30
C MET A 343 12.32 36.49 -13.97
N ARG A 344 13.28 37.43 -13.99
CA ARG A 344 14.02 37.82 -12.80
C ARG A 344 13.25 38.46 -11.66
N ASP A 345 12.37 39.43 -11.96
CA ASP A 345 11.92 40.40 -10.96
C ASP A 345 10.43 40.42 -10.67
N ASP A 346 10.07 41.11 -9.57
CA ASP A 346 8.73 41.26 -9.01
C ASP A 346 8.47 42.76 -8.88
N TYR A 347 7.21 43.12 -8.63
CA TYR A 347 6.69 44.45 -8.38
C TYR A 347 7.07 45.56 -9.37
N VAL A 348 6.49 45.53 -10.59
CA VAL A 348 6.74 46.55 -11.61
C VAL A 348 5.49 46.79 -12.44
N GLU A 349 5.01 48.05 -12.52
CA GLU A 349 3.82 48.38 -13.29
C GLU A 349 4.06 48.40 -14.80
N LYS A 350 2.97 48.16 -15.56
CA LYS A 350 2.93 48.10 -17.01
C LYS A 350 3.45 49.33 -17.76
N ASP A 351 4.14 49.10 -18.88
CA ASP A 351 4.69 50.14 -19.72
C ASP A 351 4.59 49.71 -21.18
N ARG A 352 3.91 50.52 -22.03
CA ARG A 352 3.71 50.21 -23.44
C ARG A 352 5.00 50.30 -24.26
N SER A 353 6.03 51.01 -23.75
CA SER A 353 7.32 51.11 -24.42
C SER A 353 8.11 49.83 -24.26
N ARG A 354 7.71 48.97 -23.31
CA ARG A 354 8.31 47.68 -23.05
C ARG A 354 7.37 46.56 -23.49
N GLY A 355 6.27 46.92 -24.19
CA GLY A 355 5.26 45.98 -24.67
C GLY A 355 4.44 45.34 -23.59
N ILE A 356 4.29 46.00 -22.44
CA ILE A 356 3.51 45.48 -21.34
C ILE A 356 2.21 46.27 -21.28
N TYR A 357 1.09 45.56 -21.47
CA TYR A 357 -0.23 46.13 -21.60
C TYR A 357 -1.02 45.88 -20.33
N PHE A 358 -0.58 44.90 -19.50
CA PHE A 358 -1.29 44.48 -18.31
C PHE A 358 -0.35 44.13 -17.16
N THR A 359 -0.74 44.47 -15.92
CA THR A 359 0.01 44.14 -14.72
C THR A 359 -0.71 43.06 -13.94
N GLN A 360 -0.01 41.95 -13.66
CA GLN A 360 -0.48 40.89 -12.79
C GLN A 360 0.11 41.21 -11.42
N ASP A 361 -0.74 41.40 -10.38
CA ASP A 361 -0.32 41.85 -9.06
C ASP A 361 0.52 40.86 -8.26
N TRP A 362 1.82 40.77 -8.61
CA TRP A 362 2.99 41.16 -7.81
C TRP A 362 2.93 41.19 -6.27
N CYS A 363 4.11 41.40 -5.65
CA CYS A 363 4.35 41.41 -4.21
C CYS A 363 4.30 40.03 -3.61
N SER A 364 5.39 39.25 -3.80
CA SER A 364 5.60 37.88 -3.31
C SER A 364 5.66 36.89 -4.46
N MET A 365 6.07 37.33 -5.67
CA MET A 365 6.17 36.43 -6.81
C MET A 365 7.61 35.95 -7.00
N PRO A 366 8.00 34.70 -6.71
CA PRO A 366 9.35 34.16 -6.95
C PRO A 366 10.01 34.50 -8.27
N GLY A 367 11.32 34.80 -8.28
CA GLY A 367 12.10 35.01 -9.49
C GLY A 367 12.57 33.69 -10.07
N VAL A 368 12.90 33.67 -11.37
CA VAL A 368 13.37 32.48 -12.07
C VAL A 368 14.54 32.85 -12.98
N MET A 369 15.56 31.98 -13.06
CA MET A 369 16.93 32.39 -13.31
C MET A 369 17.28 32.19 -14.79
N PRO A 370 17.68 33.22 -15.56
CA PRO A 370 17.99 33.04 -16.97
C PRO A 370 19.25 32.25 -17.23
N VAL A 371 19.22 31.36 -18.24
CA VAL A 371 20.36 30.61 -18.71
C VAL A 371 20.91 31.27 -19.98
N ALA A 372 22.23 31.21 -20.22
CA ALA A 372 22.85 31.69 -21.44
C ALA A 372 23.60 30.49 -22.02
N SER A 373 23.37 30.14 -23.30
CA SER A 373 23.84 28.85 -23.81
C SER A 373 24.32 28.95 -25.25
N GLY A 374 25.15 29.95 -25.60
CA GLY A 374 26.53 30.04 -25.10
C GLY A 374 27.51 29.52 -26.13
N GLY A 375 27.21 29.70 -27.43
CA GLY A 375 27.94 29.11 -28.54
C GLY A 375 29.30 29.67 -28.84
N ILE A 376 29.55 30.95 -28.47
CA ILE A 376 30.85 31.59 -28.62
C ILE A 376 31.44 31.94 -27.27
N HIS A 377 32.76 31.70 -27.09
CA HIS A 377 33.50 32.03 -25.89
C HIS A 377 34.25 33.36 -26.03
N VAL A 378 35.60 33.36 -25.94
CA VAL A 378 36.34 34.20 -25.00
C VAL A 378 36.12 35.71 -25.16
N TRP A 379 36.12 36.20 -26.42
CA TRP A 379 36.01 37.61 -26.78
C TRP A 379 34.62 38.17 -26.60
N HIS A 380 33.58 37.32 -26.52
CA HIS A 380 32.20 37.77 -26.33
C HIS A 380 31.80 37.71 -24.87
N MET A 381 32.73 37.30 -23.98
CA MET A 381 32.51 37.39 -22.53
C MET A 381 32.35 38.81 -21.99
N PRO A 382 33.14 39.83 -22.36
CA PRO A 382 32.93 41.23 -22.00
C PRO A 382 31.52 41.74 -22.25
N ALA A 383 30.99 41.62 -23.49
CA ALA A 383 29.65 42.07 -23.80
C ALA A 383 28.57 41.28 -23.06
N LEU A 384 28.73 39.95 -22.91
CA LEU A 384 27.80 39.09 -22.19
C LEU A 384 27.69 39.47 -20.72
N VAL A 385 28.83 39.71 -20.05
CA VAL A 385 28.90 40.13 -18.66
C VAL A 385 28.33 41.54 -18.48
N GLU A 386 28.64 42.46 -19.41
CA GLU A 386 28.15 43.82 -19.37
C GLU A 386 26.64 43.92 -19.55
N ILE A 387 26.05 43.12 -20.46
CA ILE A 387 24.61 43.03 -20.63
C ILE A 387 23.87 42.30 -19.50
N PHE A 388 24.38 41.14 -19.03
CA PHE A 388 23.63 40.28 -18.11
C PHE A 388 24.10 40.23 -16.67
N GLY A 389 25.32 40.71 -16.34
CA GLY A 389 25.85 40.70 -14.97
C GLY A 389 25.89 39.35 -14.29
N ASP A 390 25.09 39.20 -13.21
CA ASP A 390 25.04 38.02 -12.37
C ASP A 390 23.67 37.34 -12.48
N ASP A 391 22.89 37.68 -13.55
CA ASP A 391 22.12 36.72 -14.31
C ASP A 391 23.03 35.69 -15.02
N ALA A 392 22.54 34.44 -15.23
CA ALA A 392 23.26 33.32 -15.83
C ALA A 392 24.26 32.66 -14.86
N CYS A 393 24.49 31.32 -14.85
CA CYS A 393 23.97 30.20 -15.63
C CYS A 393 24.42 30.27 -17.07
N LEU A 394 25.74 30.39 -17.27
CA LEU A 394 26.33 30.49 -18.58
C LEU A 394 26.89 29.13 -18.95
N GLN A 395 26.22 28.44 -19.87
CA GLN A 395 26.56 27.09 -20.26
C GLN A 395 27.22 27.13 -21.62
N PHE A 396 28.57 27.05 -21.67
CA PHE A 396 29.26 27.16 -22.93
C PHE A 396 29.03 25.99 -23.86
N GLY A 397 29.17 26.24 -25.18
CA GLY A 397 29.20 25.23 -26.21
C GLY A 397 30.50 25.28 -26.95
N GLY A 398 31.10 26.48 -27.08
CA GLY A 398 32.43 26.64 -27.66
C GLY A 398 33.51 26.27 -26.69
N GLY A 399 33.39 26.78 -25.45
CA GLY A 399 34.33 26.54 -24.36
C GLY A 399 34.41 25.09 -23.94
N THR A 400 35.55 24.67 -23.35
CA THR A 400 35.76 23.33 -22.82
C THR A 400 35.89 22.27 -23.91
N LEU A 401 34.79 21.84 -24.55
CA LEU A 401 34.73 20.78 -25.55
C LEU A 401 35.07 21.26 -26.96
N GLY A 402 35.84 22.36 -27.03
CA GLY A 402 36.38 22.96 -28.23
C GLY A 402 37.86 23.23 -28.06
N HIS A 403 38.44 22.92 -26.88
CA HIS A 403 39.81 23.26 -26.56
C HIS A 403 40.69 22.04 -26.80
N PRO A 404 41.74 22.04 -27.62
CA PRO A 404 42.49 20.84 -27.95
C PRO A 404 43.42 20.42 -26.83
N TRP A 405 43.47 21.14 -25.69
CA TRP A 405 44.21 20.70 -24.52
C TRP A 405 43.31 19.91 -23.57
N GLY A 406 42.05 19.62 -23.96
CA GLY A 406 41.17 18.74 -23.20
C GLY A 406 40.31 19.46 -22.19
N ASN A 407 39.48 18.67 -21.49
CA ASN A 407 38.42 19.22 -20.66
C ASN A 407 38.88 20.03 -19.45
N ALA A 408 39.92 19.59 -18.71
CA ALA A 408 40.43 20.37 -17.59
C ALA A 408 41.08 21.71 -17.97
N PRO A 409 42.01 21.84 -18.93
CA PRO A 409 42.54 23.15 -19.32
C PRO A 409 41.51 23.99 -20.05
N GLY A 410 40.54 23.37 -20.74
CA GLY A 410 39.42 24.04 -21.38
C GLY A 410 38.55 24.75 -20.38
N ALA A 411 38.11 23.99 -19.36
CA ALA A 411 37.33 24.48 -18.23
C ALA A 411 38.08 25.51 -17.41
N ALA A 412 39.40 25.30 -17.21
CA ALA A 412 40.27 26.22 -16.51
C ALA A 412 40.40 27.55 -17.25
N ALA A 413 40.54 27.52 -18.59
CA ALA A 413 40.56 28.73 -19.41
C ALA A 413 39.25 29.50 -19.32
N ASN A 414 38.10 28.78 -19.32
CA ASN A 414 36.78 29.41 -19.21
C ASN A 414 36.57 30.02 -17.82
N ARG A 415 37.07 29.33 -16.78
CA ARG A 415 37.08 29.78 -15.40
C ARG A 415 37.96 31.01 -15.18
N VAL A 416 39.16 31.02 -15.80
CA VAL A 416 40.08 32.15 -15.78
C VAL A 416 39.48 33.35 -16.48
N ALA A 417 38.85 33.16 -17.66
CA ALA A 417 38.17 34.24 -18.33
C ALA A 417 36.99 34.83 -17.56
N LEU A 418 36.17 33.99 -16.89
CA LEU A 418 35.10 34.48 -16.03
C LEU A 418 35.59 35.26 -14.83
N GLU A 419 36.63 34.75 -14.14
CA GLU A 419 37.20 35.43 -12.99
C GLU A 419 37.94 36.69 -13.38
N ALA A 420 38.68 36.71 -14.51
CA ALA A 420 39.31 37.92 -15.02
C ALA A 420 38.31 39.01 -15.41
N CYS A 421 37.18 38.63 -16.06
CA CYS A 421 36.08 39.55 -16.34
C CYS A 421 35.41 40.06 -15.07
N THR A 422 35.21 39.18 -14.08
CA THR A 422 34.60 39.52 -12.80
C THR A 422 35.50 40.42 -11.97
N GLN A 423 36.82 40.22 -12.03
CA GLN A 423 37.81 41.09 -11.41
C GLN A 423 37.84 42.48 -12.03
N ALA A 424 37.74 42.57 -13.38
CA ALA A 424 37.57 43.82 -14.11
C ALA A 424 36.26 44.55 -13.77
N ARG A 425 35.16 43.79 -13.60
CA ARG A 425 33.84 44.26 -13.23
C ARG A 425 33.80 44.80 -11.79
N ASN A 426 34.57 44.17 -10.87
CA ASN A 426 34.76 44.58 -9.50
C ASN A 426 35.56 45.89 -9.40
N GLU A 427 36.42 46.16 -10.40
CA GLU A 427 37.13 47.42 -10.50
C GLU A 427 36.25 48.50 -11.14
N GLY A 428 35.05 48.14 -11.61
CA GLY A 428 34.08 49.04 -12.25
C GLY A 428 34.49 49.50 -13.61
N ARG A 429 35.32 48.71 -14.32
CA ARG A 429 35.84 49.01 -15.63
C ARG A 429 34.82 49.22 -16.73
N ASP A 430 35.18 50.00 -17.78
CA ASP A 430 34.35 50.22 -18.96
C ASP A 430 34.44 48.98 -19.85
N LEU A 431 33.81 47.88 -19.38
CA LEU A 431 34.01 46.51 -19.79
C LEU A 431 33.87 46.23 -21.27
N ALA A 432 32.94 46.92 -21.97
CA ALA A 432 32.77 46.78 -23.39
C ALA A 432 34.02 47.17 -24.19
N ARG A 433 34.81 48.15 -23.72
CA ARG A 433 36.02 48.59 -24.40
C ARG A 433 37.28 48.08 -23.71
N GLU A 434 37.26 47.96 -22.36
CA GLU A 434 38.39 47.48 -21.58
C GLU A 434 38.59 45.98 -21.66
N GLY A 435 37.49 45.20 -21.81
CA GLY A 435 37.49 43.74 -21.70
C GLY A 435 38.41 42.99 -22.62
N GLY A 436 38.60 43.49 -23.86
CA GLY A 436 39.56 42.96 -24.81
C GLY A 436 40.99 43.06 -24.32
N ASP A 437 41.32 44.15 -23.60
CA ASP A 437 42.66 44.39 -23.12
C ASP A 437 42.88 43.62 -21.83
N VAL A 438 41.80 43.40 -21.04
CA VAL A 438 41.79 42.53 -19.87
C VAL A 438 42.07 41.08 -20.24
N ILE A 439 41.43 40.56 -21.32
CA ILE A 439 41.69 39.22 -21.84
C ILE A 439 43.12 39.05 -22.32
N ARG A 440 43.65 40.03 -23.07
CA ARG A 440 45.04 40.06 -23.50
C ARG A 440 46.00 40.10 -22.31
N SER A 441 45.66 40.85 -21.24
CA SER A 441 46.45 40.92 -20.02
C SER A 441 46.46 39.60 -19.27
N ALA A 442 45.30 38.91 -19.19
CA ALA A 442 45.14 37.61 -18.57
C ALA A 442 45.99 36.53 -19.23
N CYS A 443 46.13 36.62 -20.56
CA CYS A 443 46.86 35.69 -21.40
C CYS A 443 48.37 35.67 -21.14
N LYS A 444 48.95 36.68 -20.45
CA LYS A 444 50.38 36.73 -20.17
C LYS A 444 50.87 35.52 -19.39
N TRP A 445 50.09 35.08 -18.37
CA TRP A 445 50.38 33.83 -17.69
C TRP A 445 49.11 33.35 -16.99
N SER A 446 48.00 33.25 -17.73
CA SER A 446 47.39 31.95 -18.02
C SER A 446 47.72 31.42 -19.41
N PRO A 447 48.60 30.41 -19.57
CA PRO A 447 48.82 29.71 -20.84
C PRO A 447 47.54 29.12 -21.43
N GLU A 448 46.61 28.67 -20.55
CA GLU A 448 45.35 28.06 -20.92
C GLU A 448 44.45 29.01 -21.68
N LEU A 449 44.44 30.29 -21.24
CA LEU A 449 43.69 31.34 -21.91
C LEU A 449 44.40 31.84 -23.15
N ALA A 450 45.74 31.84 -23.18
CA ALA A 450 46.52 32.17 -24.36
C ALA A 450 46.23 31.21 -25.51
N ALA A 451 46.10 29.90 -25.19
CA ALA A 451 45.73 28.86 -26.14
C ALA A 451 44.28 29.00 -26.58
N ALA A 452 43.38 29.36 -25.63
CA ALA A 452 41.97 29.63 -25.87
C ALA A 452 41.74 30.78 -26.86
N CYS A 453 42.64 31.78 -26.84
CA CYS A 453 42.53 32.98 -27.64
C CYS A 453 43.20 32.79 -28.97
N GLU A 454 44.15 31.84 -29.11
CA GLU A 454 44.66 31.46 -30.43
C GLU A 454 43.61 30.60 -31.16
N VAL A 455 42.98 29.65 -30.43
CA VAL A 455 41.96 28.75 -30.98
C VAL A 455 40.71 29.52 -31.42
N TRP A 456 40.25 30.50 -30.61
CA TRP A 456 39.13 31.35 -30.94
C TRP A 456 39.54 32.79 -31.27
N LYS A 457 40.38 32.99 -32.30
CA LYS A 457 40.87 34.32 -32.65
C LYS A 457 40.03 35.09 -33.68
N GLU A 458 38.98 34.48 -34.28
CA GLU A 458 38.12 35.14 -35.27
C GLU A 458 36.76 35.53 -34.72
N ILE A 459 36.34 35.05 -33.53
CA ILE A 459 35.03 35.34 -32.98
C ILE A 459 35.06 36.67 -32.22
N LYS A 460 34.19 37.63 -32.60
CA LYS A 460 34.17 38.96 -32.02
C LYS A 460 32.78 39.58 -31.93
N PHE A 461 31.73 38.90 -32.41
CA PHE A 461 30.35 39.37 -32.41
C PHE A 461 29.77 39.75 -31.04
N GLU A 462 28.96 40.82 -31.01
CA GLU A 462 28.27 41.28 -29.82
C GLU A 462 26.84 40.74 -29.82
N PHE A 463 25.86 41.58 -30.19
CA PHE A 463 24.46 41.25 -30.27
C PHE A 463 23.86 42.13 -31.36
N ASP A 464 22.75 41.69 -31.98
CA ASP A 464 21.86 42.53 -32.77
C ASP A 464 20.78 43.11 -31.85
N THR A 465 20.08 44.18 -32.27
CA THR A 465 19.10 44.87 -31.43
C THR A 465 17.73 44.35 -31.76
N ILE A 466 17.30 44.50 -33.03
CA ILE A 466 15.91 44.43 -33.44
C ILE A 466 15.60 42.99 -33.81
N ASP A 467 14.53 42.41 -33.23
CA ASP A 467 14.07 41.06 -33.46
C ASP A 467 14.09 40.53 -34.90
N LYS A 468 14.69 39.34 -35.09
CA LYS A 468 14.89 38.72 -36.40
C LYS A 468 14.21 37.38 -36.44
N LEU A 469 12.86 37.39 -36.46
CA LEU A 469 12.05 36.20 -36.32
C LEU A 469 11.84 35.50 -37.68
N MET B 1 -58.13 8.95 18.74
CA MET B 1 -57.00 9.47 17.92
C MET B 1 -55.66 8.88 18.37
N MET B 2 -54.60 8.78 17.54
CA MET B 2 -54.52 9.15 16.13
C MET B 2 -53.84 8.05 15.35
N VAL B 3 -54.46 7.59 14.26
CA VAL B 3 -53.90 6.62 13.34
C VAL B 3 -53.46 7.35 12.08
N TRP B 4 -52.15 7.44 11.82
CA TRP B 4 -51.59 8.16 10.70
C TRP B 4 -50.88 7.15 9.79
N THR B 5 -51.10 7.26 8.47
CA THR B 5 -50.49 6.42 7.44
C THR B 5 -51.15 6.69 6.10
N PRO B 6 -50.43 6.99 5.00
CA PRO B 6 -51.01 7.09 3.66
C PRO B 6 -51.59 5.75 3.18
N VAL B 7 -52.92 5.61 3.08
CA VAL B 7 -53.54 4.34 2.71
C VAL B 7 -53.98 4.39 1.26
N ASN B 8 -53.51 3.42 0.44
CA ASN B 8 -53.78 3.25 -0.98
C ASN B 8 -53.14 4.30 -1.89
N ASN B 9 -52.21 5.09 -1.34
CA ASN B 9 -51.55 6.20 -2.00
C ASN B 9 -50.34 6.52 -1.13
N LYS B 10 -49.41 7.35 -1.62
CA LYS B 10 -48.20 7.78 -0.94
C LYS B 10 -48.09 9.29 -0.97
N MET B 11 -47.11 9.86 -0.24
CA MET B 11 -46.86 11.28 -0.21
C MET B 11 -45.98 11.78 -1.35
N PHE B 12 -46.60 12.29 -2.43
CA PHE B 12 -45.90 12.89 -3.54
C PHE B 12 -45.38 14.29 -3.25
N GLU B 13 -44.29 14.33 -2.46
CA GLU B 13 -43.48 15.47 -2.05
C GLU B 13 -44.26 16.67 -1.49
N THR B 14 -43.74 17.90 -1.69
CA THR B 14 -44.25 19.12 -1.08
C THR B 14 -45.65 19.47 -1.54
N PHE B 15 -46.57 19.67 -0.58
CA PHE B 15 -47.98 20.02 -0.71
C PHE B 15 -48.88 18.80 -0.82
N SER B 16 -48.34 17.58 -0.65
CA SER B 16 -49.15 16.36 -0.63
C SER B 16 -49.79 16.06 0.71
N TYR B 17 -49.23 16.61 1.81
CA TYR B 17 -49.70 16.35 3.16
C TYR B 17 -50.95 17.17 3.49
N LEU B 18 -51.12 18.30 2.78
CA LEU B 18 -52.29 19.16 2.82
C LEU B 18 -53.28 18.82 1.71
N PRO B 19 -54.56 19.20 1.83
CA PRO B 19 -55.56 19.08 0.77
C PRO B 19 -55.12 19.66 -0.58
N PRO B 20 -55.40 19.06 -1.74
CA PRO B 20 -54.88 19.50 -3.02
C PRO B 20 -55.41 20.87 -3.44
N LEU B 21 -54.53 21.75 -3.94
CA LEU B 21 -54.90 23.07 -4.46
C LEU B 21 -55.78 22.99 -5.70
N THR B 22 -56.77 23.89 -5.82
CA THR B 22 -57.67 23.95 -6.96
C THR B 22 -57.04 24.69 -8.14
N ASP B 23 -57.65 24.60 -9.34
CA ASP B 23 -57.19 25.28 -10.53
C ASP B 23 -57.18 26.80 -10.33
N GLU B 24 -58.18 27.35 -9.59
CA GLU B 24 -58.26 28.75 -9.23
C GLU B 24 -57.15 29.20 -8.28
N GLN B 25 -56.82 28.38 -7.27
CA GLN B 25 -55.71 28.64 -6.34
C GLN B 25 -54.36 28.58 -7.04
N ILE B 26 -54.19 27.63 -7.97
CA ILE B 26 -53.00 27.48 -8.78
C ILE B 26 -52.81 28.68 -9.70
N ALA B 27 -53.88 29.13 -10.41
CA ALA B 27 -53.79 30.30 -11.26
C ALA B 27 -53.48 31.61 -10.50
N ALA B 28 -54.09 31.80 -9.31
CA ALA B 28 -53.82 32.94 -8.45
C ALA B 28 -52.39 32.97 -7.90
N GLN B 29 -51.88 31.78 -7.51
CA GLN B 29 -50.53 31.61 -7.02
C GLN B 29 -49.49 31.70 -8.12
N VAL B 30 -49.82 31.32 -9.38
CA VAL B 30 -48.94 31.54 -10.53
C VAL B 30 -48.80 33.02 -10.80
N ASP B 31 -49.92 33.78 -10.78
CA ASP B 31 -49.88 35.23 -10.94
C ASP B 31 -49.02 35.91 -9.84
N TYR B 32 -49.14 35.45 -8.57
CA TYR B 32 -48.30 35.90 -7.46
C TYR B 32 -46.81 35.56 -7.65
N ILE B 33 -46.50 34.32 -8.07
CA ILE B 33 -45.13 33.83 -8.26
C ILE B 33 -44.45 34.58 -9.41
N VAL B 34 -45.21 34.92 -10.47
CA VAL B 34 -44.76 35.78 -11.57
C VAL B 34 -44.49 37.20 -11.08
N ALA B 35 -45.39 37.76 -10.24
CA ALA B 35 -45.28 39.08 -9.64
C ALA B 35 -44.02 39.25 -8.78
N ASN B 36 -43.58 38.16 -8.11
CA ASN B 36 -42.42 38.17 -7.23
C ASN B 36 -41.12 37.93 -8.01
N GLY B 37 -41.20 37.80 -9.36
CA GLY B 37 -40.02 37.75 -10.22
C GLY B 37 -39.46 36.40 -10.50
N TRP B 38 -40.24 35.33 -10.29
CA TRP B 38 -39.87 33.96 -10.58
C TRP B 38 -40.27 33.61 -12.00
N ILE B 39 -39.54 32.69 -12.66
CA ILE B 39 -39.81 32.30 -14.04
C ILE B 39 -40.35 30.86 -14.09
N PRO B 40 -41.66 30.63 -14.31
CA PRO B 40 -42.27 29.30 -14.36
C PRO B 40 -41.80 28.38 -15.48
N CYS B 41 -41.86 27.06 -15.22
CA CYS B 41 -41.72 26.02 -16.21
C CYS B 41 -42.73 24.92 -15.88
N LEU B 42 -43.40 24.36 -16.90
CA LEU B 42 -44.34 23.28 -16.74
C LEU B 42 -43.63 21.97 -17.04
N GLU B 43 -43.77 20.96 -16.15
CA GLU B 43 -43.03 19.72 -16.27
C GLU B 43 -43.93 18.55 -15.92
N PHE B 44 -43.56 17.34 -16.38
CA PHE B 44 -44.37 16.16 -16.18
C PHE B 44 -43.49 14.94 -15.94
N ALA B 45 -44.05 13.89 -15.33
CA ALA B 45 -43.33 12.66 -15.06
C ALA B 45 -44.26 11.47 -15.01
N GLU B 46 -43.85 10.33 -15.63
CA GLU B 46 -44.56 9.07 -15.65
C GLU B 46 -44.79 8.50 -14.24
N ALA B 47 -45.90 7.78 -14.01
CA ALA B 47 -46.33 7.32 -12.69
C ALA B 47 -45.26 6.67 -11.80
N ASP B 48 -44.36 5.86 -12.38
CA ASP B 48 -43.27 5.21 -11.70
C ASP B 48 -41.95 5.99 -11.78
N LYS B 49 -41.92 7.12 -12.54
CA LYS B 49 -40.77 8.00 -12.71
C LYS B 49 -40.84 9.24 -11.85
N ALA B 50 -41.95 9.43 -11.11
CA ALA B 50 -42.12 10.54 -10.18
C ALA B 50 -41.99 10.09 -8.73
N TYR B 51 -41.73 8.79 -8.50
CA TYR B 51 -41.65 8.18 -7.19
C TYR B 51 -40.25 7.59 -7.04
N VAL B 52 -39.54 7.92 -5.93
CA VAL B 52 -38.12 7.65 -5.75
C VAL B 52 -37.72 6.17 -5.88
N SER B 53 -36.55 5.93 -6.50
CA SER B 53 -36.06 4.60 -6.84
C SER B 53 -34.57 4.56 -6.60
N ASN B 54 -34.00 3.36 -6.49
CA ASN B 54 -32.57 3.18 -6.35
C ASN B 54 -32.14 1.90 -7.06
N GLU B 55 -33.01 1.31 -7.92
CA GLU B 55 -32.77 0.06 -8.61
C GLU B 55 -31.54 0.11 -9.51
N SER B 56 -31.31 1.29 -10.13
CA SER B 56 -30.20 1.63 -11.02
C SER B 56 -28.82 1.56 -10.39
N ALA B 57 -28.76 1.42 -9.05
CA ALA B 57 -27.58 1.14 -8.24
C ALA B 57 -26.92 -0.18 -8.63
N ILE B 58 -27.68 -1.07 -9.31
CA ILE B 58 -27.22 -2.33 -9.85
C ILE B 58 -26.15 -2.18 -10.93
N ARG B 59 -26.24 -1.14 -11.78
CA ARG B 59 -25.27 -0.87 -12.84
C ARG B 59 -23.95 -0.23 -12.41
N PHE B 60 -23.88 0.45 -11.27
CA PHE B 60 -22.70 1.23 -10.87
C PHE B 60 -22.02 0.72 -9.61
N GLY B 61 -20.67 0.63 -9.59
CA GLY B 61 -19.93 0.08 -8.45
C GLY B 61 -19.94 0.89 -7.17
N SER B 62 -19.80 2.22 -7.25
CA SER B 62 -19.81 3.11 -6.07
C SER B 62 -21.19 3.65 -5.79
N VAL B 63 -21.77 3.25 -4.65
CA VAL B 63 -23.14 3.58 -4.25
C VAL B 63 -23.15 3.77 -2.73
N SER B 64 -24.12 4.54 -2.15
CA SER B 64 -25.16 5.33 -2.78
C SER B 64 -24.62 6.64 -3.33
N CYS B 65 -23.45 7.09 -2.83
CA CYS B 65 -22.69 8.29 -3.20
C CYS B 65 -23.45 9.48 -3.76
N LEU B 66 -24.43 10.01 -2.99
CA LEU B 66 -25.31 11.13 -3.36
C LEU B 66 -26.28 10.89 -4.52
N TYR B 67 -26.09 9.85 -5.34
CA TYR B 67 -26.96 9.44 -6.44
C TYR B 67 -28.40 9.12 -6.04
N TYR B 68 -29.38 9.47 -6.90
CA TYR B 68 -30.79 9.20 -6.66
C TYR B 68 -31.41 8.82 -8.01
N ASP B 69 -32.59 8.17 -8.02
CA ASP B 69 -33.25 7.82 -9.26
C ASP B 69 -34.77 7.95 -9.14
N ASN B 70 -35.46 7.99 -10.29
CA ASN B 70 -36.88 8.23 -10.52
C ASN B 70 -37.44 9.44 -9.76
N ARG B 71 -36.68 10.56 -9.81
CA ARG B 71 -37.12 11.86 -9.38
C ARG B 71 -36.97 12.91 -10.46
N TYR B 72 -36.67 12.51 -11.71
CA TYR B 72 -36.48 13.42 -12.81
C TYR B 72 -37.78 13.67 -13.57
N TRP B 73 -38.09 14.96 -13.86
CA TRP B 73 -39.30 15.40 -14.52
C TRP B 73 -38.93 15.97 -15.88
N THR B 74 -39.76 15.72 -16.91
CA THR B 74 -39.53 16.14 -18.28
C THR B 74 -40.28 17.44 -18.51
N MET B 75 -39.69 18.43 -19.21
CA MET B 75 -40.36 19.71 -19.44
C MET B 75 -41.38 19.67 -20.56
N TRP B 76 -42.54 20.34 -20.39
CA TRP B 76 -43.60 20.38 -21.38
C TRP B 76 -43.36 21.42 -22.48
N LYS B 77 -42.62 21.01 -23.53
CA LYS B 77 -42.35 21.76 -24.75
C LYS B 77 -41.47 23.00 -24.61
N LEU B 78 -41.92 23.99 -23.82
CA LEU B 78 -41.25 25.27 -23.65
C LEU B 78 -41.28 25.71 -22.20
N PRO B 79 -40.31 26.47 -21.71
CA PRO B 79 -40.45 27.22 -20.47
C PRO B 79 -41.23 28.52 -20.73
N MET B 80 -41.73 29.20 -19.69
CA MET B 80 -42.46 30.45 -19.87
C MET B 80 -41.54 31.67 -20.07
N PHE B 81 -40.79 31.70 -21.18
CA PHE B 81 -39.89 32.81 -21.50
C PHE B 81 -40.62 33.82 -22.35
N GLY B 82 -40.47 35.12 -22.02
CA GLY B 82 -41.21 36.21 -22.65
C GLY B 82 -42.57 36.31 -21.98
N CYS B 83 -43.58 35.63 -22.55
CA CYS B 83 -44.93 35.54 -22.02
C CYS B 83 -44.98 34.82 -20.66
N ARG B 84 -45.84 35.30 -19.73
CA ARG B 84 -46.03 34.71 -18.43
C ARG B 84 -47.50 34.43 -18.13
N ASP B 85 -48.41 34.73 -19.08
CA ASP B 85 -49.85 34.60 -18.96
C ASP B 85 -50.38 33.31 -18.30
N PRO B 86 -51.14 33.37 -17.19
CA PRO B 86 -51.70 32.18 -16.56
C PRO B 86 -52.67 31.42 -17.44
N MET B 87 -53.29 32.04 -18.47
CA MET B 87 -54.18 31.31 -19.35
C MET B 87 -53.42 30.49 -20.40
N GLN B 88 -52.21 30.92 -20.80
CA GLN B 88 -51.32 30.11 -21.62
C GLN B 88 -50.86 28.86 -20.85
N VAL B 89 -50.55 29.05 -19.55
CA VAL B 89 -50.19 27.97 -18.64
C VAL B 89 -51.35 27.00 -18.45
N LEU B 90 -52.58 27.52 -18.26
CA LEU B 90 -53.78 26.71 -18.13
C LEU B 90 -54.09 25.89 -19.39
N ARG B 91 -53.95 26.47 -20.59
CA ARG B 91 -54.05 25.71 -21.83
C ARG B 91 -53.00 24.63 -21.99
N GLU B 92 -51.75 24.91 -21.60
CA GLU B 92 -50.69 23.92 -21.60
C GLU B 92 -50.90 22.80 -20.60
N ILE B 93 -51.41 23.09 -19.38
CA ILE B 93 -51.75 22.08 -18.38
C ILE B 93 -52.85 21.15 -18.87
N VAL B 94 -53.91 21.69 -19.50
CA VAL B 94 -54.97 20.90 -20.10
C VAL B 94 -54.47 20.03 -21.26
N ALA B 95 -53.65 20.59 -22.17
CA ALA B 95 -53.03 19.83 -23.26
C ALA B 95 -52.09 18.72 -22.80
N CYS B 96 -51.30 18.99 -21.75
CA CYS B 96 -50.41 18.04 -21.09
C CYS B 96 -51.19 16.92 -20.43
N THR B 97 -52.28 17.29 -19.70
CA THR B 97 -53.18 16.36 -19.02
C THR B 97 -53.87 15.43 -20.00
N LYS B 98 -54.31 15.98 -21.14
CA LYS B 98 -54.86 15.24 -22.26
C LYS B 98 -53.86 14.33 -22.95
N ALA B 99 -52.61 14.79 -23.13
CA ALA B 99 -51.52 14.04 -23.73
C ALA B 99 -51.09 12.81 -22.97
N PHE B 100 -51.02 12.87 -21.63
CA PHE B 100 -50.53 11.74 -20.85
C PHE B 100 -51.46 11.35 -19.71
N PRO B 101 -52.22 10.25 -19.83
CA PRO B 101 -53.12 9.82 -18.76
C PRO B 101 -52.34 9.21 -17.59
N ASP B 102 -51.15 8.63 -17.84
CA ASP B 102 -50.38 7.93 -16.84
C ASP B 102 -49.17 8.73 -16.35
N ALA B 103 -49.09 10.02 -16.69
CA ALA B 103 -48.06 10.89 -16.16
C ALA B 103 -48.66 11.94 -15.24
N TYR B 104 -47.89 12.38 -14.24
CA TYR B 104 -48.21 13.49 -13.37
C TYR B 104 -47.72 14.77 -14.01
N VAL B 105 -48.45 15.89 -13.83
CA VAL B 105 -48.12 17.20 -14.33
C VAL B 105 -47.94 18.12 -13.13
N ARG B 106 -46.85 18.92 -13.09
CA ARG B 106 -46.51 19.79 -11.97
C ARG B 106 -45.94 21.12 -12.48
N LEU B 107 -46.05 22.22 -11.70
CA LEU B 107 -45.37 23.47 -12.01
C LEU B 107 -44.15 23.69 -11.12
N VAL B 108 -43.08 24.17 -11.75
CA VAL B 108 -41.83 24.51 -11.10
C VAL B 108 -41.46 25.90 -11.59
N ALA B 109 -40.51 26.58 -10.95
CA ALA B 109 -40.12 27.92 -11.37
C ALA B 109 -38.68 28.15 -10.98
N PHE B 110 -38.00 29.17 -11.53
CA PHE B 110 -36.67 29.49 -11.04
C PHE B 110 -36.45 30.97 -10.77
N ASP B 111 -35.51 31.24 -9.83
CA ASP B 111 -34.96 32.53 -9.47
C ASP B 111 -33.62 32.71 -10.18
N ASN B 112 -33.57 33.56 -11.21
CA ASN B 112 -32.40 33.73 -12.06
C ASN B 112 -31.20 34.40 -11.40
N GLN B 113 -31.33 35.01 -10.19
CA GLN B 113 -30.24 35.69 -9.51
C GLN B 113 -29.01 34.83 -9.22
N LYS B 114 -29.22 33.60 -8.72
CA LYS B 114 -28.17 32.60 -8.55
C LYS B 114 -28.53 31.34 -9.34
N GLN B 115 -29.60 31.43 -10.15
CA GLN B 115 -30.22 30.37 -10.94
C GLN B 115 -30.63 29.11 -10.17
N VAL B 116 -31.53 29.29 -9.18
CA VAL B 116 -32.05 28.18 -8.38
C VAL B 116 -33.50 27.89 -8.76
N GLN B 117 -33.79 26.60 -9.01
CA GLN B 117 -35.09 26.12 -9.38
C GLN B 117 -35.89 25.68 -8.15
N ILE B 118 -37.15 26.15 -8.04
CA ILE B 118 -38.09 25.80 -7.01
C ILE B 118 -39.12 24.84 -7.56
N MET B 119 -39.38 23.73 -6.84
CA MET B 119 -40.35 22.74 -7.27
C MET B 119 -41.58 22.94 -6.39
N GLY B 120 -42.67 23.46 -7.02
CA GLY B 120 -43.87 23.92 -6.34
C GLY B 120 -45.04 23.01 -6.46
N PHE B 121 -46.24 23.60 -6.46
CA PHE B 121 -47.51 22.92 -6.63
C PHE B 121 -47.74 22.49 -8.08
N LEU B 122 -48.45 21.39 -8.36
CA LEU B 122 -49.03 20.41 -7.49
C LEU B 122 -48.89 19.13 -8.29
N VAL B 123 -48.68 17.96 -7.67
CA VAL B 123 -48.55 16.71 -8.41
C VAL B 123 -49.94 16.17 -8.72
N GLN B 124 -50.34 16.20 -10.01
CA GLN B 124 -51.70 15.86 -10.43
C GLN B 124 -51.72 15.06 -11.71
N ARG B 125 -52.62 14.07 -11.79
CA ARG B 125 -52.77 13.15 -12.91
C ARG B 125 -54.26 12.84 -13.02
N PRO B 126 -54.89 12.52 -14.15
CA PRO B 126 -56.33 12.25 -14.21
C PRO B 126 -56.71 10.88 -13.63
N LYS B 127 -55.78 10.21 -12.94
CA LYS B 127 -55.97 8.94 -12.28
C LYS B 127 -55.21 9.00 -10.95
N THR B 128 -55.20 10.17 -10.28
CA THR B 128 -54.52 10.35 -8.99
C THR B 128 -55.06 9.40 -7.94
N ALA B 129 -54.18 8.72 -7.18
CA ALA B 129 -54.61 7.73 -6.22
C ALA B 129 -55.13 8.37 -4.94
N ARG B 130 -55.91 7.62 -4.14
CA ARG B 130 -56.66 8.04 -2.96
C ARG B 130 -56.20 9.27 -2.17
N ASP B 131 -57.13 10.22 -1.97
CA ASP B 131 -56.96 11.43 -1.19
C ASP B 131 -56.88 11.15 0.32
N PHE B 132 -56.16 11.99 1.08
CA PHE B 132 -55.92 11.81 2.49
C PHE B 132 -56.93 12.65 3.33
N THR C 1 12.29 2.01 51.24
CA THR C 1 13.17 2.87 50.38
C THR C 1 12.49 3.25 49.08
N LYS C 2 12.70 4.50 48.61
CA LYS C 2 12.23 4.93 47.29
C LYS C 2 13.33 4.77 46.23
N ALA C 3 14.49 4.20 46.63
CA ALA C 3 15.69 3.86 45.88
C ALA C 3 16.89 4.45 46.63
N GLY C 4 17.95 3.66 46.89
CA GLY C 4 19.13 4.12 47.61
C GLY C 4 19.57 3.29 48.78
N ALA C 5 18.97 2.12 49.00
CA ALA C 5 19.33 1.25 50.11
C ALA C 5 20.52 0.35 49.83
N GLY C 6 21.56 0.40 50.70
CA GLY C 6 22.71 -0.49 50.64
C GLY C 6 22.51 -1.73 51.49
N PHE C 7 21.64 -2.65 51.03
CA PHE C 7 21.37 -3.92 51.70
C PHE C 7 22.58 -4.83 51.85
N LYS C 8 22.81 -5.40 53.05
CA LYS C 8 23.82 -6.42 53.29
C LYS C 8 23.53 -7.72 52.53
N ALA C 9 24.58 -8.45 52.13
CA ALA C 9 24.48 -9.71 51.41
C ALA C 9 23.62 -10.81 52.06
N GLY C 10 22.97 -11.63 51.22
CA GLY C 10 22.05 -12.69 51.61
C GLY C 10 20.67 -12.35 51.15
N VAL C 11 19.64 -13.01 51.71
CA VAL C 11 18.25 -12.71 51.42
C VAL C 11 17.56 -12.42 52.75
N LYS C 12 16.77 -11.32 52.84
CA LYS C 12 16.03 -10.95 54.03
C LYS C 12 14.72 -11.75 54.10
N ASP C 13 14.19 -12.02 55.32
CA ASP C 13 12.93 -12.74 55.49
C ASP C 13 11.78 -12.01 54.79
N TYR C 14 11.03 -12.75 53.95
CA TYR C 14 9.95 -12.21 53.14
C TYR C 14 8.81 -11.67 54.00
N ARG C 15 8.63 -12.20 55.23
CA ARG C 15 7.60 -11.71 56.12
C ARG C 15 7.91 -10.35 56.72
N LEU C 16 9.20 -9.96 56.64
CA LEU C 16 9.69 -8.67 57.06
C LEU C 16 9.88 -7.73 55.87
N THR C 17 9.51 -8.16 54.63
CA THR C 17 9.73 -7.32 53.45
C THR C 17 8.58 -7.29 52.45
N TYR C 18 7.70 -8.33 52.37
CA TYR C 18 6.58 -8.35 51.42
C TYR C 18 5.28 -8.79 52.09
N TYR C 19 5.20 -8.77 53.43
CA TYR C 19 3.99 -9.15 54.18
C TYR C 19 3.51 -8.00 55.05
N THR C 20 2.26 -7.58 54.85
CA THR C 20 1.69 -6.40 55.48
C THR C 20 0.24 -6.67 55.85
N PRO C 21 -0.08 -7.33 56.96
CA PRO C 21 -1.45 -7.74 57.27
C PRO C 21 -2.30 -6.57 57.80
N ASP C 22 -1.82 -5.32 57.72
CA ASP C 22 -2.55 -4.12 58.02
C ASP C 22 -2.79 -3.29 56.75
N TYR C 23 -2.50 -3.84 55.55
CA TYR C 23 -2.67 -3.15 54.28
C TYR C 23 -4.12 -2.74 53.95
N VAL C 24 -4.34 -1.49 53.49
CA VAL C 24 -5.63 -1.00 53.06
C VAL C 24 -5.54 -0.59 51.59
N VAL C 25 -6.30 -1.29 50.72
CA VAL C 25 -6.28 -1.16 49.27
C VAL C 25 -6.60 0.20 48.66
N ARG C 26 -5.94 0.51 47.54
CA ARG C 26 -6.22 1.65 46.70
C ARG C 26 -7.31 1.27 45.70
N ASP C 27 -7.91 2.29 45.06
CA ASP C 27 -8.89 2.11 44.01
C ASP C 27 -8.23 1.60 42.72
N THR C 28 -6.90 1.79 42.60
CA THR C 28 -6.10 1.37 41.46
C THR C 28 -5.34 0.07 41.71
N ASP C 29 -5.40 -0.52 42.93
CA ASP C 29 -4.69 -1.75 43.25
C ASP C 29 -5.27 -2.99 42.56
N ILE C 30 -4.39 -3.89 42.08
CA ILE C 30 -4.74 -5.17 41.49
C ILE C 30 -4.53 -6.23 42.56
N LEU C 31 -5.57 -7.00 42.92
CA LEU C 31 -5.46 -8.02 43.97
C LEU C 31 -5.74 -9.41 43.46
N ALA C 32 -5.09 -10.43 44.06
CA ALA C 32 -5.33 -11.82 43.72
C ALA C 32 -5.50 -12.64 45.00
N ALA C 33 -6.49 -13.56 45.00
CA ALA C 33 -6.78 -14.45 46.11
C ALA C 33 -6.46 -15.87 45.69
N PHE C 34 -5.62 -16.59 46.44
CA PHE C 34 -5.17 -17.93 46.11
C PHE C 34 -5.41 -18.93 47.24
N ARG C 35 -5.80 -20.17 46.91
CA ARG C 35 -5.87 -21.28 47.83
C ARG C 35 -4.57 -22.08 47.70
N MET C 36 -3.82 -22.31 48.80
CA MET C 36 -2.49 -22.90 48.72
C MET C 36 -2.18 -23.96 49.78
N THR C 37 -1.30 -24.93 49.44
CA THR C 37 -0.66 -25.81 50.44
C THR C 37 0.87 -25.76 50.24
N PRO C 38 1.65 -25.15 51.13
CA PRO C 38 3.12 -25.22 51.14
C PRO C 38 3.68 -26.63 51.28
N GLN C 39 4.95 -26.87 50.87
CA GLN C 39 5.69 -28.07 51.22
C GLN C 39 6.00 -28.09 52.73
N LEU C 40 6.09 -29.30 53.34
CA LEU C 40 6.29 -29.44 54.76
C LEU C 40 7.61 -28.85 55.25
N GLY C 41 7.51 -27.91 56.22
CA GLY C 41 8.62 -27.17 56.78
C GLY C 41 8.61 -25.70 56.40
N VAL C 42 7.74 -25.29 55.47
CA VAL C 42 7.64 -23.92 55.01
C VAL C 42 6.41 -23.22 55.63
N PRO C 43 6.54 -22.20 56.48
CA PRO C 43 5.41 -21.41 56.97
C PRO C 43 4.52 -20.80 55.88
N PRO C 44 3.20 -20.72 55.99
CA PRO C 44 2.35 -20.20 54.93
C PRO C 44 2.52 -18.70 54.72
N GLU C 45 2.96 -17.92 55.73
CA GLU C 45 3.23 -16.51 55.54
C GLU C 45 4.57 -16.34 54.83
N GLU C 46 5.52 -17.28 55.04
CA GLU C 46 6.77 -17.33 54.30
C GLU C 46 6.50 -17.66 52.83
N CYS C 47 5.59 -18.61 52.57
CA CYS C 47 5.15 -18.97 51.23
C CYS C 47 4.41 -17.83 50.51
N GLY C 48 3.40 -17.21 51.16
CA GLY C 48 2.64 -16.09 50.63
C GLY C 48 3.48 -14.89 50.30
N ALA C 49 4.35 -14.50 51.25
CA ALA C 49 5.31 -13.43 51.09
C ALA C 49 6.31 -13.72 49.98
N ALA C 50 6.82 -14.96 49.87
CA ALA C 50 7.72 -15.39 48.82
C ALA C 50 7.08 -15.32 47.43
N VAL C 51 5.79 -15.68 47.31
CA VAL C 51 5.02 -15.54 46.08
C VAL C 51 4.87 -14.07 45.68
N ALA C 52 4.54 -13.19 46.65
CA ALA C 52 4.46 -11.76 46.45
C ALA C 52 5.82 -11.14 46.07
N ALA C 53 6.91 -11.63 46.68
CA ALA C 53 8.26 -11.18 46.43
C ALA C 53 8.77 -11.59 45.06
N GLU C 54 8.50 -12.84 44.65
CA GLU C 54 8.94 -13.37 43.37
C GLU C 54 8.15 -12.84 42.19
N SER C 55 6.85 -12.53 42.38
CA SER C 55 6.04 -11.91 41.34
C SER C 55 6.24 -10.41 41.22
N SER C 56 6.88 -9.78 42.22
CA SER C 56 7.19 -8.35 42.24
C SER C 56 8.63 -8.06 41.85
N THR C 57 9.62 -8.66 42.52
CA THR C 57 11.03 -8.28 42.40
C THR C 57 11.90 -9.49 42.10
N GLY C 58 11.81 -10.54 42.93
CA GLY C 58 12.54 -11.79 42.81
C GLY C 58 13.98 -11.67 43.26
N THR C 59 14.46 -12.64 44.04
CA THR C 59 15.84 -12.60 44.48
C THR C 59 16.37 -13.98 44.77
N TRP C 60 17.66 -14.18 44.46
CA TRP C 60 18.38 -15.39 44.76
C TRP C 60 19.63 -15.00 45.55
N THR C 61 19.72 -13.72 45.96
CA THR C 61 20.78 -13.04 46.70
C THR C 61 20.58 -11.57 46.45
N THR C 62 20.42 -10.75 47.51
CA THR C 62 20.20 -9.32 47.41
C THR C 62 21.40 -8.62 47.99
N VAL C 63 21.90 -7.58 47.29
CA VAL C 63 22.97 -6.72 47.76
C VAL C 63 22.54 -5.31 47.43
N TRP C 64 23.44 -4.30 47.54
CA TRP C 64 23.14 -2.90 47.26
C TRP C 64 22.53 -2.62 45.88
N THR C 65 22.74 -3.50 44.88
CA THR C 65 22.19 -3.29 43.54
C THR C 65 20.70 -3.49 43.45
N ASP C 66 20.08 -4.21 44.41
CA ASP C 66 18.63 -4.31 44.47
C ASP C 66 18.03 -3.01 45.02
N GLY C 67 18.88 -2.18 45.66
CA GLY C 67 18.59 -0.83 46.11
C GLY C 67 18.47 0.19 45.03
N LEU C 68 18.86 -0.15 43.78
CA LEU C 68 18.75 0.70 42.62
C LEU C 68 17.31 0.98 42.19
N THR C 69 16.39 0.02 42.40
CA THR C 69 14.99 0.18 42.01
C THR C 69 14.21 0.87 43.12
N SER C 70 13.16 1.60 42.73
CA SER C 70 12.27 2.25 43.68
C SER C 70 11.29 1.24 44.22
N LEU C 71 11.39 0.87 45.50
CA LEU C 71 10.59 -0.22 46.07
C LEU C 71 9.31 0.32 46.65
N ASP C 72 9.39 1.24 47.65
CA ASP C 72 8.33 1.90 48.39
C ASP C 72 6.90 1.36 48.26
N ARG C 73 6.03 2.10 47.54
CA ARG C 73 4.64 1.77 47.32
C ARG C 73 4.47 0.97 46.04
N TYR C 74 5.59 0.69 45.33
CA TYR C 74 5.61 0.10 44.01
C TYR C 74 5.76 -1.42 44.05
N LYS C 75 6.09 -2.01 45.22
CA LYS C 75 6.26 -3.45 45.35
C LYS C 75 4.98 -4.17 45.74
N GLY C 76 4.85 -5.46 45.33
CA GLY C 76 3.77 -6.36 45.74
C GLY C 76 3.67 -6.61 47.23
N ARG C 77 2.45 -6.77 47.76
CA ARG C 77 2.22 -6.91 49.18
C ARG C 77 1.31 -8.10 49.50
N CYS C 78 1.70 -8.95 50.46
CA CYS C 78 0.87 -10.03 50.97
C CYS C 78 0.07 -9.52 52.15
N TYR C 79 -1.27 -9.55 52.07
CA TYR C 79 -2.17 -9.11 53.12
C TYR C 79 -2.41 -10.29 54.09
N ASP C 80 -3.21 -10.07 55.17
CA ASP C 80 -3.59 -11.07 56.16
C ASP C 80 -4.15 -12.35 55.51
N ILE C 81 -3.76 -13.55 55.96
CA ILE C 81 -4.14 -14.80 55.30
C ILE C 81 -4.95 -15.66 56.25
N GLU C 82 -5.69 -16.65 55.73
CA GLU C 82 -6.60 -17.42 56.58
C GLU C 82 -6.52 -18.92 56.27
N PRO C 83 -6.82 -19.81 57.20
CA PRO C 83 -6.93 -21.25 56.94
C PRO C 83 -8.13 -21.65 56.10
N VAL C 84 -8.01 -22.76 55.35
CA VAL C 84 -9.07 -23.38 54.57
C VAL C 84 -9.78 -24.43 55.42
N PRO C 85 -11.11 -24.50 55.52
CA PRO C 85 -11.79 -25.47 56.37
C PRO C 85 -11.69 -26.88 55.81
N GLY C 86 -11.56 -27.05 54.48
CA GLY C 86 -11.47 -28.33 53.80
C GLY C 86 -10.27 -29.19 54.10
N GLU C 87 -9.09 -28.60 54.38
CA GLU C 87 -7.88 -29.35 54.63
C GLU C 87 -6.93 -28.62 55.56
N ASP C 88 -6.29 -29.32 56.52
CA ASP C 88 -5.50 -28.75 57.59
C ASP C 88 -4.29 -27.91 57.13
N ASN C 89 -3.59 -28.35 56.07
CA ASN C 89 -2.44 -27.65 55.52
C ASN C 89 -2.80 -26.63 54.44
N GLN C 90 -4.09 -26.42 54.13
CA GLN C 90 -4.49 -25.41 53.17
C GLN C 90 -4.84 -24.04 53.74
N TYR C 91 -4.45 -22.99 53.00
CA TYR C 91 -4.63 -21.59 53.39
C TYR C 91 -5.14 -20.78 52.21
N ILE C 92 -5.83 -19.66 52.49
CA ILE C 92 -6.19 -18.68 51.48
C ILE C 92 -5.27 -17.48 51.66
N ALA C 93 -4.45 -17.21 50.62
CA ALA C 93 -3.54 -16.07 50.52
C ALA C 93 -4.17 -14.93 49.75
N TYR C 94 -3.95 -13.68 50.21
CA TYR C 94 -4.44 -12.48 49.55
C TYR C 94 -3.25 -11.59 49.20
N VAL C 95 -2.99 -11.35 47.89
CA VAL C 95 -1.81 -10.61 47.46
C VAL C 95 -2.22 -9.41 46.64
N ALA C 96 -1.71 -8.21 47.00
CA ALA C 96 -1.94 -6.96 46.31
C ALA C 96 -0.74 -6.54 45.46
N TYR C 97 -1.02 -5.94 44.29
CA TYR C 97 -0.06 -5.39 43.36
C TYR C 97 -0.50 -3.96 43.03
N PRO C 98 0.36 -2.96 42.96
CA PRO C 98 -0.03 -1.62 42.55
C PRO C 98 -0.03 -1.46 41.04
N ILE C 99 -0.76 -0.44 40.54
CA ILE C 99 -0.89 -0.14 39.10
C ILE C 99 0.44 0.17 38.43
N ASP C 100 1.39 0.76 39.20
CA ASP C 100 2.72 1.14 38.78
C ASP C 100 3.56 -0.02 38.25
N LEU C 101 3.29 -1.26 38.69
CA LEU C 101 4.10 -2.42 38.36
C LEU C 101 3.86 -3.01 36.96
N PHE C 102 2.67 -2.80 36.34
CA PHE C 102 2.32 -3.45 35.08
C PHE C 102 2.05 -2.46 33.96
N GLU C 103 2.35 -2.83 32.69
CA GLU C 103 1.98 -2.06 31.52
C GLU C 103 0.45 -1.97 31.37
N GLU C 104 -0.09 -0.80 31.02
CA GLU C 104 -1.53 -0.53 31.01
C GLU C 104 -2.32 -1.36 29.99
N GLY C 105 -3.09 -2.37 30.45
CA GLY C 105 -3.87 -3.26 29.62
C GLY C 105 -3.02 -4.27 28.88
N SER C 106 -1.86 -4.67 29.44
CA SER C 106 -0.94 -5.57 28.77
C SER C 106 -1.16 -7.00 29.21
N VAL C 107 -1.90 -7.78 28.39
CA VAL C 107 -2.36 -9.10 28.77
C VAL C 107 -1.25 -10.14 28.96
N THR C 108 -0.16 -10.14 28.15
CA THR C 108 0.91 -11.13 28.37
C THR C 108 1.80 -10.73 29.54
N ASN C 109 1.91 -9.42 29.83
CA ASN C 109 2.70 -8.96 30.95
C ASN C 109 2.00 -9.27 32.27
N MET C 110 0.69 -8.97 32.34
CA MET C 110 -0.15 -9.31 33.47
C MET C 110 -0.26 -10.82 33.67
N PHE C 111 -0.51 -11.59 32.60
CA PHE C 111 -0.57 -13.04 32.62
C PHE C 111 0.73 -13.70 33.08
N THR C 112 1.88 -13.29 32.52
CA THR C 112 3.19 -13.82 32.89
C THR C 112 3.54 -13.45 34.32
N SER C 113 3.28 -12.19 34.75
CA SER C 113 3.54 -11.77 36.13
C SER C 113 2.69 -12.47 37.20
N ILE C 114 1.39 -12.59 36.95
CA ILE C 114 0.38 -13.06 37.90
C ILE C 114 0.24 -14.58 37.90
N VAL C 115 0.27 -15.21 36.72
CA VAL C 115 0.07 -16.65 36.60
C VAL C 115 1.38 -17.33 36.26
N GLY C 116 2.10 -16.82 35.24
CA GLY C 116 3.33 -17.45 34.72
C GLY C 116 4.44 -17.66 35.73
N ASN C 117 4.78 -16.61 36.50
CA ASN C 117 5.84 -16.65 37.49
C ASN C 117 5.37 -17.31 38.78
N VAL C 118 4.13 -17.01 39.21
CA VAL C 118 3.53 -17.52 40.44
C VAL C 118 3.33 -19.03 40.49
N PHE C 119 2.79 -19.62 39.41
CA PHE C 119 2.44 -21.03 39.40
C PHE C 119 3.62 -21.87 38.92
N GLY C 120 4.73 -21.86 39.70
CA GLY C 120 5.93 -22.61 39.36
C GLY C 120 6.59 -23.31 40.53
N PHE C 121 6.92 -22.54 41.58
CA PHE C 121 7.72 -22.87 42.75
C PHE C 121 7.79 -24.32 43.24
N LYS C 122 9.03 -24.87 43.32
CA LYS C 122 9.33 -26.21 43.79
C LYS C 122 8.90 -26.52 45.23
N ALA C 123 9.01 -25.57 46.17
CA ALA C 123 8.59 -25.79 47.54
C ALA C 123 7.10 -25.51 47.77
N LEU C 124 6.33 -25.31 46.69
CA LEU C 124 4.90 -25.18 46.71
C LEU C 124 4.30 -26.50 46.22
N ARG C 125 3.47 -27.19 47.05
CA ARG C 125 2.88 -28.46 46.67
C ARG C 125 1.71 -28.28 45.70
N ALA C 126 0.74 -27.43 46.08
CA ALA C 126 -0.38 -27.11 45.23
C ALA C 126 -0.85 -25.69 45.48
N LEU C 127 -1.33 -25.04 44.39
CA LEU C 127 -1.83 -23.69 44.41
C LEU C 127 -3.00 -23.53 43.46
N ARG C 128 -4.12 -22.97 43.94
CA ARG C 128 -5.34 -22.75 43.17
C ARG C 128 -5.75 -21.29 43.20
N LEU C 129 -6.08 -20.70 42.05
CA LEU C 129 -6.54 -19.32 42.01
C LEU C 129 -8.02 -19.24 42.40
N GLU C 130 -8.36 -18.42 43.40
CA GLU C 130 -9.73 -18.31 43.90
C GLU C 130 -10.44 -17.05 43.45
N ASP C 131 -9.74 -15.89 43.36
CA ASP C 131 -10.37 -14.69 42.83
C ASP C 131 -9.33 -13.63 42.43
N LEU C 132 -9.79 -12.56 41.75
CA LEU C 132 -9.00 -11.45 41.27
C LEU C 132 -9.78 -10.13 41.42
N ARG C 133 -9.09 -9.06 41.86
CA ARG C 133 -9.63 -7.71 41.88
C ARG C 133 -8.97 -6.99 40.73
N ILE C 134 -9.73 -6.66 39.68
CA ILE C 134 -9.23 -5.91 38.54
C ILE C 134 -9.79 -4.50 38.71
N PRO C 135 -9.02 -3.46 39.01
CA PRO C 135 -9.54 -2.10 39.20
C PRO C 135 -10.17 -1.53 37.93
N PRO C 136 -11.21 -0.68 37.97
CA PRO C 136 -11.94 -0.21 36.79
C PRO C 136 -11.05 0.41 35.72
N ALA C 137 -9.94 1.08 36.09
CA ALA C 137 -9.08 1.71 35.12
C ALA C 137 -8.22 0.72 34.32
N TYR C 138 -8.11 -0.54 34.80
CA TYR C 138 -7.42 -1.59 34.09
C TYR C 138 -8.47 -2.41 33.33
N VAL C 139 -9.72 -2.51 33.86
CA VAL C 139 -10.86 -3.12 33.18
C VAL C 139 -11.21 -2.42 31.86
N LYS C 140 -11.08 -1.09 31.82
CA LYS C 140 -11.39 -0.30 30.63
C LYS C 140 -10.20 -0.13 29.70
N THR C 141 -9.04 -0.74 30.01
CA THR C 141 -7.85 -0.70 29.15
C THR C 141 -7.40 -2.08 28.73
N PHE C 142 -7.83 -3.17 29.41
CA PHE C 142 -8.57 -4.28 28.81
C PHE C 142 -9.69 -3.90 27.84
N VAL C 143 -10.11 -4.81 26.93
CA VAL C 143 -11.12 -4.48 25.93
C VAL C 143 -12.51 -5.01 26.25
N GLY C 144 -12.66 -6.23 26.79
CA GLY C 144 -13.95 -6.83 27.16
C GLY C 144 -14.86 -7.15 25.98
N PRO C 145 -16.09 -7.64 26.20
CA PRO C 145 -17.07 -7.92 25.15
C PRO C 145 -17.19 -6.84 24.07
N PRO C 146 -17.00 -7.08 22.77
CA PRO C 146 -17.24 -6.06 21.76
C PRO C 146 -18.72 -5.75 21.55
N HIS C 147 -19.62 -6.75 21.57
CA HIS C 147 -21.03 -6.57 21.28
C HIS C 147 -21.84 -7.37 22.29
N GLY C 148 -21.72 -7.04 23.60
CA GLY C 148 -22.42 -7.68 24.71
C GLY C 148 -23.92 -7.86 24.67
N ILE C 149 -24.53 -8.41 25.74
CA ILE C 149 -25.92 -8.87 25.73
C ILE C 149 -26.93 -7.77 25.43
N GLN C 150 -26.73 -6.54 25.95
CA GLN C 150 -27.66 -5.46 25.68
C GLN C 150 -27.50 -4.86 24.28
N VAL C 151 -26.42 -5.24 23.57
CA VAL C 151 -26.19 -4.87 22.19
C VAL C 151 -26.70 -5.98 21.27
N GLU C 152 -26.38 -7.24 21.63
CA GLU C 152 -26.64 -8.47 20.91
C GLU C 152 -28.12 -8.81 20.81
N ARG C 153 -28.92 -8.50 21.86
CA ARG C 153 -30.37 -8.67 21.82
C ARG C 153 -31.03 -7.88 20.70
N ASP C 154 -30.59 -6.63 20.45
CA ASP C 154 -31.18 -5.82 19.40
C ASP C 154 -30.50 -6.16 18.06
N LYS C 155 -29.19 -6.52 18.05
CA LYS C 155 -28.48 -6.92 16.85
C LYS C 155 -28.96 -8.19 16.16
N LEU C 156 -29.40 -9.23 16.92
CA LEU C 156 -29.85 -10.47 16.29
C LEU C 156 -31.29 -10.38 15.81
N ASN C 157 -32.01 -9.30 16.15
CA ASN C 157 -33.36 -8.98 15.68
C ASN C 157 -34.46 -9.95 16.15
N LYS C 158 -34.16 -10.86 17.09
CA LYS C 158 -35.12 -11.83 17.58
C LYS C 158 -34.78 -12.21 19.02
N TYR C 159 -35.80 -12.27 19.91
CA TYR C 159 -35.59 -12.57 21.31
C TYR C 159 -36.97 -12.85 21.92
N GLY C 160 -37.00 -13.51 23.09
CA GLY C 160 -38.24 -13.80 23.85
C GLY C 160 -38.33 -15.25 24.23
N ARG C 161 -37.31 -16.02 23.88
CA ARG C 161 -37.19 -17.42 24.20
C ARG C 161 -35.72 -17.63 23.95
N GLY C 162 -35.14 -18.74 24.45
CA GLY C 162 -33.76 -19.13 24.16
C GLY C 162 -33.44 -19.27 22.69
N LEU C 163 -32.16 -19.32 22.34
CA LEU C 163 -31.70 -19.45 20.97
C LEU C 163 -31.36 -20.90 20.68
N LEU C 164 -32.15 -21.51 19.77
CA LEU C 164 -32.18 -22.93 19.49
C LEU C 164 -31.16 -23.38 18.47
N GLY C 165 -30.36 -24.43 18.77
CA GLY C 165 -29.35 -24.87 17.84
C GLY C 165 -28.96 -26.31 17.91
N CYS C 166 -27.87 -26.64 17.19
CA CYS C 166 -27.32 -27.98 17.19
C CYS C 166 -25.87 -27.97 16.75
N THR C 167 -25.11 -28.93 17.32
CA THR C 167 -23.69 -29.14 17.14
C THR C 167 -23.52 -30.15 16.02
N ILE C 168 -22.76 -29.80 14.96
CA ILE C 168 -22.75 -30.63 13.77
C ILE C 168 -21.74 -31.76 13.88
N LYS C 169 -22.23 -33.00 13.68
CA LYS C 169 -21.49 -34.22 13.81
C LYS C 169 -21.94 -35.15 12.70
N PRO C 170 -21.19 -36.16 12.24
CA PRO C 170 -19.85 -36.53 12.67
C PRO C 170 -18.80 -35.43 12.52
N LYS C 171 -17.86 -35.34 13.47
CA LYS C 171 -16.72 -34.43 13.45
C LYS C 171 -15.81 -34.64 12.23
N LEU C 172 -15.56 -35.91 11.88
CA LEU C 172 -14.89 -36.32 10.66
C LEU C 172 -15.71 -35.95 9.43
N GLY C 173 -15.30 -34.88 8.72
CA GLY C 173 -14.82 -34.99 7.35
C GLY C 173 -15.91 -34.94 6.29
N LEU C 174 -17.18 -34.85 6.72
CA LEU C 174 -18.39 -34.75 5.92
C LEU C 174 -18.26 -33.93 4.61
N SER C 175 -18.57 -34.56 3.45
CA SER C 175 -18.49 -33.91 2.15
C SER C 175 -19.45 -32.74 1.98
N ALA C 176 -19.08 -31.75 1.16
CA ALA C 176 -19.75 -30.47 1.08
C ALA C 176 -21.24 -30.50 0.71
N LYS C 177 -21.68 -31.36 -0.23
CA LYS C 177 -23.10 -31.44 -0.54
C LYS C 177 -23.95 -32.15 0.52
N ASN C 178 -23.38 -33.13 1.27
CA ASN C 178 -24.12 -33.77 2.34
C ASN C 178 -24.17 -32.89 3.59
N TYR C 179 -23.12 -32.07 3.80
CA TYR C 179 -23.09 -31.02 4.81
C TYR C 179 -24.09 -29.91 4.49
N GLY C 180 -24.15 -29.48 3.21
CA GLY C 180 -25.08 -28.48 2.69
C GLY C 180 -26.51 -28.89 2.86
N ARG C 181 -26.80 -30.17 2.58
CA ARG C 181 -28.11 -30.76 2.78
C ARG C 181 -28.53 -30.81 4.23
N ALA C 182 -27.63 -31.27 5.13
CA ALA C 182 -27.89 -31.33 6.55
C ALA C 182 -28.14 -29.97 7.18
N VAL C 183 -27.32 -28.96 6.82
CA VAL C 183 -27.44 -27.60 7.33
C VAL C 183 -28.71 -26.92 6.85
N TYR C 184 -29.04 -27.01 5.54
CA TYR C 184 -30.26 -26.46 4.99
C TYR C 184 -31.50 -27.06 5.64
N GLU C 185 -31.56 -28.39 5.72
CA GLU C 185 -32.70 -29.08 6.30
C GLU C 185 -32.94 -28.80 7.78
N CYS C 186 -31.90 -28.78 8.63
CA CYS C 186 -32.11 -28.51 10.05
C CYS C 186 -32.44 -27.05 10.33
N LEU C 187 -31.88 -26.09 9.56
CA LEU C 187 -32.23 -24.69 9.72
C LEU C 187 -33.63 -24.43 9.21
N ARG C 188 -34.02 -25.04 8.08
CA ARG C 188 -35.35 -24.85 7.53
C ARG C 188 -36.43 -25.53 8.35
N GLY C 189 -36.08 -26.64 9.05
CA GLY C 189 -36.96 -27.35 9.98
C GLY C 189 -37.25 -26.68 11.30
N GLY C 190 -36.41 -25.74 11.79
CA GLY C 190 -36.70 -25.17 13.10
C GLY C 190 -35.58 -24.48 13.82
N LEU C 191 -34.32 -24.93 13.67
CA LEU C 191 -33.18 -24.35 14.36
C LEU C 191 -32.91 -22.87 14.06
N ASP C 192 -32.38 -22.12 15.05
CA ASP C 192 -31.94 -20.76 14.88
C ASP C 192 -30.48 -20.75 14.41
N PHE C 193 -29.58 -21.48 15.10
CA PHE C 193 -28.15 -21.45 14.82
C PHE C 193 -27.52 -22.84 14.92
N THR C 194 -26.63 -23.21 13.99
CA THR C 194 -25.90 -24.48 14.04
C THR C 194 -24.44 -24.20 14.29
N LYS C 195 -23.62 -25.17 14.74
CA LYS C 195 -22.19 -24.90 14.92
C LYS C 195 -21.34 -26.03 14.39
N ASP C 196 -20.18 -25.64 13.82
CA ASP C 196 -19.14 -26.52 13.36
C ASP C 196 -18.18 -26.86 14.50
N ASP C 197 -17.47 -27.97 14.36
CA ASP C 197 -16.34 -28.36 15.20
C ASP C 197 -15.07 -28.04 14.42
N GLU C 198 -13.90 -28.20 15.07
CA GLU C 198 -12.58 -27.85 14.55
C GLU C 198 -12.23 -28.57 13.24
N ASN C 199 -12.51 -29.89 13.13
CA ASN C 199 -12.24 -30.67 11.93
C ASN C 199 -13.26 -30.43 10.83
N VAL C 200 -14.44 -29.88 11.18
CA VAL C 200 -15.50 -29.64 10.22
C VAL C 200 -15.15 -28.40 9.39
N ASN C 201 -14.41 -27.46 10.00
CA ASN C 201 -13.92 -26.24 9.38
C ASN C 201 -12.99 -26.45 8.17
N SER C 202 -12.02 -27.38 8.25
CA SER C 202 -11.04 -27.54 7.19
C SER C 202 -10.50 -28.96 7.26
N GLN C 203 -10.23 -29.58 6.10
CA GLN C 203 -9.73 -30.94 5.99
C GLN C 203 -8.76 -30.98 4.83
N PRO C 204 -7.84 -31.94 4.66
CA PRO C 204 -6.91 -32.00 3.52
C PRO C 204 -7.53 -31.77 2.15
N PHE C 205 -8.65 -32.46 1.84
CA PHE C 205 -9.36 -32.28 0.58
C PHE C 205 -10.26 -31.06 0.53
N MET C 206 -10.78 -30.59 1.68
CA MET C 206 -11.77 -29.53 1.73
C MET C 206 -11.29 -28.28 2.44
N ARG C 207 -11.14 -27.19 1.68
CA ARG C 207 -10.75 -25.89 2.17
C ARG C 207 -11.92 -25.19 2.87
N TRP C 208 -11.62 -24.42 3.94
CA TRP C 208 -12.54 -23.55 4.65
C TRP C 208 -13.30 -22.61 3.70
N ARG C 209 -12.58 -22.15 2.66
CA ARG C 209 -12.98 -21.24 1.60
C ARG C 209 -14.17 -21.79 0.80
N ASP C 210 -14.16 -23.11 0.51
CA ASP C 210 -15.20 -23.78 -0.25
C ASP C 210 -16.31 -24.21 0.69
N ARG C 211 -15.99 -24.58 1.96
CA ARG C 211 -17.00 -24.91 2.96
C ARG C 211 -17.87 -23.69 3.23
N PHE C 212 -17.24 -22.50 3.28
CA PHE C 212 -17.88 -21.21 3.40
C PHE C 212 -18.79 -20.85 2.21
N LEU C 213 -18.41 -21.25 0.97
CA LEU C 213 -19.22 -20.98 -0.20
C LEU C 213 -20.50 -21.82 -0.27
N PHE C 214 -20.42 -23.07 0.23
CA PHE C 214 -21.58 -23.94 0.39
C PHE C 214 -22.46 -23.50 1.54
N VAL C 215 -21.84 -22.93 2.60
CA VAL C 215 -22.56 -22.27 3.68
C VAL C 215 -23.31 -21.04 3.16
N ALA C 216 -22.68 -20.21 2.31
CA ALA C 216 -23.31 -19.03 1.73
C ALA C 216 -24.55 -19.34 0.88
N GLU C 217 -24.50 -20.36 0.00
CA GLU C 217 -25.65 -20.77 -0.80
C GLU C 217 -26.80 -21.28 0.09
N ALA C 218 -26.45 -22.13 1.07
CA ALA C 218 -27.36 -22.72 2.03
C ALA C 218 -27.99 -21.70 2.98
N ILE C 219 -27.20 -20.77 3.55
CA ILE C 219 -27.64 -19.79 4.55
C ILE C 219 -28.57 -18.77 3.93
N TYR C 220 -28.31 -18.35 2.67
CA TYR C 220 -29.14 -17.39 1.97
C TYR C 220 -30.57 -17.92 1.83
N LYS C 221 -30.71 -19.21 1.43
CA LYS C 221 -32.01 -19.82 1.28
C LYS C 221 -32.59 -20.33 2.60
N ALA C 222 -31.75 -20.68 3.58
CA ALA C 222 -32.15 -21.08 4.90
C ALA C 222 -32.56 -19.93 5.82
N GLN C 223 -32.29 -18.66 5.47
CA GLN C 223 -33.28 -17.61 5.75
C GLN C 223 -34.39 -17.35 4.73
N ALA C 224 -34.08 -17.19 3.42
CA ALA C 224 -35.06 -16.74 2.43
C ALA C 224 -36.30 -17.61 2.23
N GLU C 225 -36.15 -18.94 2.27
CA GLU C 225 -37.23 -19.89 2.03
C GLU C 225 -38.01 -20.24 3.29
N THR C 226 -37.57 -19.77 4.47
CA THR C 226 -38.25 -20.07 5.73
C THR C 226 -38.97 -18.86 6.28
N GLY C 227 -38.49 -17.63 6.01
CA GLY C 227 -39.09 -16.39 6.48
C GLY C 227 -38.64 -15.92 7.85
N GLU C 228 -37.76 -16.69 8.50
CA GLU C 228 -37.27 -16.40 9.83
C GLU C 228 -35.76 -16.23 9.84
N VAL C 229 -35.26 -15.24 10.62
CA VAL C 229 -33.83 -15.00 10.82
C VAL C 229 -33.17 -16.16 11.57
N LYS C 230 -32.13 -16.75 10.94
CA LYS C 230 -31.41 -17.94 11.38
C LYS C 230 -29.96 -17.73 10.94
N GLY C 231 -28.95 -18.42 11.52
CA GLY C 231 -27.69 -18.61 10.80
C GLY C 231 -26.84 -19.80 11.17
N HIS C 232 -25.52 -19.68 10.91
CA HIS C 232 -24.57 -20.73 11.25
C HIS C 232 -23.23 -20.24 11.77
N TYR C 233 -22.82 -20.69 12.97
CA TYR C 233 -21.54 -20.40 13.60
C TYR C 233 -20.39 -21.18 12.94
N LEU C 234 -19.59 -20.53 12.08
CA LEU C 234 -18.36 -21.09 11.53
C LEU C 234 -17.30 -21.11 12.64
N ASN C 235 -16.41 -22.13 12.73
CA ASN C 235 -15.52 -22.26 13.89
C ASN C 235 -14.10 -21.74 13.67
N ALA C 236 -13.66 -21.48 12.41
CA ALA C 236 -12.68 -20.47 12.05
C ALA C 236 -11.20 -20.82 12.29
N THR C 237 -10.92 -21.86 13.13
CA THR C 237 -9.64 -22.45 13.52
C THR C 237 -8.50 -22.43 12.51
N ALA C 238 -7.23 -22.25 12.95
CA ALA C 238 -6.10 -22.13 12.05
C ALA C 238 -4.74 -22.38 12.70
N GLY C 239 -3.70 -22.62 11.88
CA GLY C 239 -2.34 -22.89 12.34
C GLY C 239 -1.43 -21.71 12.56
N THR C 240 -1.61 -20.60 11.83
CA THR C 240 -0.75 -19.42 11.98
C THR C 240 -1.68 -18.23 12.05
N CYS C 241 -1.20 -17.06 12.52
CA CYS C 241 -2.01 -15.85 12.64
C CYS C 241 -2.35 -15.27 11.27
N GLU C 242 -1.49 -15.50 10.25
CA GLU C 242 -1.74 -15.12 8.87
C GLU C 242 -2.93 -15.90 8.33
N GLU C 243 -3.00 -17.21 8.62
CA GLU C 243 -4.14 -18.05 8.29
C GLU C 243 -5.42 -17.58 9.01
N MET C 244 -5.33 -17.21 10.31
CA MET C 244 -6.44 -16.61 11.06
C MET C 244 -6.95 -15.31 10.45
N MET C 245 -6.04 -14.40 10.09
CA MET C 245 -6.37 -13.15 9.43
C MET C 245 -6.96 -13.34 8.05
N LYS C 246 -6.45 -14.30 7.24
CA LYS C 246 -7.01 -14.65 5.95
C LYS C 246 -8.44 -15.17 6.08
N ARG C 247 -8.68 -16.03 7.08
CA ARG C 247 -9.99 -16.56 7.44
C ARG C 247 -10.96 -15.45 7.86
N ALA C 248 -10.50 -14.46 8.66
CA ALA C 248 -11.28 -13.28 9.03
C ALA C 248 -11.72 -12.45 7.81
N VAL C 249 -10.77 -12.17 6.89
CA VAL C 249 -10.85 -11.01 6.02
C VAL C 249 -11.73 -11.40 4.85
N CYS C 250 -11.61 -12.66 4.38
CA CYS C 250 -12.41 -13.20 3.30
C CYS C 250 -13.88 -13.35 3.68
N ALA C 251 -14.20 -13.50 4.99
CA ALA C 251 -15.58 -13.57 5.42
C ALA C 251 -16.11 -12.18 5.80
N LYS C 252 -15.22 -11.17 5.95
CA LYS C 252 -15.54 -9.75 6.05
C LYS C 252 -16.11 -9.21 4.75
N GLU C 253 -15.61 -9.71 3.60
CA GLU C 253 -16.04 -9.35 2.24
C GLU C 253 -17.55 -9.59 2.04
N LEU C 254 -18.07 -10.68 2.63
CA LEU C 254 -19.46 -11.04 2.56
C LEU C 254 -20.20 -10.61 3.82
N GLY C 255 -19.47 -10.11 4.85
CA GLY C 255 -19.91 -9.69 6.18
C GLY C 255 -20.99 -10.50 6.84
N VAL C 256 -20.80 -11.82 6.88
CA VAL C 256 -21.77 -12.77 7.41
C VAL C 256 -22.11 -12.63 8.91
N PRO C 257 -23.37 -12.82 9.33
CA PRO C 257 -23.73 -12.91 10.75
C PRO C 257 -23.10 -14.15 11.41
N ILE C 258 -23.35 -14.31 12.73
CA ILE C 258 -22.37 -14.58 13.77
C ILE C 258 -21.52 -15.85 13.58
N ILE C 259 -20.20 -15.76 13.89
CA ILE C 259 -19.27 -16.87 13.85
C ILE C 259 -18.62 -17.08 15.21
N MET C 260 -17.89 -18.20 15.38
CA MET C 260 -17.22 -18.52 16.63
C MET C 260 -15.77 -18.87 16.38
N HIS C 261 -14.92 -18.79 17.43
CA HIS C 261 -13.53 -19.21 17.28
C HIS C 261 -12.87 -19.84 18.51
N ASP C 262 -12.03 -20.88 18.27
CA ASP C 262 -11.24 -21.60 19.26
C ASP C 262 -9.74 -21.22 19.18
N TYR C 263 -9.43 -20.16 18.44
CA TYR C 263 -8.60 -19.02 18.83
C TYR C 263 -8.29 -18.81 20.32
N LEU C 264 -9.24 -19.00 21.26
CA LEU C 264 -8.95 -18.80 22.68
C LEU C 264 -8.64 -20.18 23.32
N THR C 265 -8.39 -21.19 22.46
CA THR C 265 -7.72 -22.44 22.86
C THR C 265 -6.31 -22.35 22.28
N GLY C 266 -6.14 -21.59 21.16
CA GLY C 266 -4.87 -21.22 20.54
C GLY C 266 -4.01 -20.23 21.32
N GLY C 267 -4.58 -19.06 21.70
CA GLY C 267 -3.83 -18.05 22.44
C GLY C 267 -4.63 -16.84 22.85
N PHE C 268 -4.34 -16.29 24.05
CA PHE C 268 -5.08 -15.18 24.66
C PHE C 268 -5.03 -13.87 23.88
N THR C 269 -3.88 -13.57 23.27
CA THR C 269 -3.66 -12.30 22.58
C THR C 269 -4.23 -12.35 21.18
N ALA C 270 -4.35 -13.57 20.59
CA ALA C 270 -5.02 -13.84 19.35
C ALA C 270 -6.50 -13.51 19.43
N ASN C 271 -7.14 -13.88 20.57
CA ASN C 271 -8.54 -13.64 20.81
C ASN C 271 -8.80 -12.16 21.10
N THR C 272 -7.87 -11.53 21.84
CA THR C 272 -7.96 -10.10 22.18
C THR C 272 -7.91 -9.22 20.94
N SER C 273 -6.95 -9.52 20.03
CA SER C 273 -6.82 -8.85 18.74
C SER C 273 -8.03 -9.02 17.86
N LEU C 274 -8.59 -10.25 17.79
CA LEU C 274 -9.81 -10.56 17.07
C LEU C 274 -11.02 -9.83 17.64
N ALA C 275 -11.18 -9.76 18.98
CA ALA C 275 -12.28 -9.04 19.60
C ALA C 275 -12.26 -7.53 19.26
N ILE C 276 -11.06 -6.92 19.18
CA ILE C 276 -10.89 -5.56 18.68
C ILE C 276 -11.30 -5.44 17.22
N TYR C 277 -10.85 -6.38 16.35
CA TYR C 277 -11.21 -6.47 14.95
C TYR C 277 -12.73 -6.62 14.75
N CYS C 278 -13.36 -7.49 15.55
CA CYS C 278 -14.81 -7.72 15.59
C CYS C 278 -15.58 -6.48 16.03
N ARG C 279 -15.05 -5.72 17.02
CA ARG C 279 -15.60 -4.43 17.43
C ARG C 279 -15.53 -3.40 16.30
N ASP C 280 -14.38 -3.32 15.61
CA ASP C 280 -14.12 -2.42 14.50
C ASP C 280 -14.99 -2.68 13.27
N ASN C 281 -15.28 -3.96 12.99
CA ASN C 281 -16.00 -4.35 11.79
C ASN C 281 -17.46 -4.62 12.12
N GLY C 282 -17.90 -4.29 13.36
CA GLY C 282 -19.29 -4.34 13.80
C GLY C 282 -19.97 -5.68 13.79
N LEU C 283 -19.20 -6.77 13.95
CA LEU C 283 -19.70 -8.14 13.88
C LEU C 283 -20.52 -8.59 15.09
N LEU C 284 -20.50 -9.91 15.39
CA LEU C 284 -20.76 -10.48 16.70
C LEU C 284 -19.80 -11.66 16.81
N LEU C 285 -19.24 -11.91 18.01
CA LEU C 285 -18.20 -12.90 18.24
C LEU C 285 -18.50 -13.99 19.27
N HIS C 286 -18.71 -15.26 18.83
CA HIS C 286 -18.85 -16.38 19.76
C HIS C 286 -17.52 -17.03 20.15
N ILE C 287 -17.29 -17.23 21.46
CA ILE C 287 -16.03 -17.75 21.98
C ILE C 287 -16.15 -19.19 22.43
N HIS C 288 -15.28 -20.06 21.87
CA HIS C 288 -15.19 -21.48 22.21
C HIS C 288 -14.48 -21.70 23.55
N ARG C 289 -14.64 -22.88 24.17
CA ARG C 289 -13.88 -23.22 25.36
C ARG C 289 -13.63 -24.73 25.35
N ALA C 290 -12.43 -25.15 25.77
CA ALA C 290 -12.02 -26.54 25.73
C ALA C 290 -10.88 -26.75 26.72
N MET C 291 -10.52 -28.03 27.03
CA MET C 291 -9.44 -28.42 27.93
C MET C 291 -9.85 -28.55 29.40
N HIS C 292 -11.13 -28.86 29.66
CA HIS C 292 -11.78 -28.86 30.97
C HIS C 292 -11.11 -29.67 32.09
N ALA C 293 -10.50 -30.84 31.79
CA ALA C 293 -9.79 -31.61 32.78
C ALA C 293 -8.42 -31.05 33.17
N VAL C 294 -7.71 -30.34 32.27
CA VAL C 294 -6.38 -29.79 32.54
C VAL C 294 -6.37 -28.30 32.83
N ILE C 295 -7.53 -27.62 32.67
CA ILE C 295 -7.71 -26.23 33.08
C ILE C 295 -8.70 -26.21 34.25
N ASP C 296 -10.01 -26.23 33.93
CA ASP C 296 -11.17 -25.97 34.77
C ASP C 296 -11.30 -26.83 36.03
N ARG C 297 -10.96 -28.15 35.93
CA ARG C 297 -11.16 -29.13 36.97
C ARG C 297 -9.99 -29.30 37.95
N GLN C 298 -9.03 -28.37 38.02
CA GLN C 298 -7.87 -28.52 38.89
C GLN C 298 -8.07 -28.26 40.38
N ARG C 299 -8.81 -29.18 41.03
CA ARG C 299 -9.27 -29.22 42.43
C ARG C 299 -8.72 -28.20 43.42
N ASN C 300 -7.52 -28.48 43.96
CA ASN C 300 -6.83 -27.63 44.90
C ASN C 300 -5.55 -27.09 44.28
N HIS C 301 -5.40 -27.20 42.95
CA HIS C 301 -4.09 -27.11 42.34
C HIS C 301 -4.03 -26.40 41.01
N GLY C 302 -5.01 -25.54 40.67
CA GLY C 302 -4.89 -24.74 39.45
C GLY C 302 -6.05 -23.81 39.26
N ILE C 303 -6.66 -23.84 38.07
CA ILE C 303 -7.66 -22.88 37.63
C ILE C 303 -9.02 -23.35 38.10
N HIS C 304 -9.97 -22.41 38.35
CA HIS C 304 -11.33 -22.72 38.74
C HIS C 304 -12.28 -21.92 37.86
N PHE C 305 -13.56 -22.31 37.84
CA PHE C 305 -14.62 -21.72 37.06
C PHE C 305 -14.87 -20.23 37.23
N ARG C 306 -14.85 -19.68 38.46
CA ARG C 306 -15.12 -18.26 38.61
C ARG C 306 -14.01 -17.37 38.09
N VAL C 307 -12.75 -17.78 38.30
CA VAL C 307 -11.57 -17.09 37.79
C VAL C 307 -11.47 -17.22 36.29
N LEU C 308 -11.88 -18.38 35.74
CA LEU C 308 -12.01 -18.62 34.33
C LEU C 308 -13.05 -17.70 33.68
N ALA C 309 -14.24 -17.53 34.30
CA ALA C 309 -15.27 -16.62 33.83
C ALA C 309 -14.82 -15.16 33.85
N LYS C 310 -14.11 -14.75 34.93
CA LYS C 310 -13.50 -13.43 35.00
C LYS C 310 -12.43 -13.22 33.94
N ALA C 311 -11.50 -14.18 33.75
CA ALA C 311 -10.47 -14.13 32.73
C ALA C 311 -11.00 -14.11 31.30
N LEU C 312 -12.03 -14.92 31.02
CA LEU C 312 -12.70 -14.97 29.72
C LEU C 312 -13.39 -13.65 29.39
N ARG C 313 -14.09 -13.04 30.37
CA ARG C 313 -14.79 -11.79 30.15
C ARG C 313 -13.83 -10.59 30.06
N MET C 314 -12.64 -10.68 30.71
CA MET C 314 -11.57 -9.69 30.65
C MET C 314 -10.60 -9.78 29.45
N SER C 315 -10.69 -10.83 28.62
CA SER C 315 -10.51 -10.64 27.17
C SER C 315 -11.77 -10.24 26.45
N GLY C 316 -12.88 -11.01 26.53
CA GLY C 316 -14.13 -10.66 25.91
C GLY C 316 -14.63 -11.65 24.90
N GLY C 317 -15.94 -11.53 24.60
CA GLY C 317 -16.68 -12.36 23.68
C GLY C 317 -18.11 -11.96 23.83
N ASP C 318 -18.96 -12.28 22.85
CA ASP C 318 -20.36 -11.89 22.87
C ASP C 318 -21.23 -13.08 23.24
N HIS C 319 -20.95 -14.27 22.65
CA HIS C 319 -21.35 -15.55 23.23
C HIS C 319 -20.11 -16.23 23.82
N LEU C 320 -20.29 -17.11 24.82
CA LEU C 320 -19.16 -17.85 25.37
C LEU C 320 -19.56 -19.25 25.82
N HIS C 321 -18.74 -20.24 25.44
CA HIS C 321 -18.93 -21.66 25.64
C HIS C 321 -18.45 -22.23 26.97
N SER C 322 -18.96 -23.41 27.37
CA SER C 322 -19.97 -23.47 28.42
C SER C 322 -20.71 -24.80 28.34
N GLY C 323 -21.03 -25.37 29.52
CA GLY C 323 -21.52 -26.72 29.81
C GLY C 323 -22.18 -27.57 28.75
N THR C 324 -21.72 -28.83 28.62
CA THR C 324 -22.33 -29.81 27.74
C THR C 324 -23.31 -30.69 28.50
N VAL C 325 -23.36 -30.53 29.84
CA VAL C 325 -24.22 -31.20 30.81
C VAL C 325 -23.64 -32.56 31.15
N VAL C 326 -23.39 -33.38 30.11
CA VAL C 326 -22.78 -34.68 30.17
C VAL C 326 -21.65 -34.65 29.16
N GLY C 327 -20.70 -35.61 29.22
CA GLY C 327 -19.54 -35.60 28.33
C GLY C 327 -18.42 -34.68 28.72
N LYS C 328 -17.93 -33.87 27.77
CA LYS C 328 -16.69 -33.13 27.92
C LYS C 328 -16.64 -31.85 28.76
N LEU C 329 -17.77 -31.14 28.99
CA LEU C 329 -17.83 -29.96 29.85
C LEU C 329 -18.87 -30.16 30.95
N GLU C 330 -18.90 -29.23 31.93
CA GLU C 330 -19.71 -29.24 33.14
C GLU C 330 -21.23 -29.35 32.96
N GLY C 331 -21.93 -29.79 34.04
CA GLY C 331 -23.39 -29.73 34.09
C GLY C 331 -23.95 -29.50 35.46
N GLU C 332 -23.14 -29.00 36.40
CA GLU C 332 -23.48 -28.99 37.82
C GLU C 332 -24.07 -27.67 38.29
N ARG C 333 -25.10 -27.71 39.18
CA ARG C 333 -25.81 -26.52 39.68
C ARG C 333 -24.92 -25.54 40.43
N GLU C 334 -23.96 -26.03 41.23
CA GLU C 334 -23.08 -25.18 42.03
C GLU C 334 -21.80 -24.81 41.27
N VAL C 335 -21.75 -25.16 39.97
CA VAL C 335 -20.68 -24.77 39.07
C VAL C 335 -21.20 -23.76 38.06
N THR C 336 -22.35 -24.07 37.42
CA THR C 336 -22.82 -23.32 36.25
C THR C 336 -23.45 -21.99 36.58
N LEU C 337 -23.95 -21.79 37.82
CA LEU C 337 -24.99 -20.78 38.01
C LEU C 337 -24.28 -19.51 38.42
N GLY C 338 -23.21 -19.65 39.23
CA GLY C 338 -22.19 -18.67 39.54
C GLY C 338 -21.45 -18.22 38.31
N PHE C 339 -20.95 -19.19 37.52
CA PHE C 339 -20.25 -18.99 36.26
C PHE C 339 -21.05 -18.13 35.28
N VAL C 340 -22.34 -18.47 35.09
CA VAL C 340 -23.29 -17.70 34.27
C VAL C 340 -23.59 -16.31 34.85
N ASP C 341 -23.77 -16.17 36.19
CA ASP C 341 -23.99 -14.89 36.86
C ASP C 341 -22.81 -13.94 36.64
N LEU C 342 -21.56 -14.46 36.64
CA LEU C 342 -20.37 -13.63 36.43
C LEU C 342 -20.21 -13.21 34.97
N MET C 343 -20.92 -13.88 34.04
CA MET C 343 -20.94 -13.50 32.65
C MET C 343 -22.07 -12.58 32.24
N ARG C 344 -23.31 -12.85 32.67
CA ARG C 344 -24.48 -12.07 32.32
C ARG C 344 -24.54 -10.63 32.81
N ASP C 345 -24.21 -10.41 34.10
CA ASP C 345 -24.61 -9.20 34.82
C ASP C 345 -23.46 -8.27 35.20
N ASP C 346 -23.84 -7.08 35.69
CA ASP C 346 -23.00 -5.98 36.11
C ASP C 346 -23.48 -5.57 37.50
N TYR C 347 -22.70 -4.75 38.21
CA TYR C 347 -22.96 -4.19 39.53
C TYR C 347 -23.46 -5.10 40.65
N VAL C 348 -22.57 -5.93 41.23
CA VAL C 348 -22.91 -6.81 42.34
C VAL C 348 -21.73 -6.96 43.29
N GLU C 349 -21.92 -6.74 44.60
CA GLU C 349 -20.85 -6.89 45.58
C GLU C 349 -20.53 -8.35 45.92
N LYS C 350 -19.26 -8.59 46.28
CA LYS C 350 -18.68 -9.87 46.63
C LYS C 350 -19.36 -10.66 47.75
N ASP C 351 -19.37 -12.01 47.64
CA ASP C 351 -19.94 -12.89 48.64
C ASP C 351 -19.13 -14.18 48.71
N ARG C 352 -18.73 -14.60 49.93
CA ARG C 352 -17.93 -15.79 50.13
C ARG C 352 -18.66 -17.09 49.85
N SER C 353 -20.01 -17.08 49.90
CA SER C 353 -20.83 -18.25 49.60
C SER C 353 -20.91 -18.53 48.11
N ARG C 354 -20.53 -17.54 47.29
CA ARG C 354 -20.49 -17.64 45.84
C ARG C 354 -19.03 -17.70 45.43
N GLY C 355 -18.10 -17.83 46.41
CA GLY C 355 -16.65 -17.87 46.22
C GLY C 355 -16.05 -16.60 45.68
N ILE C 356 -16.71 -15.44 45.89
CA ILE C 356 -16.21 -14.17 45.40
C ILE C 356 -15.54 -13.46 46.56
N TYR C 357 -14.23 -13.20 46.42
CA TYR C 357 -13.39 -12.62 47.43
C TYR C 357 -13.07 -11.19 47.03
N PHE C 358 -13.33 -10.79 45.77
CA PHE C 358 -13.01 -9.47 45.28
C PHE C 358 -14.04 -8.92 44.31
N THR C 359 -14.40 -7.63 44.49
CA THR C 359 -15.29 -6.90 43.61
C THR C 359 -14.45 -6.07 42.66
N GLN C 360 -14.78 -6.07 41.36
CA GLN C 360 -14.15 -5.24 40.35
C GLN C 360 -15.23 -4.24 39.96
N ASP C 361 -15.00 -2.94 40.22
CA ASP C 361 -16.01 -1.89 40.09
C ASP C 361 -16.49 -1.58 38.68
N TRP C 362 -17.32 -2.49 38.13
CA TRP C 362 -18.74 -2.29 37.86
C TRP C 362 -19.29 -0.93 37.45
N CYS C 363 -20.47 -0.97 36.80
CA CYS C 363 -21.18 0.15 36.20
C CYS C 363 -20.61 0.42 34.83
N SER C 364 -21.32 -0.09 33.79
CA SER C 364 -21.00 -0.01 32.38
C SER C 364 -20.17 -1.19 31.92
N MET C 365 -20.29 -2.38 32.56
CA MET C 365 -19.55 -3.55 32.14
C MET C 365 -20.50 -4.42 31.31
N PRO C 366 -20.39 -4.54 29.98
CA PRO C 366 -21.29 -5.36 29.16
C PRO C 366 -21.39 -6.82 29.55
N GLY C 367 -22.59 -7.43 29.38
CA GLY C 367 -22.80 -8.87 29.61
C GLY C 367 -22.34 -9.72 28.45
N VAL C 368 -22.18 -11.03 28.67
CA VAL C 368 -21.76 -11.98 27.64
C VAL C 368 -22.50 -13.31 27.81
N MET C 369 -22.90 -13.95 26.69
CA MET C 369 -24.06 -14.83 26.66
C MET C 369 -23.63 -16.28 26.80
N PRO C 370 -24.07 -17.06 27.80
CA PRO C 370 -23.68 -18.46 27.94
C PRO C 370 -24.30 -19.36 26.88
N VAL C 371 -23.51 -20.31 26.36
CA VAL C 371 -23.93 -21.34 25.44
C VAL C 371 -24.11 -22.64 26.23
N ALA C 372 -24.85 -23.63 25.71
CA ALA C 372 -24.98 -24.91 26.36
C ALA C 372 -25.09 -25.96 25.27
N SER C 373 -24.57 -27.18 25.47
CA SER C 373 -24.52 -28.16 24.39
C SER C 373 -24.40 -29.55 24.94
N GLY C 374 -25.41 -30.04 25.70
CA GLY C 374 -26.74 -30.27 25.15
C GLY C 374 -26.89 -31.67 24.58
N GLY C 375 -26.16 -32.64 25.17
CA GLY C 375 -26.10 -34.02 24.66
C GLY C 375 -27.36 -34.82 24.83
N ILE C 376 -28.22 -34.42 25.78
CA ILE C 376 -29.53 -35.00 26.02
C ILE C 376 -30.64 -34.02 25.65
N HIS C 377 -31.68 -34.50 24.93
CA HIS C 377 -32.84 -33.72 24.57
C HIS C 377 -34.01 -33.99 25.52
N VAL C 378 -35.13 -34.56 25.02
CA VAL C 378 -36.47 -33.97 25.17
C VAL C 378 -36.93 -33.79 26.63
N TRP C 379 -36.68 -34.80 27.47
CA TRP C 379 -37.11 -34.88 28.86
C TRP C 379 -36.37 -33.95 29.80
N HIS C 380 -35.16 -33.48 29.41
CA HIS C 380 -34.36 -32.59 30.24
C HIS C 380 -34.56 -31.13 29.88
N MET C 381 -35.43 -30.84 28.90
CA MET C 381 -35.85 -29.47 28.59
C MET C 381 -36.59 -28.72 29.71
N PRO C 382 -37.59 -29.26 30.41
CA PRO C 382 -38.25 -28.62 31.55
C PRO C 382 -37.30 -28.05 32.60
N ALA C 383 -36.39 -28.89 33.16
CA ALA C 383 -35.43 -28.43 34.15
C ALA C 383 -34.45 -27.41 33.59
N LEU C 384 -33.98 -27.60 32.33
CA LEU C 384 -33.08 -26.65 31.69
C LEU C 384 -33.71 -25.27 31.53
N VAL C 385 -34.98 -25.20 31.07
CA VAL C 385 -35.71 -23.95 30.91
C VAL C 385 -36.02 -23.30 32.25
N GLU C 386 -36.43 -24.09 33.27
CA GLU C 386 -36.71 -23.56 34.60
C GLU C 386 -35.47 -23.03 35.33
N ILE C 387 -34.33 -23.71 35.22
CA ILE C 387 -33.06 -23.27 35.80
C ILE C 387 -32.45 -22.06 35.10
N PHE C 388 -32.41 -22.05 33.74
CA PHE C 388 -31.68 -21.02 32.99
C PHE C 388 -32.52 -19.99 32.25
N GLY C 389 -33.85 -20.18 32.08
CA GLY C 389 -34.72 -19.23 31.37
C GLY C 389 -34.32 -18.92 29.94
N ASP C 390 -34.05 -17.64 29.64
CA ASP C 390 -33.73 -17.15 28.31
C ASP C 390 -32.27 -16.65 28.27
N ASP C 391 -31.41 -17.14 29.20
CA ASP C 391 -30.05 -17.56 28.90
C ASP C 391 -29.99 -18.72 27.89
N ALA C 392 -28.92 -18.81 27.07
CA ALA C 392 -28.67 -19.84 26.05
C ALA C 392 -29.53 -19.66 24.78
N CYS C 393 -29.09 -19.99 23.55
CA CYS C 393 -27.87 -20.59 23.01
C CYS C 393 -27.72 -22.04 23.40
N LEU C 394 -28.77 -22.84 23.15
CA LEU C 394 -28.77 -24.24 23.44
C LEU C 394 -28.50 -24.99 22.15
N GLN C 395 -27.30 -25.56 22.03
CA GLN C 395 -26.87 -26.23 20.82
C GLN C 395 -26.95 -27.72 21.07
N PHE C 396 -28.00 -28.41 20.59
CA PHE C 396 -28.16 -29.81 20.94
C PHE C 396 -27.09 -30.71 20.31
N GLY C 397 -26.84 -31.86 20.97
CA GLY C 397 -25.97 -32.91 20.49
C GLY C 397 -26.75 -34.18 20.28
N GLY C 398 -27.83 -34.39 21.06
CA GLY C 398 -28.74 -35.51 20.88
C GLY C 398 -29.79 -35.22 19.85
N GLY C 399 -30.36 -34.00 19.88
CA GLY C 399 -31.40 -33.55 18.97
C GLY C 399 -30.97 -33.43 17.53
N THR C 400 -31.94 -33.27 16.61
CA THR C 400 -31.69 -33.03 15.18
C THR C 400 -31.04 -34.19 14.42
N LEU C 401 -29.70 -34.36 14.51
CA LEU C 401 -28.91 -35.38 13.82
C LEU C 401 -28.93 -36.72 14.55
N GLY C 402 -29.98 -36.93 15.36
CA GLY C 402 -30.26 -38.12 16.14
C GLY C 402 -31.68 -38.58 15.92
N HIS C 403 -32.45 -37.89 15.05
CA HIS C 403 -33.84 -38.19 14.81
C HIS C 403 -33.95 -39.05 13.56
N PRO C 404 -34.50 -40.26 13.54
CA PRO C 404 -34.41 -41.15 12.38
C PRO C 404 -35.35 -40.74 11.27
N TRP C 405 -36.16 -39.67 11.42
CA TRP C 405 -36.96 -39.15 10.34
C TRP C 405 -36.25 -38.03 9.58
N GLY C 406 -35.00 -37.69 10.00
CA GLY C 406 -34.14 -36.75 9.31
C GLY C 406 -34.03 -35.41 9.97
N ASN C 407 -33.23 -34.52 9.38
CA ASN C 407 -32.88 -33.25 9.98
C ASN C 407 -34.06 -32.29 10.15
N ALA C 408 -34.97 -32.19 9.16
CA ALA C 408 -36.14 -31.36 9.28
C ALA C 408 -37.13 -31.78 10.38
N PRO C 409 -37.58 -33.04 10.54
CA PRO C 409 -38.42 -33.42 11.68
C PRO C 409 -37.68 -33.40 12.99
N GLY C 410 -36.34 -33.62 12.99
CA GLY C 410 -35.51 -33.52 14.18
C GLY C 410 -35.48 -32.13 14.73
N ALA C 411 -35.13 -31.16 13.87
CA ALA C 411 -35.12 -29.74 14.16
C ALA C 411 -36.50 -29.21 14.54
N ALA C 412 -37.56 -29.69 13.84
CA ALA C 412 -38.93 -29.35 14.13
C ALA C 412 -39.37 -29.84 15.50
N ALA C 413 -39.00 -31.08 15.90
CA ALA C 413 -39.28 -31.60 17.22
C ALA C 413 -38.59 -30.80 18.33
N ASN C 414 -37.32 -30.38 18.09
CA ASN C 414 -36.58 -29.58 19.06
C ASN C 414 -37.19 -28.18 19.19
N ARG C 415 -37.62 -27.60 18.04
CA ARG C 415 -38.31 -26.34 17.96
C ARG C 415 -39.68 -26.34 18.61
N VAL C 416 -40.46 -27.42 18.41
CA VAL C 416 -41.76 -27.65 19.03
C VAL C 416 -41.60 -27.77 20.54
N ALA C 417 -40.61 -28.55 21.01
CA ALA C 417 -40.35 -28.63 22.43
C ALA C 417 -39.92 -27.30 23.07
N LEU C 418 -39.08 -26.48 22.39
CA LEU C 418 -38.74 -25.15 22.89
C LEU C 418 -39.93 -24.19 22.96
N GLU C 419 -40.77 -24.15 21.91
CA GLU C 419 -41.95 -23.30 21.87
C GLU C 419 -43.01 -23.76 22.85
N ALA C 420 -43.22 -25.08 23.00
CA ALA C 420 -44.12 -25.65 24.00
C ALA C 420 -43.67 -25.35 25.43
N CYS C 421 -42.36 -25.44 25.72
CA CYS C 421 -41.80 -25.03 27.00
C CYS C 421 -41.95 -23.55 27.25
N THR C 422 -41.74 -22.71 26.20
CA THR C 422 -41.88 -21.26 26.31
C THR C 422 -43.33 -20.84 26.52
N GLN C 423 -44.29 -21.52 25.89
CA GLN C 423 -45.72 -21.31 26.15
C GLN C 423 -46.12 -21.69 27.57
N ALA C 424 -45.58 -22.83 28.09
CA ALA C 424 -45.75 -23.25 29.47
C ALA C 424 -45.17 -22.24 30.46
N ARG C 425 -43.99 -21.67 30.13
CA ARG C 425 -43.32 -20.64 30.91
C ARG C 425 -44.14 -19.34 30.91
N ASN C 426 -44.78 -19.00 29.77
CA ASN C 426 -45.69 -17.87 29.62
C ASN C 426 -47.00 -18.05 30.40
N GLU C 427 -47.43 -19.31 30.65
CA GLU C 427 -48.62 -19.60 31.44
C GLU C 427 -48.34 -19.58 32.94
N GLY C 428 -47.06 -19.46 33.36
CA GLY C 428 -46.65 -19.50 34.76
C GLY C 428 -46.68 -20.89 35.35
N ARG C 429 -46.55 -21.92 34.50
CA ARG C 429 -46.55 -23.33 34.87
C ARG C 429 -45.51 -23.72 35.90
N ASP C 430 -45.79 -24.79 36.68
CA ASP C 430 -44.86 -25.38 37.61
C ASP C 430 -44.03 -26.40 36.83
N LEU C 431 -43.13 -25.87 35.98
CA LEU C 431 -42.48 -26.54 34.87
C LEU C 431 -41.73 -27.82 35.22
N ALA C 432 -41.10 -27.90 36.40
CA ALA C 432 -40.39 -29.09 36.86
C ALA C 432 -41.27 -30.33 36.98
N ARG C 433 -42.56 -30.17 37.35
CA ARG C 433 -43.48 -31.28 37.48
C ARG C 433 -44.45 -31.34 36.31
N GLU C 434 -44.84 -30.17 35.76
CA GLU C 434 -45.78 -30.09 34.66
C GLU C 434 -45.17 -30.46 33.31
N GLY C 435 -43.86 -30.20 33.09
CA GLY C 435 -43.21 -30.29 31.78
C GLY C 435 -43.30 -31.61 31.05
N GLY C 436 -43.27 -32.73 31.79
CA GLY C 436 -43.47 -34.08 31.24
C GLY C 436 -44.84 -34.27 30.63
N ASP C 437 -45.86 -33.64 31.24
CA ASP C 437 -47.23 -33.73 30.78
C ASP C 437 -47.48 -32.73 29.65
N VAL C 438 -46.76 -31.59 29.65
CA VAL C 438 -46.74 -30.61 28.58
C VAL C 438 -46.20 -31.21 27.29
N ILE C 439 -45.08 -31.97 27.39
CA ILE C 439 -44.51 -32.72 26.26
C ILE C 439 -45.45 -33.79 25.73
N ARG C 440 -46.08 -34.59 26.61
CA ARG C 440 -47.12 -35.56 26.26
C ARG C 440 -48.35 -34.92 25.59
N SER C 441 -48.77 -33.73 26.06
CA SER C 441 -49.87 -32.95 25.51
C SER C 441 -49.57 -32.45 24.10
N ALA C 442 -48.32 -32.00 23.85
CA ALA C 442 -47.81 -31.60 22.55
C ALA C 442 -47.78 -32.74 21.51
N CYS C 443 -47.44 -33.96 21.98
CA CYS C 443 -47.20 -35.15 21.15
C CYS C 443 -48.41 -35.67 20.40
N LYS C 444 -49.65 -35.26 20.78
CA LYS C 444 -50.87 -35.70 20.12
C LYS C 444 -50.89 -35.40 18.62
N TRP C 445 -50.41 -34.22 18.21
CA TRP C 445 -50.28 -33.89 16.81
C TRP C 445 -49.28 -32.75 16.66
N SER C 446 -48.12 -32.85 17.36
CA SER C 446 -46.83 -33.01 16.68
C SER C 446 -46.39 -34.47 16.55
N PRO C 447 -46.48 -35.10 15.38
CA PRO C 447 -45.88 -36.41 15.12
C PRO C 447 -44.37 -36.40 15.36
N GLU C 448 -43.70 -35.28 15.07
CA GLU C 448 -42.26 -35.13 15.17
C GLU C 448 -41.77 -35.29 16.61
N LEU C 449 -42.54 -34.73 17.57
CA LEU C 449 -42.25 -34.84 18.98
C LEU C 449 -42.67 -36.19 19.53
N ALA C 450 -43.73 -36.82 18.99
CA ALA C 450 -44.14 -38.17 19.34
C ALA C 450 -43.04 -39.20 19.03
N ALA C 451 -42.37 -39.02 17.87
CA ALA C 451 -41.26 -39.82 17.43
C ALA C 451 -40.00 -39.55 18.26
N ALA C 452 -39.79 -38.27 18.65
CA ALA C 452 -38.71 -37.83 19.52
C ALA C 452 -38.78 -38.48 20.91
N CYS C 453 -40.01 -38.72 21.39
CA CYS C 453 -40.27 -39.21 22.73
C CYS C 453 -40.29 -40.72 22.80
N GLU C 454 -40.54 -41.42 21.67
CA GLU C 454 -40.32 -42.86 21.59
C GLU C 454 -38.83 -43.15 21.45
N VAL C 455 -38.11 -42.38 20.61
CA VAL C 455 -36.68 -42.54 20.35
C VAL C 455 -35.82 -42.26 21.58
N TRP C 456 -36.14 -41.20 22.34
CA TRP C 456 -35.44 -40.86 23.57
C TRP C 456 -36.29 -41.15 24.80
N LYS C 457 -36.72 -42.42 25.02
CA LYS C 457 -37.55 -42.74 26.16
C LYS C 457 -36.79 -43.17 27.41
N GLU C 458 -35.45 -43.37 27.34
CA GLU C 458 -34.68 -43.76 28.51
C GLU C 458 -34.02 -42.61 29.23
N ILE C 459 -33.67 -41.51 28.54
CA ILE C 459 -32.98 -40.38 29.18
C ILE C 459 -33.91 -39.54 30.05
N LYS C 460 -33.64 -39.45 31.37
CA LYS C 460 -34.48 -38.70 32.29
C LYS C 460 -33.68 -37.79 33.21
N PHE C 461 -32.34 -37.70 33.01
CA PHE C 461 -31.42 -36.91 33.81
C PHE C 461 -31.74 -35.42 33.94
N GLU C 462 -31.54 -34.87 35.15
CA GLU C 462 -31.72 -33.46 35.44
C GLU C 462 -30.34 -32.83 35.47
N PHE C 463 -29.81 -32.60 36.68
CA PHE C 463 -28.49 -32.08 36.92
C PHE C 463 -28.07 -32.67 38.25
N ASP C 464 -26.75 -32.69 38.53
CA ASP C 464 -26.20 -32.86 39.85
C ASP C 464 -26.00 -31.47 40.45
N THR C 465 -26.03 -31.35 41.79
CA THR C 465 -25.94 -30.04 42.42
C THR C 465 -24.49 -29.72 42.66
N ILE C 466 -23.73 -30.69 43.20
CA ILE C 466 -22.43 -30.46 43.80
C ILE C 466 -21.35 -30.61 42.74
N ASP C 467 -20.31 -29.74 42.79
CA ASP C 467 -19.16 -29.80 41.90
C ASP C 467 -18.41 -31.14 41.94
N LYS C 468 -18.01 -31.66 40.76
CA LYS C 468 -17.34 -32.94 40.66
C LYS C 468 -16.11 -32.80 39.80
N LEU C 469 -15.17 -31.94 40.24
CA LEU C 469 -13.99 -31.58 39.49
C LEU C 469 -12.96 -32.74 39.47
N MET D 1 36.07 45.00 22.63
CA MET D 1 35.26 43.82 23.05
C MET D 1 34.22 43.37 22.02
N MET D 2 33.86 42.09 21.89
CA MET D 2 34.37 40.94 22.61
C MET D 2 34.81 39.82 21.67
N VAL D 3 36.09 39.42 21.72
CA VAL D 3 36.59 38.27 20.97
C VAL D 3 36.20 37.01 21.74
N TRP D 4 35.38 36.16 21.13
CA TRP D 4 34.79 35.01 21.78
C TRP D 4 35.02 33.75 20.94
N THR D 5 35.38 32.62 21.60
CA THR D 5 35.58 31.28 21.03
C THR D 5 36.39 30.44 22.00
N PRO D 6 36.06 29.18 22.30
CA PRO D 6 36.89 28.34 23.16
C PRO D 6 38.02 27.69 22.35
N VAL D 7 39.27 28.15 22.57
CA VAL D 7 40.43 27.73 21.80
C VAL D 7 41.25 26.69 22.55
N ASN D 8 41.62 25.59 21.86
CA ASN D 8 42.39 24.43 22.34
C ASN D 8 41.65 23.55 23.33
N ASN D 9 40.37 23.81 23.59
CA ASN D 9 39.61 23.15 24.61
C ASN D 9 38.16 23.45 24.26
N LYS D 10 37.20 22.68 24.79
CA LYS D 10 35.78 22.88 24.56
C LYS D 10 35.07 23.13 25.87
N MET D 11 33.77 23.46 25.82
CA MET D 11 32.94 23.61 26.99
C MET D 11 32.41 22.26 27.45
N PHE D 12 33.08 21.64 28.46
CA PHE D 12 32.66 20.38 29.02
C PHE D 12 31.45 20.49 29.94
N GLU D 13 30.29 20.75 29.30
CA GLU D 13 28.96 20.85 29.87
C GLU D 13 28.81 21.83 31.06
N THR D 14 27.89 21.53 31.99
CA THR D 14 27.51 22.43 33.08
C THR D 14 28.63 22.72 34.06
N PHE D 15 28.89 24.02 34.31
CA PHE D 15 29.90 24.60 35.18
C PHE D 15 31.25 24.77 34.49
N SER D 16 31.29 24.62 33.16
CA SER D 16 32.51 24.84 32.39
C SER D 16 32.59 26.25 31.83
N TYR D 17 31.52 27.05 31.98
CA TYR D 17 31.48 28.41 31.48
C TYR D 17 31.90 29.38 32.58
N LEU D 18 32.28 28.82 33.75
CA LEU D 18 32.85 29.52 34.89
C LEU D 18 34.19 28.87 35.28
N PRO D 19 35.12 29.58 35.93
CA PRO D 19 36.39 29.05 36.45
C PRO D 19 36.28 27.77 37.27
N PRO D 20 37.22 26.83 37.26
CA PRO D 20 37.12 25.58 38.01
C PRO D 20 36.88 25.72 39.50
N LEU D 21 35.87 25.04 40.04
CA LEU D 21 35.59 24.94 41.47
C LEU D 21 36.71 24.23 42.22
N THR D 22 37.02 24.65 43.46
CA THR D 22 38.04 24.01 44.29
C THR D 22 37.48 22.78 44.98
N ASP D 23 38.34 21.88 45.51
CA ASP D 23 37.90 20.66 46.19
C ASP D 23 37.06 20.96 47.43
N GLU D 24 37.38 22.06 48.17
CA GLU D 24 36.61 22.53 49.30
C GLU D 24 35.22 23.01 48.91
N GLN D 25 35.10 23.73 47.76
CA GLN D 25 33.81 24.15 47.22
C GLN D 25 32.97 22.97 46.75
N ILE D 26 33.61 21.96 46.14
CA ILE D 26 32.95 20.73 45.71
C ILE D 26 32.44 19.93 46.91
N ALA D 27 33.27 19.75 47.96
CA ALA D 27 32.90 19.08 49.19
C ALA D 27 31.77 19.79 49.95
N ALA D 28 31.80 21.14 49.98
CA ALA D 28 30.76 21.96 50.59
C ALA D 28 29.43 21.85 49.85
N GLN D 29 29.46 21.81 48.51
CA GLN D 29 28.28 21.63 47.68
C GLN D 29 27.74 20.20 47.75
N VAL D 30 28.61 19.17 47.95
CA VAL D 30 28.17 17.80 48.23
C VAL D 30 27.47 17.71 49.57
N ASP D 31 28.03 18.35 50.61
CA ASP D 31 27.47 18.43 51.94
C ASP D 31 26.05 19.06 51.91
N TYR D 32 25.89 20.13 51.10
CA TYR D 32 24.62 20.77 50.80
C TYR D 32 23.64 19.84 50.07
N ILE D 33 24.10 19.12 49.02
CA ILE D 33 23.26 18.24 48.22
C ILE D 33 22.77 17.06 49.04
N VAL D 34 23.62 16.55 49.97
CA VAL D 34 23.27 15.52 50.93
C VAL D 34 22.23 16.03 51.93
N ALA D 35 22.40 17.27 52.44
CA ALA D 35 21.46 17.91 53.35
C ALA D 35 20.05 18.08 52.76
N ASN D 36 19.96 18.32 51.44
CA ASN D 36 18.69 18.50 50.76
C ASN D 36 18.06 17.18 50.29
N GLY D 37 18.69 16.02 50.60
CA GLY D 37 18.13 14.69 50.34
C GLY D 37 18.49 14.03 49.05
N TRP D 38 19.56 14.48 48.39
CA TRP D 38 20.08 13.88 47.17
C TRP D 38 21.09 12.79 47.52
N ILE D 39 21.22 11.74 46.68
CA ILE D 39 22.15 10.63 46.91
C ILE D 39 23.28 10.66 45.89
N PRO D 40 24.51 11.07 46.24
CA PRO D 40 25.66 11.12 45.32
C PRO D 40 26.13 9.79 44.73
N CYS D 41 26.71 9.85 43.53
CA CYS D 41 27.45 8.75 42.94
C CYS D 41 28.67 9.37 42.26
N LEU D 42 29.85 8.74 42.39
CA LEU D 42 31.06 9.18 41.74
C LEU D 42 31.22 8.39 40.46
N GLU D 43 31.46 9.07 39.33
CA GLU D 43 31.49 8.42 38.03
C GLU D 43 32.61 9.01 37.18
N PHE D 44 33.07 8.26 36.15
CA PHE D 44 34.20 8.64 35.34
C PHE D 44 33.97 8.21 33.89
N ALA D 45 34.68 8.83 32.94
CA ALA D 45 34.56 8.48 31.54
C ALA D 45 35.85 8.76 30.77
N GLU D 46 36.25 7.83 29.89
CA GLU D 46 37.44 7.92 29.04
C GLU D 46 37.40 9.12 28.10
N ALA D 47 38.56 9.73 27.78
CA ALA D 47 38.69 10.98 27.05
C ALA D 47 37.86 11.11 25.75
N ASP D 48 37.81 10.03 24.93
CA ASP D 48 37.04 9.96 23.71
C ASP D 48 35.59 9.54 23.97
N LYS D 49 35.29 8.96 25.15
CA LYS D 49 33.97 8.49 25.52
C LYS D 49 33.20 9.50 26.37
N ALA D 50 33.82 10.65 26.70
CA ALA D 50 33.16 11.72 27.43
C ALA D 50 32.79 12.89 26.53
N TYR D 51 33.12 12.80 25.23
CA TYR D 51 32.84 13.84 24.25
C TYR D 51 31.87 13.24 23.25
N VAL D 52 30.68 13.87 23.09
CA VAL D 52 29.52 13.32 22.41
C VAL D 52 29.76 12.87 20.97
N SER D 53 29.14 11.75 20.56
CA SER D 53 29.39 11.11 19.28
C SER D 53 28.06 10.70 18.68
N ASN D 54 27.99 10.61 17.34
CA ASN D 54 26.84 10.11 16.63
C ASN D 54 27.26 9.05 15.61
N GLU D 55 28.55 8.63 15.60
CA GLU D 55 29.10 7.72 14.60
C GLU D 55 28.43 6.35 14.59
N SER D 56 28.05 5.86 15.79
CA SER D 56 27.41 4.57 16.01
C SER D 56 26.03 4.41 15.37
N ALA D 57 25.45 5.53 14.89
CA ALA D 57 24.24 5.62 14.09
C ALA D 57 24.32 4.84 12.78
N ILE D 58 25.55 4.57 12.32
CA ILE D 58 25.88 3.77 11.14
C ILE D 58 25.40 2.33 11.21
N ARG D 59 25.42 1.70 12.40
CA ARG D 59 25.01 0.31 12.55
C ARG D 59 23.50 0.14 12.66
N PHE D 60 22.74 1.22 12.93
CA PHE D 60 21.30 1.16 13.05
C PHE D 60 20.62 1.78 11.82
N GLY D 61 19.46 1.23 11.39
CA GLY D 61 18.80 1.62 10.15
C GLY D 61 17.88 2.81 10.23
N SER D 62 17.56 3.29 11.44
CA SER D 62 16.71 4.46 11.66
C SER D 62 17.45 5.47 12.50
N VAL D 63 17.67 6.67 11.96
CA VAL D 63 18.47 7.72 12.61
C VAL D 63 17.73 9.05 12.44
N SER D 64 17.97 10.09 13.26
CA SER D 64 18.78 10.18 14.47
C SER D 64 18.02 9.58 15.65
N CYS D 65 16.69 9.52 15.55
CA CYS D 65 15.71 8.94 16.48
C CYS D 65 15.96 9.05 17.98
N LEU D 66 16.36 10.25 18.46
CA LEU D 66 16.63 10.58 19.87
C LEU D 66 17.89 9.90 20.44
N TYR D 67 18.64 9.16 19.60
CA TYR D 67 19.89 8.50 19.92
C TYR D 67 21.05 9.44 20.29
N TYR D 68 21.98 8.97 21.13
CA TYR D 68 23.16 9.71 21.51
C TYR D 68 24.23 8.65 21.76
N ASP D 69 25.52 9.04 21.79
CA ASP D 69 26.60 8.13 22.09
C ASP D 69 27.73 8.98 22.67
N ASN D 70 28.70 8.32 23.34
CA ASN D 70 29.82 8.90 24.07
C ASN D 70 29.44 10.02 25.04
N ARG D 71 28.34 9.79 25.79
CA ARG D 71 27.93 10.58 26.94
C ARG D 71 27.70 9.73 28.18
N TYR D 72 28.09 8.45 28.14
CA TYR D 72 27.90 7.52 29.24
C TYR D 72 29.13 7.50 30.17
N TRP D 73 28.86 7.58 31.50
CA TRP D 73 29.87 7.62 32.53
C TRP D 73 29.80 6.32 33.31
N THR D 74 30.96 5.76 33.70
CA THR D 74 31.09 4.52 34.44
C THR D 74 31.21 4.85 35.91
N MET D 75 30.53 4.10 36.80
CA MET D 75 30.57 4.38 38.23
C MET D 75 31.81 3.89 38.95
N TRP D 76 32.33 4.69 39.91
CA TRP D 76 33.51 4.33 40.68
C TRP D 76 33.20 3.39 41.86
N LYS D 77 33.14 2.07 41.57
CA LYS D 77 32.96 0.97 42.51
C LYS D 77 31.60 0.86 43.19
N LEU D 78 31.19 1.91 43.93
CA LEU D 78 29.98 1.92 44.73
C LEU D 78 29.29 3.27 44.57
N PRO D 79 27.96 3.37 44.69
CA PRO D 79 27.27 4.65 44.91
C PRO D 79 27.33 5.02 46.39
N MET D 80 27.04 6.28 46.77
CA MET D 80 27.10 6.68 48.17
C MET D 80 25.87 6.27 48.99
N PHE D 81 25.59 4.96 49.08
CA PHE D 81 24.50 4.41 49.86
C PHE D 81 24.95 4.25 51.31
N GLY D 82 24.08 4.53 52.30
CA GLY D 82 24.43 4.49 53.72
C GLY D 82 25.24 5.70 54.12
N CYS D 83 26.58 5.58 54.10
CA CYS D 83 27.51 6.67 54.37
C CYS D 83 27.46 7.75 53.29
N ARG D 84 27.62 9.04 53.66
CA ARG D 84 27.60 10.15 52.73
C ARG D 84 28.85 11.02 52.78
N ASP D 85 29.77 10.75 53.73
CA ASP D 85 31.02 11.45 54.01
C ASP D 85 31.78 12.10 52.83
N PRO D 86 31.90 13.44 52.75
CA PRO D 86 32.66 14.10 51.69
C PRO D 86 34.15 13.78 51.68
N MET D 87 34.77 13.34 52.79
CA MET D 87 36.19 13.00 52.76
C MET D 87 36.44 11.62 52.18
N GLN D 88 35.45 10.71 52.30
CA GLN D 88 35.46 9.43 51.62
C GLN D 88 35.37 9.62 50.11
N VAL D 89 34.50 10.58 49.68
CA VAL D 89 34.36 10.97 48.30
C VAL D 89 35.64 11.59 47.75
N LEU D 90 36.28 12.50 48.53
CA LEU D 90 37.55 13.11 48.15
C LEU D 90 38.70 12.12 48.03
N ARG D 91 38.82 11.15 48.96
CA ARG D 91 39.79 10.07 48.82
C ARG D 91 39.55 9.18 47.62
N GLU D 92 38.28 8.85 47.33
CA GLU D 92 37.89 8.10 46.15
C GLU D 92 38.16 8.86 44.84
N ILE D 93 37.95 10.20 44.81
CA ILE D 93 38.29 11.04 43.67
C ILE D 93 39.80 11.02 43.39
N VAL D 94 40.63 11.08 44.44
CA VAL D 94 42.08 10.93 44.32
C VAL D 94 42.47 9.53 43.83
N ALA D 95 41.86 8.46 44.37
CA ALA D 95 42.09 7.09 43.92
C ALA D 95 41.69 6.85 42.47
N CYS D 96 40.56 7.46 42.04
CA CYS D 96 40.04 7.45 40.68
C CYS D 96 41.00 8.18 39.74
N THR D 97 41.49 9.36 40.19
CA THR D 97 42.42 10.19 39.44
C THR D 97 43.74 9.49 39.23
N LYS D 98 44.26 8.80 40.26
CA LYS D 98 45.43 7.95 40.18
C LYS D 98 45.25 6.73 39.29
N ALA D 99 44.08 6.06 39.36
CA ALA D 99 43.75 4.90 38.57
C ALA D 99 43.63 5.16 37.08
N PHE D 100 43.06 6.31 36.68
CA PHE D 100 42.84 6.62 35.27
C PHE D 100 43.24 8.06 34.94
N PRO D 101 44.43 8.35 34.40
CA PRO D 101 44.80 9.72 34.04
C PRO D 101 44.17 10.09 32.70
N ASP D 102 43.65 9.11 31.94
CA ASP D 102 43.03 9.36 30.66
C ASP D 102 41.51 9.40 30.74
N ALA D 103 40.93 9.32 31.95
CA ALA D 103 39.51 9.47 32.12
C ALA D 103 39.21 10.75 32.86
N TYR D 104 38.05 11.35 32.56
CA TYR D 104 37.50 12.47 33.28
C TYR D 104 36.72 11.92 34.45
N VAL D 105 36.73 12.61 35.60
CA VAL D 105 36.03 12.18 36.80
C VAL D 105 35.02 13.27 37.13
N ARG D 106 33.75 12.89 37.44
CA ARG D 106 32.67 13.82 37.69
C ARG D 106 31.76 13.32 38.80
N LEU D 107 31.05 14.21 39.52
CA LEU D 107 30.04 13.81 40.51
C LEU D 107 28.63 13.99 39.97
N VAL D 108 27.77 13.00 40.27
CA VAL D 108 26.36 13.01 39.91
C VAL D 108 25.61 12.65 41.17
N ALA D 109 24.28 12.88 41.21
CA ALA D 109 23.50 12.52 42.38
C ALA D 109 22.08 12.23 41.94
N PHE D 110 21.23 11.57 42.75
CA PHE D 110 19.83 11.44 42.37
C PHE D 110 18.81 11.77 43.48
N ASP D 111 17.62 12.19 43.01
CA ASP D 111 16.41 12.41 43.80
C ASP D 111 15.51 11.21 43.63
N ASN D 112 15.40 10.33 44.64
CA ASN D 112 14.69 9.07 44.53
C ASN D 112 13.16 9.18 44.44
N GLN D 113 12.59 10.38 44.70
CA GLN D 113 11.15 10.64 44.63
C GLN D 113 10.55 10.34 43.26
N LYS D 114 11.26 10.75 42.19
CA LYS D 114 10.89 10.45 40.81
C LYS D 114 12.03 9.69 40.12
N GLN D 115 13.00 9.21 40.92
CA GLN D 115 14.26 8.59 40.53
C GLN D 115 15.03 9.30 39.41
N VAL D 116 15.29 10.60 39.59
CA VAL D 116 15.96 11.43 38.59
C VAL D 116 17.39 11.75 39.00
N GLN D 117 18.33 11.53 38.07
CA GLN D 117 19.75 11.77 38.25
C GLN D 117 20.15 13.17 37.79
N ILE D 118 20.89 13.90 38.63
CA ILE D 118 21.44 15.21 38.35
C ILE D 118 22.92 15.05 38.06
N MET D 119 23.41 15.67 36.96
CA MET D 119 24.80 15.58 36.57
C MET D 119 25.41 16.92 36.95
N GLY D 120 26.27 16.93 37.98
CA GLY D 120 26.78 18.15 38.60
C GLY D 120 28.19 18.47 38.22
N PHE D 121 28.90 19.10 39.15
CA PHE D 121 30.30 19.48 39.06
C PHE D 121 31.22 18.27 39.23
N LEU D 122 32.40 18.21 38.60
CA LEU D 122 32.99 19.10 37.64
C LEU D 122 33.78 18.17 36.75
N VAL D 123 33.94 18.44 35.44
CA VAL D 123 34.67 17.53 34.57
C VAL D 123 36.16 17.79 34.73
N GLN D 124 36.90 16.82 35.33
CA GLN D 124 38.26 17.01 35.77
C GLN D 124 39.09 15.78 35.44
N ARG D 125 40.34 16.01 34.99
CA ARG D 125 41.28 14.99 34.57
C ARG D 125 42.64 15.62 34.82
N PRO D 126 43.75 14.93 35.10
CA PRO D 126 45.02 15.59 35.39
C PRO D 126 45.66 16.17 34.13
N LYS D 127 45.17 15.76 32.94
CA LYS D 127 45.66 16.24 31.67
C LYS D 127 44.81 17.36 31.07
N THR D 128 43.72 17.81 31.77
CA THR D 128 42.80 18.89 31.36
C THR D 128 43.39 20.02 30.53
N ALA D 129 42.80 20.27 29.34
CA ALA D 129 43.22 21.27 28.39
C ALA D 129 42.96 22.72 28.81
N ARG D 130 43.49 23.67 28.00
CA ARG D 130 43.53 25.12 28.19
C ARG D 130 42.41 25.81 28.98
N ASP D 131 42.79 26.58 30.02
CA ASP D 131 41.90 27.36 30.83
C ASP D 131 41.38 28.62 30.12
N PHE D 132 40.08 28.93 30.30
CA PHE D 132 39.40 30.02 29.63
C PHE D 132 39.39 31.32 30.46
N THR E 1 -37.43 6.40 36.86
CA THR E 1 -37.86 5.39 35.85
C THR E 1 -36.68 4.71 35.17
N LYS E 2 -36.76 3.39 34.94
CA LYS E 2 -35.75 2.66 34.19
C LYS E 2 -36.04 2.61 32.71
N ALA E 3 -37.21 3.15 32.30
CA ALA E 3 -37.75 3.26 30.94
C ALA E 3 -39.22 2.88 30.99
N GLY E 4 -40.02 3.40 30.05
CA GLY E 4 -41.45 3.17 29.96
C GLY E 4 -42.30 4.15 30.71
N ALA E 5 -41.83 5.39 30.90
CA ALA E 5 -42.58 6.41 31.59
C ALA E 5 -43.58 7.14 30.70
N GLY E 6 -44.86 7.17 31.11
CA GLY E 6 -45.93 7.90 30.42
C GLY E 6 -46.13 9.29 30.96
N PHE E 7 -45.13 10.17 30.75
CA PHE E 7 -45.17 11.58 31.14
C PHE E 7 -46.26 12.39 30.45
N LYS E 8 -46.95 13.27 31.20
CA LYS E 8 -47.85 14.27 30.64
C LYS E 8 -47.14 15.41 29.92
N ALA E 9 -47.80 16.01 28.91
CA ALA E 9 -47.25 17.07 28.08
C ALA E 9 -46.85 18.35 28.80
N GLY E 10 -45.58 18.77 28.62
CA GLY E 10 -45.01 19.96 29.23
C GLY E 10 -43.70 19.59 29.83
N VAL E 11 -43.09 20.48 30.63
CA VAL E 11 -41.82 20.20 31.27
C VAL E 11 -42.00 20.19 32.77
N LYS E 12 -41.58 19.09 33.43
CA LYS E 12 -41.58 18.99 34.87
C LYS E 12 -40.32 19.66 35.40
N ASP E 13 -40.46 20.59 36.37
CA ASP E 13 -39.39 21.35 37.00
C ASP E 13 -38.08 20.60 37.18
N TYR E 14 -36.95 21.20 36.73
CA TYR E 14 -35.63 20.61 36.79
C TYR E 14 -35.20 20.36 38.22
N ARG E 15 -35.71 21.16 39.18
CA ARG E 15 -35.43 20.95 40.59
C ARG E 15 -36.15 19.73 41.17
N LEU E 16 -37.19 19.22 40.48
CA LEU E 16 -37.93 18.03 40.85
C LEU E 16 -37.48 16.82 40.05
N THR E 17 -36.46 16.96 39.19
CA THR E 17 -36.04 15.86 38.32
C THR E 17 -34.54 15.69 38.19
N TYR E 18 -33.73 16.76 38.29
CA TYR E 18 -32.28 16.70 38.15
C TYR E 18 -31.54 17.30 39.34
N TYR E 19 -32.20 17.50 40.50
CA TYR E 19 -31.60 18.08 41.68
C TYR E 19 -31.71 17.20 42.93
N THR E 20 -30.56 16.73 43.45
CA THR E 20 -30.48 15.81 44.58
C THR E 20 -29.40 16.30 45.54
N PRO E 21 -29.67 17.15 46.53
CA PRO E 21 -28.61 17.77 47.32
C PRO E 21 -28.00 16.85 48.38
N ASP E 22 -28.40 15.57 48.48
CA ASP E 22 -27.80 14.61 49.38
C ASP E 22 -26.92 13.59 48.66
N TYR E 23 -26.79 13.70 47.32
CA TYR E 23 -26.08 12.77 46.45
C TYR E 23 -24.75 12.18 46.94
N VAL E 24 -24.66 10.84 47.05
CA VAL E 24 -23.44 10.13 47.41
C VAL E 24 -22.73 9.66 46.15
N VAL E 25 -21.61 10.31 45.81
CA VAL E 25 -20.82 10.05 44.60
C VAL E 25 -20.19 8.67 44.53
N ARG E 26 -20.09 8.10 43.31
CA ARG E 26 -19.34 6.88 43.04
C ARG E 26 -17.89 7.24 42.73
N ASP E 27 -17.01 6.22 42.69
CA ASP E 27 -15.61 6.39 42.33
C ASP E 27 -15.50 6.56 40.82
N THR E 28 -16.52 6.05 40.08
CA THR E 28 -16.62 6.14 38.63
C THR E 28 -17.44 7.34 38.16
N ASP E 29 -17.95 8.21 39.04
CA ASP E 29 -18.73 9.37 38.64
C ASP E 29 -17.84 10.52 38.14
N ILE E 30 -18.30 11.26 37.12
CA ILE E 30 -17.64 12.43 36.56
C ILE E 30 -18.30 13.64 37.16
N LEU E 31 -17.56 14.53 37.85
CA LEU E 31 -18.14 15.70 38.47
C LEU E 31 -17.57 16.99 37.92
N ALA E 32 -18.38 18.06 37.88
CA ALA E 32 -17.93 19.36 37.45
C ALA E 32 -18.40 20.43 38.43
N ALA E 33 -17.51 21.39 38.77
CA ALA E 33 -17.79 22.50 39.65
C ALA E 33 -17.74 23.79 38.85
N PHE E 34 -18.83 24.58 38.88
CA PHE E 34 -18.95 25.80 38.10
C PHE E 34 -19.30 26.99 38.97
N ARG E 35 -18.72 28.17 38.68
CA ARG E 35 -19.07 29.44 39.29
C ARG E 35 -20.05 30.16 38.36
N MET E 36 -21.24 30.57 38.85
CA MET E 36 -22.28 31.10 37.98
C MET E 36 -22.99 32.33 38.52
N THR E 37 -23.48 33.21 37.61
CA THR E 37 -24.47 34.24 37.95
C THR E 37 -25.65 34.11 36.98
N PRO E 38 -26.84 33.65 37.39
CA PRO E 38 -28.05 33.67 36.59
C PRO E 38 -28.50 35.05 36.12
N GLN E 39 -29.32 35.14 35.05
CA GLN E 39 -30.05 36.35 34.71
C GLN E 39 -31.13 36.62 35.75
N LEU E 40 -31.48 37.90 35.98
CA LEU E 40 -32.39 38.29 37.03
C LEU E 40 -33.78 37.68 36.93
N GLY E 41 -34.18 36.98 38.01
CA GLY E 41 -35.44 36.26 38.14
C GLY E 41 -35.29 34.76 38.04
N VAL E 42 -34.08 34.24 37.80
CA VAL E 42 -33.84 32.80 37.71
C VAL E 42 -33.22 32.28 39.01
N PRO E 43 -33.86 31.38 39.79
CA PRO E 43 -33.24 30.72 40.94
C PRO E 43 -31.97 29.95 40.61
N PRO E 44 -30.90 29.95 41.40
CA PRO E 44 -29.66 29.26 41.05
C PRO E 44 -29.80 27.74 41.06
N GLU E 45 -30.75 27.14 41.80
CA GLU E 45 -30.96 25.71 41.76
C GLU E 45 -31.71 25.31 40.50
N GLU E 46 -32.58 26.21 39.99
CA GLU E 46 -33.23 26.03 38.70
C GLU E 46 -32.22 26.08 37.56
N CYS E 47 -31.26 27.03 37.64
CA CYS E 47 -30.17 27.15 36.69
C CYS E 47 -29.23 25.93 36.71
N GLY E 48 -28.76 25.51 37.91
CA GLY E 48 -27.90 24.33 38.07
C GLY E 48 -28.52 23.05 37.58
N ALA E 49 -29.78 22.80 37.99
CA ALA E 49 -30.56 21.67 37.55
C ALA E 49 -30.82 21.65 36.04
N ALA E 50 -31.13 22.82 35.44
CA ALA E 50 -31.31 22.97 34.01
C ALA E 50 -30.04 22.68 33.22
N VAL E 51 -28.86 23.11 33.73
CA VAL E 51 -27.57 22.79 33.14
C VAL E 51 -27.29 21.29 33.16
N ALA E 52 -27.57 20.63 34.32
CA ALA E 52 -27.46 19.19 34.45
C ALA E 52 -28.42 18.42 33.55
N ALA E 53 -29.65 18.94 33.38
CA ALA E 53 -30.65 18.34 32.53
C ALA E 53 -30.34 18.48 31.05
N GLU E 54 -29.87 19.66 30.61
CA GLU E 54 -29.54 19.90 29.22
C GLU E 54 -28.26 19.22 28.76
N SER E 55 -27.27 19.04 29.66
CA SER E 55 -26.05 18.30 29.34
C SER E 55 -26.22 16.78 29.43
N SER E 56 -27.30 16.29 30.08
CA SER E 56 -27.59 14.86 30.20
C SER E 56 -28.64 14.37 29.23
N THR E 57 -29.79 15.08 29.15
CA THR E 57 -31.00 14.60 28.50
C THR E 57 -31.48 15.62 27.51
N GLY E 58 -32.00 16.75 28.00
CA GLY E 58 -32.53 17.84 27.21
C GLY E 58 -33.98 17.66 26.87
N THR E 59 -34.73 18.77 26.84
CA THR E 59 -36.13 18.73 26.47
C THR E 59 -36.57 20.13 26.13
N TRP E 60 -37.66 20.25 25.36
CA TRP E 60 -38.27 21.53 25.05
C TRP E 60 -39.77 21.29 25.01
N THR E 61 -40.20 20.21 25.70
CA THR E 61 -41.56 19.69 25.88
C THR E 61 -41.40 18.20 26.06
N THR E 62 -41.76 17.67 27.24
CA THR E 62 -41.62 16.24 27.54
C THR E 62 -42.98 15.60 27.41
N VAL E 63 -43.02 14.43 26.78
CA VAL E 63 -44.19 13.57 26.65
C VAL E 63 -43.67 12.17 26.84
N TRP E 64 -44.50 11.14 26.65
CA TRP E 64 -44.16 9.73 26.81
C TRP E 64 -42.91 9.26 26.05
N THR E 65 -42.49 9.94 24.96
CA THR E 65 -41.34 9.54 24.17
C THR E 65 -40.02 9.77 24.88
N ASP E 66 -39.98 10.63 25.92
CA ASP E 66 -38.77 10.79 26.71
C ASP E 66 -38.62 9.60 27.66
N GLY E 67 -39.72 8.83 27.84
CA GLY E 67 -39.79 7.56 28.55
C GLY E 67 -39.14 6.41 27.82
N LEU E 68 -38.77 6.58 26.54
CA LEU E 68 -38.11 5.56 25.74
C LEU E 68 -36.70 5.21 26.20
N THR E 69 -35.95 6.18 26.76
CA THR E 69 -34.58 5.97 27.22
C THR E 69 -34.59 5.59 28.69
N SER E 70 -33.58 4.82 29.15
CA SER E 70 -33.46 4.48 30.54
C SER E 70 -32.85 5.63 31.32
N LEU E 71 -33.60 6.25 32.26
CA LEU E 71 -33.15 7.45 32.95
C LEU E 71 -32.42 7.10 34.23
N ASP E 72 -33.10 6.44 35.19
CA ASP E 72 -32.66 5.98 36.50
C ASP E 72 -31.32 6.53 37.07
N ARG E 73 -30.29 5.66 37.18
CA ARG E 73 -28.98 6.05 37.68
C ARG E 73 -28.16 6.71 36.57
N TYR E 74 -28.59 6.56 35.31
CA TYR E 74 -27.92 6.95 34.08
C TYR E 74 -27.95 8.44 33.76
N LYS E 75 -28.86 9.23 34.38
CA LYS E 75 -28.97 10.65 34.13
C LYS E 75 -28.08 11.46 35.08
N GLY E 76 -27.56 12.62 34.62
CA GLY E 76 -26.86 13.61 35.45
C GLY E 76 -27.62 14.13 36.66
N ARG E 77 -26.89 14.50 37.73
CA ARG E 77 -27.48 14.95 38.98
C ARG E 77 -26.83 16.24 39.45
N CYS E 78 -27.64 17.26 39.85
CA CYS E 78 -27.16 18.49 40.45
C CYS E 78 -27.13 18.35 41.96
N TYR E 79 -25.95 18.52 42.59
CA TYR E 79 -25.79 18.41 44.02
C TYR E 79 -26.08 19.77 44.68
N ASP E 80 -26.01 19.87 46.03
CA ASP E 80 -26.13 21.09 46.82
C ASP E 80 -25.17 22.18 46.34
N ILE E 81 -25.61 23.45 46.28
CA ILE E 81 -24.80 24.52 45.72
C ILE E 81 -24.50 25.53 46.80
N GLU E 82 -23.49 26.40 46.62
CA GLU E 82 -23.11 27.31 47.69
C GLU E 82 -22.87 28.70 47.12
N PRO E 83 -23.03 29.79 47.87
CA PRO E 83 -22.69 31.13 47.41
C PRO E 83 -21.18 31.40 47.31
N VAL E 84 -20.81 32.31 46.41
CA VAL E 84 -19.46 32.83 46.27
C VAL E 84 -19.28 33.97 47.29
N PRO E 85 -18.26 34.04 48.14
CA PRO E 85 -18.17 35.07 49.19
C PRO E 85 -17.80 36.46 48.66
N GLY E 86 -17.78 36.69 47.33
CA GLY E 86 -17.42 37.98 46.73
C GLY E 86 -18.54 38.72 46.05
N GLU E 87 -19.60 38.04 45.57
CA GLU E 87 -20.69 38.70 44.86
C GLU E 87 -22.02 38.03 45.12
N ASP E 88 -23.06 38.84 45.36
CA ASP E 88 -24.41 38.49 45.78
C ASP E 88 -25.14 37.48 44.88
N ASN E 89 -25.04 37.64 43.55
CA ASN E 89 -25.68 36.77 42.58
C ASN E 89 -24.76 35.67 42.10
N GLN E 90 -23.52 35.57 42.63
CA GLN E 90 -22.63 34.49 42.27
C GLN E 90 -22.69 33.28 43.20
N TYR E 91 -22.79 32.08 42.60
CA TYR E 91 -22.94 30.81 43.29
C TYR E 91 -22.01 29.78 42.66
N ILE E 92 -21.62 28.75 43.42
CA ILE E 92 -20.86 27.60 42.93
C ILE E 92 -21.82 26.42 42.81
N ALA E 93 -21.99 25.92 41.58
CA ALA E 93 -22.78 24.75 41.25
C ALA E 93 -21.90 23.51 41.15
N TYR E 94 -22.40 22.36 41.67
CA TYR E 94 -21.72 21.08 41.62
C TYR E 94 -22.59 20.06 40.90
N VAL E 95 -22.15 19.54 39.73
CA VAL E 95 -22.95 18.65 38.90
C VAL E 95 -22.22 17.33 38.71
N ALA E 96 -22.89 16.20 39.01
CA ALA E 96 -22.38 14.87 38.83
C ALA E 96 -22.98 14.16 37.62
N TYR E 97 -22.19 13.34 36.91
CA TYR E 97 -22.64 12.52 35.80
C TYR E 97 -22.14 11.09 36.05
N PRO E 98 -22.94 10.05 35.85
CA PRO E 98 -22.47 8.66 35.84
C PRO E 98 -21.61 8.34 34.63
N ILE E 99 -20.88 7.20 34.70
CA ILE E 99 -19.99 6.70 33.67
C ILE E 99 -20.68 6.37 32.35
N ASP E 100 -21.93 5.88 32.38
CA ASP E 100 -22.69 5.42 31.24
C ASP E 100 -23.02 6.48 30.18
N LEU E 101 -22.92 7.78 30.51
CA LEU E 101 -23.38 8.85 29.64
C LEU E 101 -22.46 9.24 28.47
N PHE E 102 -21.13 8.96 28.54
CA PHE E 102 -20.18 9.42 27.53
C PHE E 102 -19.38 8.28 26.91
N GLU E 103 -18.92 8.43 25.65
CA GLU E 103 -18.00 7.50 25.01
C GLU E 103 -16.65 7.48 25.74
N GLU E 104 -16.07 6.28 25.99
CA GLU E 104 -14.88 6.11 26.81
C GLU E 104 -13.62 6.79 26.28
N GLY E 105 -13.16 7.87 26.96
CA GLY E 105 -12.00 8.66 26.57
C GLY E 105 -12.18 9.51 25.33
N SER E 106 -13.43 9.82 24.96
CA SER E 106 -13.75 10.57 23.75
C SER E 106 -13.75 12.06 23.98
N VAL E 107 -12.66 12.74 23.59
CA VAL E 107 -12.43 14.14 23.92
C VAL E 107 -13.41 15.12 23.30
N THR E 108 -13.89 14.94 22.05
CA THR E 108 -14.87 15.88 21.48
C THR E 108 -16.26 15.64 22.03
N ASN E 109 -16.57 14.39 22.45
CA ASN E 109 -17.87 14.10 23.04
C ASN E 109 -17.95 14.65 24.46
N MET E 110 -16.88 14.45 25.27
CA MET E 110 -16.77 15.00 26.59
C MET E 110 -16.74 16.52 26.58
N PHE E 111 -15.93 17.13 25.67
CA PHE E 111 -15.85 18.56 25.48
C PHE E 111 -17.18 19.17 25.07
N THR E 112 -17.86 18.58 24.06
CA THR E 112 -19.15 19.09 23.58
C THR E 112 -20.24 18.97 24.64
N SER E 113 -20.33 17.83 25.35
CA SER E 113 -21.28 17.64 26.44
C SER E 113 -21.09 18.52 27.67
N ILE E 114 -19.82 18.67 28.13
CA ILE E 114 -19.45 19.34 29.36
C ILE E 114 -19.28 20.84 29.17
N VAL E 115 -18.66 21.27 28.06
CA VAL E 115 -18.38 22.67 27.80
C VAL E 115 -19.29 23.20 26.69
N GLY E 116 -19.39 22.50 25.55
CA GLY E 116 -20.14 22.97 24.37
C GLY E 116 -21.59 23.31 24.59
N ASN E 117 -22.38 22.35 25.10
CA ASN E 117 -23.80 22.53 25.39
C ASN E 117 -24.03 23.48 26.58
N VAL E 118 -23.23 23.28 27.65
CA VAL E 118 -23.32 23.99 28.92
C VAL E 118 -23.10 25.49 28.85
N PHE E 119 -22.04 25.94 28.15
CA PHE E 119 -21.66 27.35 28.14
C PHE E 119 -22.34 28.05 26.98
N GLY E 120 -23.68 28.03 26.96
CA GLY E 120 -24.52 28.64 25.93
C GLY E 120 -25.56 29.58 26.48
N PHE E 121 -26.51 29.00 27.26
CA PHE E 121 -27.76 29.55 27.78
C PHE E 121 -27.98 31.06 27.87
N LYS E 122 -29.04 31.55 27.19
CA LYS E 122 -29.47 32.93 27.18
C LYS E 122 -29.84 33.49 28.55
N ALA E 123 -30.46 32.69 29.43
CA ALA E 123 -30.85 33.15 30.75
C ALA E 123 -29.73 33.00 31.79
N LEU E 124 -28.53 32.60 31.35
CA LEU E 124 -27.32 32.57 32.15
C LEU E 124 -26.46 33.78 31.79
N ARG E 125 -26.16 34.68 32.75
CA ARG E 125 -25.33 35.86 32.47
C ARG E 125 -23.87 35.53 32.33
N ALA E 126 -23.31 34.82 33.32
CA ALA E 126 -21.93 34.41 33.25
C ALA E 126 -21.80 33.08 33.95
N LEU E 127 -20.88 32.25 33.43
CA LEU E 127 -20.61 30.92 33.93
C LEU E 127 -19.13 30.68 33.76
N ARG E 128 -18.46 30.25 34.83
CA ARG E 128 -17.04 30.01 34.88
C ARG E 128 -16.75 28.61 35.38
N LEU E 129 -15.87 27.85 34.71
CA LEU E 129 -15.52 26.51 35.17
C LEU E 129 -14.49 26.60 36.29
N GLU E 130 -14.78 25.99 37.46
CA GLU E 130 -13.90 26.05 38.61
C GLU E 130 -13.13 24.77 38.86
N ASP E 131 -13.73 23.59 38.63
CA ASP E 131 -12.98 22.34 38.73
C ASP E 131 -13.72 21.19 38.03
N LEU E 132 -13.03 20.04 37.89
CA LEU E 132 -13.52 18.82 37.29
C LEU E 132 -12.98 17.60 38.05
N ARG E 133 -13.85 16.60 38.28
CA ARG E 133 -13.50 15.30 38.84
C ARG E 133 -13.52 14.33 37.69
N ILE E 134 -12.35 13.81 37.28
CA ILE E 134 -12.26 12.84 36.18
C ILE E 134 -11.94 11.49 36.83
N PRO E 135 -12.80 10.47 36.84
CA PRO E 135 -12.51 9.18 37.45
C PRO E 135 -11.32 8.45 36.81
N PRO E 136 -10.53 7.64 37.51
CA PRO E 136 -9.30 7.01 37.01
C PRO E 136 -9.48 6.26 35.71
N ALA E 137 -10.64 5.62 35.49
CA ALA E 137 -10.88 4.83 34.30
C ALA E 137 -11.11 5.67 33.05
N TYR E 138 -11.39 6.99 33.21
CA TYR E 138 -11.55 7.89 32.07
C TYR E 138 -10.21 8.60 31.86
N VAL E 139 -9.43 8.83 32.95
CA VAL E 139 -8.05 9.32 32.91
C VAL E 139 -7.13 8.36 32.14
N LYS E 140 -7.36 7.04 32.31
CA LYS E 140 -6.59 6.00 31.66
C LYS E 140 -7.13 5.59 30.30
N THR E 141 -8.21 6.22 29.78
CA THR E 141 -8.73 5.91 28.45
C THR E 141 -8.69 7.12 27.54
N PHE E 142 -8.57 8.35 28.08
CA PHE E 142 -7.51 9.30 27.75
C PHE E 142 -6.10 8.72 27.56
N VAL E 143 -5.22 9.43 26.81
CA VAL E 143 -3.87 8.94 26.52
C VAL E 143 -2.78 9.65 27.30
N GLY E 144 -3.00 10.91 27.73
CA GLY E 144 -2.04 11.70 28.50
C GLY E 144 -0.72 11.99 27.80
N PRO E 145 0.27 12.59 28.46
CA PRO E 145 1.62 12.83 27.93
C PRO E 145 2.27 11.66 27.17
N PRO E 146 2.92 11.78 26.03
CA PRO E 146 3.64 10.65 25.45
C PRO E 146 4.92 10.28 26.19
N HIS E 147 5.76 11.25 26.59
CA HIS E 147 7.06 10.99 27.19
C HIS E 147 7.36 12.04 28.23
N GLY E 148 6.47 12.15 29.25
CA GLY E 148 6.49 13.07 30.39
C GLY E 148 7.76 13.26 31.20
N ILE E 149 7.66 14.00 32.32
CA ILE E 149 8.82 14.54 33.04
C ILE E 149 9.80 13.49 33.58
N GLN E 150 9.31 12.34 34.06
CA GLN E 150 10.18 11.27 34.52
C GLN E 150 10.79 10.45 33.37
N VAL E 151 10.31 10.65 32.12
CA VAL E 151 10.86 10.01 30.92
C VAL E 151 11.86 10.94 30.25
N GLU E 152 11.52 12.24 30.13
CA GLU E 152 12.33 13.26 29.49
C GLU E 152 13.61 13.51 30.25
N ARG E 153 13.58 13.40 31.60
CA ARG E 153 14.78 13.56 32.43
C ARG E 153 15.88 12.56 32.06
N ASP E 154 15.54 11.28 31.79
CA ASP E 154 16.57 10.31 31.43
C ASP E 154 16.85 10.40 29.93
N LYS E 155 15.79 10.67 29.13
CA LYS E 155 15.82 10.75 27.68
C LYS E 155 16.67 11.88 27.07
N LEU E 156 16.71 13.07 27.70
CA LEU E 156 17.44 14.21 27.16
C LEU E 156 18.93 14.20 27.47
N ASN E 157 19.40 13.27 28.33
CA ASN E 157 20.80 13.03 28.63
C ASN E 157 21.50 14.15 29.44
N LYS E 158 20.75 15.05 30.10
CA LYS E 158 21.34 16.12 30.89
C LYS E 158 20.27 16.61 31.84
N TYR E 159 20.66 17.24 32.98
CA TYR E 159 19.81 17.69 34.07
C TYR E 159 20.73 17.98 35.26
N GLY E 160 20.28 18.82 36.22
CA GLY E 160 21.03 19.22 37.41
C GLY E 160 21.01 20.70 37.64
N ARG E 161 20.32 21.42 36.75
CA ARG E 161 20.08 22.84 36.80
C ARG E 161 18.97 22.98 35.78
N GLY E 162 18.27 24.13 35.74
CA GLY E 162 17.29 24.47 34.71
C GLY E 162 17.81 24.39 33.29
N LEU E 163 16.91 24.32 32.31
CA LEU E 163 17.25 24.22 30.89
C LEU E 163 17.16 25.59 30.22
N LEU E 164 18.30 26.11 29.77
CA LEU E 164 18.51 27.46 29.30
C LEU E 164 18.19 27.68 27.84
N GLY E 165 17.37 28.69 27.49
CA GLY E 165 17.02 28.91 26.10
C GLY E 165 16.68 30.31 25.71
N CYS E 166 16.16 30.45 24.48
CA CYS E 166 15.78 31.74 23.95
C CYS E 166 14.77 31.57 22.82
N THR E 167 13.89 32.57 22.71
CA THR E 167 12.78 32.68 21.79
C THR E 167 13.26 33.43 20.57
N ILE E 168 13.13 32.85 19.36
CA ILE E 168 13.75 33.46 18.20
C ILE E 168 12.82 34.51 17.60
N LYS E 169 13.36 35.74 17.47
CA LYS E 169 12.64 36.93 17.06
C LYS E 169 13.64 37.77 16.29
N PRO E 170 13.29 38.67 15.37
CA PRO E 170 11.94 39.04 14.94
C PRO E 170 11.12 37.89 14.38
N LYS E 171 9.77 37.88 14.58
CA LYS E 171 8.88 36.90 13.96
C LYS E 171 8.92 36.92 12.43
N LEU E 172 8.85 38.15 11.87
CA LEU E 172 9.00 38.46 10.46
C LEU E 172 10.36 38.01 9.93
N GLY E 173 10.38 36.90 9.19
CA GLY E 173 10.87 36.86 7.82
C GLY E 173 12.38 36.81 7.72
N LEU E 174 13.07 36.38 8.81
CA LEU E 174 14.51 36.28 8.84
C LEU E 174 15.04 35.26 7.82
N SER E 175 15.95 35.66 6.92
CA SER E 175 16.50 34.76 5.91
C SER E 175 17.32 33.64 6.50
N ALA E 176 17.30 32.47 5.84
CA ALA E 176 17.80 31.22 6.37
C ALA E 176 19.26 31.20 6.79
N LYS E 177 20.17 31.86 6.03
CA LYS E 177 21.56 31.92 6.44
C LYS E 177 21.84 32.87 7.60
N ASN E 178 21.05 33.93 7.79
CA ASN E 178 21.21 34.79 8.97
C ASN E 178 20.58 34.14 10.20
N TYR E 179 19.51 33.34 10.00
CA TYR E 179 18.93 32.49 11.03
C TYR E 179 19.87 31.36 11.46
N GLY E 180 20.54 30.71 10.48
CA GLY E 180 21.55 29.66 10.68
C GLY E 180 22.73 30.15 11.49
N ARG E 181 23.19 31.38 11.17
CA ARG E 181 24.25 32.05 11.90
C ARG E 181 23.85 32.38 13.33
N ALA E 182 22.63 32.95 13.52
CA ALA E 182 22.13 33.28 14.83
C ALA E 182 21.94 32.06 15.74
N VAL E 183 21.39 30.96 15.18
CA VAL E 183 21.18 29.71 15.90
C VAL E 183 22.48 29.04 16.29
N TYR E 184 23.46 28.94 15.35
CA TYR E 184 24.77 28.38 15.61
C TYR E 184 25.50 29.15 16.72
N GLU E 185 25.55 30.49 16.60
CA GLU E 185 26.22 31.32 17.58
C GLU E 185 25.61 31.29 18.97
N CYS E 186 24.27 31.34 19.12
CA CYS E 186 23.66 31.32 20.45
C CYS E 186 23.73 29.95 21.11
N LEU E 187 23.64 28.85 20.33
CA LEU E 187 23.81 27.52 20.88
C LEU E 187 25.26 27.27 21.26
N ARG E 188 26.22 27.72 20.42
CA ARG E 188 27.62 27.52 20.71
C ARG E 188 28.08 28.41 21.87
N GLY E 189 27.42 29.57 22.07
CA GLY E 189 27.67 30.48 23.19
C GLY E 189 27.23 30.01 24.55
N GLY E 190 26.30 29.05 24.65
CA GLY E 190 25.85 28.60 25.96
C GLY E 190 24.42 28.17 26.12
N LEU E 191 23.49 28.54 25.21
CA LEU E 191 22.12 28.08 25.31
C LEU E 191 21.97 26.56 25.16
N ASP E 192 20.99 25.94 25.86
CA ASP E 192 20.67 24.55 25.71
C ASP E 192 19.70 24.36 24.54
N PHE E 193 18.61 25.15 24.52
CA PHE E 193 17.56 25.00 23.52
C PHE E 193 17.02 26.34 23.03
N THR E 194 16.79 26.49 21.72
CA THR E 194 16.16 27.71 21.17
C THR E 194 14.80 27.35 20.65
N LYS E 195 13.87 28.31 20.47
CA LYS E 195 12.54 27.98 19.96
C LYS E 195 12.05 28.98 18.93
N ASP E 196 11.31 28.45 17.94
CA ASP E 196 10.69 29.21 16.87
C ASP E 196 9.31 29.72 17.26
N ASP E 197 8.85 30.79 16.60
CA ASP E 197 7.49 31.28 16.67
C ASP E 197 6.81 30.95 15.34
N GLU E 198 5.48 31.18 15.24
CA GLU E 198 4.62 30.79 14.14
C GLU E 198 5.08 31.26 12.75
N ASN E 199 5.56 32.52 12.61
CA ASN E 199 5.99 33.04 11.32
C ASN E 199 7.37 32.54 10.93
N VAL E 200 8.19 32.08 11.89
CA VAL E 200 9.55 31.65 11.68
C VAL E 200 9.63 30.39 10.81
N ASN E 201 8.70 29.44 11.03
CA ASN E 201 8.59 28.18 10.32
C ASN E 201 8.51 28.25 8.78
N SER E 202 7.58 29.04 8.23
CA SER E 202 7.30 29.05 6.80
C SER E 202 6.84 30.44 6.43
N GLN E 203 7.33 30.96 5.30
CA GLN E 203 7.01 32.28 4.81
C GLN E 203 6.80 32.14 3.31
N PRO E 204 6.18 33.07 2.57
CA PRO E 204 5.91 32.94 1.14
C PRO E 204 7.01 32.36 0.25
N PHE E 205 8.28 32.81 0.38
CA PHE E 205 9.37 32.28 -0.42
C PHE E 205 10.02 31.08 0.24
N MET E 206 10.27 31.18 1.56
CA MET E 206 10.97 30.16 2.32
C MET E 206 10.07 29.06 2.86
N ARG E 207 10.25 27.83 2.35
CA ARG E 207 9.53 26.67 2.81
C ARG E 207 10.12 26.14 4.11
N TRP E 208 9.25 25.62 5.00
CA TRP E 208 9.61 24.96 6.25
C TRP E 208 10.66 23.86 6.08
N ARG E 209 10.56 23.15 4.94
CA ARG E 209 11.38 22.04 4.49
C ARG E 209 12.85 22.45 4.36
N ASP E 210 13.08 23.65 3.82
CA ASP E 210 14.39 24.19 3.55
C ASP E 210 14.91 24.91 4.79
N ARG E 211 14.01 25.52 5.60
CA ARG E 211 14.37 26.10 6.88
C ARG E 211 14.89 25.02 7.83
N PHE E 212 14.25 23.84 7.78
CA PHE E 212 14.61 22.61 8.48
C PHE E 212 15.98 22.06 8.04
N LEU E 213 16.34 22.20 6.75
CA LEU E 213 17.63 21.74 6.26
C LEU E 213 18.79 22.62 6.75
N PHE E 214 18.53 23.94 6.92
CA PHE E 214 19.48 24.85 7.52
C PHE E 214 19.62 24.62 9.02
N VAL E 215 18.52 24.20 9.69
CA VAL E 215 18.54 23.74 11.08
C VAL E 215 19.36 22.47 11.24
N ALA E 216 19.20 21.48 10.33
CA ALA E 216 19.94 20.23 10.36
C ALA E 216 21.45 20.43 10.24
N GLU E 217 21.86 21.32 9.31
CA GLU E 217 23.25 21.70 9.07
C GLU E 217 23.86 22.37 10.30
N ALA E 218 23.13 23.33 10.89
CA ALA E 218 23.51 24.03 12.11
C ALA E 218 23.55 23.16 13.36
N ILE E 219 22.53 22.29 13.57
CA ILE E 219 22.34 21.51 14.78
C ILE E 219 23.39 20.43 14.93
N TYR E 220 23.84 19.83 13.80
CA TYR E 220 24.86 18.80 13.80
C TYR E 220 26.15 19.34 14.42
N LYS E 221 26.55 20.56 14.01
CA LYS E 221 27.74 21.23 14.51
C LYS E 221 27.52 21.93 15.85
N ALA E 222 26.28 22.34 16.16
CA ALA E 222 25.91 22.94 17.43
C ALA E 222 25.75 21.94 18.58
N GLN E 223 25.67 20.62 18.31
CA GLN E 223 26.32 19.65 19.19
C GLN E 223 27.79 19.29 18.95
N ALA E 224 28.21 18.96 17.70
CA ALA E 224 29.54 18.39 17.43
C ALA E 224 30.74 19.27 17.81
N GLU E 225 30.66 20.59 17.61
CA GLU E 225 31.75 21.51 17.92
C GLU E 225 31.73 22.01 19.36
N THR E 226 30.70 21.68 20.16
CA THR E 226 30.57 22.21 21.52
C THR E 226 30.68 21.15 22.60
N GLY E 227 30.64 19.84 22.28
CA GLY E 227 30.69 18.73 23.23
C GLY E 227 29.46 18.49 24.08
N GLU E 228 28.78 19.57 24.49
CA GLU E 228 27.59 19.54 25.31
C GLU E 228 26.31 19.33 24.51
N VAL E 229 25.38 18.49 25.04
CA VAL E 229 24.06 18.26 24.45
C VAL E 229 23.20 19.52 24.46
N LYS E 230 22.69 19.91 23.27
CA LYS E 230 21.91 21.11 23.02
C LYS E 230 20.90 20.77 21.92
N GLY E 231 19.81 21.54 21.72
CA GLY E 231 19.21 21.59 20.39
C GLY E 231 18.29 22.74 20.08
N HIS E 232 17.28 22.50 19.22
CA HIS E 232 16.30 23.51 18.86
C HIS E 232 14.87 23.01 18.72
N TYR E 233 13.90 23.62 19.45
CA TYR E 233 12.49 23.33 19.38
C TYR E 233 11.88 23.91 18.09
N LEU E 234 11.65 23.06 17.07
CA LEU E 234 10.99 23.44 15.82
C LEU E 234 9.49 23.67 16.02
N ASN E 235 8.88 24.64 15.29
CA ASN E 235 7.47 24.95 15.45
C ASN E 235 6.74 25.13 14.11
N ALA E 236 6.89 24.18 13.17
CA ALA E 236 5.88 23.19 12.76
C ALA E 236 4.41 23.59 12.46
N THR E 237 4.02 24.88 12.59
CA THR E 237 2.66 25.39 12.35
C THR E 237 2.13 25.15 10.94
N ALA E 238 0.80 25.00 10.74
CA ALA E 238 0.24 24.68 9.43
C ALA E 238 -1.26 24.97 9.31
N GLY E 239 -1.77 25.07 8.06
CA GLY E 239 -3.18 25.33 7.77
C GLY E 239 -4.12 24.16 7.70
N THR E 240 -3.66 22.96 7.30
CA THR E 240 -4.53 21.79 7.19
C THR E 240 -3.80 20.63 7.84
N CYS E 241 -4.52 19.56 8.22
CA CYS E 241 -3.95 18.40 8.88
C CYS E 241 -3.06 17.56 7.97
N GLU E 242 -3.30 17.57 6.65
CA GLU E 242 -2.46 16.88 5.68
C GLU E 242 -1.08 17.54 5.65
N GLU E 243 -1.05 18.88 5.66
CA GLU E 243 0.16 19.69 5.76
C GLU E 243 0.88 19.46 7.10
N MET E 244 0.13 19.35 8.23
CA MET E 244 0.66 18.97 9.53
C MET E 244 1.32 17.60 9.55
N MET E 245 0.65 16.60 8.94
CA MET E 245 1.19 15.25 8.79
C MET E 245 2.41 15.20 7.88
N LYS E 246 2.42 15.97 6.78
CA LYS E 246 3.59 16.11 5.92
C LYS E 246 4.78 16.71 6.66
N ARG E 247 4.53 17.75 7.49
CA ARG E 247 5.51 18.38 8.35
C ARG E 247 6.08 17.41 9.39
N ALA E 248 5.25 16.54 10.00
CA ALA E 248 5.67 15.47 10.90
C ALA E 248 6.63 14.48 10.23
N VAL E 249 6.27 14.03 9.01
CA VAL E 249 6.73 12.75 8.47
C VAL E 249 8.09 13.01 7.86
N CYS E 250 8.27 14.20 7.24
CA CYS E 250 9.53 14.61 6.63
C CYS E 250 10.62 14.84 7.68
N ALA E 251 10.25 15.16 8.94
CA ALA E 251 11.21 15.30 10.02
C ALA E 251 11.39 13.99 10.79
N LYS E 252 10.50 13.00 10.58
CA LYS E 252 10.61 11.63 11.06
C LYS E 252 11.78 10.92 10.36
N GLU E 253 12.02 11.24 9.07
CA GLU E 253 13.12 10.73 8.25
C GLU E 253 14.49 10.99 8.89
N LEU E 254 14.64 12.15 9.56
CA LEU E 254 15.86 12.54 10.22
C LEU E 254 15.77 12.29 11.74
N GLY E 255 14.60 11.81 12.23
CA GLY E 255 14.27 11.53 13.63
C GLY E 255 14.75 12.53 14.66
N VAL E 256 14.49 13.82 14.42
CA VAL E 256 14.97 14.90 15.25
C VAL E 256 14.50 14.93 16.72
N PRO E 257 15.37 15.29 17.69
CA PRO E 257 14.98 15.59 19.07
C PRO E 257 14.07 16.83 19.15
N ILE E 258 13.76 17.28 20.38
CA ILE E 258 12.44 17.70 20.82
C ILE E 258 11.85 18.85 20.00
N ILE E 259 10.55 18.74 19.61
CA ILE E 259 9.87 19.77 18.84
C ILE E 259 8.64 20.27 19.56
N MET E 260 8.03 21.36 19.07
CA MET E 260 6.83 21.92 19.67
C MET E 260 5.73 22.18 18.67
N HIS E 261 4.47 22.27 19.14
CA HIS E 261 3.39 22.65 18.24
C HIS E 261 2.28 23.48 18.86
N ASP E 262 1.79 24.46 18.08
CA ASP E 262 0.66 25.35 18.29
C ASP E 262 -0.65 24.80 17.69
N TYR E 263 -0.59 23.58 17.16
CA TYR E 263 -1.59 22.52 17.21
C TYR E 263 -2.62 22.53 18.33
N LEU E 264 -2.30 22.86 19.60
CA LEU E 264 -3.30 22.84 20.67
C LEU E 264 -3.84 24.27 20.87
N THR E 265 -3.53 25.15 19.89
CA THR E 265 -4.18 26.44 19.71
C THR E 265 -5.10 26.28 18.51
N GLY E 266 -4.73 25.35 17.58
CA GLY E 266 -5.55 24.86 16.48
C GLY E 266 -6.74 24.02 16.89
N GLY E 267 -6.51 22.94 17.67
CA GLY E 267 -7.59 22.10 18.18
C GLY E 267 -7.12 20.94 19.04
N PHE E 268 -7.98 20.49 19.97
CA PHE E 268 -7.68 19.48 20.97
C PHE E 268 -7.33 18.09 20.40
N THR E 269 -8.01 17.71 19.31
CA THR E 269 -7.87 16.37 18.73
C THR E 269 -6.64 16.29 17.86
N ALA E 270 -6.18 17.44 17.32
CA ALA E 270 -4.93 17.59 16.60
C ALA E 270 -3.74 17.26 17.50
N ASN E 271 -3.75 17.74 18.76
CA ASN E 271 -2.69 17.45 19.71
C ASN E 271 -2.79 16.01 20.19
N THR E 272 -4.01 15.50 20.39
CA THR E 272 -4.22 14.13 20.90
C THR E 272 -3.68 13.09 19.92
N SER E 273 -4.00 13.25 18.61
CA SER E 273 -3.46 12.42 17.54
C SER E 273 -1.96 12.53 17.39
N LEU E 274 -1.39 13.75 17.48
CA LEU E 274 0.05 13.98 17.45
C LEU E 274 0.75 13.32 18.63
N ALA E 275 0.20 13.43 19.86
CA ALA E 275 0.77 12.81 21.04
C ALA E 275 0.82 11.28 20.93
N ILE E 276 -0.21 10.67 20.33
CA ILE E 276 -0.21 9.24 19.99
C ILE E 276 0.88 8.90 18.99
N TYR E 277 1.04 9.69 17.90
CA TYR E 277 2.09 9.57 16.90
C TYR E 277 3.49 9.72 17.52
N CYS E 278 3.68 10.73 18.40
CA CYS E 278 4.89 11.01 19.14
C CYS E 278 5.27 9.88 20.09
N ARG E 279 4.28 9.28 20.78
CA ARG E 279 4.45 8.08 21.61
C ARG E 279 4.91 6.91 20.75
N ASP E 280 4.29 6.74 19.57
CA ASP E 280 4.61 5.69 18.62
C ASP E 280 6.03 5.78 18.03
N ASN E 281 6.54 6.99 17.78
CA ASN E 281 7.83 7.15 17.12
C ASN E 281 8.95 7.46 18.11
N GLY E 282 8.65 7.43 19.44
CA GLY E 282 9.64 7.62 20.49
C GLY E 282 10.17 9.03 20.59
N LEU E 283 9.32 10.03 20.31
CA LEU E 283 9.68 11.44 20.28
C LEU E 283 9.61 12.13 21.64
N LEU E 284 9.85 13.46 21.65
CA LEU E 284 9.39 14.33 22.72
C LEU E 284 8.55 15.49 22.16
N LEU E 285 7.43 15.83 22.83
CA LEU E 285 6.43 16.79 22.35
C LEU E 285 6.15 18.00 23.26
N HIS E 286 6.60 19.21 22.85
CA HIS E 286 6.32 20.49 23.51
C HIS E 286 5.02 21.18 23.04
N ILE E 287 4.17 21.63 23.99
CA ILE E 287 2.86 22.21 23.73
C ILE E 287 2.88 23.72 23.97
N HIS E 288 2.46 24.57 23.02
CA HIS E 288 2.40 26.02 23.27
C HIS E 288 1.09 26.43 23.97
N ARG E 289 1.07 27.56 24.71
CA ARG E 289 -0.10 28.04 25.43
C ARG E 289 -0.30 29.50 25.06
N ALA E 290 -1.52 29.86 24.58
CA ALA E 290 -1.81 31.20 24.10
C ALA E 290 -3.31 31.48 24.17
N MET E 291 -3.71 32.74 23.92
CA MET E 291 -5.08 33.25 23.87
C MET E 291 -5.55 33.70 25.25
N HIS E 292 -4.60 34.17 26.07
CA HIS E 292 -4.76 34.48 27.48
C HIS E 292 -5.84 35.49 27.85
N ALA E 293 -6.10 36.52 27.02
CA ALA E 293 -7.16 37.47 27.29
C ALA E 293 -8.57 36.99 26.95
N VAL E 294 -8.73 35.98 26.05
CA VAL E 294 -10.03 35.47 25.64
C VAL E 294 -10.34 34.07 26.15
N ILE E 295 -9.36 33.34 26.69
CA ILE E 295 -9.57 32.07 27.36
C ILE E 295 -9.32 32.27 28.85
N ASP E 296 -8.03 32.28 29.25
CA ASP E 296 -7.50 32.24 30.60
C ASP E 296 -8.03 33.34 31.53
N ARG E 297 -8.17 34.58 31.01
CA ARG E 297 -8.61 35.75 31.73
C ARG E 297 -10.11 35.98 31.70
N GLN E 298 -10.96 34.96 31.47
CA GLN E 298 -12.41 35.19 31.46
C GLN E 298 -13.01 35.24 32.87
N ARG E 299 -12.67 36.32 33.61
CA ARG E 299 -12.88 36.65 35.01
C ARG E 299 -13.95 35.86 35.77
N ASN E 300 -15.23 36.26 35.63
CA ASN E 300 -16.34 35.55 36.21
C ASN E 300 -17.13 34.80 35.15
N HIS E 301 -16.65 34.81 33.88
CA HIS E 301 -17.44 34.42 32.72
C HIS E 301 -16.86 33.35 31.82
N GLY E 302 -15.85 32.56 32.24
CA GLY E 302 -15.37 31.47 31.38
C GLY E 302 -14.33 30.59 32.00
N ILE E 303 -13.12 30.53 31.41
CA ILE E 303 -12.11 29.55 31.73
C ILE E 303 -11.14 30.14 32.75
N HIS E 304 -10.48 29.30 33.56
CA HIS E 304 -9.47 29.74 34.51
C HIS E 304 -8.27 28.80 34.40
N PHE E 305 -7.13 29.23 34.92
CA PHE E 305 -5.83 28.59 34.90
C PHE E 305 -5.79 27.18 35.47
N ARG E 306 -6.48 26.88 36.61
CA ARG E 306 -6.40 25.53 37.15
C ARG E 306 -7.14 24.50 36.29
N VAL E 307 -8.31 24.87 35.73
CA VAL E 307 -9.07 24.04 34.81
C VAL E 307 -8.37 23.90 33.47
N LEU E 308 -7.67 24.96 33.03
CA LEU E 308 -6.83 24.95 31.84
C LEU E 308 -5.66 23.98 31.98
N ALA E 309 -4.97 23.98 33.15
CA ALA E 309 -3.90 23.04 33.43
C ALA E 309 -4.39 21.59 33.45
N LYS E 310 -5.58 21.34 34.06
CA LYS E 310 -6.19 20.03 33.99
C LYS E 310 -6.58 19.61 32.57
N ALA E 311 -7.22 20.50 31.78
CA ALA E 311 -7.62 20.22 30.41
C ALA E 311 -6.43 19.98 29.47
N LEU E 312 -5.36 20.78 29.60
CA LEU E 312 -4.14 20.63 28.83
C LEU E 312 -3.44 19.32 29.12
N ARG E 313 -3.34 18.91 30.42
CA ARG E 313 -2.67 17.66 30.78
C ARG E 313 -3.51 16.42 30.45
N MET E 314 -4.85 16.54 30.41
CA MET E 314 -5.79 15.50 30.01
C MET E 314 -6.02 15.34 28.49
N SER E 315 -5.49 16.26 27.66
CA SER E 315 -4.94 15.83 26.38
C SER E 315 -3.50 15.36 26.47
N GLY E 316 -2.55 16.16 26.98
CA GLY E 316 -1.17 15.72 27.20
C GLY E 316 -0.13 16.47 26.42
N GLY E 317 1.13 16.29 26.85
CA GLY E 317 2.30 16.93 26.26
C GLY E 317 3.42 16.70 27.23
N ASP E 318 4.68 16.82 26.78
CA ASP E 318 5.83 16.54 27.62
C ASP E 318 6.37 17.83 28.22
N HIS E 319 6.45 18.90 27.40
CA HIS E 319 6.59 20.26 27.88
C HIS E 319 5.31 21.03 27.61
N LEU E 320 5.03 22.08 28.41
CA LEU E 320 3.93 22.99 28.14
C LEU E 320 4.32 24.38 28.63
N HIS E 321 4.12 25.42 27.80
CA HIS E 321 4.47 26.78 28.16
C HIS E 321 3.69 27.36 29.32
N SER E 322 4.27 28.41 29.94
CA SER E 322 4.09 28.50 31.39
C SER E 322 3.54 29.86 31.70
N GLY E 323 4.41 30.90 31.66
CA GLY E 323 4.09 32.28 31.94
C GLY E 323 5.14 33.07 31.22
N THR E 324 4.84 34.30 30.75
CA THR E 324 5.88 35.13 30.12
C THR E 324 6.37 36.19 31.09
N VAL E 325 5.71 36.29 32.27
CA VAL E 325 6.01 37.15 33.41
C VAL E 325 5.40 38.53 33.19
N VAL E 326 5.71 39.12 32.04
CA VAL E 326 5.22 40.39 31.54
C VAL E 326 4.86 40.16 30.09
N GLY E 327 4.12 41.09 29.46
CA GLY E 327 3.66 40.92 28.08
C GLY E 327 2.47 40.01 27.91
N LYS E 328 2.54 39.08 26.93
CA LYS E 328 1.41 38.28 26.50
C LYS E 328 0.73 37.34 27.49
N LEU E 329 1.47 36.65 28.38
CA LEU E 329 0.92 35.77 29.41
C LEU E 329 1.22 36.34 30.78
N GLU E 330 0.65 35.74 31.84
CA GLU E 330 0.74 36.20 33.20
C GLU E 330 2.10 35.98 33.86
N GLY E 331 2.23 36.50 35.10
CA GLY E 331 3.40 36.24 35.93
C GLY E 331 3.07 36.19 37.39
N GLU E 332 1.79 35.99 37.77
CA GLU E 332 1.34 36.19 39.14
C GLU E 332 1.51 34.97 40.03
N ARG E 333 1.96 35.18 41.29
CA ARG E 333 2.28 34.10 42.23
C ARG E 333 1.07 33.26 42.64
N GLU E 334 -0.14 33.84 42.72
CA GLU E 334 -1.34 33.13 43.12
C GLU E 334 -2.04 32.48 41.94
N VAL E 335 -1.47 32.62 40.74
CA VAL E 335 -2.00 32.07 39.50
C VAL E 335 -1.12 30.93 39.03
N THR E 336 0.21 31.18 38.97
CA THR E 336 1.13 30.29 38.28
C THR E 336 1.46 29.02 39.06
N LEU E 337 1.27 29.02 40.38
CA LEU E 337 2.02 28.08 41.22
C LEU E 337 1.13 26.85 41.38
N GLY E 338 -0.20 27.08 41.50
CA GLY E 338 -1.25 26.08 41.36
C GLY E 338 -1.24 25.46 39.99
N PHE E 339 -1.23 26.30 38.93
CA PHE E 339 -1.17 25.88 37.53
C PHE E 339 0.02 24.94 37.24
N VAL E 340 1.24 25.30 37.71
CA VAL E 340 2.43 24.47 37.61
C VAL E 340 2.33 23.19 38.45
N ASP E 341 1.78 23.22 39.69
CA ASP E 341 1.60 22.03 40.52
C ASP E 341 0.71 21.00 39.82
N LEU E 342 -0.36 21.47 39.14
CA LEU E 342 -1.29 20.59 38.45
C LEU E 342 -0.69 20.01 37.18
N MET E 343 0.42 20.58 36.68
CA MET E 343 1.14 20.02 35.57
C MET E 343 2.28 19.08 35.98
N ARG E 344 3.09 19.51 36.96
CA ARG E 344 4.24 18.76 37.44
C ARG E 344 3.97 17.44 38.15
N ASP E 345 2.97 17.41 39.08
CA ASP E 345 2.93 16.39 40.12
C ASP E 345 1.75 15.43 40.11
N ASP E 346 1.81 14.44 41.02
CA ASP E 346 0.89 13.33 41.17
C ASP E 346 0.56 13.21 42.66
N TYR E 347 -0.45 12.38 42.99
CA TYR E 347 -0.97 12.02 44.30
C TYR E 347 -1.11 13.13 45.35
N VAL E 348 -2.15 13.98 45.16
CA VAL E 348 -2.47 15.11 46.02
C VAL E 348 -3.98 15.30 46.14
N GLU E 349 -4.54 15.25 47.38
CA GLU E 349 -5.96 15.50 47.63
C GLU E 349 -6.38 16.95 47.46
N LYS E 350 -7.67 17.15 47.10
CA LYS E 350 -8.32 18.45 46.97
C LYS E 350 -8.26 19.36 48.20
N ASP E 351 -8.07 20.68 47.95
CA ASP E 351 -7.99 21.68 48.99
C ASP E 351 -8.61 22.98 48.47
N ARG E 352 -9.57 23.56 49.23
CA ARG E 352 -10.26 24.78 48.86
C ARG E 352 -9.37 26.02 48.92
N SER E 353 -8.24 25.97 49.65
CA SER E 353 -7.30 27.09 49.72
C SER E 353 -6.46 27.21 48.46
N ARG E 354 -6.44 26.15 47.62
CA ARG E 354 -5.74 26.14 46.35
C ARG E 354 -6.76 26.19 45.21
N GLY E 355 -8.06 26.39 45.54
CA GLY E 355 -9.16 26.40 44.58
C GLY E 355 -9.44 25.06 43.95
N ILE E 356 -9.10 23.96 44.63
CA ILE E 356 -9.32 22.63 44.12
C ILE E 356 -10.53 22.05 44.83
N TYR E 357 -11.56 21.70 44.06
CA TYR E 357 -12.83 21.25 44.57
C TYR E 357 -12.99 19.75 44.35
N PHE E 358 -12.12 19.12 43.52
CA PHE E 358 -12.21 17.72 43.18
C PHE E 358 -10.87 17.03 43.01
N THR E 359 -10.78 15.74 43.40
CA THR E 359 -9.57 14.93 43.26
C THR E 359 -9.81 13.88 42.19
N GLN E 360 -8.85 13.67 41.29
CA GLN E 360 -8.88 12.63 40.27
C GLN E 360 -7.77 11.66 40.60
N ASP E 361 -8.09 10.36 40.80
CA ASP E 361 -7.16 9.36 41.29
C ASP E 361 -6.00 8.97 40.36
N TRP E 362 -4.98 9.85 40.29
CA TRP E 362 -3.64 9.66 40.82
C TRP E 362 -2.98 8.27 40.92
N CYS E 363 -1.64 8.29 41.11
CA CYS E 363 -0.74 7.15 41.16
C CYS E 363 -0.51 6.54 39.80
N SER E 364 0.43 7.14 39.03
CA SER E 364 0.89 6.71 37.71
C SER E 364 0.48 7.68 36.62
N MET E 365 0.20 8.97 36.94
CA MET E 365 -0.15 9.95 35.93
C MET E 365 1.14 10.74 35.60
N PRO E 366 1.72 10.69 34.40
CA PRO E 366 2.90 11.46 34.01
C PRO E 366 2.87 12.94 34.34
N GLY E 367 4.02 13.55 34.70
CA GLY E 367 4.14 15.00 34.86
C GLY E 367 4.51 15.66 33.56
N VAL E 368 4.18 16.95 33.41
CA VAL E 368 4.45 17.73 32.21
C VAL E 368 5.12 19.05 32.58
N MET E 369 6.08 19.51 31.76
CA MET E 369 7.21 20.31 32.21
C MET E 369 6.98 21.79 31.85
N PRO E 370 6.93 22.75 32.76
CA PRO E 370 6.66 24.14 32.42
C PRO E 370 7.78 24.83 31.64
N VAL E 371 7.43 25.65 30.61
CA VAL E 371 8.40 26.42 29.84
C VAL E 371 8.10 27.91 30.02
N ALA E 372 9.02 28.61 30.71
CA ALA E 372 8.98 30.01 31.07
C ALA E 372 9.65 30.95 30.10
N SER E 373 8.91 31.91 29.50
CA SER E 373 9.50 32.78 28.48
C SER E 373 9.14 34.23 28.77
N GLY E 374 9.69 34.83 29.85
CA GLY E 374 11.14 35.07 29.94
C GLY E 374 11.55 36.40 29.35
N GLY E 375 10.66 37.42 29.43
CA GLY E 375 10.87 38.71 28.78
C GLY E 375 11.90 39.59 29.41
N ILE E 376 12.16 39.43 30.72
CA ILE E 376 13.19 40.15 31.44
C ILE E 376 14.32 39.23 31.91
N HIS E 377 15.58 39.68 31.73
CA HIS E 377 16.77 38.95 32.16
C HIS E 377 17.27 39.44 33.53
N VAL E 378 18.53 39.94 33.63
CA VAL E 378 19.52 39.42 34.58
C VAL E 378 19.13 39.51 36.05
N TRP E 379 18.55 40.65 36.48
CA TRP E 379 18.19 40.95 37.86
C TRP E 379 16.98 40.15 38.34
N HIS E 380 16.17 39.62 37.41
CA HIS E 380 15.00 38.83 37.77
C HIS E 380 15.30 37.34 37.74
N MET E 381 16.56 36.94 37.43
CA MET E 381 16.99 35.56 37.59
C MET E 381 16.99 35.04 39.03
N PRO E 382 17.48 35.76 40.06
CA PRO E 382 17.34 35.39 41.47
C PRO E 382 15.94 35.01 41.90
N ALA E 383 14.93 35.88 41.68
CA ALA E 383 13.55 35.59 42.05
C ALA E 383 12.96 34.42 41.28
N LEU E 384 13.26 34.31 39.96
CA LEU E 384 12.79 33.23 39.12
C LEU E 384 13.29 31.88 39.58
N VAL E 385 14.60 31.79 39.92
CA VAL E 385 15.25 30.58 40.42
C VAL E 385 14.70 30.24 41.81
N GLU E 386 14.51 31.24 42.68
CA GLU E 386 13.97 31.03 44.01
C GLU E 386 12.52 30.53 44.01
N ILE E 387 11.66 31.05 43.12
CA ILE E 387 10.29 30.58 42.96
C ILE E 387 10.16 29.20 42.30
N PHE E 388 10.91 28.95 41.20
CA PHE E 388 10.71 27.76 40.39
C PHE E 388 11.79 26.68 40.49
N GLY E 389 12.97 26.94 41.09
CA GLY E 389 14.03 25.94 41.19
C GLY E 389 14.50 25.36 39.88
N ASP E 390 14.41 24.02 39.74
CA ASP E 390 14.87 23.30 38.57
C ASP E 390 13.67 22.71 37.81
N ASP E 391 12.47 23.30 37.97
CA ASP E 391 11.53 23.55 36.89
C ASP E 391 12.08 24.54 35.85
N ALA E 392 11.64 24.41 34.58
CA ALA E 392 12.01 25.25 33.44
C ALA E 392 13.42 24.91 32.89
N CYS E 393 13.74 25.03 31.58
CA CYS E 393 13.01 25.48 30.41
C CYS E 393 12.71 26.97 30.44
N LEU E 394 13.76 27.76 30.63
CA LEU E 394 13.67 29.21 30.69
C LEU E 394 14.11 29.74 29.35
N GLN E 395 13.15 30.22 28.55
CA GLN E 395 13.39 30.64 27.19
C GLN E 395 13.37 32.15 27.13
N PHE E 396 14.55 32.81 27.09
CA PHE E 396 14.54 34.26 27.17
C PHE E 396 13.97 34.95 25.93
N GLY E 397 13.46 36.18 26.13
CA GLY E 397 13.00 37.04 25.05
C GLY E 397 13.83 38.30 25.00
N GLY E 398 14.36 38.72 26.16
CA GLY E 398 15.27 39.86 26.25
C GLY E 398 16.70 39.44 26.08
N GLY E 399 17.09 38.30 26.70
CA GLY E 399 18.43 37.74 26.66
C GLY E 399 18.86 37.31 25.27
N THR E 400 20.18 37.23 25.02
CA THR E 400 20.76 36.74 23.76
C THR E 400 20.56 37.72 22.62
N LEU E 401 19.34 37.80 22.07
CA LEU E 401 18.95 38.62 20.92
C LEU E 401 18.62 40.06 21.33
N GLY E 402 19.27 40.52 22.41
CA GLY E 402 19.16 41.85 22.98
C GLY E 402 20.48 42.29 23.53
N HIS E 403 21.59 41.63 23.13
CA HIS E 403 22.91 41.92 23.63
C HIS E 403 23.70 42.55 22.50
N PRO E 404 24.23 43.79 22.59
CA PRO E 404 24.81 44.47 21.45
C PRO E 404 26.20 43.97 21.08
N TRP E 405 26.73 42.92 21.74
CA TRP E 405 27.96 42.28 21.32
C TRP E 405 27.70 41.05 20.45
N GLY E 406 26.41 40.68 20.24
CA GLY E 406 26.03 39.58 19.34
C GLY E 406 25.57 38.34 20.05
N ASN E 407 25.18 37.33 19.27
CA ASN E 407 24.54 36.13 19.79
C ASN E 407 25.42 35.28 20.69
N ALA E 408 26.70 35.06 20.35
CA ALA E 408 27.59 34.29 21.20
C ALA E 408 27.88 34.94 22.57
N PRO E 409 28.25 36.22 22.73
CA PRO E 409 28.40 36.83 24.05
C PRO E 409 27.08 37.00 24.77
N GLY E 410 25.96 37.15 24.03
CA GLY E 410 24.62 37.22 24.62
C GLY E 410 24.23 35.94 25.31
N ALA E 411 24.36 34.82 24.59
CA ALA E 411 24.14 33.47 25.08
C ALA E 411 25.11 33.10 26.20
N ALA E 412 26.38 33.51 26.06
CA ALA E 412 27.40 33.29 27.08
C ALA E 412 27.06 34.04 28.37
N ALA E 413 26.60 35.30 28.29
CA ALA E 413 26.17 36.07 29.44
C ALA E 413 24.98 35.43 30.15
N ASN E 414 24.00 34.90 29.37
CA ASN E 414 22.83 34.24 29.95
C ASN E 414 23.22 32.92 30.61
N ARG E 415 24.14 32.17 29.98
CA ARG E 415 24.72 30.95 30.51
C ARG E 415 25.55 31.14 31.76
N VAL E 416 26.36 32.22 31.79
CA VAL E 416 27.13 32.64 32.95
C VAL E 416 26.21 33.02 34.09
N ALA E 417 25.13 33.80 33.80
CA ALA E 417 24.17 34.13 34.83
C ALA E 417 23.42 32.92 35.39
N LEU E 418 23.05 31.92 34.55
CA LEU E 418 22.46 30.68 35.03
C LEU E 418 23.41 29.86 35.89
N GLU E 419 24.68 29.71 35.48
CA GLU E 419 25.66 28.94 36.23
C GLU E 419 26.06 29.65 37.53
N ALA E 420 26.21 31.00 37.51
CA ALA E 420 26.44 31.79 38.69
C ALA E 420 25.29 31.72 39.70
N CYS E 421 24.03 31.78 39.22
CA CYS E 421 22.85 31.58 40.05
C CYS E 421 22.76 30.17 40.60
N THR E 422 23.09 29.15 39.78
CA THR E 422 23.06 27.75 40.19
C THR E 422 24.14 27.42 41.19
N GLN E 423 25.33 28.04 41.07
CA GLN E 423 26.38 27.94 42.08
C GLN E 423 25.97 28.60 43.40
N ALA E 424 25.32 29.79 43.33
CA ALA E 424 24.75 30.47 44.49
C ALA E 424 23.67 29.64 45.19
N ARG E 425 22.83 28.95 44.40
CA ARG E 425 21.79 28.05 44.86
C ARG E 425 22.38 26.81 45.52
N ASN E 426 23.52 26.29 45.00
CA ASN E 426 24.30 25.20 45.57
C ASN E 426 25.00 25.61 46.87
N GLU E 427 25.30 26.91 47.03
CA GLU E 427 25.91 27.47 48.23
C GLU E 427 24.87 27.74 49.32
N GLY E 428 23.58 27.54 49.04
CA GLY E 428 22.50 27.77 50.01
C GLY E 428 22.28 29.21 50.36
N ARG E 429 22.45 30.11 49.38
CA ARG E 429 22.30 31.54 49.57
C ARG E 429 20.84 32.02 49.63
N ASP E 430 20.60 33.16 50.29
CA ASP E 430 19.28 33.77 50.38
C ASP E 430 19.06 34.61 49.12
N LEU E 431 18.56 33.99 48.03
CA LEU E 431 18.58 34.52 46.67
C LEU E 431 17.97 35.91 46.49
N ALA E 432 16.87 36.24 47.21
CA ALA E 432 16.24 37.53 47.12
C ALA E 432 17.14 38.70 47.55
N ARG E 433 18.04 38.47 48.52
CA ARG E 433 18.95 39.52 48.97
C ARG E 433 20.38 39.31 48.48
N GLU E 434 20.82 38.04 48.39
CA GLU E 434 22.15 37.71 47.95
C GLU E 434 22.36 37.83 46.45
N GLY E 435 21.31 37.58 45.63
CA GLY E 435 21.43 37.47 44.17
C GLY E 435 21.99 38.65 43.44
N GLY E 436 21.70 39.88 43.91
CA GLY E 436 22.28 41.11 43.39
C GLY E 436 23.77 41.21 43.57
N ASP E 437 24.29 40.70 44.70
CA ASP E 437 25.69 40.77 45.05
C ASP E 437 26.43 39.63 44.33
N VAL E 438 25.74 38.50 44.10
CA VAL E 438 26.20 37.40 43.27
C VAL E 438 26.40 37.86 41.83
N ILE E 439 25.44 38.62 41.27
CA ILE E 439 25.55 39.21 39.95
C ILE E 439 26.70 40.21 39.84
N ARG E 440 26.86 41.11 40.82
CA ARG E 440 28.00 42.02 40.92
C ARG E 440 29.36 41.33 41.00
N SER E 441 29.43 40.24 41.80
CA SER E 441 30.61 39.40 41.99
C SER E 441 30.98 38.64 40.73
N ALA E 442 29.97 38.10 40.01
CA ALA E 442 30.09 37.40 38.74
C ALA E 442 30.65 38.27 37.62
N CYS E 443 30.28 39.56 37.59
CA CYS E 443 30.62 40.51 36.54
C CYS E 443 32.09 40.88 36.42
N LYS E 444 32.94 40.61 37.43
CA LYS E 444 34.35 41.00 37.41
C LYS E 444 35.15 40.49 36.20
N TRP E 445 34.98 39.22 35.80
CA TRP E 445 35.57 38.72 34.56
C TRP E 445 34.80 37.50 34.08
N SER E 446 33.47 37.58 34.03
CA SER E 446 32.79 37.59 32.75
C SER E 446 32.54 38.98 32.19
N PRO E 447 33.30 39.48 31.20
CA PRO E 447 33.00 40.74 30.52
C PRO E 447 31.61 40.74 29.88
N GLU E 448 31.14 39.56 29.41
CA GLU E 448 29.85 39.37 28.77
C GLU E 448 28.69 39.68 29.70
N LEU E 449 28.81 39.27 30.98
CA LEU E 449 27.82 39.54 32.00
C LEU E 449 27.91 40.97 32.50
N ALA E 450 29.12 41.57 32.52
CA ALA E 450 29.31 42.97 32.83
C ALA E 450 28.57 43.87 31.83
N ALA E 451 28.62 43.49 30.54
CA ALA E 451 27.91 44.16 29.47
C ALA E 451 26.41 43.95 29.58
N ALA E 452 25.96 42.72 29.95
CA ALA E 452 24.57 42.37 30.17
C ALA E 452 23.92 43.17 31.30
N CYS E 453 24.70 43.51 32.34
CA CYS E 453 24.22 44.18 33.54
C CYS E 453 24.28 45.68 33.38
N GLU E 454 25.13 46.20 32.47
CA GLU E 454 25.07 47.60 32.10
C GLU E 454 23.89 47.86 31.16
N VAL E 455 23.66 46.96 30.18
CA VAL E 455 22.58 47.03 29.20
C VAL E 455 21.19 46.91 29.83
N TRP E 456 21.02 45.97 30.77
CA TRP E 456 19.76 45.78 31.47
C TRP E 456 19.84 46.24 32.92
N LYS E 457 20.15 47.53 33.17
CA LYS E 457 20.20 48.05 34.53
C LYS E 457 18.89 48.67 35.00
N GLU E 458 17.87 48.77 34.13
CA GLU E 458 16.58 49.34 34.52
C GLU E 458 15.56 48.31 35.00
N ILE E 459 15.65 47.04 34.57
CA ILE E 459 14.68 46.01 34.94
C ILE E 459 14.96 45.42 36.32
N LYS E 460 14.06 45.65 37.29
CA LYS E 460 14.20 45.13 38.64
C LYS E 460 12.95 44.40 39.12
N PHE E 461 11.95 44.22 38.26
CA PHE E 461 10.70 43.54 38.57
C PHE E 461 10.87 42.08 38.99
N GLU E 462 10.09 41.64 39.99
CA GLU E 462 10.08 40.27 40.48
C GLU E 462 8.83 39.63 39.92
N PHE E 463 7.75 39.60 40.72
CA PHE E 463 6.46 39.10 40.32
C PHE E 463 5.45 39.88 41.13
N ASP E 464 4.23 40.06 40.60
CA ASP E 464 3.08 40.45 41.40
C ASP E 464 2.49 39.20 42.06
N THR E 465 1.78 39.35 43.19
CA THR E 465 1.33 38.20 43.98
C THR E 465 -0.07 37.82 43.56
N ILE E 466 -0.99 38.81 43.55
CA ILE E 466 -2.43 38.57 43.48
C ILE E 466 -2.84 38.66 42.02
N ASP E 467 -3.86 37.90 41.57
CA ASP E 467 -4.33 37.91 40.20
C ASP E 467 -4.82 39.27 39.67
N LYS E 468 -4.65 39.49 38.37
CA LYS E 468 -4.95 40.76 37.72
C LYS E 468 -5.55 40.50 36.34
N LEU E 469 -6.67 39.75 36.29
CA LEU E 469 -7.27 39.30 35.05
C LEU E 469 -8.08 40.39 34.32
N MET F 1 -44.77 -41.91 6.92
CA MET F 1 -44.11 -40.81 7.68
C MET F 1 -42.68 -40.52 7.22
N MET F 2 -42.15 -39.29 7.31
CA MET F 2 -42.78 -38.05 7.70
C MET F 2 -42.51 -37.00 6.64
N VAL F 3 -43.56 -36.53 5.95
CA VAL F 3 -43.43 -35.50 4.93
C VAL F 3 -43.54 -34.13 5.57
N TRP F 4 -42.44 -33.36 5.51
CA TRP F 4 -42.30 -32.07 6.15
C TRP F 4 -42.04 -31.02 5.10
N THR F 5 -42.73 -29.86 5.17
CA THR F 5 -42.60 -28.71 4.28
C THR F 5 -43.76 -27.75 4.57
N PRO F 6 -43.56 -26.44 4.69
CA PRO F 6 -44.69 -25.54 4.86
C PRO F 6 -45.31 -25.21 3.51
N VAL F 7 -46.50 -25.78 3.24
CA VAL F 7 -47.17 -25.68 1.96
C VAL F 7 -48.21 -24.57 1.96
N ASN F 8 -48.11 -23.65 0.98
CA ASN F 8 -48.98 -22.48 0.77
C ASN F 8 -48.82 -21.39 1.85
N ASN F 9 -47.75 -21.46 2.64
CA ASN F 9 -47.54 -20.61 3.80
C ASN F 9 -46.07 -20.77 4.15
N LYS F 10 -45.52 -19.89 5.01
CA LYS F 10 -44.16 -19.92 5.46
C LYS F 10 -44.12 -19.80 6.98
N MET F 11 -42.96 -20.01 7.62
CA MET F 11 -42.82 -19.89 9.06
C MET F 11 -42.57 -18.46 9.49
N PHE F 12 -43.64 -17.75 9.93
CA PHE F 12 -43.52 -16.40 10.45
C PHE F 12 -42.96 -16.34 11.87
N GLU F 13 -41.67 -16.70 11.99
CA GLU F 13 -40.83 -16.66 13.17
C GLU F 13 -41.41 -17.39 14.39
N THR F 14 -41.13 -16.92 15.62
CA THR F 14 -41.47 -17.59 16.87
C THR F 14 -42.97 -17.77 17.07
N PHE F 15 -43.38 -19.00 17.42
CA PHE F 15 -44.75 -19.45 17.66
C PHE F 15 -45.49 -19.82 16.39
N SER F 16 -44.80 -20.01 15.24
CA SER F 16 -45.42 -20.48 14.01
C SER F 16 -45.32 -21.99 13.89
N TYR F 17 -44.58 -22.64 14.81
CA TYR F 17 -44.37 -24.07 14.80
C TYR F 17 -45.33 -24.79 15.74
N LEU F 18 -46.36 -24.08 16.25
CA LEU F 18 -47.40 -24.64 17.09
C LEU F 18 -48.79 -24.18 16.63
N PRO F 19 -49.89 -24.86 17.01
CA PRO F 19 -51.27 -24.40 16.76
C PRO F 19 -51.57 -23.00 17.33
N PRO F 20 -52.38 -22.12 16.74
CA PRO F 20 -52.57 -20.74 17.21
C PRO F 20 -53.07 -20.56 18.64
N LEU F 21 -52.68 -19.46 19.30
CA LEU F 21 -53.19 -19.08 20.60
C LEU F 21 -54.45 -18.24 20.44
N THR F 22 -55.52 -18.54 21.20
CA THR F 22 -56.74 -17.73 21.15
C THR F 22 -56.53 -16.42 21.89
N ASP F 23 -57.46 -15.47 21.70
CA ASP F 23 -57.39 -14.13 22.24
C ASP F 23 -57.33 -14.12 23.78
N GLU F 24 -58.03 -15.07 24.43
CA GLU F 24 -58.03 -15.28 25.87
C GLU F 24 -56.68 -15.74 26.39
N GLN F 25 -56.00 -16.64 25.64
CA GLN F 25 -54.66 -17.10 25.95
C GLN F 25 -53.64 -15.99 25.81
N ILE F 26 -53.81 -15.13 24.77
CA ILE F 26 -52.98 -13.97 24.54
C ILE F 26 -53.14 -12.94 25.64
N ALA F 27 -54.39 -12.62 26.03
CA ALA F 27 -54.67 -11.71 27.13
C ALA F 27 -54.14 -12.19 28.48
N ALA F 28 -54.27 -13.50 28.78
CA ALA F 28 -53.73 -14.12 29.97
C ALA F 28 -52.20 -14.11 30.01
N GLN F 29 -51.54 -14.38 28.86
CA GLN F 29 -50.09 -14.35 28.77
C GLN F 29 -49.53 -12.92 28.81
N VAL F 30 -50.30 -11.93 28.30
CA VAL F 30 -49.99 -10.51 28.46
C VAL F 30 -50.11 -10.09 29.92
N ASP F 31 -51.17 -10.52 30.62
CA ASP F 31 -51.38 -10.25 32.03
C ASP F 31 -50.23 -10.79 32.89
N TYR F 32 -49.75 -12.01 32.57
CA TYR F 32 -48.58 -12.63 33.16
C TYR F 32 -47.29 -11.83 32.90
N ILE F 33 -47.08 -11.37 31.64
CA ILE F 33 -45.89 -10.62 31.25
C ILE F 33 -45.87 -9.25 31.97
N VAL F 34 -47.06 -8.63 32.14
CA VAL F 34 -47.25 -7.40 32.88
C VAL F 34 -46.96 -7.55 34.36
N ALA F 35 -47.43 -8.66 34.98
CA ALA F 35 -47.20 -9.00 36.37
C ALA F 35 -45.72 -9.17 36.72
N ASN F 36 -44.93 -9.68 35.76
CA ASN F 36 -43.50 -9.88 35.93
C ASN F 36 -42.66 -8.67 35.57
N GLY F 37 -43.28 -7.53 35.21
CA GLY F 37 -42.57 -6.27 34.99
C GLY F 37 -42.10 -6.03 33.58
N TRP F 38 -42.67 -6.72 32.60
CA TRP F 38 -42.39 -6.47 31.20
C TRP F 38 -43.37 -5.42 30.70
N ILE F 39 -42.97 -4.57 29.73
CA ILE F 39 -43.82 -3.50 29.22
C ILE F 39 -44.25 -3.76 27.78
N PRO F 40 -45.51 -4.17 27.51
CA PRO F 40 -46.00 -4.46 26.16
C PRO F 40 -46.04 -3.28 25.20
N CYS F 41 -45.90 -3.58 23.89
CA CYS F 41 -46.17 -2.64 22.82
C CYS F 41 -46.85 -3.42 21.70
N LEU F 42 -47.88 -2.83 21.08
CA LEU F 42 -48.58 -3.42 19.96
C LEU F 42 -47.99 -2.86 18.67
N GLU F 43 -47.64 -3.73 17.71
CA GLU F 43 -46.95 -3.30 16.52
C GLU F 43 -47.48 -4.07 15.31
N PHE F 44 -47.30 -3.54 14.10
CA PHE F 44 -47.84 -4.12 12.88
C PHE F 44 -46.85 -3.93 11.74
N ALA F 45 -46.95 -4.74 10.68
CA ALA F 45 -46.07 -4.60 9.53
C ALA F 45 -46.75 -5.05 8.26
N GLU F 46 -46.58 -4.31 7.14
CA GLU F 46 -47.17 -4.63 5.85
C GLU F 46 -46.70 -5.98 5.32
N ALA F 47 -47.55 -6.75 4.61
CA ALA F 47 -47.26 -8.13 4.26
C ALA F 47 -45.95 -8.39 3.51
N ASP F 48 -45.56 -7.55 2.55
CA ASP F 48 -44.30 -7.63 1.84
C ASP F 48 -43.12 -7.14 2.70
N LYS F 49 -43.38 -6.28 3.70
CA LYS F 49 -42.36 -5.72 4.58
C LYS F 49 -42.23 -6.46 5.91
N ALA F 50 -43.00 -7.55 6.10
CA ALA F 50 -42.95 -8.39 7.29
C ALA F 50 -42.24 -9.72 7.02
N TYR F 51 -41.79 -9.94 5.77
CA TYR F 51 -41.11 -11.15 5.36
C TYR F 51 -39.72 -10.75 4.93
N VAL F 52 -38.69 -11.44 5.47
CA VAL F 52 -37.30 -11.02 5.38
C VAL F 52 -36.74 -10.84 3.96
N SER F 53 -35.94 -9.78 3.74
CA SER F 53 -35.46 -9.39 2.43
C SER F 53 -34.04 -8.88 2.52
N ASN F 54 -33.31 -8.91 1.40
CA ASN F 54 -31.96 -8.37 1.34
C ASN F 54 -31.74 -7.54 0.09
N GLU F 55 -32.80 -7.18 -0.67
CA GLU F 55 -32.68 -6.45 -1.93
C GLU F 55 -32.06 -5.07 -1.78
N SER F 56 -32.34 -4.39 -0.66
CA SER F 56 -31.86 -3.05 -0.33
C SER F 56 -30.35 -2.94 -0.19
N ALA F 57 -29.66 -4.09 -0.10
CA ALA F 57 -28.23 -4.26 -0.09
C ALA F 57 -27.58 -3.71 -1.37
N ILE F 58 -28.34 -3.56 -2.47
CA ILE F 58 -27.86 -2.94 -3.69
C ILE F 58 -27.49 -1.46 -3.55
N ARG F 59 -28.22 -0.67 -2.75
CA ARG F 59 -27.94 0.75 -2.57
C ARG F 59 -26.71 1.04 -1.68
N PHE F 60 -26.23 0.04 -0.93
CA PHE F 60 -25.11 0.19 -0.02
C PHE F 60 -23.89 -0.57 -0.51
N GLY F 61 -22.69 0.06 -0.48
CA GLY F 61 -21.49 -0.52 -1.08
C GLY F 61 -20.89 -1.71 -0.38
N SER F 62 -21.04 -1.80 0.96
CA SER F 62 -20.50 -2.87 1.77
C SER F 62 -21.59 -3.69 2.42
N VAL F 63 -21.69 -4.97 2.02
CA VAL F 63 -22.75 -5.90 2.38
C VAL F 63 -22.16 -7.31 2.42
N SER F 64 -22.77 -8.31 3.11
CA SER F 64 -23.93 -8.30 3.99
C SER F 64 -23.74 -7.42 5.21
N CYS F 65 -22.53 -7.42 5.80
CA CYS F 65 -22.13 -6.61 6.95
C CYS F 65 -23.11 -6.47 8.10
N LEU F 66 -23.72 -7.61 8.52
CA LEU F 66 -24.72 -7.71 9.58
C LEU F 66 -26.08 -7.08 9.25
N TYR F 67 -26.22 -6.38 8.11
CA TYR F 67 -27.45 -5.80 7.58
C TYR F 67 -28.57 -6.81 7.32
N TYR F 68 -29.83 -6.37 7.48
CA TYR F 68 -31.00 -7.18 7.23
C TYR F 68 -32.09 -6.19 6.79
N ASP F 69 -33.19 -6.67 6.18
CA ASP F 69 -34.26 -5.80 5.75
C ASP F 69 -35.60 -6.55 5.77
N ASN F 70 -36.71 -5.80 5.71
CA ASN F 70 -38.10 -6.22 5.83
C ASN F 70 -38.37 -7.04 7.09
N ARG F 71 -37.83 -6.55 8.22
CA ARG F 71 -38.14 -7.03 9.55
C ARG F 71 -38.61 -5.92 10.48
N TYR F 72 -38.92 -4.73 9.96
CA TYR F 72 -39.33 -3.60 10.76
C TYR F 72 -40.85 -3.55 10.96
N TRP F 73 -41.28 -3.32 12.21
CA TRP F 73 -42.67 -3.27 12.61
C TRP F 73 -42.98 -1.84 13.05
N THR F 74 -44.13 -1.31 12.67
CA THR F 74 -44.62 0.03 12.97
C THR F 74 -45.50 -0.06 14.20
N MET F 75 -45.40 0.87 15.17
CA MET F 75 -46.17 0.79 16.40
C MET F 75 -47.62 1.25 16.27
N TRP F 76 -48.57 0.56 16.94
CA TRP F 76 -49.97 0.93 16.88
C TRP F 76 -50.33 2.05 17.87
N LYS F 77 -50.12 3.29 17.40
CA LYS F 77 -50.45 4.56 18.05
C LYS F 77 -49.62 4.89 19.29
N LEU F 78 -49.68 4.04 20.32
CA LEU F 78 -49.07 4.26 21.62
C LEU F 78 -48.44 2.98 22.14
N PRO F 79 -47.39 2.99 22.95
CA PRO F 79 -46.96 1.86 23.74
C PRO F 79 -47.80 1.74 25.02
N MET F 80 -47.78 0.60 25.73
CA MET F 80 -48.56 0.45 26.95
C MET F 80 -47.88 1.02 28.19
N PHE F 81 -47.64 2.35 28.20
CA PHE F 81 -47.04 3.05 29.33
C PHE F 81 -48.15 3.51 30.25
N GLY F 82 -47.96 3.42 31.58
CA GLY F 82 -48.98 3.71 32.57
C GLY F 82 -49.91 2.52 32.70
N CYS F 83 -51.07 2.60 32.00
CA CYS F 83 -52.07 1.55 31.89
C CYS F 83 -51.52 0.28 31.21
N ARG F 84 -51.95 -0.90 31.67
CA ARG F 84 -51.52 -2.19 31.16
C ARG F 84 -52.67 -3.12 30.74
N ASP F 85 -53.93 -2.67 30.94
CA ASP F 85 -55.18 -3.37 30.65
C ASP F 85 -55.24 -4.24 29.37
N PRO F 86 -55.34 -5.58 29.45
CA PRO F 86 -55.43 -6.44 28.26
C PRO F 86 -56.65 -6.21 27.40
N MET F 87 -57.75 -5.63 27.91
CA MET F 87 -58.89 -5.35 27.05
C MET F 87 -58.70 -4.10 26.22
N GLN F 88 -57.88 -3.15 26.71
CA GLN F 88 -57.45 -2.01 25.91
C GLN F 88 -56.59 -2.47 24.74
N VAL F 89 -55.69 -3.44 25.02
CA VAL F 89 -54.84 -4.07 24.01
C VAL F 89 -55.68 -4.84 22.99
N LEU F 90 -56.67 -5.62 23.45
CA LEU F 90 -57.56 -6.36 22.58
C LEU F 90 -58.43 -5.47 21.69
N ARG F 91 -58.98 -4.35 22.22
CA ARG F 91 -59.69 -3.37 21.41
C ARG F 91 -58.80 -2.70 20.37
N GLU F 92 -57.56 -2.40 20.75
CA GLU F 92 -56.55 -1.88 19.85
C GLU F 92 -56.14 -2.87 18.76
N ILE F 93 -56.02 -4.18 19.08
CA ILE F 93 -55.75 -5.25 18.11
C ILE F 93 -56.86 -5.35 17.07
N VAL F 94 -58.15 -5.30 17.50
CA VAL F 94 -59.29 -5.26 16.61
C VAL F 94 -59.32 -3.99 15.75
N ALA F 95 -59.04 -2.82 16.35
CA ALA F 95 -58.97 -1.56 15.63
C ALA F 95 -57.85 -1.52 14.60
N CYS F 96 -56.68 -2.10 14.93
CA CYS F 96 -55.52 -2.27 14.06
C CYS F 96 -55.85 -3.19 12.90
N THR F 97 -56.50 -4.33 13.21
CA THR F 97 -56.94 -5.35 12.26
C THR F 97 -57.94 -4.80 11.26
N LYS F 98 -58.89 -3.97 11.74
CA LYS F 98 -59.80 -3.24 10.91
C LYS F 98 -59.16 -2.16 10.04
N ALA F 99 -58.20 -1.40 10.62
CA ALA F 99 -57.48 -0.33 9.95
C ALA F 99 -56.55 -0.74 8.83
N PHE F 100 -55.82 -1.86 8.98
CA PHE F 100 -54.86 -2.31 7.99
C PHE F 100 -54.99 -3.80 7.69
N PRO F 101 -55.85 -4.25 6.77
CA PRO F 101 -56.02 -5.69 6.53
C PRO F 101 -54.87 -6.32 5.78
N ASP F 102 -53.97 -5.51 5.20
CA ASP F 102 -52.84 -5.99 4.44
C ASP F 102 -51.55 -5.94 5.25
N ALA F 103 -51.68 -5.66 6.56
CA ALA F 103 -50.59 -5.73 7.50
C ALA F 103 -50.79 -6.89 8.47
N TYR F 104 -49.68 -7.46 8.94
CA TYR F 104 -49.62 -8.42 10.01
C TYR F 104 -49.57 -7.66 11.34
N VAL F 105 -50.20 -8.18 12.39
CA VAL F 105 -50.25 -7.55 13.71
C VAL F 105 -49.58 -8.47 14.71
N ARG F 106 -48.68 -7.96 15.59
CA ARG F 106 -47.95 -8.75 16.57
C ARG F 106 -47.79 -8.00 17.88
N LEU F 107 -47.62 -8.72 19.02
CA LEU F 107 -47.27 -8.13 20.31
C LEU F 107 -45.81 -8.35 20.66
N VAL F 108 -45.17 -7.30 21.20
CA VAL F 108 -43.80 -7.32 21.67
C VAL F 108 -43.81 -6.70 23.07
N ALA F 109 -42.74 -6.88 23.86
CA ALA F 109 -42.67 -6.27 25.18
C ALA F 109 -41.22 -6.03 25.53
N PHE F 110 -40.89 -5.18 26.53
CA PHE F 110 -39.50 -5.06 26.97
C PHE F 110 -39.27 -5.11 28.47
N ASP F 111 -38.05 -5.56 28.85
CA ASP F 111 -37.50 -5.55 30.20
C ASP F 111 -36.58 -4.33 30.34
N ASN F 112 -37.01 -3.30 31.08
CA ASN F 112 -36.34 -2.02 31.19
C ASN F 112 -35.01 -2.07 31.96
N GLN F 113 -34.71 -3.17 32.69
CA GLN F 113 -33.45 -3.35 33.42
C GLN F 113 -32.21 -3.27 32.51
N LYS F 114 -32.25 -3.95 31.36
CA LYS F 114 -31.20 -3.89 30.36
C LYS F 114 -31.74 -3.28 29.06
N GLN F 115 -32.99 -2.77 29.12
CA GLN F 115 -33.80 -2.25 28.02
C GLN F 115 -33.87 -3.17 26.79
N VAL F 116 -34.18 -4.47 27.02
CA VAL F 116 -34.21 -5.48 25.98
C VAL F 116 -35.63 -5.88 25.63
N GLN F 117 -35.92 -5.89 24.31
CA GLN F 117 -37.23 -6.19 23.75
C GLN F 117 -37.41 -7.66 23.40
N ILE F 118 -38.52 -8.26 23.83
CA ILE F 118 -38.95 -9.61 23.53
C ILE F 118 -40.04 -9.56 22.48
N MET F 119 -39.92 -10.40 21.43
CA MET F 119 -40.84 -10.43 20.32
C MET F 119 -41.71 -11.65 20.53
N GLY F 120 -43.00 -11.45 20.87
CA GLY F 120 -43.89 -12.53 21.29
C GLY F 120 -44.87 -12.96 20.25
N PHE F 121 -46.04 -13.42 20.70
CA PHE F 121 -47.15 -13.88 19.90
C PHE F 121 -47.91 -12.74 19.23
N LEU F 122 -48.49 -12.93 18.04
CA LEU F 122 -48.40 -14.05 17.13
C LEU F 122 -48.52 -13.36 15.79
N VAL F 123 -47.90 -13.85 14.70
CA VAL F 123 -48.04 -13.13 13.44
C VAL F 123 -49.38 -13.50 12.79
N GLN F 124 -50.31 -12.52 12.75
CA GLN F 124 -51.70 -12.70 12.38
C GLN F 124 -52.18 -11.56 11.51
N ARG F 125 -53.01 -11.86 10.50
CA ARG F 125 -53.57 -10.90 9.55
C ARG F 125 -55.00 -11.37 9.29
N PRO F 126 -56.00 -10.59 8.88
CA PRO F 126 -57.36 -11.13 8.65
C PRO F 126 -57.46 -11.93 7.37
N LYS F 127 -56.32 -12.20 6.70
CA LYS F 127 -56.20 -12.96 5.48
C LYS F 127 -55.16 -14.09 5.65
N THR F 128 -54.70 -14.38 6.91
CA THR F 128 -53.71 -15.42 7.29
C THR F 128 -53.65 -16.68 6.45
N ALA F 129 -52.47 -17.01 5.90
CA ALA F 129 -52.23 -18.18 5.06
C ALA F 129 -52.30 -19.52 5.81
N ARG F 130 -52.54 -20.60 5.04
CA ARG F 130 -52.80 -21.97 5.47
C ARG F 130 -52.27 -22.50 6.80
N ASP F 131 -53.18 -23.05 7.62
CA ASP F 131 -52.89 -23.70 8.88
C ASP F 131 -51.98 -24.94 8.73
N PHE F 132 -50.97 -25.11 9.61
CA PHE F 132 -50.02 -26.20 9.54
C PHE F 132 -50.50 -27.43 10.33
N THR G 1 13.60 50.74 6.73
CA THR G 1 14.82 49.93 6.37
C THR G 1 14.48 48.56 5.80
N LYS G 2 15.21 48.11 4.76
CA LYS G 2 15.05 46.80 4.15
C LYS G 2 15.94 45.72 4.74
N ALA G 3 16.76 46.07 5.76
CA ALA G 3 17.69 45.23 6.52
C ALA G 3 19.02 45.97 6.59
N GLY G 4 19.83 45.66 7.62
CA GLY G 4 21.13 46.28 7.83
C GLY G 4 21.12 47.48 8.74
N ALA G 5 20.16 47.53 9.68
CA ALA G 5 20.04 48.63 10.63
C ALA G 5 20.75 48.34 11.95
N GLY G 6 21.76 49.15 12.30
CA GLY G 6 22.42 49.12 13.60
C GLY G 6 21.65 49.88 14.63
N PHE G 7 20.56 49.28 15.12
CA PHE G 7 19.74 49.84 16.18
C PHE G 7 20.51 50.03 17.49
N LYS G 8 20.37 51.20 18.15
CA LYS G 8 20.87 51.42 19.49
C LYS G 8 20.12 50.53 20.48
N ALA G 9 20.78 50.04 21.55
CA ALA G 9 20.16 49.15 22.50
C ALA G 9 18.94 49.72 23.24
N GLY G 10 17.83 48.96 23.27
CA GLY G 10 16.58 49.34 23.94
C GLY G 10 15.42 49.40 22.97
N VAL G 11 14.18 49.26 23.47
CA VAL G 11 12.99 49.31 22.63
C VAL G 11 12.63 50.72 22.15
N LYS G 12 12.65 50.94 20.82
CA LYS G 12 12.26 52.19 20.18
C LYS G 12 10.75 52.35 20.25
N ASP G 13 10.22 53.60 20.34
CA ASP G 13 8.79 53.88 20.38
C ASP G 13 8.03 53.27 19.21
N TYR G 14 6.97 52.50 19.51
CA TYR G 14 6.12 51.84 18.55
C TYR G 14 5.37 52.83 17.67
N ARG G 15 5.08 54.05 18.17
CA ARG G 15 4.43 55.07 17.39
C ARG G 15 5.34 55.71 16.34
N LEU G 16 6.66 55.52 16.49
CA LEU G 16 7.66 55.94 15.53
C LEU G 16 8.13 54.77 14.67
N THR G 17 7.54 53.56 14.83
CA THR G 17 8.00 52.39 14.08
C THR G 17 6.90 51.50 13.52
N TYR G 18 5.64 51.55 14.01
CA TYR G 18 4.56 50.71 13.51
C TYR G 18 3.22 51.45 13.47
N TYR G 19 3.22 52.81 13.46
CA TYR G 19 2.01 53.61 13.40
C TYR G 19 2.02 54.54 12.19
N THR G 20 1.03 54.41 11.30
CA THR G 20 0.98 55.13 10.02
C THR G 20 -0.43 55.64 9.73
N PRO G 21 -0.91 56.76 10.29
CA PRO G 21 -2.31 57.18 10.16
C PRO G 21 -2.65 57.80 8.81
N ASP G 22 -1.75 57.75 7.80
CA ASP G 22 -1.99 58.17 6.44
C ASP G 22 -1.91 57.00 5.46
N TYR G 23 -1.84 55.75 5.95
CA TYR G 23 -1.73 54.55 5.11
C TYR G 23 -2.92 54.32 4.16
N VAL G 24 -2.63 53.97 2.89
CA VAL G 24 -3.62 53.65 1.87
C VAL G 24 -3.37 52.20 1.45
N VAL G 25 -4.40 51.34 1.47
CA VAL G 25 -4.25 49.91 1.26
C VAL G 25 -3.83 49.44 -0.15
N ARG G 26 -3.07 48.32 -0.17
CA ARG G 26 -2.76 47.58 -1.37
C ARG G 26 -3.83 46.51 -1.56
N ASP G 27 -3.90 45.92 -2.77
CA ASP G 27 -4.87 44.90 -3.09
C ASP G 27 -4.55 43.57 -2.43
N THR G 28 -3.28 43.36 -2.04
CA THR G 28 -2.80 42.16 -1.37
C THR G 28 -2.67 42.32 0.14
N ASP G 29 -2.98 43.51 0.71
CA ASP G 29 -2.93 43.74 2.15
C ASP G 29 -4.05 43.01 2.92
N ILE G 30 -3.70 42.41 4.08
CA ILE G 30 -4.62 41.78 5.02
C ILE G 30 -4.86 42.78 6.15
N LEU G 31 -6.11 43.18 6.43
CA LEU G 31 -6.39 44.16 7.47
C LEU G 31 -7.27 43.61 8.57
N ALA G 32 -7.10 44.07 9.81
CA ALA G 32 -7.91 43.65 10.94
C ALA G 32 -8.39 44.85 11.74
N ALA G 33 -9.67 44.85 12.15
CA ALA G 33 -10.27 45.90 12.94
C ALA G 33 -10.60 45.37 14.32
N PHE G 34 -10.10 46.03 15.38
CA PHE G 34 -10.26 45.59 16.77
C PHE G 34 -10.86 46.69 17.64
N ARG G 35 -11.75 46.33 18.56
CA ARG G 35 -12.27 47.20 19.60
C ARG G 35 -11.46 46.98 20.87
N MET G 36 -10.85 48.03 21.47
CA MET G 36 -9.93 47.85 22.58
C MET G 36 -10.10 48.84 23.72
N THR G 37 -9.78 48.40 24.96
CA THR G 37 -9.58 49.31 26.10
C THR G 37 -8.22 49.02 26.74
N PRO G 38 -7.22 49.90 26.65
CA PRO G 38 -5.96 49.80 27.39
C PRO G 38 -6.12 49.81 28.91
N GLN G 39 -5.12 49.28 29.66
CA GLN G 39 -5.01 49.52 31.10
C GLN G 39 -4.69 50.99 31.35
N LEU G 40 -5.17 51.56 32.47
CA LEU G 40 -5.03 52.96 32.80
C LEU G 40 -3.57 53.41 32.91
N GLY G 41 -3.08 54.19 31.92
CA GLY G 41 -1.69 54.65 31.86
C GLY G 41 -1.02 54.32 30.55
N VAL G 42 -1.74 53.71 29.60
CA VAL G 42 -1.22 53.34 28.30
C VAL G 42 -1.98 54.11 27.21
N PRO G 43 -1.35 54.98 26.40
CA PRO G 43 -1.99 55.63 25.26
C PRO G 43 -2.61 54.68 24.23
N PRO G 44 -3.74 54.96 23.59
CA PRO G 44 -4.34 54.01 22.65
C PRO G 44 -3.54 53.85 21.37
N GLU G 45 -2.72 54.83 20.94
CA GLU G 45 -1.88 54.67 19.77
C GLU G 45 -0.67 53.85 20.13
N GLU G 46 -0.20 53.95 21.40
CA GLU G 46 0.86 53.10 21.91
C GLU G 46 0.42 51.65 22.00
N CYS G 47 -0.83 51.41 22.46
CA CYS G 47 -1.44 50.09 22.50
C CYS G 47 -1.65 49.50 21.11
N GLY G 48 -2.24 50.26 20.16
CA GLY G 48 -2.44 49.83 18.77
C GLY G 48 -1.16 49.49 18.04
N ALA G 49 -0.16 50.40 18.15
CA ALA G 49 1.16 50.22 17.60
C ALA G 49 1.88 49.01 18.21
N ALA G 50 1.78 48.79 19.53
CA ALA G 50 2.35 47.64 20.23
C ALA G 50 1.74 46.33 19.77
N VAL G 51 0.41 46.30 19.52
CA VAL G 51 -0.27 45.14 18.95
C VAL G 51 0.23 44.82 17.54
N ALA G 52 0.38 45.86 16.69
CA ALA G 52 0.96 45.73 15.37
C ALA G 52 2.42 45.29 15.39
N ALA G 53 3.20 45.79 16.36
CA ALA G 53 4.60 45.47 16.54
C ALA G 53 4.81 44.04 17.03
N GLU G 54 4.01 43.58 18.01
CA GLU G 54 4.10 42.24 18.56
C GLU G 54 3.56 41.16 17.64
N SER G 55 2.54 41.47 16.81
CA SER G 55 2.05 40.54 15.80
C SER G 55 2.89 40.50 14.54
N SER G 56 3.79 41.49 14.34
CA SER G 56 4.70 41.57 13.22
C SER G 56 6.09 41.05 13.55
N THR G 57 6.78 41.69 14.53
CA THR G 57 8.18 41.43 14.80
C THR G 57 8.42 40.97 16.23
N GLY G 58 7.86 41.71 17.21
CA GLY G 58 7.94 41.51 18.65
C GLY G 58 9.32 41.83 19.21
N THR G 59 9.38 42.39 20.43
CA THR G 59 10.68 42.71 21.03
C THR G 59 10.55 42.79 22.53
N TRP G 60 11.64 42.47 23.25
CA TRP G 60 11.75 42.61 24.68
C TRP G 60 13.08 43.30 25.00
N THR G 61 13.74 43.86 23.97
CA THR G 61 15.01 44.58 23.98
C THR G 61 15.52 44.47 22.56
N THR G 62 15.52 45.60 21.83
CA THR G 62 15.93 45.66 20.43
C THR G 62 17.38 46.05 20.38
N VAL G 63 18.18 45.37 19.54
CA VAL G 63 19.58 45.71 19.29
C VAL G 63 19.82 45.49 17.80
N TRP G 64 21.07 45.63 17.32
CA TRP G 64 21.43 45.47 15.91
C TRP G 64 20.99 44.16 15.26
N THR G 65 20.76 43.08 16.04
CA THR G 65 20.36 41.78 15.48
C THR G 65 18.93 41.79 14.97
N ASP G 66 18.09 42.75 15.39
CA ASP G 66 16.77 42.91 14.83
C ASP G 66 16.84 43.55 13.44
N GLY G 67 18.01 44.16 13.13
CA GLY G 67 18.39 44.69 11.83
C GLY G 67 18.69 43.64 10.78
N LEU G 68 18.81 42.36 11.18
CA LEU G 68 19.07 41.24 10.28
C LEU G 68 17.93 40.91 9.34
N THR G 69 16.67 41.14 9.76
CA THR G 69 15.49 40.83 8.95
C THR G 69 15.08 42.04 8.13
N SER G 70 14.44 41.81 6.98
CA SER G 70 13.92 42.88 6.15
C SER G 70 12.62 43.43 6.70
N LEU G 71 12.55 44.73 7.05
CA LEU G 71 11.38 45.31 7.70
C LEU G 71 10.46 45.97 6.69
N ASP G 72 10.93 47.06 6.04
CA ASP G 72 10.27 47.90 5.03
C ASP G 72 8.74 47.80 4.88
N ARG G 73 8.26 47.24 3.76
CA ARG G 73 6.83 47.08 3.48
C ARG G 73 6.36 45.70 3.95
N TYR G 74 7.24 44.92 4.60
CA TYR G 74 7.00 43.54 4.97
C TYR G 74 6.48 43.42 6.40
N LYS G 75 6.41 44.54 7.14
CA LYS G 75 5.95 44.57 8.52
C LYS G 75 4.51 45.07 8.65
N GLY G 76 3.82 44.65 9.73
CA GLY G 76 2.51 45.18 10.12
C GLY G 76 2.47 46.65 10.47
N ARG G 77 1.36 47.34 10.14
CA ARG G 77 1.22 48.77 10.33
C ARG G 77 -0.09 49.10 11.04
N CYS G 78 -0.07 49.94 12.08
CA CYS G 78 -1.28 50.42 12.74
C CYS G 78 -1.73 51.72 12.07
N TYR G 79 -2.95 51.72 11.50
CA TYR G 79 -3.54 52.87 10.85
C TYR G 79 -4.26 53.73 11.89
N ASP G 80 -4.85 54.88 11.47
CA ASP G 80 -5.65 55.80 12.26
C ASP G 80 -6.78 55.08 13.02
N ILE G 81 -7.01 55.43 14.31
CA ILE G 81 -7.94 54.75 15.19
C ILE G 81 -9.03 55.71 15.60
N GLU G 82 -10.18 55.23 16.10
CA GLU G 82 -11.32 56.10 16.40
C GLU G 82 -11.92 55.75 17.76
N PRO G 83 -12.58 56.66 18.47
CA PRO G 83 -13.30 56.34 19.70
C PRO G 83 -14.55 55.49 19.51
N VAL G 84 -14.92 54.73 20.55
CA VAL G 84 -16.15 53.98 20.63
C VAL G 84 -17.19 54.87 21.31
N PRO G 85 -18.42 55.06 20.83
CA PRO G 85 -19.38 55.97 21.45
C PRO G 85 -19.90 55.41 22.76
N GLY G 86 -20.02 54.06 22.88
CA GLY G 86 -20.51 53.37 24.07
C GLY G 86 -19.67 53.51 25.32
N GLU G 87 -18.35 53.74 25.22
CA GLU G 87 -17.50 53.83 26.41
C GLU G 87 -16.25 54.67 26.19
N ASP G 88 -15.94 55.58 27.12
CA ASP G 88 -14.88 56.58 27.06
C ASP G 88 -13.46 56.06 26.86
N ASN G 89 -13.08 54.93 27.48
CA ASN G 89 -11.74 54.35 27.35
C ASN G 89 -11.69 53.31 26.24
N GLN G 90 -12.77 53.12 25.45
CA GLN G 90 -12.77 52.21 24.32
C GLN G 90 -12.53 52.88 22.98
N TYR G 91 -11.68 52.25 22.15
CA TYR G 91 -11.28 52.75 20.85
C TYR G 91 -11.33 51.62 19.83
N ILE G 92 -11.50 51.94 18.54
CA ILE G 92 -11.43 50.98 17.44
C ILE G 92 -10.10 51.18 16.73
N ALA G 93 -9.25 50.14 16.76
CA ALA G 93 -7.97 50.07 16.09
C ALA G 93 -8.08 49.38 14.74
N TYR G 94 -7.35 49.90 13.73
CA TYR G 94 -7.31 49.37 12.38
C TYR G 94 -5.86 49.01 12.07
N VAL G 95 -5.54 47.70 11.86
CA VAL G 95 -4.16 47.25 11.70
C VAL G 95 -4.02 46.54 10.35
N ALA G 96 -3.04 46.95 9.54
CA ALA G 96 -2.75 46.35 8.26
C ALA G 96 -1.53 45.44 8.32
N TYR G 97 -1.56 44.33 7.56
CA TYR G 97 -0.52 43.35 7.42
C TYR G 97 -0.27 43.10 5.93
N PRO G 98 0.94 43.01 5.45
CA PRO G 98 1.21 42.67 4.05
C PRO G 98 1.20 41.15 3.84
N ILE G 99 1.11 40.70 2.58
CA ILE G 99 1.04 39.28 2.24
C ILE G 99 2.37 38.57 2.46
N ASP G 100 3.48 39.33 2.53
CA ASP G 100 4.83 38.83 2.72
C ASP G 100 5.05 38.15 4.07
N LEU G 101 4.23 38.46 5.08
CA LEU G 101 4.40 38.00 6.45
C LEU G 101 3.80 36.63 6.76
N PHE G 102 2.77 36.16 6.01
CA PHE G 102 2.05 34.92 6.35
C PHE G 102 2.17 33.86 5.27
N GLU G 103 2.25 32.57 5.65
CA GLU G 103 2.19 31.45 4.71
C GLU G 103 0.83 31.40 3.97
N GLU G 104 0.83 31.09 2.66
CA GLU G 104 -0.35 31.15 1.80
C GLU G 104 -1.52 30.25 2.22
N GLY G 105 -2.57 30.84 2.81
CA GLY G 105 -3.76 30.14 3.33
C GLY G 105 -3.49 29.31 4.56
N SER G 106 -2.44 29.65 5.33
CA SER G 106 -2.05 28.88 6.51
C SER G 106 -2.82 29.30 7.74
N VAL G 107 -3.88 28.54 8.07
CA VAL G 107 -4.84 28.90 9.09
C VAL G 107 -4.29 28.93 10.52
N THR G 108 -3.35 28.03 10.92
CA THR G 108 -2.81 28.12 12.28
C THR G 108 -1.77 29.21 12.39
N ASN G 109 -1.08 29.56 11.28
CA ASN G 109 -0.11 30.64 11.29
C ASN G 109 -0.81 32.00 11.33
N MET G 110 -1.86 32.18 10.50
CA MET G 110 -2.70 33.37 10.50
C MET G 110 -3.45 33.54 11.82
N PHE G 111 -4.08 32.46 12.34
CA PHE G 111 -4.78 32.44 13.61
C PHE G 111 -3.86 32.78 14.78
N THR G 112 -2.68 32.14 14.84
CA THR G 112 -1.70 32.40 15.90
C THR G 112 -1.17 33.81 15.83
N SER G 113 -0.84 34.32 14.63
CA SER G 113 -0.35 35.69 14.44
C SER G 113 -1.35 36.77 14.81
N ILE G 114 -2.62 36.63 14.36
CA ILE G 114 -3.66 37.63 14.48
C ILE G 114 -4.40 37.55 15.81
N VAL G 115 -4.71 36.32 16.29
CA VAL G 115 -5.48 36.12 17.51
C VAL G 115 -4.59 35.58 18.62
N GLY G 116 -3.81 34.51 18.36
CA GLY G 116 -3.02 33.82 19.39
C GLY G 116 -2.07 34.67 20.19
N ASN G 117 -1.14 35.38 19.52
CA ASN G 117 -0.19 36.26 20.19
C ASN G 117 -0.85 37.50 20.77
N VAL G 118 -1.73 38.13 19.97
CA VAL G 118 -2.43 39.38 20.26
C VAL G 118 -3.35 39.38 21.46
N PHE G 119 -4.24 38.37 21.60
CA PHE G 119 -5.26 38.38 22.64
C PHE G 119 -4.71 37.78 23.92
N GLY G 120 -3.71 38.45 24.52
CA GLY G 120 -3.09 38.04 25.77
C GLY G 120 -2.78 39.17 26.70
N PHE G 121 -1.94 40.12 26.22
CA PHE G 121 -1.30 41.23 26.93
C PHE G 121 -1.85 41.72 28.26
N LYS G 122 -1.01 41.66 29.32
CA LYS G 122 -1.32 42.06 30.68
C LYS G 122 -1.77 43.52 30.82
N ALA G 123 -1.16 44.46 30.06
CA ALA G 123 -1.52 45.87 30.11
C ALA G 123 -2.68 46.21 29.17
N LEU G 124 -3.30 45.21 28.52
CA LEU G 124 -4.50 45.35 27.75
C LEU G 124 -5.66 44.84 28.59
N ARG G 125 -6.68 45.67 28.90
CA ARG G 125 -7.81 45.24 29.71
C ARG G 125 -8.80 44.38 28.95
N ALA G 126 -9.26 44.85 27.79
CA ALA G 126 -10.15 44.08 26.97
C ALA G 126 -9.90 44.40 25.51
N LEU G 127 -10.07 43.38 24.66
CA LEU G 127 -9.87 43.50 23.24
C LEU G 127 -10.88 42.61 22.55
N ARG G 128 -11.63 43.16 21.58
CA ARG G 128 -12.66 42.48 20.84
C ARG G 128 -12.41 42.58 19.35
N LEU G 129 -12.50 41.47 18.60
CA LEU G 129 -12.30 41.51 17.16
C LEU G 129 -13.57 42.01 16.48
N GLU G 130 -13.48 43.08 15.67
CA GLU G 130 -14.65 43.68 15.05
C GLU G 130 -14.79 43.36 13.57
N ASP G 131 -13.68 43.28 12.82
CA ASP G 131 -13.76 42.88 11.42
C ASP G 131 -12.39 42.46 10.88
N LEU G 132 -12.38 41.89 9.66
CA LEU G 132 -11.20 41.44 8.95
C LEU G 132 -11.34 41.73 7.45
N ARG G 133 -10.26 42.21 6.81
CA ARG G 133 -10.17 42.36 5.38
C ARG G 133 -9.30 41.23 4.87
N ILE G 134 -9.88 40.28 4.15
CA ILE G 134 -9.14 39.16 3.58
C ILE G 134 -9.02 39.45 2.09
N PRO G 135 -7.85 39.71 1.50
CA PRO G 135 -7.71 40.01 0.08
C PRO G 135 -8.07 38.79 -0.78
N PRO G 136 -8.56 38.92 -2.01
CA PRO G 136 -9.05 37.81 -2.85
C PRO G 136 -8.07 36.68 -3.00
N ALA G 137 -6.74 36.95 -3.06
CA ALA G 137 -5.76 35.91 -3.23
C ALA G 137 -5.53 35.05 -1.99
N TYR G 138 -5.98 35.52 -0.81
CA TYR G 138 -5.90 34.76 0.42
C TYR G 138 -7.26 34.09 0.63
N VAL G 139 -8.37 34.72 0.16
CA VAL G 139 -9.71 34.12 0.12
C VAL G 139 -9.74 32.85 -0.72
N LYS G 140 -8.99 32.84 -1.85
CA LYS G 140 -8.90 31.70 -2.76
C LYS G 140 -7.80 30.71 -2.42
N THR G 141 -7.05 30.90 -1.32
CA THR G 141 -6.06 29.93 -0.87
C THR G 141 -6.40 29.41 0.52
N PHE G 142 -7.36 30.05 1.22
CA PHE G 142 -8.54 29.39 1.78
C PHE G 142 -9.37 28.59 0.76
N VAL G 143 -10.09 27.53 1.19
CA VAL G 143 -10.84 26.67 0.28
C VAL G 143 -12.35 26.92 0.31
N GLY G 144 -12.87 27.60 1.36
CA GLY G 144 -14.28 27.94 1.51
C GLY G 144 -15.23 26.74 1.59
N PRO G 145 -16.55 26.94 1.53
CA PRO G 145 -17.54 25.84 1.51
C PRO G 145 -17.24 24.70 0.53
N PRO G 146 -17.37 23.43 0.86
CA PRO G 146 -17.23 22.37 -0.13
C PRO G 146 -18.39 22.30 -1.10
N HIS G 147 -19.66 22.38 -0.68
CA HIS G 147 -20.82 22.23 -1.53
C HIS G 147 -21.90 23.23 -1.13
N GLY G 148 -21.54 24.55 -1.14
CA GLY G 148 -22.40 25.69 -0.81
C GLY G 148 -23.79 25.82 -1.43
N ILE G 149 -24.48 26.95 -1.18
CA ILE G 149 -25.91 27.08 -1.47
C ILE G 149 -26.33 26.93 -2.93
N GLN G 150 -25.53 27.41 -3.90
CA GLN G 150 -25.88 27.24 -5.31
C GLN G 150 -25.61 25.82 -5.82
N VAL G 151 -24.89 25.01 -5.03
CA VAL G 151 -24.62 23.60 -5.29
C VAL G 151 -25.64 22.73 -4.54
N GLU G 152 -25.91 23.07 -3.26
CA GLU G 152 -26.79 22.36 -2.34
C GLU G 152 -28.24 22.40 -2.78
N ARG G 153 -28.69 23.52 -3.40
CA ARG G 153 -30.03 23.63 -3.98
C ARG G 153 -30.28 22.58 -5.06
N ASP G 154 -29.28 22.30 -5.91
CA ASP G 154 -29.48 21.36 -7.00
C ASP G 154 -29.23 19.94 -6.48
N LYS G 155 -28.28 19.76 -5.53
CA LYS G 155 -27.97 18.48 -4.91
C LYS G 155 -29.07 17.83 -4.09
N LEU G 156 -29.91 18.61 -3.36
CA LEU G 156 -30.93 18.04 -2.51
C LEU G 156 -32.20 17.63 -3.25
N ASN G 157 -32.32 17.96 -4.56
CA ASN G 157 -33.37 17.51 -5.45
C ASN G 157 -34.80 18.07 -5.16
N LYS G 158 -34.93 19.09 -4.29
CA LYS G 158 -36.20 19.71 -3.99
C LYS G 158 -35.86 21.01 -3.30
N TYR G 159 -36.77 22.01 -3.31
CA TYR G 159 -36.54 23.36 -2.82
C TYR G 159 -37.75 24.19 -3.23
N GLY G 160 -38.05 25.27 -2.47
CA GLY G 160 -39.18 26.17 -2.72
C GLY G 160 -39.98 26.43 -1.48
N ARG G 161 -39.47 25.93 -0.35
CA ARG G 161 -40.04 26.08 0.96
C ARG G 161 -38.86 25.73 1.84
N GLY G 162 -38.85 26.15 3.12
CA GLY G 162 -37.85 25.76 4.10
C GLY G 162 -37.70 24.27 4.31
N LEU G 163 -36.56 23.85 4.89
CA LEU G 163 -36.26 22.44 5.13
C LEU G 163 -36.57 22.06 6.59
N LEU G 164 -37.58 21.18 6.76
CA LEU G 164 -38.17 20.81 8.03
C LEU G 164 -37.48 19.65 8.73
N GLY G 165 -37.14 19.79 10.01
CA GLY G 165 -36.49 18.72 10.73
C GLY G 165 -36.73 18.72 12.20
N CYS G 166 -35.97 17.88 12.92
CA CYS G 166 -36.07 17.79 14.36
C CYS G 166 -34.81 17.17 14.95
N THR G 167 -34.48 17.65 16.16
CA THR G 167 -33.31 17.32 16.96
C THR G 167 -33.67 16.19 17.88
N ILE G 168 -32.95 15.05 17.84
CA ILE G 168 -33.37 13.88 18.58
C ILE G 168 -32.87 13.93 20.02
N LYS G 169 -33.82 13.81 20.97
CA LYS G 169 -33.61 13.90 22.39
C LYS G 169 -34.50 12.84 23.03
N PRO G 170 -34.25 12.32 24.23
CA PRO G 170 -33.13 12.62 25.12
C PRO G 170 -31.76 12.31 24.53
N LYS G 171 -30.74 13.12 24.86
CA LYS G 171 -29.34 12.94 24.48
C LYS G 171 -28.75 11.63 25.01
N LEU G 172 -29.07 11.28 26.28
CA LEU G 172 -28.77 10.02 26.91
C LEU G 172 -29.45 8.84 26.22
N GLY G 173 -28.67 8.01 25.49
CA GLY G 173 -28.55 6.59 25.81
C GLY G 173 -29.66 5.73 25.23
N LEU G 174 -30.47 6.31 24.33
CA LEU G 174 -31.58 5.67 23.66
C LEU G 174 -31.18 4.42 22.88
N SER G 175 -31.75 3.24 23.23
CA SER G 175 -31.46 1.97 22.59
C SER G 175 -31.85 1.90 21.12
N ALA G 176 -31.19 1.04 20.34
CA ALA G 176 -31.30 1.01 18.89
C ALA G 176 -32.68 0.80 18.32
N LYS G 177 -33.51 -0.11 18.90
CA LYS G 177 -34.86 -0.29 18.38
C LYS G 177 -35.83 0.83 18.69
N ASN G 178 -35.67 1.53 19.83
CA ASN G 178 -36.53 2.67 20.13
C ASN G 178 -36.09 3.93 19.37
N TYR G 179 -34.78 4.07 19.09
CA TYR G 179 -34.25 5.09 18.20
C TYR G 179 -34.68 4.87 16.76
N GLY G 180 -34.61 3.60 16.28
CA GLY G 180 -35.04 3.18 14.95
C GLY G 180 -36.50 3.43 14.71
N ARG G 181 -37.32 3.14 15.72
CA ARG G 181 -38.74 3.40 15.70
C ARG G 181 -39.10 4.87 15.64
N ALA G 182 -38.46 5.70 16.51
CA ALA G 182 -38.69 7.12 16.52
C ALA G 182 -38.29 7.83 15.23
N VAL G 183 -37.09 7.47 14.69
CA VAL G 183 -36.58 8.04 13.44
C VAL G 183 -37.41 7.67 12.23
N TYR G 184 -37.78 6.37 12.09
CA TYR G 184 -38.61 5.90 11.00
C TYR G 184 -39.98 6.57 11.00
N GLU G 185 -40.66 6.60 12.17
CA GLU G 185 -41.97 7.20 12.28
C GLU G 185 -42.02 8.69 12.00
N CYS G 186 -41.05 9.50 12.52
CA CYS G 186 -41.07 10.94 12.24
C CYS G 186 -40.67 11.30 10.81
N LEU G 187 -39.75 10.53 10.18
CA LEU G 187 -39.39 10.77 8.79
C LEU G 187 -40.52 10.35 7.86
N ARG G 188 -41.19 9.21 8.16
CA ARG G 188 -42.29 8.73 7.36
C ARG G 188 -43.53 9.61 7.53
N GLY G 189 -43.65 10.27 8.72
CA GLY G 189 -44.69 11.23 9.09
C GLY G 189 -44.62 12.58 8.42
N GLY G 190 -43.46 13.01 7.89
CA GLY G 190 -43.40 14.33 7.26
C GLY G 190 -42.13 15.12 7.37
N LEU G 191 -41.21 14.81 8.30
CA LEU G 191 -39.94 15.53 8.39
C LEU G 191 -39.04 15.31 7.16
N ASP G 192 -38.27 16.33 6.75
CA ASP G 192 -37.28 16.19 5.70
C ASP G 192 -35.99 15.58 6.25
N PHE G 193 -35.57 16.06 7.44
CA PHE G 193 -34.30 15.72 8.04
C PHE G 193 -34.40 15.53 9.54
N THR G 194 -33.75 14.51 10.11
CA THR G 194 -33.67 14.34 11.56
C THR G 194 -32.23 14.58 11.96
N LYS G 195 -31.92 14.86 13.24
CA LYS G 195 -30.55 15.08 13.66
C LYS G 195 -30.21 14.38 14.97
N ASP G 196 -28.96 13.86 15.04
CA ASP G 196 -28.34 13.32 16.24
C ASP G 196 -27.65 14.40 17.06
N ASP G 197 -27.44 14.12 18.35
CA ASP G 197 -26.61 14.93 19.24
C ASP G 197 -25.37 14.09 19.57
N GLU G 198 -24.35 14.69 20.20
CA GLU G 198 -23.03 14.12 20.45
C GLU G 198 -23.08 12.81 21.24
N ASN G 199 -23.92 12.72 22.29
CA ASN G 199 -24.06 11.53 23.11
C ASN G 199 -24.82 10.42 22.37
N VAL G 200 -25.61 10.80 21.35
CA VAL G 200 -26.44 9.86 20.61
C VAL G 200 -25.57 9.03 19.66
N ASN G 201 -24.46 9.62 19.17
CA ASN G 201 -23.50 8.97 18.29
C ASN G 201 -22.83 7.72 18.89
N SER G 202 -22.35 7.77 20.15
CA SER G 202 -21.56 6.68 20.69
C SER G 202 -21.72 6.67 22.20
N GLN G 203 -21.88 5.47 22.79
CA GLN G 203 -22.09 5.28 24.22
C GLN G 203 -21.26 4.08 24.67
N PRO G 204 -21.03 3.77 25.94
CA PRO G 204 -20.20 2.63 26.37
C PRO G 204 -20.56 1.27 25.75
N PHE G 205 -21.85 0.97 25.50
CA PHE G 205 -22.24 -0.28 24.87
C PHE G 205 -22.48 -0.05 23.38
N MET G 206 -23.36 0.91 23.04
CA MET G 206 -23.72 1.26 21.67
C MET G 206 -22.61 1.96 20.88
N ARG G 207 -22.11 1.29 19.83
CA ARG G 207 -21.11 1.82 18.93
C ARG G 207 -21.77 2.58 17.78
N TRP G 208 -21.14 3.68 17.33
CA TRP G 208 -21.56 4.48 16.19
C TRP G 208 -21.80 3.63 14.92
N ARG G 209 -20.96 2.59 14.76
CA ARG G 209 -20.92 1.62 13.68
C ARG G 209 -22.25 0.88 13.56
N ASP G 210 -22.85 0.53 14.71
CA ASP G 210 -24.08 -0.22 14.78
C ASP G 210 -25.26 0.73 14.74
N ARG G 211 -25.11 1.96 15.31
CA ARG G 211 -26.14 2.99 15.23
C ARG G 211 -26.38 3.40 13.78
N PHE G 212 -25.28 3.49 13.00
CA PHE G 212 -25.27 3.73 11.58
C PHE G 212 -25.95 2.63 10.76
N LEU G 213 -25.82 1.36 11.18
CA LEU G 213 -26.45 0.23 10.49
C LEU G 213 -27.97 0.20 10.69
N PHE G 214 -28.44 0.64 11.88
CA PHE G 214 -29.86 0.81 12.16
C PHE G 214 -30.43 2.02 11.44
N VAL G 215 -29.61 3.07 11.25
CA VAL G 215 -29.93 4.21 10.39
C VAL G 215 -30.06 3.77 8.94
N ALA G 216 -29.14 2.92 8.43
CA ALA G 216 -29.19 2.41 7.07
C ALA G 216 -30.45 1.61 6.74
N GLU G 217 -30.88 0.68 7.62
CA GLU G 217 -32.11 -0.09 7.43
C GLU G 217 -33.34 0.82 7.42
N ALA G 218 -33.39 1.76 8.38
CA ALA G 218 -34.44 2.74 8.52
C ALA G 218 -34.53 3.75 7.37
N ILE G 219 -33.38 4.30 6.92
CA ILE G 219 -33.31 5.37 5.91
C ILE G 219 -33.71 4.88 4.54
N TYR G 220 -33.36 3.62 4.19
CA TYR G 220 -33.74 3.03 2.91
C TYR G 220 -35.24 3.01 2.76
N LYS G 221 -35.95 2.57 3.83
CA LYS G 221 -37.39 2.51 3.86
C LYS G 221 -38.06 3.85 4.14
N ALA G 222 -37.39 4.76 4.86
CA ALA G 222 -37.85 6.11 5.12
C ALA G 222 -37.69 7.08 3.95
N GLN G 223 -36.91 6.74 2.90
CA GLN G 223 -37.32 7.12 1.54
C GLN G 223 -38.25 6.17 0.76
N ALA G 224 -37.98 4.85 0.69
CA ALA G 224 -38.70 3.94 -0.19
C ALA G 224 -40.21 3.81 0.04
N GLU G 225 -40.66 3.82 1.30
CA GLU G 225 -42.05 3.66 1.70
C GLU G 225 -42.81 4.99 1.74
N THR G 226 -42.13 6.13 1.52
CA THR G 226 -42.76 7.46 1.60
C THR G 226 -42.86 8.11 0.24
N GLY G 227 -41.83 7.93 -0.63
CA GLY G 227 -41.79 8.50 -1.98
C GLY G 227 -41.03 9.79 -2.10
N GLU G 228 -41.05 10.61 -1.04
CA GLU G 228 -40.35 11.89 -0.98
C GLU G 228 -38.91 11.76 -0.51
N VAL G 229 -37.98 12.54 -1.10
CA VAL G 229 -36.58 12.61 -0.68
C VAL G 229 -36.43 13.22 0.73
N LYS G 230 -35.77 12.48 1.64
CA LYS G 230 -35.57 12.82 3.04
C LYS G 230 -34.18 12.35 3.42
N GLY G 231 -33.56 12.85 4.52
CA GLY G 231 -32.53 12.05 5.18
C GLY G 231 -32.33 12.24 6.67
N HIS G 232 -31.11 11.93 7.15
CA HIS G 232 -30.75 12.10 8.55
C HIS G 232 -29.33 12.60 8.76
N TYR G 233 -29.15 13.73 9.49
CA TYR G 233 -27.86 14.27 9.83
C TYR G 233 -27.18 13.42 10.92
N LEU G 234 -26.21 12.56 10.53
CA LEU G 234 -25.39 11.80 11.46
C LEU G 234 -24.39 12.71 12.15
N ASN G 235 -24.19 12.55 13.48
CA ASN G 235 -23.36 13.47 14.26
C ASN G 235 -22.18 12.77 14.94
N ALA G 236 -21.58 11.73 14.34
CA ALA G 236 -20.20 11.72 13.83
C ALA G 236 -19.00 11.96 14.77
N THR G 237 -19.18 12.64 15.92
CA THR G 237 -18.19 13.06 16.92
C THR G 237 -17.13 12.02 17.31
N ALA G 238 -15.93 12.46 17.74
CA ALA G 238 -14.85 11.53 18.03
C ALA G 238 -13.76 12.12 18.93
N GLY G 239 -12.99 11.26 19.62
CA GLY G 239 -11.91 11.65 20.51
C GLY G 239 -10.58 11.96 19.88
N THR G 240 -10.22 11.29 18.76
CA THR G 240 -8.94 11.52 18.09
C THR G 240 -9.23 11.60 16.60
N CYS G 241 -8.29 12.10 15.79
CA CYS G 241 -8.46 12.28 14.35
C CYS G 241 -8.50 10.97 13.60
N GLU G 242 -7.87 9.90 14.13
CA GLU G 242 -7.90 8.56 13.58
C GLU G 242 -9.32 8.01 13.66
N GLU G 243 -9.99 8.23 14.80
CA GLU G 243 -11.41 7.93 14.99
C GLU G 243 -12.30 8.75 14.06
N MET G 244 -12.01 10.06 13.85
CA MET G 244 -12.70 10.90 12.87
C MET G 244 -12.59 10.36 11.46
N MET G 245 -11.37 9.97 11.03
CA MET G 245 -11.12 9.37 9.74
C MET G 245 -11.78 8.02 9.57
N LYS G 246 -11.78 7.16 10.61
CA LYS G 246 -12.50 5.89 10.60
C LYS G 246 -14.01 6.07 10.43
N ARG G 247 -14.57 7.05 11.16
CA ARG G 247 -15.96 7.46 11.07
C ARG G 247 -16.33 8.00 9.68
N ALA G 248 -15.43 8.80 9.05
CA ALA G 248 -15.58 9.29 7.69
C ALA G 248 -15.67 8.17 6.65
N VAL G 249 -14.77 7.17 6.76
CA VAL G 249 -14.39 6.33 5.62
C VAL G 249 -15.44 5.24 5.54
N CYS G 250 -15.89 4.77 6.73
CA CYS G 250 -16.93 3.78 6.87
C CYS G 250 -18.30 4.28 6.41
N ALA G 251 -18.55 5.62 6.48
CA ALA G 251 -19.80 6.16 5.98
C ALA G 251 -19.71 6.62 4.53
N LYS G 252 -18.48 6.70 3.99
CA LYS G 252 -18.17 6.88 2.57
C LYS G 252 -18.59 5.63 1.80
N GLU G 253 -18.44 4.44 2.43
CA GLU G 253 -18.83 3.13 1.87
C GLU G 253 -20.29 3.06 1.44
N LEU G 254 -21.20 3.71 2.20
CA LEU G 254 -22.62 3.72 1.92
C LEU G 254 -23.04 5.00 1.20
N GLY G 255 -22.14 6.01 1.16
CA GLY G 255 -22.31 7.34 0.58
C GLY G 255 -23.60 8.06 0.85
N VAL G 256 -23.95 8.14 2.14
CA VAL G 256 -25.16 8.81 2.63
C VAL G 256 -25.20 10.33 2.37
N PRO G 257 -26.37 10.92 2.08
CA PRO G 257 -26.50 12.37 1.96
C PRO G 257 -26.79 12.97 3.32
N ILE G 258 -26.77 14.33 3.39
CA ILE G 258 -26.03 15.18 4.32
C ILE G 258 -25.77 14.68 5.77
N ILE G 259 -24.54 14.88 6.28
CA ILE G 259 -24.17 14.56 7.65
C ILE G 259 -23.66 15.82 8.34
N MET G 260 -23.46 15.79 9.68
CA MET G 260 -22.96 16.96 10.39
C MET G 260 -21.79 16.62 11.27
N HIS G 261 -20.98 17.64 11.64
CA HIS G 261 -19.86 17.41 12.54
C HIS G 261 -19.52 18.56 13.49
N ASP G 262 -19.15 18.20 14.73
CA ASP G 262 -18.75 19.05 15.85
C ASP G 262 -17.24 18.92 16.13
N TYR G 263 -16.54 18.22 15.24
CA TYR G 263 -15.27 18.57 14.62
C TYR G 263 -14.88 20.05 14.60
N LEU G 264 -15.82 21.01 14.36
CA LEU G 264 -15.48 22.44 14.37
C LEU G 264 -15.87 23.01 15.75
N THR G 265 -16.09 22.12 16.73
CA THR G 265 -16.11 22.48 18.15
C THR G 265 -14.80 21.93 18.72
N GLY G 266 -14.26 20.87 18.08
CA GLY G 266 -12.93 20.31 18.28
C GLY G 266 -11.77 21.19 17.81
N GLY G 267 -11.79 21.63 16.53
CA GLY G 267 -10.75 22.51 16.00
C GLY G 267 -10.90 22.89 14.54
N PHE G 268 -10.38 24.07 14.16
CA PHE G 268 -10.50 24.66 12.83
C PHE G 268 -9.85 23.86 11.70
N THR G 269 -8.70 23.22 11.97
CA THR G 269 -7.94 22.54 10.93
C THR G 269 -8.50 21.15 10.68
N ALA G 270 -9.20 20.58 11.69
CA ALA G 270 -9.97 19.36 11.59
C ALA G 270 -11.11 19.54 10.60
N ASN G 271 -11.81 20.69 10.64
CA ASN G 271 -12.90 20.98 9.72
C ASN G 271 -12.38 21.26 8.33
N THR G 272 -11.24 21.96 8.23
CA THR G 272 -10.66 22.34 6.94
C THR G 272 -10.24 21.11 6.14
N SER G 273 -9.57 20.15 6.80
CA SER G 273 -9.20 18.87 6.21
C SER G 273 -10.39 18.03 5.80
N LEU G 274 -11.43 17.96 6.67
CA LEU G 274 -12.69 17.27 6.39
C LEU G 274 -13.43 17.90 5.23
N ALA G 275 -13.52 19.25 5.15
CA ALA G 275 -14.19 19.95 4.06
C ALA G 275 -13.54 19.65 2.71
N ILE G 276 -12.20 19.53 2.66
CA ILE G 276 -11.47 19.07 1.48
C ILE G 276 -11.84 17.62 1.13
N TYR G 277 -11.87 16.70 2.13
CA TYR G 277 -12.31 15.31 1.99
C TYR G 277 -13.76 15.19 1.49
N CYS G 278 -14.68 15.98 2.07
CA CYS G 278 -16.09 16.08 1.67
C CYS G 278 -16.25 16.59 0.26
N ARG G 279 -15.45 17.59 -0.14
CA ARG G 279 -15.36 18.10 -1.50
C ARG G 279 -14.87 17.04 -2.49
N ASP G 280 -13.83 16.30 -2.12
CA ASP G 280 -13.24 15.21 -2.88
C ASP G 280 -14.21 14.04 -3.09
N ASN G 281 -15.06 13.71 -2.10
CA ASN G 281 -15.96 12.55 -2.19
C ASN G 281 -17.37 12.95 -2.57
N GLY G 282 -17.61 14.23 -2.93
CA GLY G 282 -18.89 14.73 -3.43
C GLY G 282 -20.03 14.80 -2.45
N LEU G 283 -19.73 14.74 -1.14
CA LEU G 283 -20.65 14.75 -0.01
C LEU G 283 -21.51 16.02 0.14
N LEU G 284 -22.29 16.11 1.25
CA LEU G 284 -22.78 17.38 1.79
C LEU G 284 -22.41 17.47 3.27
N LEU G 285 -21.90 18.63 3.73
CA LEU G 285 -21.34 18.82 5.07
C LEU G 285 -21.99 19.89 5.96
N HIS G 286 -22.73 19.48 7.00
CA HIS G 286 -23.30 20.35 8.03
C HIS G 286 -22.36 20.64 9.20
N ILE G 287 -22.19 21.93 9.57
CA ILE G 287 -21.28 22.36 10.61
C ILE G 287 -22.03 22.75 11.88
N HIS G 288 -21.65 22.14 13.02
CA HIS G 288 -22.20 22.44 14.33
C HIS G 288 -21.51 23.65 14.95
N ARG G 289 -22.16 24.30 15.94
CA ARG G 289 -21.62 25.48 16.58
C ARG G 289 -22.09 25.45 18.03
N ALA G 290 -21.20 25.72 19.00
CA ALA G 290 -21.48 25.61 20.40
C ALA G 290 -20.61 26.59 21.17
N MET G 291 -20.73 26.63 22.52
CA MET G 291 -19.93 27.50 23.38
C MET G 291 -20.31 28.98 23.36
N HIS G 292 -21.59 29.27 23.06
CA HIS G 292 -22.11 30.62 22.82
C HIS G 292 -21.87 31.66 23.91
N ALA G 293 -21.96 31.29 25.20
CA ALA G 293 -21.64 32.16 26.31
C ALA G 293 -20.17 32.58 26.40
N VAL G 294 -19.22 31.66 26.08
CA VAL G 294 -17.79 31.93 26.22
C VAL G 294 -17.07 32.24 24.92
N ILE G 295 -17.71 32.08 23.75
CA ILE G 295 -17.18 32.53 22.47
C ILE G 295 -17.98 33.71 21.98
N ASP G 296 -19.19 33.46 21.42
CA ASP G 296 -20.05 34.37 20.69
C ASP G 296 -20.43 35.63 21.48
N ARG G 297 -20.71 35.45 22.79
CA ARG G 297 -21.17 36.48 23.69
C ARG G 297 -20.06 37.23 24.44
N GLN G 298 -18.80 37.25 23.96
CA GLN G 298 -17.72 37.95 24.65
C GLN G 298 -17.72 39.48 24.54
N ARG G 299 -18.74 40.13 25.15
CA ARG G 299 -19.11 41.54 25.17
C ARG G 299 -18.17 42.56 24.53
N ASN G 300 -17.20 43.08 25.32
CA ASN G 300 -16.18 44.00 24.85
C ASN G 300 -14.82 43.30 24.84
N HIS G 301 -14.78 41.99 25.16
CA HIS G 301 -13.54 41.31 25.51
C HIS G 301 -13.14 40.15 24.63
N GLY G 302 -13.80 39.89 23.48
CA GLY G 302 -13.31 38.82 22.61
C GLY G 302 -14.01 38.71 21.28
N ILE G 303 -14.68 37.57 21.05
CA ILE G 303 -15.21 37.18 19.75
C ILE G 303 -16.61 37.76 19.60
N HIS G 304 -17.06 38.02 18.37
CA HIS G 304 -18.39 38.50 18.09
C HIS G 304 -18.94 37.71 16.91
N PHE G 305 -20.28 37.74 16.71
CA PHE G 305 -21.01 37.04 15.68
C PHE G 305 -20.58 37.31 14.25
N ARG G 306 -20.29 38.56 13.84
CA ARG G 306 -19.90 38.81 12.47
C ARG G 306 -18.52 38.26 12.10
N VAL G 307 -17.56 38.37 13.04
CA VAL G 307 -16.22 37.80 12.87
C VAL G 307 -16.24 36.30 12.92
N LEU G 308 -17.14 35.73 13.75
CA LEU G 308 -17.40 34.30 13.81
C LEU G 308 -17.96 33.77 12.50
N ALA G 309 -18.95 34.47 11.91
CA ALA G 309 -19.51 34.10 10.61
C ALA G 309 -18.49 34.18 9.48
N LYS G 310 -17.64 35.23 9.47
CA LYS G 310 -16.53 35.32 8.53
C LYS G 310 -15.50 34.20 8.71
N ALA G 311 -15.08 33.92 9.96
CA ALA G 311 -14.14 32.84 10.28
C ALA G 311 -14.67 31.45 9.96
N LEU G 312 -15.95 31.18 10.26
CA LEU G 312 -16.59 29.92 9.94
C LEU G 312 -16.70 29.68 8.45
N ARG G 313 -17.07 30.72 7.67
CA ARG G 313 -17.20 30.58 6.23
C ARG G 313 -15.84 30.52 5.50
N MET G 314 -14.80 31.14 6.08
CA MET G 314 -13.41 31.07 5.62
C MET G 314 -12.61 29.84 6.05
N SER G 315 -13.15 28.99 6.96
CA SER G 315 -12.92 27.56 6.82
C SER G 315 -13.89 26.86 5.87
N GLY G 316 -15.21 26.95 6.07
CA GLY G 316 -16.19 26.37 5.14
C GLY G 316 -17.16 25.41 5.78
N GLY G 317 -18.33 25.26 5.12
CA GLY G 317 -19.40 24.38 5.53
C GLY G 317 -20.54 24.62 4.58
N ASP G 318 -21.46 23.65 4.44
CA ASP G 318 -22.56 23.76 3.49
C ASP G 318 -23.83 24.17 4.21
N HIS G 319 -24.12 23.49 5.33
CA HIS G 319 -24.98 23.98 6.38
C HIS G 319 -24.15 24.47 7.55
N LEU G 320 -24.66 25.42 8.35
CA LEU G 320 -23.98 25.87 9.56
C LEU G 320 -24.98 26.28 10.64
N HIS G 321 -24.76 25.82 11.87
CA HIS G 321 -25.62 26.05 13.03
C HIS G 321 -25.41 27.41 13.71
N SER G 322 -26.38 27.82 14.56
CA SER G 322 -27.21 28.98 14.31
C SER G 322 -28.38 28.87 15.27
N GLY G 323 -28.83 30.03 15.83
CA GLY G 323 -29.82 30.22 16.89
C GLY G 323 -30.84 29.16 17.24
N THR G 324 -31.02 28.92 18.55
CA THR G 324 -32.04 28.02 19.06
C THR G 324 -33.27 28.79 19.47
N VAL G 325 -33.18 30.14 19.43
CA VAL G 325 -34.21 31.14 19.70
C VAL G 325 -34.31 31.39 21.20
N VAL G 326 -34.45 30.31 21.97
CA VAL G 326 -34.50 30.28 23.41
C VAL G 326 -33.53 29.17 23.82
N GLY G 327 -33.13 29.11 25.11
CA GLY G 327 -32.11 28.17 25.54
C GLY G 327 -30.69 28.53 25.15
N LYS G 328 -29.93 27.53 24.67
CA LYS G 328 -28.49 27.64 24.45
C LYS G 328 -27.91 28.62 23.43
N LEU G 329 -28.51 28.84 22.25
CA LEU G 329 -28.01 29.80 21.25
C LEU G 329 -29.00 30.96 21.03
N GLU G 330 -28.52 32.03 20.36
CA GLU G 330 -29.20 33.30 20.08
C GLU G 330 -30.61 33.24 19.49
N GLY G 331 -31.37 34.36 19.61
CA GLY G 331 -32.62 34.52 18.88
C GLY G 331 -32.92 35.94 18.49
N GLU G 332 -31.93 36.84 18.49
CA GLU G 332 -32.16 38.27 18.41
C GLU G 332 -32.08 38.84 17.00
N ARG G 333 -32.98 39.80 16.65
CA ARG G 333 -33.08 40.40 15.33
C ARG G 333 -31.80 41.12 14.89
N GLU G 334 -31.18 41.90 15.79
CA GLU G 334 -30.00 42.69 15.46
C GLU G 334 -28.71 41.88 15.57
N VAL G 335 -28.83 40.57 15.82
CA VAL G 335 -27.72 39.63 15.85
C VAL G 335 -27.81 38.71 14.64
N THR G 336 -28.99 38.10 14.41
CA THR G 336 -29.13 36.96 13.48
C THR G 336 -29.12 37.32 12.01
N LEU G 337 -29.44 38.57 11.64
CA LEU G 337 -29.94 38.84 10.31
C LEU G 337 -28.71 39.22 9.48
N GLY G 338 -27.78 39.95 10.15
CA GLY G 338 -26.41 40.22 9.74
C GLY G 338 -25.60 38.97 9.61
N PHE G 339 -25.63 38.13 10.67
CA PHE G 339 -24.96 36.83 10.73
C PHE G 339 -25.35 35.92 9.56
N VAL G 340 -26.67 35.78 9.29
CA VAL G 340 -27.20 35.07 8.14
C VAL G 340 -26.83 35.70 6.79
N ASP G 341 -26.87 37.05 6.66
CA ASP G 341 -26.46 37.75 5.43
C ASP G 341 -24.99 37.47 5.09
N LEU G 342 -24.11 37.41 6.10
CA LEU G 342 -22.69 37.16 5.91
C LEU G 342 -22.41 35.69 5.56
N MET G 343 -23.39 34.80 5.79
CA MET G 343 -23.32 33.43 5.37
C MET G 343 -23.94 33.13 4.01
N ARG G 344 -25.15 33.66 3.75
CA ARG G 344 -25.87 33.48 2.50
C ARG G 344 -25.22 34.04 1.23
N ASP G 345 -24.74 35.30 1.30
CA ASP G 345 -24.53 36.11 0.10
C ASP G 345 -23.09 36.47 -0.24
N ASP G 346 -22.91 36.98 -1.47
CA ASP G 346 -21.65 37.35 -2.09
C ASP G 346 -21.84 38.77 -2.65
N TYR G 347 -20.75 39.44 -3.01
CA TYR G 347 -20.62 40.78 -3.56
C TYR G 347 -21.40 41.89 -2.85
N VAL G 348 -20.92 42.33 -1.67
CA VAL G 348 -21.56 43.41 -0.93
C VAL G 348 -20.53 44.25 -0.17
N GLU G 349 -20.53 45.58 -0.39
CA GLU G 349 -19.61 46.50 0.26
C GLU G 349 -19.96 46.77 1.73
N LYS G 350 -18.94 47.14 2.52
CA LYS G 350 -19.02 47.44 3.94
C LYS G 350 -19.99 48.54 4.35
N ASP G 351 -20.69 48.36 5.48
CA ASP G 351 -21.62 49.30 6.04
C ASP G 351 -21.49 49.28 7.57
N ARG G 352 -21.27 50.45 8.19
CA ARG G 352 -21.06 50.60 9.62
C ARG G 352 -22.32 50.34 10.44
N SER G 353 -23.51 50.45 9.82
CA SER G 353 -24.79 50.19 10.48
C SER G 353 -25.03 48.70 10.63
N ARG G 354 -24.25 47.89 9.88
CA ARG G 354 -24.29 46.44 9.93
C ARG G 354 -23.02 45.94 10.62
N GLY G 355 -22.21 46.87 11.17
CA GLY G 355 -20.95 46.60 11.88
C GLY G 355 -19.82 46.11 11.00
N ILE G 356 -19.87 46.39 9.70
CA ILE G 356 -18.84 45.96 8.78
C ILE G 356 -17.87 47.11 8.56
N TYR G 357 -16.58 46.86 8.84
CA TYR G 357 -15.51 47.83 8.77
C TYR G 357 -14.62 47.51 7.59
N PHE G 358 -14.72 46.29 7.02
CA PHE G 358 -13.86 45.84 5.94
C PHE G 358 -14.56 44.95 4.93
N THR G 359 -14.26 45.16 3.64
CA THR G 359 -14.76 44.35 2.55
C THR G 359 -13.69 43.40 2.06
N GLN G 360 -14.01 42.09 2.02
CA GLN G 360 -13.17 41.06 1.45
C GLN G 360 -13.72 40.83 0.06
N ASP G 361 -12.92 41.09 -1.01
CA ASP G 361 -13.40 41.09 -2.39
C ASP G 361 -13.74 39.71 -2.96
N TRP G 362 -14.87 39.13 -2.54
CA TRP G 362 -16.05 38.84 -3.34
C TRP G 362 -15.96 38.43 -4.83
N CYS G 363 -17.10 37.95 -5.36
CA CYS G 363 -17.29 37.44 -6.70
C CYS G 363 -16.74 36.04 -6.90
N SER G 364 -17.52 35.02 -6.50
CA SER G 364 -17.28 33.58 -6.60
C SER G 364 -17.09 32.94 -5.24
N MET G 365 -17.66 33.50 -4.15
CA MET G 365 -17.55 32.91 -2.83
C MET G 365 -18.88 32.20 -2.54
N PRO G 366 -18.98 30.86 -2.48
CA PRO G 366 -20.21 30.14 -2.15
C PRO G 366 -20.98 30.59 -0.93
N GLY G 367 -22.32 30.47 -0.94
CA GLY G 367 -23.16 30.70 0.24
C GLY G 367 -23.21 29.50 1.14
N VAL G 368 -23.60 29.68 2.41
CA VAL G 368 -23.69 28.60 3.38
C VAL G 368 -24.95 28.76 4.25
N MET G 369 -25.63 27.66 4.56
CA MET G 369 -27.07 27.65 4.85
C MET G 369 -27.31 27.62 6.36
N PRO G 370 -27.98 28.56 7.02
CA PRO G 370 -28.16 28.50 8.47
C PRO G 370 -29.11 27.39 8.91
N VAL G 371 -28.77 26.67 10.01
CA VAL G 371 -29.60 25.64 10.61
C VAL G 371 -30.00 26.06 12.01
N ALA G 372 -31.27 26.45 12.20
CA ALA G 372 -31.81 26.85 13.47
C ALA G 372 -32.50 25.71 14.20
N SER G 373 -32.59 25.79 15.54
CA SER G 373 -33.14 24.69 16.32
C SER G 373 -33.67 25.22 17.64
N GLY G 374 -34.72 26.07 17.61
CA GLY G 374 -36.05 25.62 17.21
C GLY G 374 -36.83 25.02 18.33
N GLY G 375 -36.57 25.44 19.59
CA GLY G 375 -37.18 24.87 20.79
C GLY G 375 -38.67 25.11 20.90
N ILE G 376 -39.13 26.30 20.50
CA ILE G 376 -40.55 26.65 20.41
C ILE G 376 -41.15 26.30 19.05
N HIS G 377 -42.31 25.61 19.04
CA HIS G 377 -43.04 25.27 17.83
C HIS G 377 -44.19 26.25 17.57
N VAL G 378 -45.46 25.78 17.52
CA VAL G 378 -46.37 26.00 16.38
C VAL G 378 -46.66 27.47 16.08
N TRP G 379 -46.90 28.30 17.12
CA TRP G 379 -47.27 29.69 17.03
C TRP G 379 -46.13 30.60 16.62
N HIS G 380 -44.87 30.12 16.74
CA HIS G 380 -43.72 30.91 16.36
C HIS G 380 -43.27 30.56 14.95
N MET G 381 -43.96 29.62 14.27
CA MET G 381 -43.75 29.38 12.84
C MET G 381 -44.08 30.55 11.91
N PRO G 382 -45.22 31.27 12.03
CA PRO G 382 -45.51 32.50 11.30
C PRO G 382 -44.41 33.52 11.34
N ALA G 383 -43.97 33.94 12.55
CA ALA G 383 -42.93 34.95 12.70
C ALA G 383 -41.58 34.49 12.15
N LEU G 384 -41.20 33.20 12.36
CA LEU G 384 -39.97 32.63 11.85
C LEU G 384 -39.92 32.63 10.33
N VAL G 385 -41.02 32.22 9.67
CA VAL G 385 -41.13 32.19 8.22
C VAL G 385 -41.14 33.61 7.66
N GLU G 386 -41.86 34.55 8.29
CA GLU G 386 -41.89 35.93 7.84
C GLU G 386 -40.55 36.65 7.96
N ILE G 387 -39.80 36.41 9.06
CA ILE G 387 -38.46 36.94 9.25
C ILE G 387 -37.39 36.31 8.36
N PHE G 388 -37.39 34.97 8.19
CA PHE G 388 -36.31 34.24 7.53
C PHE G 388 -36.64 33.66 6.14
N GLY G 389 -37.91 33.60 5.71
CA GLY G 389 -38.29 33.03 4.42
C GLY G 389 -37.89 31.59 4.20
N ASP G 390 -37.09 31.34 3.14
CA ASP G 390 -36.67 30.02 2.72
C ASP G 390 -35.15 29.85 2.91
N ASP G 391 -34.50 30.69 3.75
CA ASP G 391 -33.48 30.24 4.69
C ASP G 391 -34.00 29.24 5.73
N ALA G 392 -33.14 28.29 6.17
CA ALA G 392 -33.42 27.24 7.15
C ALA G 392 -34.26 26.08 6.57
N CYS G 393 -34.09 24.80 6.95
CA CYS G 393 -33.25 24.12 7.91
C CYS G 393 -33.64 24.43 9.35
N LEU G 394 -34.93 24.21 9.65
CA LEU G 394 -35.52 24.41 10.95
C LEU G 394 -35.67 23.10 11.68
N GLN G 395 -34.85 22.85 12.72
CA GLN G 395 -34.82 21.59 13.41
C GLN G 395 -35.53 21.72 14.75
N PHE G 396 -36.79 21.25 14.86
CA PHE G 396 -37.57 21.40 16.08
C PHE G 396 -37.04 20.59 17.25
N GLY G 397 -37.34 20.99 18.50
CA GLY G 397 -36.94 20.22 19.69
C GLY G 397 -38.09 19.97 20.62
N GLY G 398 -39.21 20.69 20.43
CA GLY G 398 -40.48 20.46 21.10
C GLY G 398 -41.39 19.78 20.11
N GLY G 399 -41.35 20.24 18.84
CA GLY G 399 -42.09 19.64 17.73
C GLY G 399 -41.69 18.20 17.52
N THR G 400 -42.64 17.31 17.20
CA THR G 400 -42.41 15.88 16.98
C THR G 400 -42.27 15.14 18.30
N LEU G 401 -41.18 15.36 19.05
CA LEU G 401 -40.83 14.67 20.29
C LEU G 401 -41.45 15.32 21.53
N GLY G 402 -42.61 15.97 21.33
CA GLY G 402 -43.39 16.63 22.37
C GLY G 402 -44.86 16.51 22.05
N HIS G 403 -45.24 15.56 21.16
CA HIS G 403 -46.61 15.39 20.73
C HIS G 403 -47.13 14.10 21.37
N PRO G 404 -48.16 14.08 22.22
CA PRO G 404 -48.55 12.89 22.98
C PRO G 404 -49.30 11.88 22.12
N TRP G 405 -49.45 12.10 20.80
CA TRP G 405 -50.01 11.11 19.90
C TRP G 405 -48.93 10.33 19.16
N GLY G 406 -47.64 10.67 19.38
CA GLY G 406 -46.49 9.94 18.83
C GLY G 406 -45.76 10.66 17.73
N ASN G 407 -44.67 10.04 17.24
CA ASN G 407 -43.76 10.67 16.31
C ASN G 407 -44.35 10.97 14.93
N ALA G 408 -45.18 10.07 14.37
CA ALA G 408 -45.85 10.32 13.10
C ALA G 408 -46.87 11.46 13.14
N PRO G 409 -47.83 11.59 14.08
CA PRO G 409 -48.71 12.76 14.13
C PRO G 409 -47.97 14.02 14.51
N GLY G 410 -46.88 13.93 15.29
CA GLY G 410 -46.02 15.05 15.63
C GLY G 410 -45.36 15.65 14.41
N ALA G 411 -44.69 14.79 13.63
CA ALA G 411 -44.05 15.14 12.38
C ALA G 411 -45.04 15.63 11.34
N ALA G 412 -46.23 15.00 11.27
CA ALA G 412 -47.31 15.38 10.40
C ALA G 412 -47.84 16.76 10.73
N ALA G 413 -48.02 17.09 12.03
CA ALA G 413 -48.42 18.41 12.47
C ALA G 413 -47.39 19.48 12.12
N ASN G 414 -46.08 19.17 12.26
CA ASN G 414 -45.02 20.11 11.92
C ASN G 414 -44.95 20.34 10.40
N ARG G 415 -45.16 19.25 9.63
CA ARG G 415 -45.25 19.27 8.18
C ARG G 415 -46.47 20.01 7.65
N VAL G 416 -47.63 19.84 8.30
CA VAL G 416 -48.86 20.55 7.99
C VAL G 416 -48.69 22.03 8.26
N ALA G 417 -48.09 22.40 9.41
CA ALA G 417 -47.79 23.79 9.69
C ALA G 417 -46.79 24.43 8.72
N LEU G 418 -45.74 23.67 8.27
CA LEU G 418 -44.79 24.14 7.28
C LEU G 418 -45.43 24.40 5.92
N GLU G 419 -46.28 23.47 5.46
CA GLU G 419 -46.99 23.60 4.20
C GLU G 419 -48.07 24.66 4.26
N ALA G 420 -48.81 24.77 5.39
CA ALA G 420 -49.79 25.82 5.61
C ALA G 420 -49.20 27.23 5.64
N CYS G 421 -48.03 27.41 6.30
CA CYS G 421 -47.30 28.66 6.29
C CYS G 421 -46.77 28.99 4.89
N THR G 422 -46.25 27.97 4.17
CA THR G 422 -45.74 28.17 2.82
C THR G 422 -46.82 28.49 1.81
N GLN G 423 -48.02 27.88 1.97
CA GLN G 423 -49.19 28.24 1.18
C GLN G 423 -49.68 29.65 1.47
N ALA G 424 -49.69 30.08 2.74
CA ALA G 424 -50.00 31.44 3.14
C ALA G 424 -49.00 32.45 2.54
N ARG G 425 -47.70 32.10 2.48
CA ARG G 425 -46.65 32.88 1.86
C ARG G 425 -46.85 32.97 0.34
N ASN G 426 -47.30 31.89 -0.31
CA ASN G 426 -47.64 31.83 -1.73
C ASN G 426 -48.88 32.67 -2.05
N GLU G 427 -49.80 32.83 -1.07
CA GLU G 427 -51.00 33.63 -1.22
C GLU G 427 -50.76 35.12 -0.99
N GLY G 428 -49.53 35.52 -0.58
CA GLY G 428 -49.18 36.91 -0.31
C GLY G 428 -49.81 37.47 0.94
N ARG G 429 -50.12 36.59 1.90
CA ARG G 429 -50.73 36.94 3.16
C ARG G 429 -49.82 37.73 4.09
N ASP G 430 -50.40 38.58 4.96
CA ASP G 430 -49.67 39.34 5.95
C ASP G 430 -49.42 38.38 7.13
N LEU G 431 -48.39 37.53 6.98
CA LEU G 431 -48.15 36.32 7.74
C LEU G 431 -48.11 36.50 9.24
N ALA G 432 -47.56 37.63 9.72
CA ALA G 432 -47.51 37.97 11.13
C ALA G 432 -48.89 38.05 11.77
N ARG G 433 -49.94 38.51 11.05
CA ARG G 433 -51.28 38.57 11.58
C ARG G 433 -52.17 37.46 11.05
N GLU G 434 -51.98 37.07 9.78
CA GLU G 434 -52.81 36.05 9.16
C GLU G 434 -52.48 34.65 9.63
N GLY G 435 -51.20 34.37 10.00
CA GLY G 435 -50.72 33.02 10.32
C GLY G 435 -51.43 32.28 11.42
N GLY G 436 -51.89 33.01 12.47
CA GLY G 436 -52.71 32.46 13.54
C GLY G 436 -54.04 31.93 13.09
N ASP G 437 -54.63 32.60 12.09
CA ASP G 437 -55.92 32.22 11.56
C ASP G 437 -55.75 31.11 10.53
N VAL G 438 -54.60 31.08 9.84
CA VAL G 438 -54.18 30.00 8.94
C VAL G 438 -53.99 28.70 9.71
N ILE G 439 -53.34 28.77 10.90
CA ILE G 439 -53.17 27.63 11.79
C ILE G 439 -54.50 27.11 12.32
N ARG G 440 -55.40 28.00 12.78
CA ARG G 440 -56.77 27.64 13.14
C ARG G 440 -57.57 27.03 12.01
N SER G 441 -57.42 27.56 10.77
CA SER G 441 -58.10 27.04 9.59
C SER G 441 -57.60 25.64 9.24
N ALA G 442 -56.28 25.38 9.35
CA ALA G 442 -55.66 24.09 9.16
C ALA G 442 -56.14 23.03 10.18
N CYS G 443 -56.37 23.47 11.43
CA CYS G 443 -56.74 22.61 12.56
C CYS G 443 -58.09 21.92 12.43
N LYS G 444 -58.98 22.37 11.52
CA LYS G 444 -60.29 21.76 11.32
C LYS G 444 -60.20 20.27 10.94
N TRP G 445 -59.26 19.90 10.04
CA TRP G 445 -59.02 18.51 9.73
C TRP G 445 -57.62 18.33 9.14
N SER G 446 -56.61 19.03 9.70
CA SER G 446 -55.59 18.33 10.45
C SER G 446 -55.91 18.17 11.93
N PRO G 447 -56.45 17.03 12.41
CA PRO G 447 -56.58 16.74 13.84
C PRO G 447 -55.23 16.80 14.54
N GLU G 448 -54.14 16.43 13.83
CA GLU G 448 -52.79 16.38 14.33
C GLU G 448 -52.27 17.76 14.74
N LEU G 449 -52.62 18.80 13.95
CA LEU G 449 -52.29 20.18 14.25
C LEU G 449 -53.20 20.74 15.32
N ALA G 450 -54.47 20.30 15.37
CA ALA G 450 -55.39 20.69 16.44
C ALA G 450 -54.88 20.25 17.81
N ALA G 451 -54.32 19.03 17.89
CA ALA G 451 -53.70 18.50 19.08
C ALA G 451 -52.40 19.23 19.40
N ALA G 452 -51.61 19.58 18.37
CA ALA G 452 -50.39 20.36 18.48
C ALA G 452 -50.64 21.77 19.08
N CYS G 453 -51.80 22.36 18.76
CA CYS G 453 -52.15 23.72 19.13
C CYS G 453 -52.88 23.76 20.45
N GLU G 454 -53.53 22.65 20.87
CA GLU G 454 -54.02 22.55 22.25
C GLU G 454 -52.82 22.28 23.17
N VAL G 455 -51.87 21.41 22.77
CA VAL G 455 -50.68 21.09 23.54
C VAL G 455 -49.73 22.28 23.72
N TRP G 456 -49.49 23.07 22.65
CA TRP G 456 -48.68 24.27 22.71
C TRP G 456 -49.50 25.55 22.61
N LYS G 457 -50.43 25.78 23.54
CA LYS G 457 -51.21 27.00 23.56
C LYS G 457 -50.51 28.15 24.27
N GLU G 458 -49.61 27.85 25.23
CA GLU G 458 -48.88 28.85 25.99
C GLU G 458 -47.83 29.65 25.21
N ILE G 459 -47.03 29.03 24.32
CA ILE G 459 -45.95 29.74 23.61
C ILE G 459 -46.45 30.75 22.59
N LYS G 460 -46.10 32.04 22.75
CA LYS G 460 -46.49 33.08 21.82
C LYS G 460 -45.34 34.00 21.45
N PHE G 461 -44.11 33.71 21.94
CA PHE G 461 -42.91 34.48 21.69
C PHE G 461 -42.48 34.64 20.24
N GLU G 462 -42.04 35.85 19.85
CA GLU G 462 -41.52 36.15 18.54
C GLU G 462 -39.99 36.12 18.63
N PHE G 463 -39.37 37.30 18.68
CA PHE G 463 -37.94 37.49 18.80
C PHE G 463 -37.75 38.77 19.58
N ASP G 464 -36.65 38.88 20.36
CA ASP G 464 -36.17 40.15 20.86
C ASP G 464 -35.37 40.87 19.78
N THR G 465 -35.31 42.21 19.82
CA THR G 465 -34.68 43.00 18.77
C THR G 465 -33.20 43.17 19.05
N ILE G 466 -32.84 43.69 20.23
CA ILE G 466 -31.50 44.21 20.53
C ILE G 466 -30.58 43.10 21.03
N ASP G 467 -29.28 43.15 20.66
CA ASP G 467 -28.27 42.19 21.08
C ASP G 467 -28.09 42.00 22.60
N LYS G 468 -28.11 40.74 23.07
CA LYS G 468 -27.99 40.42 24.48
C LYS G 468 -26.82 39.47 24.68
N LEU G 469 -25.68 40.02 25.15
CA LEU G 469 -24.44 39.28 25.26
C LEU G 469 -24.19 38.92 26.75
N MET H 1 53.16 22.29 -23.14
CA MET H 1 51.94 22.35 -22.28
C MET H 1 50.93 21.25 -22.66
N MET H 2 49.90 20.93 -21.84
CA MET H 2 49.57 21.52 -20.55
C MET H 2 49.27 20.47 -19.48
N VAL H 3 50.04 20.50 -18.38
CA VAL H 3 49.73 19.74 -17.17
C VAL H 3 49.11 20.69 -16.16
N TRP H 4 47.85 20.42 -15.76
CA TRP H 4 47.08 21.28 -14.90
C TRP H 4 46.65 20.50 -13.67
N THR H 5 46.74 21.10 -12.45
CA THR H 5 46.33 20.49 -11.18
C THR H 5 46.73 21.41 -10.04
N PRO H 6 45.91 21.66 -9.00
CA PRO H 6 46.34 22.42 -7.84
C PRO H 6 47.14 21.53 -6.89
N VAL H 7 48.44 21.80 -6.69
CA VAL H 7 49.33 20.94 -5.92
C VAL H 7 49.76 21.63 -4.63
N ASN H 8 49.66 20.89 -3.50
CA ASN H 8 49.95 21.27 -2.12
C ASN H 8 48.93 22.24 -1.55
N ASN H 9 47.81 22.43 -2.24
CA ASN H 9 46.81 23.42 -1.93
C ASN H 9 45.63 23.03 -2.79
N LYS H 10 44.45 23.62 -2.56
CA LYS H 10 43.24 23.35 -3.31
C LYS H 10 42.69 24.65 -3.85
N MET H 11 41.67 24.58 -4.74
CA MET H 11 40.99 25.76 -5.22
C MET H 11 39.91 26.21 -4.24
N PHE H 12 40.27 27.10 -3.30
CA PHE H 12 39.34 27.66 -2.33
C PHE H 12 38.34 28.66 -2.93
N GLU H 13 37.41 28.11 -3.74
CA GLU H 13 36.31 28.77 -4.40
C GLU H 13 36.71 29.96 -5.28
N THR H 14 35.81 30.95 -5.43
CA THR H 14 35.95 32.07 -6.35
C THR H 14 37.17 32.94 -6.06
N PHE H 15 37.96 33.25 -7.11
CA PHE H 15 39.17 34.08 -7.10
C PHE H 15 40.43 33.35 -6.66
N SER H 16 40.41 32.00 -6.60
CA SER H 16 41.59 31.21 -6.26
C SER H 16 42.36 30.76 -7.50
N TYR H 17 41.77 30.97 -8.69
CA TYR H 17 42.32 30.57 -9.97
C TYR H 17 43.16 31.69 -10.60
N LEU H 18 43.25 32.85 -9.91
CA LEU H 18 44.04 34.00 -10.29
C LEU H 18 44.91 34.42 -9.10
N PRO H 19 46.06 35.09 -9.26
CA PRO H 19 46.90 35.61 -8.18
C PRO H 19 46.18 36.37 -7.06
N PRO H 20 46.59 36.30 -5.79
CA PRO H 20 45.87 36.92 -4.67
C PRO H 20 45.81 38.45 -4.73
N LEU H 21 44.61 39.04 -4.50
CA LEU H 21 44.41 40.47 -4.39
C LEU H 21 45.13 41.09 -3.18
N THR H 22 45.62 42.34 -3.33
CA THR H 22 46.32 43.07 -2.28
C THR H 22 45.34 43.78 -1.35
N ASP H 23 45.81 44.23 -0.17
CA ASP H 23 44.99 44.94 0.79
C ASP H 23 44.45 46.25 0.22
N GLU H 24 45.25 46.94 -0.63
CA GLU H 24 44.88 48.16 -1.33
C GLU H 24 43.79 47.94 -2.37
N GLN H 25 43.86 46.83 -3.14
CA GLN H 25 42.84 46.45 -4.11
C GLN H 25 41.53 46.10 -3.44
N ILE H 26 41.61 45.40 -2.29
CA ILE H 26 40.47 45.04 -1.47
C ILE H 26 39.78 46.28 -0.92
N ALA H 27 40.54 47.26 -0.37
CA ALA H 27 39.97 48.50 0.13
C ALA H 27 39.27 49.34 -0.95
N ALA H 28 39.87 49.45 -2.15
CA ALA H 28 39.29 50.15 -3.27
C ALA H 28 38.01 49.49 -3.78
N GLN H 29 38.01 48.15 -3.84
CA GLN H 29 36.86 47.38 -4.27
C GLN H 29 35.74 47.36 -3.24
N VAL H 30 36.08 47.44 -1.93
CA VAL H 30 35.10 47.63 -0.86
C VAL H 30 34.44 48.99 -0.98
N ASP H 31 35.22 50.08 -1.24
CA ASP H 31 34.69 51.42 -1.47
C ASP H 31 33.71 51.47 -2.66
N TYR H 32 34.04 50.78 -3.77
CA TYR H 32 33.16 50.58 -4.93
C TYR H 32 31.87 49.82 -4.59
N ILE H 33 32.00 48.70 -3.84
CA ILE H 33 30.89 47.83 -3.43
C ILE H 33 29.95 48.58 -2.48
N VAL H 34 30.52 49.43 -1.61
CA VAL H 34 29.82 50.36 -0.74
C VAL H 34 29.08 51.43 -1.52
N ALA H 35 29.72 52.03 -2.55
CA ALA H 35 29.11 53.04 -3.42
C ALA H 35 27.86 52.57 -4.14
N ASN H 36 27.84 51.28 -4.50
CA ASN H 36 26.75 50.62 -5.20
C ASN H 36 25.66 50.10 -4.25
N GLY H 37 25.81 50.35 -2.93
CA GLY H 37 24.77 50.07 -1.93
C GLY H 37 24.77 48.70 -1.32
N TRP H 38 25.90 47.99 -1.35
CA TRP H 38 26.06 46.69 -0.72
C TRP H 38 26.52 46.84 0.72
N ILE H 39 26.17 45.89 1.62
CA ILE H 39 26.53 45.97 3.04
C ILE H 39 27.55 44.88 3.41
N PRO H 40 28.85 45.19 3.60
CA PRO H 40 29.87 44.22 3.99
C PRO H 40 29.72 43.53 5.34
N CYS H 41 30.23 42.29 5.46
CA CYS H 41 30.41 41.58 6.71
C CYS H 41 31.73 40.82 6.66
N LEU H 42 32.51 40.81 7.77
CA LEU H 42 33.75 40.07 7.87
C LEU H 42 33.50 38.72 8.53
N GLU H 43 33.99 37.63 7.94
CA GLU H 43 33.71 36.29 8.42
C GLU H 43 34.97 35.43 8.36
N PHE H 44 34.98 34.34 9.15
CA PHE H 44 36.11 33.46 9.25
C PHE H 44 35.64 32.01 9.40
N ALA H 45 36.50 31.04 9.08
CA ALA H 45 36.18 29.64 9.23
C ALA H 45 37.42 28.80 9.49
N GLU H 46 37.33 27.86 10.44
CA GLU H 46 38.36 26.90 10.84
C GLU H 46 38.76 26.03 9.66
N ALA H 47 40.04 25.62 9.55
CA ALA H 47 40.61 24.99 8.35
C ALA H 47 39.86 23.78 7.80
N ASP H 48 39.34 22.87 8.65
CA ASP H 48 38.56 21.74 8.21
C ASP H 48 37.07 22.04 8.13
N LYS H 49 36.62 23.23 8.57
CA LYS H 49 35.23 23.65 8.53
C LYS H 49 34.96 24.64 7.41
N ALA H 50 36.00 24.99 6.63
CA ALA H 50 35.89 25.86 5.47
C ALA H 50 35.95 25.09 4.16
N TYR H 51 36.14 23.76 4.23
CA TYR H 51 36.28 22.87 3.09
C TYR H 51 35.17 21.83 3.18
N VAL H 52 34.39 21.64 2.09
CA VAL H 52 33.14 20.89 2.09
C VAL H 52 33.28 19.41 2.51
N SER H 53 32.27 18.89 3.25
CA SER H 53 32.28 17.56 3.84
C SER H 53 30.88 17.00 3.78
N ASN H 54 30.74 15.66 3.72
CA ASN H 54 29.43 15.02 3.78
C ASN H 54 29.40 13.96 4.88
N GLU H 55 30.34 13.99 5.84
CA GLU H 55 30.46 12.98 6.90
C GLU H 55 29.22 12.92 7.80
N SER H 56 28.61 14.09 8.04
CA SER H 56 27.41 14.30 8.84
C SER H 56 26.15 13.60 8.35
N ALA H 57 26.19 13.04 7.12
CA ALA H 57 25.22 12.14 6.52
C ALA H 57 25.00 10.89 7.37
N ILE H 58 25.95 10.56 8.25
CA ILE H 58 25.87 9.47 9.21
C ILE H 58 24.73 9.63 10.22
N ARG H 59 24.43 10.85 10.70
CA ARG H 59 23.33 11.09 11.62
C ARG H 59 21.95 11.28 10.97
N PHE H 60 21.86 11.50 9.65
CA PHE H 60 20.59 11.81 8.97
C PHE H 60 20.23 10.77 7.91
N GLY H 61 18.98 10.26 7.94
CA GLY H 61 18.56 9.14 7.09
C GLY H 61 18.38 9.43 5.61
N SER H 62 17.64 10.48 5.23
CA SER H 62 17.43 10.81 3.83
C SER H 62 18.50 11.75 3.30
N VAL H 63 19.27 11.26 2.34
CA VAL H 63 20.44 11.93 1.76
C VAL H 63 20.43 11.62 0.26
N SER H 64 21.16 12.34 -0.60
CA SER H 64 21.94 13.57 -0.43
C SER H 64 21.08 14.75 0.02
N CYS H 65 19.86 14.84 -0.53
CA CYS H 65 18.80 15.80 -0.23
C CYS H 65 19.16 17.27 -0.08
N LEU H 66 19.99 17.81 -0.99
CA LEU H 66 20.48 19.19 -1.01
C LEU H 66 21.38 19.59 0.17
N TYR H 67 21.43 18.79 1.25
CA TYR H 67 22.28 18.92 2.42
C TYR H 67 23.77 19.07 2.11
N TYR H 68 24.47 19.94 2.86
CA TYR H 68 25.89 20.18 2.73
C TYR H 68 26.43 20.34 4.13
N ASP H 69 27.76 20.29 4.31
CA ASP H 69 28.36 20.52 5.60
C ASP H 69 29.79 21.02 5.38
N ASN H 70 30.36 21.71 6.39
CA ASN H 70 31.68 22.33 6.39
C ASN H 70 31.85 23.42 5.33
N ARG H 71 30.75 24.14 5.02
CA ARG H 71 30.78 25.36 4.23
C ARG H 71 30.21 26.56 4.97
N TYR H 72 30.01 26.46 6.31
CA TYR H 72 29.49 27.54 7.10
C TYR H 72 30.62 28.40 7.69
N TRP H 73 30.52 29.73 7.56
CA TRP H 73 31.53 30.67 8.01
C TRP H 73 30.97 31.50 9.15
N THR H 74 31.78 31.76 10.19
CA THR H 74 31.38 32.48 11.40
C THR H 74 31.74 33.94 11.29
N MET H 75 30.85 34.86 11.71
CA MET H 75 31.06 36.29 11.61
C MET H 75 31.99 36.87 12.67
N TRP H 76 32.85 37.84 12.29
CA TRP H 76 33.80 38.50 13.18
C TRP H 76 33.17 39.63 13.99
N LYS H 77 32.58 39.27 15.15
CA LYS H 77 32.00 40.14 16.16
C LYS H 77 30.72 40.88 15.77
N LEU H 78 30.81 41.72 14.73
CA LEU H 78 29.76 42.62 14.30
C LEU H 78 29.65 42.62 12.77
N PRO H 79 28.50 42.88 12.16
CA PRO H 79 28.43 43.24 10.74
C PRO H 79 28.76 44.73 10.58
N MET H 80 29.07 45.20 9.36
CA MET H 80 29.43 46.59 9.14
C MET H 80 28.22 47.52 9.03
N PHE H 81 27.43 47.67 10.12
CA PHE H 81 26.25 48.53 10.13
C PHE H 81 26.65 49.97 10.49
N GLY H 82 26.15 50.95 9.73
CA GLY H 82 26.53 52.35 9.83
C GLY H 82 27.84 52.59 9.11
N CYS H 83 28.96 52.53 9.87
CA CYS H 83 30.30 52.67 9.33
C CYS H 83 30.69 51.55 8.35
N ARG H 84 31.30 51.90 7.20
CA ARG H 84 31.75 50.93 6.21
C ARG H 84 33.26 51.04 5.95
N ASP H 85 33.96 51.99 6.60
CA ASP H 85 35.37 52.32 6.44
C ASP H 85 36.33 51.16 6.10
N PRO H 86 37.03 51.13 4.95
CA PRO H 86 37.98 50.06 4.64
C PRO H 86 39.14 49.98 5.60
N MET H 87 39.48 51.06 6.33
CA MET H 87 40.54 51.02 7.32
C MET H 87 40.06 50.39 8.63
N GLN H 88 38.74 50.50 8.93
CA GLN H 88 38.10 49.73 10.00
C GLN H 88 38.11 48.25 9.69
N VAL H 89 37.84 47.91 8.41
CA VAL H 89 37.89 46.54 7.90
C VAL H 89 39.30 45.99 8.00
N LEU H 90 40.32 46.80 7.63
CA LEU H 90 41.72 46.43 7.75
C LEU H 90 42.16 46.21 9.20
N ARG H 91 41.71 47.06 10.15
CA ARG H 91 41.95 46.82 11.57
C ARG H 91 41.30 45.56 12.11
N GLU H 92 40.05 45.28 11.70
CA GLU H 92 39.33 44.08 12.07
C GLU H 92 39.97 42.82 11.50
N ILE H 93 40.46 42.87 10.23
CA ILE H 93 41.21 41.79 9.60
C ILE H 93 42.52 41.48 10.32
N VAL H 94 43.27 42.52 10.72
CA VAL H 94 44.49 42.36 11.51
C VAL H 94 44.21 41.76 12.89
N ALA H 95 43.16 42.25 13.58
CA ALA H 95 42.73 41.69 14.86
C ALA H 95 42.25 40.25 14.76
N CYS H 96 41.51 39.91 13.68
CA CYS H 96 41.05 38.56 13.37
C CYS H 96 42.22 37.62 13.08
N THR H 97 43.19 38.09 12.27
CA THR H 97 44.40 37.35 11.89
C THR H 97 45.26 37.06 13.10
N LYS H 98 45.41 38.04 14.01
CA LYS H 98 46.06 37.86 15.30
C LYS H 98 45.34 36.91 16.24
N ALA H 99 44.00 36.99 16.33
CA ALA H 99 43.19 36.12 17.14
C ALA H 99 43.17 34.65 16.71
N PHE H 100 43.12 34.39 15.39
CA PHE H 100 43.04 33.04 14.86
C PHE H 100 44.08 32.71 13.79
N PRO H 101 45.13 31.95 14.12
CA PRO H 101 46.11 31.51 13.14
C PRO H 101 45.55 30.40 12.26
N ASP H 102 44.58 29.63 12.80
CA ASP H 102 44.11 28.40 12.20
C ASP H 102 42.74 28.50 11.57
N ALA H 103 42.23 29.73 11.42
CA ALA H 103 41.02 29.99 10.67
C ALA H 103 41.38 30.77 9.42
N TYR H 104 40.61 30.56 8.34
CA TYR H 104 40.66 31.36 7.14
C TYR H 104 39.74 32.55 7.32
N VAL H 105 40.10 33.74 6.79
CA VAL H 105 39.32 34.97 6.93
C VAL H 105 38.90 35.44 5.54
N ARG H 106 37.62 35.82 5.34
CA ARG H 106 37.08 36.23 4.05
C ARG H 106 36.09 37.39 4.21
N LEU H 107 35.89 38.23 3.18
CA LEU H 107 34.86 39.25 3.18
C LEU H 107 33.67 38.84 2.32
N VAL H 108 32.46 39.13 2.85
CA VAL H 108 31.20 38.85 2.21
C VAL H 108 30.39 40.13 2.30
N ALA H 109 29.30 40.26 1.54
CA ALA H 109 28.47 41.43 1.62
C ALA H 109 27.05 41.02 1.27
N PHE H 110 26.03 41.84 1.58
CA PHE H 110 24.69 41.52 1.14
C PHE H 110 23.95 42.70 0.52
N ASP H 111 23.00 42.33 -0.34
CA ASP H 111 22.04 43.16 -1.03
C ASP H 111 20.71 43.08 -0.29
N ASN H 112 20.30 44.14 0.43
CA ASN H 112 19.12 44.13 1.27
C ASN H 112 17.81 44.13 0.44
N GLN H 113 17.87 44.50 -0.85
CA GLN H 113 16.70 44.57 -1.73
C GLN H 113 16.02 43.21 -1.90
N LYS H 114 16.82 42.12 -2.02
CA LYS H 114 16.32 40.76 -2.05
C LYS H 114 16.86 39.93 -0.89
N GLN H 115 17.59 40.57 0.04
CA GLN H 115 18.35 40.00 1.15
C GLN H 115 19.29 38.84 0.76
N VAL H 116 20.10 39.04 -0.30
CA VAL H 116 21.02 38.04 -0.83
C VAL H 116 22.47 38.38 -0.52
N GLN H 117 23.21 37.38 0.00
CA GLN H 117 24.61 37.48 0.37
C GLN H 117 25.54 37.10 -0.77
N ILE H 118 26.55 37.94 -1.06
CA ILE H 118 27.61 37.70 -2.03
C ILE H 118 28.89 37.33 -1.29
N MET H 119 29.57 36.26 -1.72
CA MET H 119 30.78 35.78 -1.09
C MET H 119 31.96 36.20 -1.95
N GLY H 120 32.77 37.17 -1.48
CA GLY H 120 33.80 37.81 -2.27
C GLY H 120 35.20 37.37 -1.94
N PHE H 121 36.14 38.31 -2.10
CA PHE H 121 37.55 38.17 -1.81
C PHE H 121 37.81 38.16 -0.30
N LEU H 122 38.83 37.47 0.23
CA LEU H 122 39.81 36.62 -0.39
C LEU H 122 40.04 35.58 0.69
N VAL H 123 40.34 34.32 0.38
CA VAL H 123 40.54 33.29 1.40
C VAL H 123 41.96 33.38 1.93
N GLN H 124 42.15 33.80 3.19
CA GLN H 124 43.45 34.18 3.71
C GLN H 124 43.66 33.68 5.13
N ARG H 125 44.88 33.22 5.46
CA ARG H 125 45.26 32.69 6.76
C ARG H 125 46.74 32.99 6.92
N PRO H 126 47.37 33.20 8.08
CA PRO H 126 48.81 33.48 8.17
C PRO H 126 49.65 32.23 7.99
N LYS H 127 49.02 31.10 7.60
CA LYS H 127 49.65 29.84 7.28
C LYS H 127 49.22 29.44 5.87
N THR H 128 48.90 30.41 4.99
CA THR H 128 48.45 30.15 3.60
C THR H 128 49.39 29.25 2.81
N ALA H 129 48.83 28.24 2.12
CA ALA H 129 49.55 27.23 1.39
C ALA H 129 49.89 27.64 -0.04
N ARG H 130 50.71 26.81 -0.72
CA ARG H 130 51.32 26.98 -2.03
C ARG H 130 50.58 27.75 -3.13
N ASP H 131 51.30 28.69 -3.77
CA ASP H 131 50.85 29.49 -4.89
C ASP H 131 50.78 28.69 -6.19
N PHE H 132 49.85 29.06 -7.08
CA PHE H 132 49.59 28.35 -8.32
C PHE H 132 50.20 29.11 -9.52
N THR I 1 -17.78 -49.16 6.70
CA THR I 1 -18.46 -48.41 5.59
C THR I 1 -17.66 -47.23 5.07
N LYS I 2 -17.70 -46.98 3.75
CA LYS I 2 -17.09 -45.82 3.12
C LYS I 2 -18.06 -44.66 2.96
N ALA I 3 -19.32 -44.85 3.43
CA ALA I 3 -20.45 -43.93 3.46
C ALA I 3 -21.67 -44.66 2.94
N GLY I 4 -22.86 -44.37 3.53
CA GLY I 4 -24.13 -44.96 3.14
C GLY I 4 -24.71 -45.94 4.12
N ALA I 5 -24.24 -45.99 5.38
CA ALA I 5 -24.78 -46.89 6.38
C ALA I 5 -26.07 -46.38 7.03
N GLY I 6 -27.14 -47.20 7.01
CA GLY I 6 -28.40 -46.90 7.68
C GLY I 6 -28.42 -47.40 9.11
N PHE I 7 -27.61 -46.79 9.99
CA PHE I 7 -27.52 -47.11 11.40
C PHE I 7 -28.86 -47.07 12.16
N LYS I 8 -29.09 -48.01 13.08
CA LYS I 8 -30.22 -47.99 13.99
C LYS I 8 -30.16 -46.86 15.00
N ALA I 9 -31.32 -46.27 15.37
CA ALA I 9 -31.38 -45.20 16.35
C ALA I 9 -30.87 -45.58 17.74
N GLY I 10 -29.88 -44.83 18.28
CA GLY I 10 -29.29 -45.08 19.60
C GLY I 10 -27.81 -44.89 19.53
N VAL I 11 -27.05 -45.35 20.55
CA VAL I 11 -25.59 -45.26 20.57
C VAL I 11 -25.01 -46.67 20.54
N LYS I 12 -24.13 -46.97 19.56
CA LYS I 12 -23.48 -48.25 19.42
C LYS I 12 -22.19 -48.29 20.24
N ASP I 13 -21.87 -49.43 20.90
CA ASP I 13 -20.67 -49.61 21.70
C ASP I 13 -19.36 -49.24 20.98
N TYR I 14 -18.59 -48.33 21.61
CA TYR I 14 -17.35 -47.79 21.07
C TYR I 14 -16.28 -48.87 20.88
N ARG I 15 -16.32 -49.94 21.68
CA ARG I 15 -15.36 -51.02 21.60
C ARG I 15 -15.53 -51.90 20.37
N LEU I 16 -16.72 -51.82 19.73
CA LEU I 16 -17.02 -52.53 18.50
C LEU I 16 -16.89 -51.62 17.29
N THR I 17 -16.47 -50.35 17.48
CA THR I 17 -16.44 -49.38 16.37
C THR I 17 -15.20 -48.51 16.29
N TYR I 18 -14.52 -48.17 17.41
CA TYR I 18 -13.34 -47.31 17.41
C TYR I 18 -12.13 -47.92 18.12
N TYR I 19 -12.15 -49.23 18.42
CA TYR I 19 -11.06 -49.91 19.08
C TYR I 19 -10.67 -51.20 18.35
N THR I 20 -9.41 -51.28 17.89
CA THR I 20 -8.90 -52.38 17.07
C THR I 20 -7.52 -52.78 17.55
N PRO I 21 -7.35 -53.80 18.38
CA PRO I 21 -6.05 -54.11 18.97
C PRO I 21 -5.09 -54.81 18.02
N ASP I 22 -5.47 -55.12 16.76
CA ASP I 22 -4.59 -55.73 15.78
C ASP I 22 -4.25 -54.78 14.62
N TYR I 23 -4.58 -53.48 14.74
CA TYR I 23 -4.30 -52.46 13.72
C TYR I 23 -2.82 -52.28 13.37
N VAL I 24 -2.49 -52.04 12.08
CA VAL I 24 -1.14 -51.81 11.59
C VAL I 24 -1.01 -50.38 11.07
N VAL I 25 -0.19 -49.54 11.72
CA VAL I 25 -0.03 -48.14 11.36
C VAL I 25 0.56 -47.88 9.98
N ARG I 26 0.21 -46.72 9.40
CA ARG I 26 0.82 -46.23 8.18
C ARG I 26 1.94 -45.26 8.57
N ASP I 27 2.81 -44.91 7.60
CA ASP I 27 3.90 -43.98 7.79
C ASP I 27 3.39 -42.54 7.89
N THR I 28 2.14 -42.31 7.46
CA THR I 28 1.46 -41.02 7.50
C THR I 28 0.52 -40.90 8.69
N ASP I 29 0.33 -41.97 9.48
CA ASP I 29 -0.54 -41.95 10.65
C ASP I 29 0.03 -41.12 11.80
N ILE I 30 -0.84 -40.39 12.52
CA ILE I 30 -0.53 -39.59 13.70
C ILE I 30 -0.94 -40.40 14.91
N LEU I 31 -0.02 -40.70 15.85
CA LEU I 31 -0.36 -41.49 17.02
C LEU I 31 -0.15 -40.71 18.30
N ALA I 32 -0.96 -41.00 19.32
CA ALA I 32 -0.84 -40.38 20.63
C ALA I 32 -0.92 -41.46 21.69
N ALA I 33 -0.04 -41.38 22.71
CA ALA I 33 0.02 -42.31 23.82
C ALA I 33 -0.38 -41.56 25.07
N PHE I 34 -1.39 -42.07 25.80
CA PHE I 34 -1.94 -41.40 26.98
C PHE I 34 -1.93 -42.32 28.19
N ARG I 35 -1.64 -41.77 29.38
CA ARG I 35 -1.77 -42.45 30.65
C ARG I 35 -3.11 -42.04 31.26
N MET I 36 -3.98 -43.01 31.62
CA MET I 36 -5.35 -42.70 32.03
C MET I 36 -5.83 -43.47 33.25
N THR I 37 -6.74 -42.87 34.05
CA THR I 37 -7.53 -43.60 35.05
C THR I 37 -9.00 -43.28 34.80
N PRO I 38 -9.82 -44.23 34.32
CA PRO I 38 -11.27 -44.09 34.19
C PRO I 38 -12.00 -43.81 35.50
N GLN I 39 -13.22 -43.25 35.43
CA GLN I 39 -14.17 -43.23 36.54
C GLN I 39 -14.63 -44.65 36.87
N LEU I 40 -14.91 -44.95 38.15
CA LEU I 40 -15.28 -46.29 38.56
C LEU I 40 -16.60 -46.74 37.96
N GLY I 41 -16.57 -47.91 37.28
CA GLY I 41 -17.69 -48.47 36.54
C GLY I 41 -17.46 -48.47 35.05
N VAL I 42 -16.43 -47.74 34.56
CA VAL I 42 -16.12 -47.63 33.14
C VAL I 42 -14.98 -48.58 32.75
N PRO I 43 -15.15 -49.59 31.89
CA PRO I 43 -14.06 -50.39 31.34
C PRO I 43 -12.95 -49.61 30.65
N PRO I 44 -11.66 -49.93 30.78
CA PRO I 44 -10.59 -49.15 30.17
C PRO I 44 -10.60 -49.24 28.65
N GLU I 45 -11.13 -50.32 28.05
CA GLU I 45 -11.23 -50.41 26.60
C GLU I 45 -12.40 -49.56 26.11
N GLU I 46 -13.47 -49.40 26.93
CA GLU I 46 -14.55 -48.48 26.64
C GLU I 46 -14.06 -47.05 26.70
N CYS I 47 -13.21 -46.73 27.70
CA CYS I 47 -12.61 -45.42 27.87
C CYS I 47 -11.67 -45.06 26.72
N GLY I 48 -10.74 -45.97 26.33
CA GLY I 48 -9.84 -45.76 25.19
C GLY I 48 -10.58 -45.57 23.88
N ALA I 49 -11.56 -46.45 23.62
CA ALA I 49 -12.41 -46.38 22.45
C ALA I 49 -13.24 -45.10 22.39
N ALA I 50 -13.81 -44.65 23.52
CA ALA I 50 -14.57 -43.42 23.65
C ALA I 50 -13.73 -42.18 23.38
N VAL I 51 -12.45 -42.17 23.85
CA VAL I 51 -11.51 -41.09 23.55
C VAL I 51 -11.22 -41.00 22.06
N ALA I 52 -10.98 -42.17 21.41
CA ALA I 52 -10.80 -42.26 19.96
C ALA I 52 -12.06 -41.86 19.19
N ALA I 53 -13.26 -42.22 19.68
CA ALA I 53 -14.52 -41.91 19.07
C ALA I 53 -14.88 -40.44 19.17
N GLU I 54 -14.66 -39.81 20.34
CA GLU I 54 -14.96 -38.41 20.56
C GLU I 54 -13.98 -37.46 19.87
N SER I 55 -12.70 -37.88 19.74
CA SER I 55 -11.73 -37.09 18.98
C SER I 55 -11.82 -37.29 17.47
N SER I 56 -12.51 -38.35 17.02
CA SER I 56 -12.71 -38.65 15.61
C SER I 56 -14.07 -38.18 15.09
N THR I 57 -15.17 -38.66 15.69
CA THR I 57 -16.51 -38.55 15.12
C THR I 57 -17.50 -37.89 16.05
N GLY I 58 -17.62 -38.39 17.30
CA GLY I 58 -18.54 -37.88 18.31
C GLY I 58 -19.98 -38.28 18.08
N THR I 59 -20.71 -38.56 19.17
CA THR I 59 -22.13 -38.88 19.07
C THR I 59 -22.77 -38.71 20.42
N TRP I 60 -24.10 -38.48 20.40
CA TRP I 60 -24.91 -38.39 21.59
C TRP I 60 -26.28 -38.96 21.22
N THR I 61 -26.32 -39.75 20.11
CA THR I 61 -27.45 -40.45 19.50
C THR I 61 -27.10 -40.53 18.03
N THR I 62 -27.01 -41.75 17.48
CA THR I 62 -26.61 -42.00 16.09
C THR I 62 -27.80 -42.55 15.35
N VAL I 63 -28.02 -42.07 14.12
CA VAL I 63 -29.04 -42.56 13.20
C VAL I 63 -28.37 -42.62 11.84
N TRP I 64 -29.15 -42.85 10.75
CA TRP I 64 -28.67 -42.93 9.38
C TRP I 64 -27.83 -41.73 8.91
N THR I 65 -27.99 -40.54 9.53
CA THR I 65 -27.24 -39.35 9.13
C THR I 65 -25.78 -39.40 9.51
N ASP I 66 -25.39 -40.27 10.47
CA ASP I 66 -23.98 -40.46 10.79
C ASP I 66 -23.31 -41.31 9.71
N GLY I 67 -24.14 -41.98 8.88
CA GLY I 67 -23.79 -42.73 7.68
C GLY I 67 -23.40 -41.87 6.50
N LEU I 68 -23.62 -40.54 6.59
CA LEU I 68 -23.28 -39.60 5.54
C LEU I 68 -21.77 -39.42 5.34
N THR I 69 -20.96 -39.56 6.40
CA THR I 69 -19.50 -39.37 6.29
C THR I 69 -18.80 -40.67 5.97
N SER I 70 -17.61 -40.58 5.35
CA SER I 70 -16.82 -41.74 4.97
C SER I 70 -15.99 -42.28 6.11
N LEU I 71 -16.55 -43.14 6.97
CA LEU I 71 -15.88 -43.63 8.17
C LEU I 71 -14.61 -44.47 7.94
N ASP I 72 -14.69 -45.47 7.04
CA ASP I 72 -13.72 -46.50 6.67
C ASP I 72 -12.30 -46.47 7.26
N ARG I 73 -11.33 -45.88 6.53
CA ARG I 73 -9.93 -45.82 6.93
C ARG I 73 -9.64 -44.42 7.47
N TYR I 74 -10.67 -43.57 7.49
CA TYR I 74 -10.57 -42.14 7.76
C TYR I 74 -10.88 -41.81 9.21
N LYS I 75 -11.33 -42.79 10.01
CA LYS I 75 -11.64 -42.59 11.41
C LYS I 75 -10.47 -42.95 12.31
N GLY I 76 -10.36 -42.28 13.48
CA GLY I 76 -9.42 -42.62 14.54
C GLY I 76 -9.61 -44.00 15.14
N ARG I 77 -8.51 -44.65 15.55
CA ARG I 77 -8.52 -46.01 16.04
C ARG I 77 -7.77 -46.13 17.35
N CYS I 78 -8.35 -46.79 18.37
CA CYS I 78 -7.65 -47.11 19.60
C CYS I 78 -7.00 -48.47 19.44
N TYR I 79 -5.67 -48.54 19.56
CA TYR I 79 -4.89 -49.75 19.44
C TYR I 79 -4.82 -50.45 20.82
N ASP I 80 -4.16 -51.62 20.91
CA ASP I 80 -3.96 -52.38 22.13
C ASP I 80 -3.35 -51.55 23.28
N ILE I 81 -3.86 -51.70 24.52
CA ILE I 81 -3.51 -50.88 25.67
C ILE I 81 -2.87 -51.73 26.75
N GLU I 82 -2.18 -51.11 27.73
CA GLU I 82 -1.46 -51.86 28.76
C GLU I 82 -1.71 -51.26 30.16
N PRO I 83 -1.64 -52.01 31.25
CA PRO I 83 -1.68 -51.47 32.61
C PRO I 83 -0.44 -50.70 33.03
N VAL I 84 -0.58 -49.73 33.96
CA VAL I 84 0.54 -49.03 34.57
C VAL I 84 0.91 -49.74 35.87
N PRO I 85 2.10 -50.31 36.09
CA PRO I 85 2.44 -51.06 37.31
C PRO I 85 2.73 -50.18 38.54
N GLY I 86 2.05 -49.02 38.67
CA GLY I 86 2.20 -48.09 39.78
C GLY I 86 0.89 -47.73 40.42
N GLU I 87 -0.23 -48.16 39.84
CA GLU I 87 -1.57 -47.82 40.31
C GLU I 87 -2.60 -48.62 39.55
N ASP I 88 -3.45 -49.36 40.28
CA ASP I 88 -4.37 -50.38 39.76
C ASP I 88 -5.36 -49.91 38.70
N ASN I 89 -5.88 -48.68 38.79
CA ASN I 89 -6.82 -48.16 37.80
C ASN I 89 -6.12 -47.35 36.71
N GLN I 90 -4.77 -47.25 36.69
CA GLN I 90 -4.06 -46.58 35.63
C GLN I 90 -3.61 -47.48 34.47
N TYR I 91 -3.82 -47.00 33.23
CA TYR I 91 -3.54 -47.70 31.99
C TYR I 91 -2.84 -46.78 31.01
N ILE I 92 -2.06 -47.33 30.06
CA ILE I 92 -1.51 -46.58 28.94
C ILE I 92 -2.33 -46.94 27.71
N ALA I 93 -3.01 -45.92 27.13
CA ALA I 93 -3.78 -46.00 25.91
C ALA I 93 -2.97 -45.54 24.70
N TYR I 94 -3.11 -46.23 23.56
CA TYR I 94 -2.43 -45.89 22.32
C TYR I 94 -3.48 -45.62 21.25
N VAL I 95 -3.57 -44.39 20.73
CA VAL I 95 -4.62 -44.00 19.78
C VAL I 95 -3.98 -43.51 18.49
N ALA I 96 -4.39 -44.09 17.35
CA ALA I 96 -3.94 -43.72 16.02
C ALA I 96 -4.98 -42.90 15.28
N TYR I 97 -4.53 -41.91 14.48
CA TYR I 97 -5.38 -41.11 13.61
C TYR I 97 -4.76 -41.13 12.21
N PRO I 98 -5.50 -41.29 11.13
CA PRO I 98 -5.00 -41.08 9.78
C PRO I 98 -4.72 -39.61 9.47
N ILE I 99 -3.89 -39.35 8.43
CA ILE I 99 -3.52 -38.01 7.97
C ILE I 99 -4.74 -37.22 7.50
N ASP I 100 -5.76 -37.95 7.01
CA ASP I 100 -7.02 -37.47 6.49
C ASP I 100 -7.83 -36.60 7.45
N LEU I 101 -7.76 -36.86 8.77
CA LEU I 101 -8.62 -36.23 9.75
C LEU I 101 -8.26 -34.78 10.12
N PHE I 102 -7.00 -34.33 9.92
CA PHE I 102 -6.56 -33.02 10.38
C PHE I 102 -6.09 -32.12 9.24
N GLU I 103 -6.27 -30.78 9.35
CA GLU I 103 -5.72 -29.82 8.42
C GLU I 103 -4.18 -29.85 8.40
N GLU I 104 -3.55 -29.82 7.22
CA GLU I 104 -2.13 -30.03 7.05
C GLU I 104 -1.25 -28.92 7.64
N GLY I 105 -0.53 -29.19 8.75
CA GLY I 105 0.31 -28.22 9.44
C GLY I 105 -0.45 -27.16 10.19
N SER I 106 -1.62 -27.51 10.77
CA SER I 106 -2.49 -26.56 11.45
C SER I 106 -2.48 -26.76 12.96
N VAL I 107 -1.75 -25.88 13.68
CA VAL I 107 -1.49 -26.04 15.10
C VAL I 107 -2.71 -25.93 16.00
N THR I 108 -3.70 -25.04 15.73
CA THR I 108 -4.89 -24.95 16.59
C THR I 108 -5.85 -26.08 16.30
N ASN I 109 -5.85 -26.61 15.06
CA ASN I 109 -6.72 -27.72 14.72
C ASN I 109 -6.23 -29.02 15.35
N MET I 110 -4.90 -29.27 15.27
CA MET I 110 -4.25 -30.39 15.92
C MET I 110 -4.37 -30.30 17.44
N PHE I 111 -4.09 -29.11 18.02
CA PHE I 111 -4.21 -28.85 19.46
C PHE I 111 -5.64 -29.06 19.98
N THR I 112 -6.66 -28.48 19.31
CA THR I 112 -8.05 -28.63 19.69
C THR I 112 -8.51 -30.07 19.55
N SER I 113 -8.14 -30.76 18.45
CA SER I 113 -8.49 -32.17 18.25
C SER I 113 -7.90 -33.15 19.26
N ILE I 114 -6.59 -32.99 19.56
CA ILE I 114 -5.79 -33.91 20.37
C ILE I 114 -5.89 -33.60 21.85
N VAL I 115 -5.87 -32.31 22.23
CA VAL I 115 -5.88 -31.92 23.63
C VAL I 115 -7.23 -31.32 24.00
N GLY I 116 -7.75 -30.36 23.20
CA GLY I 116 -8.99 -29.63 23.51
C GLY I 116 -10.21 -30.49 23.76
N ASN I 117 -10.56 -31.37 22.81
CA ASN I 117 -11.71 -32.26 22.91
C ASN I 117 -11.51 -33.35 23.95
N VAL I 118 -10.32 -33.99 23.90
CA VAL I 118 -9.92 -35.13 24.72
C VAL I 118 -9.84 -34.88 26.21
N PHE I 119 -9.22 -33.78 26.65
CA PHE I 119 -8.95 -33.55 28.06
C PHE I 119 -10.10 -32.79 28.70
N GLY I 120 -11.30 -33.40 28.72
CA GLY I 120 -12.50 -32.80 29.30
C GLY I 120 -13.37 -33.75 30.06
N PHE I 121 -13.72 -34.89 29.44
CA PHE I 121 -14.68 -35.91 29.86
C PHE I 121 -14.95 -36.13 31.35
N LYS I 122 -16.24 -36.10 31.75
CA LYS I 122 -16.70 -36.35 33.11
C LYS I 122 -16.53 -37.80 33.55
N ALA I 123 -16.36 -38.74 32.60
CA ALA I 123 -16.09 -40.14 32.88
C ALA I 123 -14.59 -40.44 32.99
N LEU I 124 -13.73 -39.41 32.78
CA LEU I 124 -12.29 -39.50 32.99
C LEU I 124 -11.95 -38.83 34.31
N ARG I 125 -11.35 -39.59 35.26
CA ARG I 125 -10.87 -39.01 36.50
C ARG I 125 -9.58 -38.25 36.27
N ALA I 126 -8.60 -38.91 35.64
CA ALA I 126 -7.38 -38.25 35.25
C ALA I 126 -6.85 -38.87 33.97
N LEU I 127 -6.25 -38.02 33.14
CA LEU I 127 -5.70 -38.37 31.85
C LEU I 127 -4.47 -37.53 31.62
N ARG I 128 -3.33 -38.16 31.28
CA ARG I 128 -2.03 -37.56 31.07
C ARG I 128 -1.45 -37.91 29.72
N LEU I 129 -0.92 -36.94 28.94
CA LEU I 129 -0.31 -37.25 27.66
C LEU I 129 1.12 -37.75 27.87
N GLU I 130 1.45 -38.94 27.32
CA GLU I 130 2.75 -39.57 27.52
C GLU I 130 3.68 -39.51 26.32
N ASP I 131 3.15 -39.61 25.07
CA ASP I 131 3.99 -39.45 23.89
C ASP I 131 3.12 -39.19 22.65
N LEU I 132 3.78 -38.84 21.53
CA LEU I 132 3.18 -38.55 20.24
C LEU I 132 4.05 -39.08 19.10
N ARG I 133 3.43 -39.68 18.06
CA ARG I 133 4.10 -40.05 16.83
C ARG I 133 3.67 -39.00 15.82
N ILE I 134 4.61 -38.13 15.40
CA ILE I 134 4.34 -37.12 14.40
C ILE I 134 4.92 -37.65 13.10
N PRO I 135 4.16 -38.03 12.08
CA PRO I 135 4.70 -38.59 10.84
C PRO I 135 5.55 -37.58 10.06
N PRO I 136 6.54 -37.95 9.25
CA PRO I 136 7.43 -37.01 8.55
C PRO I 136 6.73 -35.94 7.73
N ALA I 137 5.56 -36.27 7.13
CA ALA I 137 4.84 -35.33 6.31
C ALA I 137 4.12 -34.25 7.11
N TYR I 138 3.95 -34.45 8.44
CA TYR I 138 3.38 -33.44 9.31
C TYR I 138 4.55 -32.73 10.03
N VAL I 139 5.69 -33.42 10.27
CA VAL I 139 6.91 -32.82 10.81
C VAL I 139 7.47 -31.73 9.91
N LYS I 140 7.40 -31.91 8.58
CA LYS I 140 7.87 -30.91 7.63
C LYS I 140 6.83 -29.88 7.22
N THR I 141 5.59 -29.94 7.78
CA THR I 141 4.56 -28.94 7.48
C THR I 141 4.15 -28.17 8.72
N PHE I 142 4.48 -28.64 9.95
CA PHE I 142 5.24 -27.87 10.93
C PHE I 142 6.45 -27.09 10.40
N VAL I 143 6.65 -25.84 10.89
CA VAL I 143 7.74 -24.99 10.45
C VAL I 143 9.02 -25.20 11.25
N GLY I 144 8.90 -25.69 12.51
CA GLY I 144 10.02 -25.99 13.40
C GLY I 144 10.92 -24.80 13.74
N PRO I 145 12.09 -25.02 14.35
CA PRO I 145 13.07 -23.97 14.62
C PRO I 145 13.42 -23.09 13.42
N PRO I 146 13.45 -21.75 13.45
CA PRO I 146 13.93 -20.96 12.33
C PRO I 146 15.43 -21.07 12.15
N HIS I 147 16.25 -20.88 13.19
CA HIS I 147 17.70 -20.89 13.10
C HIS I 147 18.28 -21.71 14.25
N GLY I 148 17.94 -23.02 14.29
CA GLY I 148 18.39 -24.01 15.28
C GLY I 148 19.88 -24.17 15.51
N ILE I 149 20.30 -25.19 16.27
CA ILE I 149 21.65 -25.31 16.82
C ILE I 149 22.77 -25.36 15.78
N GLN I 150 22.56 -26.04 14.63
CA GLN I 150 23.56 -26.06 13.59
C GLN I 150 23.61 -24.77 12.76
N VAL I 151 22.62 -23.87 12.93
CA VAL I 151 22.60 -22.56 12.31
C VAL I 151 23.16 -21.53 13.30
N GLU I 152 22.74 -21.64 14.58
CA GLU I 152 23.04 -20.76 15.69
C GLU I 152 24.51 -20.78 16.06
N ARG I 153 25.16 -21.96 15.94
CA ARG I 153 26.60 -22.08 16.14
C ARG I 153 27.40 -21.20 15.18
N ASP I 154 26.99 -21.11 13.89
CA ASP I 154 27.75 -20.32 12.95
C ASP I 154 27.28 -18.86 13.03
N LYS I 155 25.98 -18.62 13.29
CA LYS I 155 25.43 -17.27 13.44
C LYS I 155 25.94 -16.43 14.60
N LEU I 156 26.22 -17.05 15.77
CA LEU I 156 26.70 -16.31 16.93
C LEU I 156 28.19 -16.04 16.90
N ASN I 157 28.94 -16.62 15.94
CA ASN I 157 30.35 -16.37 15.70
C ASN I 157 31.29 -16.76 16.87
N LYS I 158 30.84 -17.62 17.80
CA LYS I 158 31.59 -18.06 18.95
C LYS I 158 30.89 -19.31 19.43
N TYR I 159 31.61 -20.19 20.18
CA TYR I 159 31.15 -21.49 20.65
C TYR I 159 32.39 -22.30 21.05
N GLY I 160 32.21 -23.29 21.95
CA GLY I 160 33.27 -24.19 22.42
C GLY I 160 33.32 -24.33 23.91
N ARG I 161 32.35 -23.75 24.61
CA ARG I 161 32.19 -23.82 26.03
C ARG I 161 30.76 -23.35 26.21
N GLY I 162 30.15 -23.53 27.40
CA GLY I 162 28.83 -22.97 27.71
C GLY I 162 28.72 -21.47 27.52
N LEU I 163 27.50 -20.97 27.30
CA LEU I 163 27.22 -19.55 27.08
C LEU I 163 26.75 -18.90 28.37
N LEU I 164 27.57 -17.98 28.91
CA LEU I 164 27.44 -17.38 30.22
C LEU I 164 26.56 -16.14 30.26
N GLY I 165 25.59 -16.08 31.19
CA GLY I 165 24.69 -14.95 31.26
C GLY I 165 24.12 -14.67 32.62
N CYS I 166 23.13 -13.76 32.66
CA CYS I 166 22.47 -13.38 33.88
C CYS I 166 21.10 -12.77 33.58
N THR I 167 20.16 -13.02 34.51
CA THR I 167 18.77 -12.63 34.46
C THR I 167 18.66 -11.31 35.19
N ILE I 168 18.13 -10.25 34.56
CA ILE I 168 18.22 -8.92 35.16
C ILE I 168 17.06 -8.71 36.12
N LYS I 169 17.40 -8.36 37.38
CA LYS I 169 16.49 -8.19 38.47
C LYS I 169 16.94 -6.99 39.29
N PRO I 170 16.15 -6.32 40.12
CA PRO I 170 14.73 -6.57 40.42
C PRO I 170 13.81 -6.56 39.21
N LYS I 171 12.78 -7.42 39.19
CA LYS I 171 11.74 -7.46 38.17
C LYS I 171 10.97 -6.15 38.03
N LEU I 172 10.60 -5.55 39.18
CA LEU I 172 10.05 -4.21 39.30
C LEU I 172 11.09 -3.17 38.89
N GLY I 173 10.91 -2.56 37.70
CA GLY I 173 10.66 -1.12 37.59
C GLY I 173 11.90 -0.28 37.60
N LEU I 174 13.08 -0.93 37.59
CA LEU I 174 14.41 -0.33 37.55
C LEU I 174 14.54 0.72 36.44
N SER I 175 14.83 1.98 36.81
CA SER I 175 14.93 3.09 35.87
C SER I 175 16.02 2.90 34.81
N ALA I 176 15.78 3.45 33.61
CA ALA I 176 16.54 3.16 32.42
C ALA I 176 18.03 3.44 32.49
N LYS I 177 18.47 4.53 33.15
CA LYS I 177 19.89 4.79 33.30
C LYS I 177 20.61 3.90 34.31
N ASN I 178 19.92 3.40 35.36
CA ASN I 178 20.53 2.46 36.29
C ASN I 178 20.55 1.05 35.70
N TYR I 179 19.55 0.72 34.85
CA TYR I 179 19.50 -0.49 34.05
C TYR I 179 20.59 -0.51 32.97
N GLY I 180 20.80 0.63 32.28
CA GLY I 180 21.85 0.82 31.27
C GLY I 180 23.22 0.65 31.84
N ARG I 181 23.43 1.20 33.05
CA ARG I 181 24.66 1.06 33.80
C ARG I 181 24.95 -0.37 34.21
N ALA I 182 23.92 -1.07 34.76
CA ALA I 182 24.05 -2.45 35.17
C ALA I 182 24.36 -3.40 34.01
N VAL I 183 23.66 -3.21 32.86
CA VAL I 183 23.85 -4.01 31.65
C VAL I 183 25.22 -3.81 31.03
N TYR I 184 25.69 -2.55 30.89
CA TYR I 184 27.01 -2.23 30.38
C TYR I 184 28.12 -2.85 31.24
N GLU I 185 28.03 -2.66 32.58
CA GLU I 185 29.04 -3.18 33.49
C GLU I 185 29.15 -4.70 33.51
N CYS I 186 28.02 -5.44 33.54
CA CYS I 186 28.08 -6.90 33.55
C CYS I 186 28.50 -7.52 32.23
N LEU I 187 28.14 -6.90 31.08
CA LEU I 187 28.58 -7.38 29.78
C LEU I 187 30.07 -7.10 29.59
N ARG I 188 30.54 -5.92 30.03
CA ARG I 188 31.94 -5.56 29.92
C ARG I 188 32.82 -6.36 30.88
N GLY I 189 32.25 -6.79 32.03
CA GLY I 189 32.90 -7.64 33.03
C GLY I 189 33.13 -9.08 32.64
N GLY I 190 32.39 -9.62 31.64
CA GLY I 190 32.60 -11.02 31.26
C GLY I 190 31.41 -11.82 30.79
N LEU I 191 30.16 -11.39 31.04
CA LEU I 191 29.00 -12.12 30.53
C LEU I 191 28.91 -12.15 29.00
N ASP I 192 28.40 -13.26 28.42
CA ASP I 192 28.12 -13.34 27.00
C ASP I 192 26.76 -12.72 26.69
N PHE I 193 25.72 -13.06 27.47
CA PHE I 193 24.36 -12.63 27.22
C PHE I 193 23.60 -12.26 28.49
N THR I 194 22.83 -11.17 28.49
CA THR I 194 21.98 -10.78 29.62
C THR I 194 20.54 -10.92 29.22
N LYS I 195 19.57 -11.02 30.17
CA LYS I 195 18.16 -11.15 29.78
C LYS I 195 17.21 -10.31 30.61
N ASP I 196 16.16 -9.76 29.96
CA ASP I 196 15.09 -9.02 30.58
C ASP I 196 13.95 -9.89 31.07
N ASP I 197 13.18 -9.39 32.04
CA ASP I 197 11.90 -9.94 32.45
C ASP I 197 10.80 -9.09 31.81
N GLU I 198 9.55 -9.58 31.87
CA GLU I 198 8.37 -8.99 31.25
C GLU I 198 8.09 -7.56 31.73
N ASN I 199 8.27 -7.30 33.04
CA ASN I 199 8.07 -5.98 33.63
C ASN I 199 9.22 -5.03 33.33
N VAL I 200 10.41 -5.55 32.98
CA VAL I 200 11.59 -4.73 32.75
C VAL I 200 11.49 -4.08 31.37
N ASN I 201 10.79 -4.76 30.43
CA ASN I 201 10.50 -4.26 29.10
C ASN I 201 9.64 -2.99 29.06
N SER I 202 8.53 -2.94 29.82
CA SER I 202 7.59 -1.82 29.69
C SER I 202 6.93 -1.58 31.02
N GLN I 203 6.80 -0.30 31.40
CA GLN I 203 6.20 0.12 32.65
C GLN I 203 5.33 1.33 32.33
N PRO I 204 4.40 1.79 33.16
CA PRO I 204 3.52 2.93 32.88
C PRO I 204 4.17 4.18 32.33
N PHE I 205 5.32 4.62 32.87
CA PHE I 205 6.03 5.80 32.38
C PHE I 205 7.06 5.43 31.32
N MET I 206 8.01 4.53 31.63
CA MET I 206 9.08 4.18 30.72
C MET I 206 8.68 3.17 29.65
N ARG I 207 8.45 3.69 28.44
CA ARG I 207 8.12 2.94 27.23
C ARG I 207 9.21 1.98 26.79
N TRP I 208 8.82 0.79 26.29
CA TRP I 208 9.70 -0.21 25.68
C TRP I 208 10.61 0.39 24.60
N ARG I 209 10.04 1.35 23.84
CA ARG I 209 10.63 2.08 22.73
C ARG I 209 11.88 2.85 23.15
N ASP I 210 11.82 3.48 24.35
CA ASP I 210 12.91 4.27 24.89
C ASP I 210 13.86 3.37 25.67
N ARG I 211 13.34 2.30 26.31
CA ARG I 211 14.14 1.31 27.02
C ARG I 211 15.09 0.57 26.08
N PHE I 212 14.58 0.27 24.86
CA PHE I 212 15.30 -0.30 23.75
C PHE I 212 16.44 0.60 23.24
N LEU I 213 16.23 1.93 23.27
CA LEU I 213 17.23 2.90 22.85
C LEU I 213 18.39 3.00 23.85
N PHE I 214 18.11 2.81 25.16
CA PHE I 214 19.13 2.72 26.19
C PHE I 214 19.90 1.40 26.09
N VAL I 215 19.24 0.31 25.67
CA VAL I 215 19.90 -0.95 25.33
C VAL I 215 20.83 -0.78 24.15
N ALA I 216 20.40 -0.08 23.08
CA ALA I 216 21.20 0.19 21.90
C ALA I 216 22.48 0.98 22.19
N GLU I 217 22.39 2.04 23.02
CA GLU I 217 23.51 2.86 23.45
C GLU I 217 24.55 2.04 24.23
N ALA I 218 24.07 1.25 25.20
CA ALA I 218 24.87 0.36 26.02
C ALA I 218 25.50 -0.81 25.26
N ILE I 219 24.74 -1.48 24.37
CA ILE I 219 25.14 -2.70 23.67
C ILE I 219 26.23 -2.43 22.65
N TYR I 220 26.18 -1.26 21.96
CA TYR I 220 27.15 -0.89 20.96
C TYR I 220 28.55 -0.83 21.56
N LYS I 221 28.68 -0.21 22.75
CA LYS I 221 29.94 -0.11 23.46
C LYS I 221 30.28 -1.37 24.24
N ALA I 222 29.27 -2.13 24.69
CA ALA I 222 29.45 -3.40 25.37
C ALA I 222 29.83 -4.58 24.47
N GLN I 223 29.70 -4.45 23.13
CA GLN I 223 30.68 -5.05 22.23
C GLN I 223 31.95 -4.27 21.88
N ALA I 224 31.86 -2.97 21.50
CA ALA I 224 33.01 -2.24 20.96
C ALA I 224 34.21 -2.09 21.89
N GLU I 225 33.98 -1.88 23.20
CA GLU I 225 35.04 -1.66 24.17
C GLU I 225 35.61 -2.95 24.75
N THR I 226 35.00 -4.11 24.45
CA THR I 226 35.44 -5.38 25.03
C THR I 226 36.17 -6.26 24.03
N GLY I 227 35.91 -6.13 22.72
CA GLY I 227 36.55 -6.94 21.66
C GLY I 227 36.05 -8.34 21.50
N GLU I 228 34.99 -8.71 22.23
CA GLU I 228 34.38 -10.02 22.23
C GLU I 228 32.90 -9.92 21.87
N VAL I 229 32.39 -10.86 21.04
CA VAL I 229 30.98 -10.94 20.69
C VAL I 229 30.12 -11.30 21.91
N LYS I 230 29.12 -10.44 22.21
CA LYS I 230 28.24 -10.51 23.35
C LYS I 230 26.90 -9.99 22.87
N GLY I 231 25.77 -10.27 23.57
CA GLY I 231 24.65 -9.33 23.51
C GLY I 231 23.67 -9.35 24.65
N HIS I 232 22.41 -8.96 24.37
CA HIS I 232 21.34 -8.98 25.36
C HIS I 232 20.01 -9.43 24.81
N TYR I 233 19.39 -10.46 25.41
CA TYR I 233 18.08 -10.99 25.06
C TYR I 233 16.98 -10.03 25.54
N LEU I 234 16.41 -9.24 24.62
CA LEU I 234 15.27 -8.38 24.89
C LEU I 234 14.00 -9.19 25.02
N ASN I 235 13.05 -8.79 25.89
CA ASN I 235 11.81 -9.51 26.12
C ASN I 235 10.65 -8.52 26.16
N ALA I 236 10.45 -7.69 25.13
CA ALA I 236 9.57 -7.97 23.99
C ALA I 236 8.06 -8.15 24.24
N THR I 237 7.64 -8.56 25.46
CA THR I 237 6.27 -8.83 25.90
C THR I 237 5.20 -7.84 25.45
N ALA I 238 3.94 -8.30 25.24
CA ALA I 238 2.90 -7.46 24.68
C ALA I 238 1.49 -7.92 25.01
N GLY I 239 0.51 -6.99 25.01
CA GLY I 239 -0.89 -7.29 25.30
C GLY I 239 -1.75 -7.75 24.16
N THR I 240 -1.46 -7.34 22.92
CA THR I 240 -2.27 -7.70 21.75
C THR I 240 -1.29 -8.04 20.65
N CYS I 241 -1.76 -8.68 19.55
CA CYS I 241 -0.91 -9.06 18.42
C CYS I 241 -0.45 -7.85 17.63
N GLU I 242 -1.21 -6.74 17.62
CA GLU I 242 -0.82 -5.48 17.00
C GLU I 242 0.38 -4.91 17.74
N GLU I 243 0.36 -4.96 19.09
CA GLU I 243 1.49 -4.58 19.93
C GLU I 243 2.70 -5.48 19.69
N MET I 244 2.49 -6.82 19.55
CA MET I 244 3.55 -7.77 19.18
C MET I 244 4.22 -7.44 17.84
N MET I 245 3.41 -7.19 16.80
CA MET I 245 3.91 -6.80 15.50
C MET I 245 4.61 -5.45 15.48
N LYS I 246 4.07 -4.45 16.21
CA LYS I 246 4.71 -3.15 16.38
C LYS I 246 6.07 -3.24 17.06
N ARG I 247 6.16 -4.06 18.12
CA ARG I 247 7.37 -4.38 18.84
C ARG I 247 8.41 -5.07 17.97
N ALA I 248 7.97 -6.04 17.11
CA ALA I 248 8.82 -6.72 16.14
C ALA I 248 9.47 -5.75 15.14
N VAL I 249 8.67 -4.82 14.59
CA VAL I 249 8.97 -4.19 13.30
C VAL I 249 9.93 -3.05 13.61
N CYS I 250 9.70 -2.39 14.77
CA CYS I 250 10.53 -1.32 15.28
C CYS I 250 11.92 -1.81 15.69
N ALA I 251 12.07 -3.11 16.05
CA ALA I 251 13.36 -3.67 16.38
C ALA I 251 14.07 -4.28 15.18
N LYS I 252 13.35 -4.48 14.05
CA LYS I 252 13.91 -4.83 12.75
C LYS I 252 14.73 -3.67 12.21
N GLU I 253 14.29 -2.42 12.49
CA GLU I 253 14.96 -1.18 12.12
C GLU I 253 16.40 -1.11 12.65
N LEU I 254 16.65 -1.62 13.86
CA LEU I 254 17.99 -1.64 14.43
C LEU I 254 18.66 -2.99 14.14
N GLY I 255 17.85 -4.03 13.85
CA GLY I 255 18.26 -5.41 13.56
C GLY I 255 19.19 -6.05 14.56
N VAL I 256 18.89 -5.88 15.85
CA VAL I 256 19.66 -6.38 16.97
C VAL I 256 19.83 -7.91 17.02
N PRO I 257 20.96 -8.44 17.49
CA PRO I 257 21.14 -9.87 17.66
C PRO I 257 20.57 -10.35 18.99
N ILE I 258 20.46 -11.68 19.13
CA ILE I 258 19.30 -12.47 19.60
C ILE I 258 18.33 -11.86 20.61
N ILE I 259 17.01 -12.07 20.40
CA ILE I 259 15.97 -11.63 21.34
C ILE I 259 15.14 -12.81 21.79
N MET I 260 14.28 -12.61 22.81
CA MET I 260 13.44 -13.67 23.33
C MET I 260 12.00 -13.21 23.44
N HIS I 261 11.03 -14.15 23.52
CA HIS I 261 9.66 -13.73 23.78
C HIS I 261 8.82 -14.69 24.63
N ASP I 262 8.00 -14.14 25.55
CA ASP I 262 6.98 -14.82 26.33
C ASP I 262 5.58 -14.80 25.71
N TYR I 263 5.47 -14.25 24.50
CA TYR I 263 4.70 -14.76 23.35
C TYR I 263 4.30 -16.23 23.36
N LEU I 264 5.15 -17.19 23.79
CA LEU I 264 4.77 -18.61 23.83
C LEU I 264 4.31 -18.94 25.26
N THR I 265 4.02 -17.91 26.06
CA THR I 265 3.26 -18.02 27.30
C THR I 265 1.90 -17.41 26.97
N GLY I 266 1.86 -16.47 26.01
CA GLY I 266 0.66 -15.89 25.38
C GLY I 266 -0.13 -16.83 24.49
N GLY I 267 0.53 -17.47 23.49
CA GLY I 267 -0.16 -18.41 22.59
C GLY I 267 0.71 -19.06 21.54
N PHE I 268 0.36 -20.29 21.14
CA PHE I 268 1.12 -21.13 20.21
C PHE I 268 1.26 -20.55 18.81
N THR I 269 0.20 -19.90 18.31
CA THR I 269 0.15 -19.40 16.94
C THR I 269 0.86 -18.07 16.83
N ALA I 270 0.96 -17.33 17.95
CA ALA I 270 1.76 -16.12 18.09
C ALA I 270 3.23 -16.43 17.87
N ASN I 271 3.74 -17.54 18.45
CA ASN I 271 5.13 -17.95 18.28
C ASN I 271 5.37 -18.49 16.87
N THR I 272 4.40 -19.23 16.31
CA THR I 272 4.52 -19.83 14.99
C THR I 272 4.67 -18.75 13.91
N SER I 273 3.82 -17.72 13.97
CA SER I 273 3.89 -16.55 13.11
C SER I 273 5.18 -15.76 13.27
N LEU I 274 5.63 -15.56 14.52
CA LEU I 274 6.90 -14.91 14.84
C LEU I 274 8.09 -15.69 14.31
N ALA I 275 8.12 -17.04 14.46
CA ALA I 275 9.20 -17.87 13.95
C ALA I 275 9.34 -17.78 12.43
N ILE I 276 8.20 -17.70 11.70
CA ILE I 276 8.18 -17.41 10.27
C ILE I 276 8.77 -16.02 9.96
N TYR I 277 8.36 -14.99 10.71
CA TYR I 277 8.89 -13.63 10.62
C TYR I 277 10.40 -13.55 10.91
N CYS I 278 10.86 -14.23 11.97
CA CYS I 278 12.26 -14.36 12.38
C CYS I 278 13.10 -15.05 11.33
N ARG I 279 12.56 -16.12 10.70
CA ARG I 279 13.14 -16.80 9.55
C ARG I 279 13.25 -15.86 8.34
N ASP I 280 12.18 -15.09 8.06
CA ASP I 280 12.13 -14.11 6.98
C ASP I 280 13.12 -12.95 7.14
N ASN I 281 13.37 -12.47 8.37
CA ASN I 281 14.25 -11.33 8.59
C ASN I 281 15.62 -11.78 9.06
N GLY I 282 15.89 -13.10 9.09
CA GLY I 282 17.19 -13.66 9.41
C GLY I 282 17.69 -13.40 10.81
N LEU I 283 16.79 -13.34 11.80
CA LEU I 283 17.08 -13.03 13.19
C LEU I 283 17.72 -14.19 13.97
N LEU I 284 17.41 -14.31 15.28
CA LEU I 284 17.54 -15.54 16.07
C LEU I 284 16.45 -15.41 17.12
N LEU I 285 15.76 -16.51 17.48
CA LEU I 285 14.60 -16.49 18.36
C LEU I 285 14.68 -17.34 19.65
N HIS I 286 14.80 -16.69 20.82
CA HIS I 286 14.72 -17.34 22.14
C HIS I 286 13.29 -17.46 22.69
N ILE I 287 12.89 -18.65 23.15
CA ILE I 287 11.54 -18.94 23.61
C ILE I 287 11.48 -19.04 25.12
N HIS I 288 10.59 -18.27 25.78
CA HIS I 288 10.38 -18.33 27.23
C HIS I 288 9.51 -19.51 27.63
N ARG I 289 9.49 -19.90 28.92
CA ARG I 289 8.62 -20.96 29.41
C ARG I 289 8.22 -20.62 30.84
N ALA I 290 6.93 -20.83 31.18
CA ALA I 290 6.38 -20.45 32.46
C ALA I 290 5.19 -21.35 32.79
N MET I 291 4.57 -21.19 33.99
CA MET I 291 3.39 -21.96 34.41
C MET I 291 3.68 -23.39 34.86
N HIS I 292 4.91 -23.64 35.33
CA HIS I 292 5.46 -24.96 35.63
C HIS I 292 4.66 -25.83 36.59
N ALA I 293 4.02 -25.25 37.63
CA ALA I 293 3.20 -26.00 38.54
C ALA I 293 1.84 -26.44 37.99
N VAL I 294 1.31 -25.77 36.95
CA VAL I 294 0.00 -26.10 36.39
C VAL I 294 0.04 -26.58 34.94
N ILE I 295 1.24 -26.79 34.37
CA ILE I 295 1.41 -27.44 33.07
C ILE I 295 2.38 -28.58 33.27
N ASP I 296 3.68 -28.27 33.42
CA ASP I 296 4.80 -29.18 33.44
C ASP I 296 4.68 -30.25 34.54
N ARG I 297 4.17 -29.84 35.72
CA ARG I 297 4.01 -30.65 36.92
C ARG I 297 2.64 -31.32 37.06
N GLN I 298 1.84 -31.50 35.98
CA GLN I 298 0.51 -32.09 36.09
C GLN I 298 0.46 -33.62 36.28
N ARG I 299 1.05 -34.10 37.39
CA ARG I 299 1.27 -35.46 37.86
C ARG I 299 0.76 -36.63 37.00
N ASN I 300 -0.51 -37.05 37.20
CA ASN I 300 -1.15 -38.08 36.40
C ASN I 300 -2.33 -37.49 35.65
N HIS I 301 -2.46 -36.15 35.63
CA HIS I 301 -3.69 -35.49 35.21
C HIS I 301 -3.52 -34.49 34.08
N GLY I 302 -2.38 -34.47 33.36
CA GLY I 302 -2.27 -33.57 32.22
C GLY I 302 -0.96 -33.67 31.48
N ILE I 303 -0.24 -32.55 31.37
CA ILE I 303 0.93 -32.41 30.52
C ILE I 303 2.17 -32.94 31.24
N HIS I 304 3.21 -33.37 30.48
CA HIS I 304 4.46 -33.83 31.04
C HIS I 304 5.60 -33.25 30.20
N PHE I 305 6.82 -33.24 30.75
CA PHE I 305 8.02 -32.72 30.14
C PHE I 305 8.42 -33.26 28.78
N ARG I 306 8.32 -34.58 28.51
CA ARG I 306 8.73 -35.08 27.21
C ARG I 306 7.78 -34.67 26.08
N VAL I 307 6.46 -34.67 26.36
CA VAL I 307 5.45 -34.18 25.44
C VAL I 307 5.52 -32.69 25.26
N LEU I 308 5.86 -31.95 26.34
CA LEU I 308 6.11 -30.52 26.30
C LEU I 308 7.30 -30.19 25.41
N ALA I 309 8.43 -30.92 25.53
CA ALA I 309 9.59 -30.74 24.67
C ALA I 309 9.29 -31.04 23.20
N LYS I 310 8.52 -32.12 22.91
CA LYS I 310 8.07 -32.39 21.57
C LYS I 310 7.13 -31.32 21.01
N ALA I 311 6.13 -30.87 21.80
CA ALA I 311 5.20 -29.82 21.42
C ALA I 311 5.87 -28.46 21.20
N LEU I 312 6.81 -28.08 22.07
CA LEU I 312 7.57 -26.85 21.94
C LEU I 312 8.46 -26.85 20.70
N ARG I 313 9.13 -27.98 20.39
CA ARG I 313 10.00 -28.06 19.23
C ARG I 313 9.22 -28.15 17.91
N MET I 314 7.99 -28.70 17.96
CA MET I 314 7.05 -28.75 16.85
C MET I 314 6.18 -27.49 16.62
N SER I 315 6.24 -26.49 17.52
CA SER I 315 6.18 -25.10 17.08
C SER I 315 7.52 -24.54 16.66
N GLY I 316 8.55 -24.54 17.52
CA GLY I 316 9.89 -24.10 17.14
C GLY I 316 10.43 -22.96 17.96
N GLY I 317 11.76 -22.82 17.91
CA GLY I 317 12.52 -21.80 18.61
C GLY I 317 13.96 -22.18 18.49
N ASP I 318 14.89 -21.23 18.69
CA ASP I 318 16.30 -21.48 18.52
C ASP I 318 16.95 -21.72 19.88
N HIS I 319 16.64 -20.86 20.86
CA HIS I 319 16.82 -21.18 22.27
C HIS I 319 15.47 -21.49 22.93
N LEU I 320 15.45 -22.29 24.01
CA LEU I 320 14.25 -22.54 24.79
C LEU I 320 14.56 -22.78 26.27
N HIS I 321 13.80 -22.11 27.15
CA HIS I 321 13.85 -22.17 28.60
C HIS I 321 13.51 -23.53 29.23
N SER I 322 13.90 -23.73 30.50
CA SER I 322 14.60 -24.91 30.95
C SER I 322 15.02 -24.58 32.36
N GLY I 323 14.99 -25.58 33.26
CA GLY I 323 15.18 -25.51 34.71
C GLY I 323 15.94 -24.37 35.35
N THR I 324 15.38 -23.85 36.47
CA THR I 324 16.03 -22.84 37.27
C THR I 324 16.81 -23.48 38.40
N VAL I 325 16.67 -24.82 38.53
CA VAL I 325 17.34 -25.72 39.47
C VAL I 325 16.61 -25.70 40.80
N VAL I 326 16.38 -24.49 41.31
CA VAL I 326 15.69 -24.17 42.53
C VAL I 326 14.66 -23.12 42.17
N GLY I 327 13.66 -22.90 43.04
CA GLY I 327 12.56 -21.97 42.81
C GLY I 327 11.57 -22.35 41.74
N LYS I 328 11.30 -21.42 40.80
CA LYS I 328 10.23 -21.46 39.84
C LYS I 328 10.13 -22.64 38.85
N LEU I 329 11.25 -23.12 38.26
CA LEU I 329 11.26 -24.25 37.33
C LEU I 329 12.08 -25.41 37.89
N GLU I 330 12.03 -26.57 37.21
CA GLU I 330 12.66 -27.84 37.57
C GLU I 330 14.15 -27.81 37.83
N GLY I 331 14.67 -28.86 38.50
CA GLY I 331 16.10 -29.08 38.61
C GLY I 331 16.46 -30.53 38.64
N GLU I 332 15.55 -31.42 38.24
CA GLU I 332 15.69 -32.85 38.49
C GLU I 332 16.32 -33.63 37.34
N ARG I 333 17.19 -34.61 37.65
CA ARG I 333 17.92 -35.40 36.67
C ARG I 333 17.02 -36.24 35.76
N GLU I 334 15.93 -36.82 36.31
CA GLU I 334 14.99 -37.66 35.58
C GLU I 334 13.91 -36.86 34.88
N VAL I 335 14.04 -35.51 34.92
CA VAL I 335 13.17 -34.58 34.22
C VAL I 335 13.94 -33.93 33.08
N THR I 336 15.14 -33.38 33.41
CA THR I 336 15.84 -32.46 32.53
C THR I 336 16.54 -33.10 31.36
N LEU I 337 16.84 -34.40 31.42
CA LEU I 337 17.95 -34.91 30.63
C LEU I 337 17.35 -35.41 29.32
N GLY I 338 16.15 -36.02 29.44
CA GLY I 338 15.21 -36.32 28.37
C GLY I 338 14.74 -35.08 27.68
N PHE I 339 14.25 -34.09 28.46
CA PHE I 339 13.78 -32.80 27.96
C PHE I 339 14.81 -32.10 27.08
N VAL I 340 16.07 -32.02 27.56
CA VAL I 340 17.21 -31.51 26.80
C VAL I 340 17.57 -32.37 25.59
N ASP I 341 17.58 -33.72 25.69
CA ASP I 341 17.86 -34.63 24.57
C ASP I 341 16.86 -34.46 23.42
N LEU I 342 15.57 -34.26 23.74
CA LEU I 342 14.51 -34.15 22.75
C LEU I 342 14.55 -32.80 22.05
N MET I 343 15.26 -31.83 22.65
CA MET I 343 15.50 -30.55 22.04
C MET I 343 16.80 -30.46 21.24
N ARG I 344 17.92 -30.97 21.80
CA ARG I 344 19.22 -30.97 21.18
C ARG I 344 19.38 -31.81 19.90
N ASP I 345 18.87 -33.07 19.90
CA ASP I 345 19.29 -34.08 18.94
C ASP I 345 18.21 -34.65 18.02
N ASP I 346 18.67 -35.15 16.87
CA ASP I 346 17.93 -35.70 15.74
C ASP I 346 18.47 -37.12 15.53
N TYR I 347 17.70 -37.97 14.83
CA TYR I 347 18.00 -39.35 14.49
C TYR I 347 18.37 -40.26 15.67
N VAL I 348 17.37 -40.50 16.55
CA VAL I 348 17.50 -41.35 17.73
C VAL I 348 16.22 -42.15 17.94
N GLU I 349 16.30 -43.49 17.87
CA GLU I 349 15.16 -44.36 18.07
C GLU I 349 14.57 -44.39 19.48
N LYS I 350 13.25 -44.61 19.56
CA LYS I 350 12.44 -44.71 20.75
C LYS I 350 12.91 -45.74 21.77
N ASP I 351 12.77 -45.42 23.08
CA ASP I 351 13.12 -46.32 24.15
C ASP I 351 12.21 -46.05 25.35
N ARG I 352 11.59 -47.11 25.90
CA ARG I 352 10.68 -47.05 27.02
C ARG I 352 11.40 -46.70 28.33
N SER I 353 12.72 -46.88 28.39
CA SER I 353 13.54 -46.54 29.55
C SER I 353 13.77 -45.04 29.65
N ARG I 354 13.52 -44.32 28.55
CA ARG I 354 13.61 -42.87 28.47
C ARG I 354 12.21 -42.30 28.36
N GLY I 355 11.16 -43.15 28.52
CA GLY I 355 9.75 -42.79 28.42
C GLY I 355 9.27 -42.48 27.03
N ILE I 356 9.97 -42.97 26.01
CA ILE I 356 9.62 -42.71 24.62
C ILE I 356 8.92 -43.94 24.06
N TYR I 357 7.69 -43.74 23.57
CA TYR I 357 6.82 -44.79 23.09
C TYR I 357 6.73 -44.73 21.57
N PHE I 358 7.10 -43.57 20.97
CA PHE I 358 6.97 -43.32 19.55
C PHE I 358 8.15 -42.56 18.96
N THR I 359 8.52 -42.92 17.72
CA THR I 359 9.57 -42.27 16.95
C THR I 359 8.96 -41.49 15.81
N GLN I 360 9.31 -40.19 15.71
CA GLN I 360 8.95 -39.33 14.61
C GLN I 360 10.19 -39.31 13.74
N ASP I 361 10.14 -39.92 12.54
CA ASP I 361 11.31 -40.16 11.70
C ASP I 361 11.94 -38.91 11.08
N TRP I 362 12.65 -38.13 11.91
CA TRP I 362 14.09 -37.91 11.87
C TRP I 362 14.87 -37.84 10.54
N CYS I 363 16.05 -37.19 10.62
CA CYS I 363 16.99 -36.90 9.54
C CYS I 363 16.64 -35.61 8.84
N SER I 364 17.14 -34.48 9.41
CA SER I 364 17.03 -33.11 8.94
C SER I 364 16.21 -32.24 9.88
N MET I 365 16.11 -32.60 11.18
CA MET I 365 15.35 -31.81 12.14
C MET I 365 16.32 -30.91 12.89
N PRO I 366 16.29 -29.57 12.78
CA PRO I 366 17.17 -28.67 13.53
C PRO I 366 17.04 -28.79 15.05
N GLY I 367 18.16 -28.68 15.79
CA GLY I 367 18.18 -28.69 17.25
C GLY I 367 17.81 -27.36 17.85
N VAL I 368 17.45 -27.34 19.15
CA VAL I 368 17.09 -26.13 19.87
C VAL I 368 17.69 -26.10 21.26
N MET I 369 18.20 -24.93 21.71
CA MET I 369 19.27 -24.84 22.68
C MET I 369 18.68 -24.58 24.08
N PRO I 370 18.88 -25.39 25.13
CA PRO I 370 18.27 -25.13 26.43
C PRO I 370 18.85 -23.92 27.16
N VAL I 371 18.00 -23.10 27.81
CA VAL I 371 18.42 -21.94 28.59
C VAL I 371 18.01 -22.14 30.03
N ALA I 372 19.00 -22.33 30.93
CA ALA I 372 18.78 -22.52 32.35
C ALA I 372 19.02 -21.25 33.16
N SER I 373 18.46 -21.16 34.38
CA SER I 373 18.55 -19.93 35.15
C SER I 373 18.24 -20.20 36.62
N GLY I 374 19.06 -21.03 37.30
CA GLY I 374 20.45 -20.68 37.60
C GLY I 374 20.57 -19.82 38.84
N GLY I 375 19.68 -20.04 39.85
CA GLY I 375 19.61 -19.20 41.04
C GLY I 375 20.82 -19.28 41.93
N ILE I 376 21.27 -20.51 42.25
CA ILE I 376 22.53 -20.78 42.91
C ILE I 376 23.74 -20.54 42.01
N HIS I 377 24.85 -20.04 42.57
CA HIS I 377 26.12 -19.88 41.86
C HIS I 377 27.17 -20.88 42.39
N VAL I 378 28.32 -20.41 42.91
CA VAL I 378 29.66 -20.81 42.48
C VAL I 378 29.97 -22.31 42.63
N TRP I 379 29.58 -22.92 43.77
CA TRP I 379 29.90 -24.29 44.15
C TRP I 379 29.08 -25.32 43.39
N HIS I 380 27.98 -24.90 42.74
CA HIS I 380 27.15 -25.79 41.95
C HIS I 380 27.51 -25.74 40.47
N MET I 381 28.51 -24.92 40.09
CA MET I 381 29.07 -24.91 38.74
C MET I 381 29.74 -26.23 38.33
N PRO I 382 30.59 -26.88 39.14
CA PRO I 382 31.13 -28.22 38.87
C PRO I 382 30.08 -29.24 38.48
N ALA I 383 29.02 -29.46 39.30
CA ALA I 383 27.99 -30.42 38.99
C ALA I 383 27.20 -30.07 37.73
N LEU I 384 26.89 -28.77 37.52
CA LEU I 384 26.18 -28.29 36.34
C LEU I 384 26.95 -28.56 35.06
N VAL I 385 28.26 -28.26 35.04
CA VAL I 385 29.13 -28.50 33.90
C VAL I 385 29.31 -29.99 33.65
N GLU I 386 29.51 -30.78 34.72
CA GLU I 386 29.68 -32.22 34.58
C GLU I 386 28.44 -32.95 34.06
N ILE I 387 27.24 -32.56 34.54
CA ILE I 387 25.98 -33.10 34.04
C ILE I 387 25.59 -32.63 32.65
N PHE I 388 25.71 -31.32 32.34
CA PHE I 388 25.16 -30.74 31.12
C PHE I 388 26.16 -30.34 30.04
N GLY I 389 27.47 -30.27 30.31
CA GLY I 389 28.49 -29.89 29.32
C GLY I 389 28.33 -28.52 28.69
N ASP I 390 28.34 -28.45 27.35
CA ASP I 390 28.30 -27.23 26.57
C ASP I 390 26.95 -27.07 25.84
N ASP I 391 25.90 -27.77 26.31
CA ASP I 391 24.56 -27.20 26.43
C ASP I 391 24.48 -26.01 27.39
N ALA I 392 23.56 -25.04 27.13
CA ALA I 392 23.33 -23.83 27.92
C ALA I 392 24.41 -22.77 27.71
N CYS I 393 24.16 -21.43 27.75
CA CYS I 393 22.97 -20.64 28.04
C CYS I 393 22.55 -20.71 29.48
N LEU I 394 23.51 -20.42 30.38
CA LEU I 394 23.31 -20.42 31.80
C LEU I 394 23.14 -18.99 32.26
N GLN I 395 21.92 -18.59 32.63
CA GLN I 395 21.62 -17.22 32.99
C GLN I 395 21.51 -17.13 34.49
N PHE I 396 22.54 -16.63 35.19
CA PHE I 396 22.55 -16.62 36.64
C PHE I 396 21.52 -15.66 37.25
N GLY I 397 21.09 -15.95 38.50
CA GLY I 397 20.14 -15.12 39.25
C GLY I 397 20.73 -14.56 40.52
N GLY I 398 21.73 -15.23 41.08
CA GLY I 398 22.50 -14.77 42.24
C GLY I 398 23.79 -14.20 41.74
N GLY I 399 24.41 -14.86 40.74
CA GLY I 399 25.64 -14.40 40.09
C GLY I 399 25.46 -13.04 39.47
N THR I 400 26.51 -12.19 39.51
CA THR I 400 26.49 -10.84 38.94
C THR I 400 25.73 -9.86 39.82
N LEU I 401 24.38 -9.95 39.86
CA LEU I 401 23.49 -9.03 40.57
C LEU I 401 23.30 -9.38 42.04
N GLY I 402 24.30 -10.05 42.63
CA GLY I 402 24.36 -10.44 44.02
C GLY I 402 25.77 -10.35 44.51
N HIS I 403 26.63 -9.61 43.79
CA HIS I 403 28.03 -9.47 44.14
C HIS I 403 28.20 -8.07 44.74
N PRO I 404 28.63 -7.89 45.99
CA PRO I 404 28.61 -6.59 46.65
C PRO I 404 29.74 -5.69 46.18
N TRP I 405 30.60 -6.11 45.23
CA TRP I 405 31.58 -5.23 44.61
C TRP I 405 31.05 -4.66 43.30
N GLY I 406 29.81 -5.03 42.91
CA GLY I 406 29.13 -4.48 41.74
C GLY I 406 29.11 -5.42 40.56
N ASN I 407 28.48 -4.95 39.46
CA ASN I 407 28.21 -5.76 38.28
C ASN I 407 29.44 -6.25 37.54
N ALA I 408 30.47 -5.40 37.36
CA ALA I 408 31.69 -5.82 36.69
C ALA I 408 32.49 -6.92 37.42
N PRO I 409 32.79 -6.85 38.73
CA PRO I 409 33.45 -7.96 39.43
C PRO I 409 32.54 -9.17 39.58
N GLY I 410 31.21 -8.98 39.62
CA GLY I 410 30.25 -10.07 39.65
C GLY I 410 30.31 -10.91 38.40
N ALA I 411 30.21 -10.24 37.24
CA ALA I 411 30.33 -10.84 35.92
C ALA I 411 31.70 -11.46 35.70
N ALA I 412 32.76 -10.79 36.17
CA ALA I 412 34.13 -11.27 36.09
C ALA I 412 34.32 -12.55 36.88
N ALA I 413 33.76 -12.64 38.11
CA ALA I 413 33.80 -13.84 38.92
C ALA I 413 33.09 -15.01 38.25
N ASN I 414 31.92 -14.74 37.61
CA ASN I 414 31.16 -15.77 36.90
C ASN I 414 31.91 -16.25 35.66
N ARG I 415 32.58 -15.30 34.96
CA ARG I 415 33.44 -15.55 33.81
C ARG I 415 34.69 -16.34 34.15
N VAL I 416 35.34 -16.03 35.29
CA VAL I 416 36.49 -16.76 35.80
C VAL I 416 36.09 -18.18 36.16
N ALA I 417 34.94 -18.35 36.84
CA ALA I 417 34.45 -19.69 37.15
C ALA I 417 34.09 -20.51 35.90
N LEU I 418 33.52 -19.88 34.85
CA LEU I 418 33.24 -20.55 33.58
C LEU I 418 34.51 -21.01 32.86
N GLU I 419 35.53 -20.13 32.77
CA GLU I 419 36.79 -20.45 32.13
C GLU I 419 37.61 -21.45 32.92
N ALA I 420 37.65 -21.35 34.28
CA ALA I 420 38.29 -22.31 35.14
C ALA I 420 37.65 -23.70 35.08
N CYS I 421 36.30 -23.78 35.04
CA CYS I 421 35.60 -25.04 34.85
C CYS I 421 35.87 -25.62 33.47
N THR I 422 35.91 -24.76 32.43
CA THR I 422 36.19 -25.21 31.07
C THR I 422 37.63 -25.67 30.89
N GLN I 423 38.61 -25.03 31.56
CA GLN I 423 39.99 -25.50 31.59
C GLN I 423 40.17 -26.83 32.31
N ALA I 424 39.48 -27.02 33.45
CA ALA I 424 39.44 -28.27 34.18
C ALA I 424 38.82 -29.40 33.35
N ARG I 425 37.76 -29.07 32.59
CA ARG I 425 37.08 -29.97 31.68
C ARG I 425 37.96 -30.36 30.49
N ASN I 426 38.79 -29.43 29.98
CA ASN I 426 39.79 -29.66 28.94
C ASN I 426 40.94 -30.56 29.42
N GLU I 427 41.23 -30.55 30.73
CA GLU I 427 42.24 -31.40 31.33
C GLU I 427 41.69 -32.79 31.65
N GLY I 428 40.37 -32.99 31.42
CA GLY I 428 39.67 -34.25 31.68
C GLY I 428 39.57 -34.58 33.13
N ARG I 429 39.56 -33.55 33.99
CA ARG I 429 39.45 -33.68 35.43
C ARG I 429 38.17 -34.33 35.90
N ASP I 430 38.22 -35.03 37.04
CA ASP I 430 37.06 -35.66 37.65
C ASP I 430 36.28 -34.57 38.41
N LEU I 431 35.57 -33.74 37.63
CA LEU I 431 35.04 -32.44 37.97
C LEU I 431 34.16 -32.39 39.20
N ALA I 432 33.36 -33.44 39.46
CA ALA I 432 32.52 -33.56 40.63
C ALA I 432 33.32 -33.53 41.94
N ARG I 433 34.56 -34.07 41.93
CA ARG I 433 35.40 -34.07 43.12
C ARG I 433 36.51 -33.03 43.02
N GLU I 434 37.04 -32.77 41.81
CA GLU I 434 38.11 -31.82 41.60
C GLU I 434 37.70 -30.37 41.68
N GLY I 435 36.43 -30.03 41.30
CA GLY I 435 35.98 -28.66 41.11
C GLY I 435 36.12 -27.75 42.30
N GLY I 436 35.97 -28.28 43.53
CA GLY I 436 36.20 -27.55 44.77
C GLY I 436 37.63 -27.08 44.94
N ASP I 437 38.60 -27.89 44.48
CA ASP I 437 40.00 -27.57 44.61
C ASP I 437 40.44 -26.66 43.46
N VAL I 438 39.79 -26.78 42.28
CA VAL I 438 39.96 -25.87 41.15
C VAL I 438 39.50 -24.47 41.50
N ILE I 439 38.33 -24.33 42.15
CA ILE I 439 37.81 -23.06 42.65
C ILE I 439 38.72 -22.44 43.71
N ARG I 440 39.19 -23.25 44.69
CA ARG I 440 40.19 -22.83 45.67
C ARG I 440 41.50 -22.36 45.06
N SER I 441 42.01 -23.05 44.03
CA SER I 441 43.21 -22.63 43.31
C SER I 441 42.97 -21.33 42.55
N ALA I 442 41.81 -21.16 41.89
CA ALA I 442 41.42 -19.97 41.15
C ALA I 442 41.32 -18.71 42.02
N CYS I 443 40.84 -18.86 43.28
CA CYS I 443 40.58 -17.77 44.21
C CYS I 443 41.84 -17.02 44.65
N LYS I 444 43.05 -17.57 44.45
CA LYS I 444 44.31 -16.93 44.82
C LYS I 444 44.50 -15.59 44.10
N TRP I 445 44.14 -15.51 42.81
CA TRP I 445 44.10 -14.25 42.09
C TRP I 445 43.20 -14.39 40.86
N SER I 446 41.94 -14.78 41.10
CA SER I 446 40.83 -13.85 40.97
C SER I 446 40.31 -13.36 42.32
N PRO I 447 40.56 -12.11 42.77
CA PRO I 447 39.94 -11.54 43.97
C PRO I 447 38.41 -11.56 43.86
N GLU I 448 37.88 -11.39 42.63
CA GLU I 448 36.46 -11.36 42.34
C GLU I 448 35.77 -12.68 42.68
N LEU I 449 36.44 -13.81 42.39
CA LEU I 449 35.95 -15.14 42.70
C LEU I 449 36.12 -15.48 44.18
N ALA I 450 37.17 -14.95 44.83
CA ALA I 450 37.36 -15.06 46.26
C ALA I 450 36.22 -14.39 47.04
N ALA I 451 35.76 -13.22 46.54
CA ALA I 451 34.63 -12.48 47.07
C ALA I 451 33.31 -13.21 46.81
N ALA I 452 33.18 -13.84 45.63
CA ALA I 452 32.06 -14.67 45.24
C ALA I 452 31.90 -15.89 46.16
N CYS I 453 33.01 -16.44 46.66
CA CYS I 453 33.05 -17.65 47.45
C CYS I 453 32.91 -17.33 48.92
N GLU I 454 33.25 -16.10 49.37
CA GLU I 454 32.89 -15.66 50.71
C GLU I 454 31.39 -15.34 50.79
N VAL I 455 30.83 -14.69 49.76
CA VAL I 455 29.42 -14.31 49.68
C VAL I 455 28.52 -15.54 49.59
N TRP I 456 28.90 -16.54 48.76
CA TRP I 456 28.19 -17.80 48.64
C TRP I 456 28.94 -18.96 49.27
N LYS I 457 29.26 -18.90 50.57
CA LYS I 457 29.94 -20.01 51.25
C LYS I 457 28.98 -21.10 51.74
N GLU I 458 27.68 -20.80 51.87
CA GLU I 458 26.68 -21.75 52.35
C GLU I 458 26.17 -22.75 51.33
N ILE I 459 25.98 -22.36 50.05
CA ILE I 459 25.38 -23.23 49.04
C ILE I 459 26.30 -24.35 48.55
N LYS I 460 25.85 -25.63 48.62
CA LYS I 460 26.62 -26.77 48.16
C LYS I 460 25.74 -27.78 47.41
N PHE I 461 24.46 -27.46 47.18
CA PHE I 461 23.49 -28.31 46.51
C PHE I 461 23.83 -28.70 45.07
N GLU I 462 23.57 -29.98 44.71
CA GLU I 462 23.73 -30.51 43.38
C GLU I 462 22.38 -30.44 42.67
N PHE I 463 21.66 -31.59 42.63
CA PHE I 463 20.37 -31.75 42.03
C PHE I 463 19.74 -32.91 42.77
N ASP I 464 18.41 -33.04 42.76
CA ASP I 464 17.71 -34.26 43.10
C ASP I 464 17.53 -35.11 41.85
N THR I 465 17.76 -36.44 41.94
CA THR I 465 17.69 -37.32 40.77
C THR I 465 16.26 -37.49 40.25
N ILE I 466 15.31 -37.75 41.16
CA ILE I 466 13.99 -38.27 40.82
C ILE I 466 13.00 -37.12 40.75
N ASP I 467 12.03 -37.16 39.80
CA ASP I 467 11.01 -36.15 39.63
C ASP I 467 10.09 -35.93 40.85
N LYS I 468 9.72 -34.66 41.10
CA LYS I 468 8.94 -34.28 42.27
C LYS I 468 7.86 -33.30 41.86
N LEU I 469 6.95 -33.74 40.98
CA LEU I 469 5.95 -32.89 40.37
C LEU I 469 4.83 -32.47 41.35
N MET J 1 -33.91 -27.29 -43.19
CA MET J 1 -33.16 -27.60 -41.94
C MET J 1 -32.10 -26.55 -41.63
N MET J 2 -31.82 -26.19 -40.36
CA MET J 2 -32.45 -26.61 -39.14
C MET J 2 -32.64 -25.44 -38.19
N VAL J 3 -33.88 -25.23 -37.71
CA VAL J 3 -34.22 -24.24 -36.70
C VAL J 3 -34.01 -24.88 -35.34
N TRP J 4 -33.09 -24.34 -34.52
CA TRP J 4 -32.80 -24.92 -33.22
C TRP J 4 -33.00 -23.82 -32.19
N THR J 5 -33.78 -24.12 -31.13
CA THR J 5 -34.14 -23.20 -30.05
C THR J 5 -35.19 -23.90 -29.21
N PRO J 6 -35.05 -24.09 -27.89
CA PRO J 6 -36.10 -24.66 -27.05
C PRO J 6 -37.34 -23.76 -26.98
N VAL J 7 -38.49 -24.16 -27.54
CA VAL J 7 -39.67 -23.29 -27.59
C VAL J 7 -40.64 -23.56 -26.44
N ASN J 8 -40.99 -22.48 -25.70
CA ASN J 8 -41.86 -22.39 -24.52
C ASN J 8 -41.36 -23.06 -23.25
N ASN J 9 -40.39 -23.97 -23.36
CA ASN J 9 -39.84 -24.75 -22.29
C ASN J 9 -38.33 -24.71 -22.48
N LYS J 10 -37.54 -25.03 -21.45
CA LYS J 10 -36.09 -25.00 -21.48
C LYS J 10 -35.48 -26.38 -21.33
N MET J 11 -34.16 -26.50 -21.59
CA MET J 11 -33.41 -27.73 -21.40
C MET J 11 -32.97 -27.91 -19.95
N PHE J 12 -33.76 -28.65 -19.14
CA PHE J 12 -33.43 -28.94 -17.76
C PHE J 12 -32.33 -29.98 -17.58
N GLU J 13 -31.09 -29.58 -17.91
CA GLU J 13 -29.85 -30.33 -17.75
C GLU J 13 -29.83 -31.72 -18.39
N THR J 14 -29.10 -32.69 -17.78
CA THR J 14 -28.83 -34.00 -18.36
C THR J 14 -30.08 -34.86 -18.53
N PHE J 15 -30.27 -35.41 -19.74
CA PHE J 15 -31.38 -36.25 -20.17
C PHE J 15 -32.61 -35.45 -20.57
N SER J 16 -32.44 -34.14 -20.84
CA SER J 16 -33.53 -33.29 -21.31
C SER J 16 -33.45 -33.05 -22.81
N TYR J 17 -32.33 -33.44 -23.45
CA TYR J 17 -32.11 -33.23 -24.87
C TYR J 17 -32.58 -34.44 -25.67
N LEU J 18 -32.93 -35.53 -24.95
CA LEU J 18 -33.53 -36.73 -25.48
C LEU J 18 -34.99 -36.84 -25.03
N PRO J 19 -35.85 -37.58 -25.75
CA PRO J 19 -37.22 -37.90 -25.33
C PRO J 19 -37.31 -38.47 -23.91
N PRO J 20 -38.37 -38.27 -23.13
CA PRO J 20 -38.44 -38.72 -21.73
C PRO J 20 -38.32 -40.23 -21.54
N LEU J 21 -37.76 -40.67 -20.41
CA LEU J 21 -37.63 -42.07 -20.02
C LEU J 21 -38.85 -42.54 -19.23
N THR J 22 -39.30 -43.80 -19.45
CA THR J 22 -40.42 -44.36 -18.70
C THR J 22 -39.93 -45.00 -17.42
N ASP J 23 -40.86 -45.33 -16.50
CA ASP J 23 -40.56 -45.94 -15.22
C ASP J 23 -39.85 -47.28 -15.36
N GLU J 24 -40.20 -48.08 -16.40
CA GLU J 24 -39.55 -49.33 -16.69
C GLU J 24 -38.09 -49.15 -17.12
N GLN J 25 -37.80 -48.13 -17.95
CA GLN J 25 -36.45 -47.78 -18.36
C GLN J 25 -35.62 -47.25 -17.19
N ILE J 26 -36.26 -46.45 -16.32
CA ILE J 26 -35.65 -45.91 -15.11
C ILE J 26 -35.31 -47.00 -14.12
N ALA J 27 -36.24 -47.95 -13.87
CA ALA J 27 -36.02 -49.08 -12.99
C ALA J 27 -34.91 -50.02 -13.46
N ALA J 28 -34.82 -50.28 -14.79
CA ALA J 28 -33.75 -51.08 -15.36
C ALA J 28 -32.39 -50.42 -15.21
N GLN J 29 -32.32 -49.10 -15.42
CA GLN J 29 -31.08 -48.35 -15.25
C GLN J 29 -30.71 -48.17 -13.78
N VAL J 30 -31.69 -48.07 -12.86
CA VAL J 30 -31.44 -48.06 -11.42
C VAL J 30 -30.88 -49.38 -10.92
N ASP J 31 -31.46 -50.52 -11.35
CA ASP J 31 -31.00 -51.84 -10.99
C ASP J 31 -29.53 -52.08 -11.40
N TYR J 32 -29.16 -51.63 -12.63
CA TYR J 32 -27.78 -51.61 -13.11
C TYR J 32 -26.86 -50.69 -12.28
N ILE J 33 -27.31 -49.45 -11.97
CA ILE J 33 -26.55 -48.45 -11.23
C ILE J 33 -26.29 -48.90 -9.79
N VAL J 34 -27.27 -49.61 -9.18
CA VAL J 34 -27.17 -50.27 -7.89
C VAL J 34 -26.16 -51.42 -7.95
N ALA J 35 -26.19 -52.25 -9.01
CA ALA J 35 -25.24 -53.33 -9.25
C ALA J 35 -23.79 -52.85 -9.37
N ASN J 36 -23.58 -51.64 -9.93
CA ASN J 36 -22.28 -51.04 -10.15
C ASN J 36 -21.77 -50.28 -8.91
N GLY J 37 -22.51 -50.30 -7.78
CA GLY J 37 -22.03 -49.77 -6.51
C GLY J 37 -22.33 -48.34 -6.20
N TRP J 38 -23.26 -47.72 -6.92
CA TRP J 38 -23.71 -46.37 -6.65
C TRP J 38 -24.87 -46.44 -5.67
N ILE J 39 -25.04 -45.41 -4.80
CA ILE J 39 -26.09 -45.38 -3.78
C ILE J 39 -27.12 -44.29 -4.11
N PRO J 40 -28.33 -44.61 -4.59
CA PRO J 40 -29.37 -43.64 -4.94
C PRO J 40 -29.91 -42.77 -3.81
N CYS J 41 -30.36 -41.55 -4.15
CA CYS J 41 -31.13 -40.68 -3.28
C CYS J 41 -32.22 -40.01 -4.12
N LEU J 42 -33.45 -39.90 -3.60
CA LEU J 42 -34.54 -39.23 -4.28
C LEU J 42 -34.64 -37.79 -3.78
N GLU J 43 -34.68 -36.81 -4.71
CA GLU J 43 -34.66 -35.41 -4.35
C GLU J 43 -35.61 -34.61 -5.24
N PHE J 44 -36.02 -33.41 -4.78
CA PHE J 44 -37.00 -32.60 -5.48
C PHE J 44 -36.65 -31.12 -5.33
N ALA J 45 -37.15 -30.27 -6.24
CA ALA J 45 -36.87 -28.85 -6.22
C ALA J 45 -37.98 -28.01 -6.83
N GLU J 46 -38.34 -26.88 -6.20
CA GLU J 46 -39.33 -25.92 -6.71
C GLU J 46 -38.92 -25.39 -8.09
N ALA J 47 -39.87 -25.08 -9.00
CA ALA J 47 -39.58 -24.73 -10.38
C ALA J 47 -38.60 -23.57 -10.59
N ASP J 48 -38.67 -22.54 -9.73
CA ASP J 48 -37.76 -21.41 -9.75
C ASP J 48 -36.54 -21.65 -8.86
N LYS J 49 -36.44 -22.82 -8.21
CA LYS J 49 -35.32 -23.25 -7.39
C LYS J 49 -34.50 -24.36 -8.02
N ALA J 50 -34.92 -24.89 -9.18
CA ALA J 50 -34.21 -25.90 -9.94
C ALA J 50 -33.55 -25.31 -11.18
N TYR J 51 -33.74 -24.00 -11.40
CA TYR J 51 -33.27 -23.26 -12.56
C TYR J 51 -32.25 -22.25 -12.06
N VAL J 52 -31.01 -22.28 -12.59
CA VAL J 52 -29.87 -21.55 -12.03
C VAL J 52 -30.05 -20.03 -11.95
N SER J 53 -29.53 -19.42 -10.87
CA SER J 53 -29.73 -18.01 -10.60
C SER J 53 -28.45 -17.44 -10.00
N ASN J 54 -28.35 -16.11 -9.98
CA ASN J 54 -27.25 -15.37 -9.42
C ASN J 54 -27.78 -14.13 -8.69
N GLU J 55 -29.10 -14.04 -8.44
CA GLU J 55 -29.76 -12.88 -7.84
C GLU J 55 -29.26 -12.56 -6.44
N SER J 56 -28.95 -13.62 -5.67
CA SER J 56 -28.46 -13.58 -4.30
C SER J 56 -27.12 -12.89 -4.13
N ALA J 57 -26.42 -12.58 -5.25
CA ALA J 57 -25.23 -11.75 -5.37
C ALA J 57 -25.47 -10.33 -4.84
N ILE J 58 -26.75 -9.92 -4.75
CA ILE J 58 -27.17 -8.65 -4.17
C ILE J 58 -26.82 -8.52 -2.69
N ARG J 59 -26.94 -9.60 -1.90
CA ARG J 59 -26.54 -9.62 -0.50
C ARG J 59 -25.03 -9.60 -0.22
N PHE J 60 -24.19 -10.05 -1.19
CA PHE J 60 -22.77 -10.27 -0.96
C PHE J 60 -21.85 -9.31 -1.71
N GLY J 61 -20.72 -8.95 -1.07
CA GLY J 61 -19.77 -7.96 -1.60
C GLY J 61 -18.76 -8.44 -2.61
N SER J 62 -18.42 -9.74 -2.64
CA SER J 62 -17.45 -10.30 -3.59
C SER J 62 -18.13 -11.30 -4.49
N VAL J 63 -18.33 -10.96 -5.77
CA VAL J 63 -19.05 -11.79 -6.74
C VAL J 63 -18.33 -11.70 -8.09
N SER J 64 -18.50 -12.65 -9.04
CA SER J 64 -19.21 -13.91 -9.00
C SER J 64 -18.57 -14.90 -8.04
N CYS J 65 -17.23 -14.91 -7.99
CA CYS J 65 -16.37 -15.72 -7.13
C CYS J 65 -16.75 -17.21 -6.97
N LEU J 66 -17.12 -17.84 -8.10
CA LEU J 66 -17.57 -19.22 -8.20
C LEU J 66 -18.91 -19.55 -7.52
N TYR J 67 -19.54 -18.57 -6.85
CA TYR J 67 -20.87 -18.66 -6.26
C TYR J 67 -21.99 -18.95 -7.27
N TYR J 68 -23.03 -19.70 -6.87
CA TYR J 68 -24.16 -20.01 -7.71
C TYR J 68 -25.37 -20.12 -6.79
N ASP J 69 -26.59 -20.04 -7.34
CA ASP J 69 -27.79 -20.17 -6.55
C ASP J 69 -28.87 -20.85 -7.40
N ASN J 70 -29.98 -21.25 -6.75
CA ASN J 70 -31.13 -21.97 -7.29
C ASN J 70 -30.77 -23.22 -8.10
N ARG J 71 -29.83 -24.03 -7.59
CA ARG J 71 -29.57 -25.37 -8.11
C ARG J 71 -29.61 -26.45 -7.04
N TYR J 72 -29.99 -26.10 -5.81
CA TYR J 72 -30.06 -27.03 -4.69
C TYR J 72 -31.39 -27.80 -4.66
N TRP J 73 -31.33 -29.12 -4.46
CA TRP J 73 -32.48 -30.00 -4.42
C TRP J 73 -32.69 -30.47 -2.99
N THR J 74 -33.95 -30.60 -2.55
CA THR J 74 -34.33 -31.03 -1.21
C THR J 74 -34.59 -32.53 -1.25
N MET J 75 -34.14 -33.30 -0.25
CA MET J 75 -34.27 -34.75 -0.25
C MET J 75 -35.65 -35.26 0.16
N TRP J 76 -36.16 -36.32 -0.52
CA TRP J 76 -37.44 -36.90 -0.16
C TRP J 76 -37.33 -37.90 1.00
N LYS J 77 -37.36 -37.38 2.24
CA LYS J 77 -37.35 -38.11 3.49
C LYS J 77 -36.05 -38.83 3.84
N LEU J 78 -35.61 -39.78 3.00
CA LEU J 78 -34.48 -40.64 3.25
C LEU J 78 -33.64 -40.81 1.99
N PRO J 79 -32.33 -41.05 2.09
CA PRO J 79 -31.53 -41.60 1.00
C PRO J 79 -31.71 -43.12 0.99
N MET J 80 -31.34 -43.83 -0.10
CA MET J 80 -31.56 -45.28 -0.18
C MET J 80 -30.50 -46.11 0.57
N PHE J 81 -30.30 -45.83 1.87
CA PHE J 81 -29.37 -46.56 2.72
C PHE J 81 -30.03 -47.85 3.21
N GLY J 82 -29.27 -48.96 3.18
CA GLY J 82 -29.79 -50.29 3.50
C GLY J 82 -30.54 -50.88 2.33
N CYS J 83 -31.89 -50.86 2.38
CA CYS J 83 -32.76 -51.36 1.33
C CYS J 83 -32.59 -50.64 -0.01
N ARG J 84 -32.53 -51.39 -1.12
CA ARG J 84 -32.34 -50.89 -2.48
C ARG J 84 -33.52 -51.21 -3.42
N ASP J 85 -34.71 -51.57 -2.89
CA ASP J 85 -35.89 -51.92 -3.66
C ASP J 85 -36.39 -50.86 -4.67
N PRO J 86 -36.34 -51.03 -6.00
CA PRO J 86 -36.81 -50.03 -6.95
C PRO J 86 -38.31 -49.77 -6.89
N MET J 87 -39.14 -50.68 -6.34
CA MET J 87 -40.57 -50.42 -6.25
C MET J 87 -40.90 -49.50 -5.08
N GLN J 88 -40.06 -49.52 -4.03
CA GLN J 88 -40.12 -48.56 -2.95
C GLN J 88 -39.78 -47.16 -3.45
N VAL J 89 -38.76 -47.07 -4.34
CA VAL J 89 -38.36 -45.84 -4.99
C VAL J 89 -39.48 -45.31 -5.88
N LEU J 90 -40.12 -46.19 -6.68
CA LEU J 90 -41.24 -45.82 -7.53
C LEU J 90 -42.46 -45.31 -6.75
N ARG J 91 -42.83 -45.97 -5.64
CA ARG J 91 -43.86 -45.48 -4.74
C ARG J 91 -43.54 -44.15 -4.08
N GLU J 92 -42.28 -43.95 -3.67
CA GLU J 92 -41.78 -42.69 -3.13
C GLU J 92 -41.81 -41.56 -4.16
N ILE J 93 -41.45 -41.84 -5.44
CA ILE J 93 -41.55 -40.90 -6.54
C ILE J 93 -42.99 -40.47 -6.77
N VAL J 94 -43.94 -41.43 -6.73
CA VAL J 94 -45.37 -41.15 -6.79
C VAL J 94 -45.86 -40.33 -5.61
N ALA J 95 -45.43 -40.65 -4.37
CA ALA J 95 -45.78 -39.90 -3.17
C ALA J 95 -45.27 -38.47 -3.18
N CYS J 96 -44.03 -38.27 -3.70
CA CYS J 96 -43.39 -36.99 -3.92
C CYS J 96 -44.15 -36.17 -4.97
N THR J 97 -44.52 -36.85 -6.08
CA THR J 97 -45.28 -36.30 -7.22
C THR J 97 -46.66 -35.83 -6.78
N LYS J 98 -47.34 -36.62 -5.93
CA LYS J 98 -48.60 -36.27 -5.31
C LYS J 98 -48.48 -35.09 -4.35
N ALA J 99 -47.40 -35.04 -3.55
CA ALA J 99 -47.14 -33.94 -2.63
C ALA J 99 -46.85 -32.59 -3.29
N PHE J 100 -46.11 -32.55 -4.42
CA PHE J 100 -45.78 -31.28 -5.05
C PHE J 100 -46.07 -31.20 -6.55
N PRO J 101 -47.14 -30.53 -6.95
CA PRO J 101 -47.42 -30.33 -8.37
C PRO J 101 -46.49 -29.32 -9.02
N ASP J 102 -46.06 -28.27 -8.29
CA ASP J 102 -45.27 -27.18 -8.83
C ASP J 102 -43.77 -27.47 -8.83
N ALA J 103 -43.30 -28.53 -8.13
CA ALA J 103 -41.88 -28.82 -8.02
C ALA J 103 -41.47 -30.03 -8.83
N TYR J 104 -40.20 -30.03 -9.30
CA TYR J 104 -39.62 -31.10 -10.08
C TYR J 104 -39.05 -32.19 -9.17
N VAL J 105 -39.17 -33.46 -9.60
CA VAL J 105 -38.66 -34.61 -8.87
C VAL J 105 -37.60 -35.28 -9.72
N ARG J 106 -36.43 -35.62 -9.13
CA ARG J 106 -35.29 -36.20 -9.84
C ARG J 106 -34.56 -37.26 -9.00
N LEU J 107 -33.86 -38.22 -9.64
CA LEU J 107 -32.99 -39.16 -8.94
C LEU J 107 -31.52 -38.79 -9.09
N VAL J 108 -30.78 -38.92 -7.97
CA VAL J 108 -29.35 -38.69 -7.91
C VAL J 108 -28.75 -39.90 -7.20
N ALA J 109 -27.43 -40.11 -7.26
CA ALA J 109 -26.81 -41.25 -6.60
C ALA J 109 -25.39 -40.88 -6.25
N PHE J 110 -24.68 -41.60 -5.35
CA PHE J 110 -23.27 -41.33 -5.14
C PHE J 110 -22.36 -42.56 -5.13
N ASP J 111 -21.07 -42.33 -5.48
CA ASP J 111 -19.97 -43.28 -5.42
C ASP J 111 -19.19 -43.03 -4.15
N ASN J 112 -19.32 -43.91 -3.13
CA ASN J 112 -18.74 -43.68 -1.82
C ASN J 112 -17.21 -43.78 -1.75
N GLN J 113 -16.52 -44.28 -2.81
CA GLN J 113 -15.05 -44.33 -2.87
C GLN J 113 -14.39 -42.96 -2.75
N LYS J 114 -14.94 -41.98 -3.50
CA LYS J 114 -14.49 -40.60 -3.48
C LYS J 114 -15.58 -39.68 -2.95
N GLN J 115 -16.69 -40.28 -2.47
CA GLN J 115 -17.94 -39.66 -2.04
C GLN J 115 -18.50 -38.60 -2.99
N VAL J 116 -18.59 -38.95 -4.29
CA VAL J 116 -19.03 -38.04 -5.34
C VAL J 116 -20.42 -38.40 -5.85
N GLN J 117 -21.29 -37.37 -5.94
CA GLN J 117 -22.68 -37.48 -6.34
C GLN J 117 -22.90 -37.29 -7.83
N ILE J 118 -23.67 -38.20 -8.45
CA ILE J 118 -24.08 -38.19 -9.83
C ILE J 118 -25.52 -37.74 -9.92
N MET J 119 -25.83 -36.80 -10.83
CA MET J 119 -27.15 -36.24 -10.99
C MET J 119 -27.72 -36.87 -12.24
N GLY J 120 -28.73 -37.75 -12.08
CA GLY J 120 -29.25 -38.59 -13.16
C GLY J 120 -30.57 -38.14 -13.72
N PHE J 121 -31.35 -39.12 -14.19
CA PHE J 121 -32.70 -38.99 -14.71
C PHE J 121 -33.74 -38.75 -13.61
N LEU J 122 -34.84 -38.02 -13.85
CA LEU J 122 -35.27 -37.33 -15.03
C LEU J 122 -36.00 -36.13 -14.46
N VAL J 123 -36.00 -34.96 -15.11
CA VAL J 123 -36.68 -33.79 -14.55
C VAL J 123 -38.16 -33.84 -14.89
N GLN J 124 -39.02 -34.08 -13.88
CA GLN J 124 -40.43 -34.35 -14.06
C GLN J 124 -41.30 -33.69 -12.99
N ARG J 125 -42.48 -33.13 -13.38
CA ARG J 125 -43.46 -32.58 -12.45
C ARG J 125 -44.83 -32.69 -13.13
N PRO J 126 -45.98 -32.69 -12.46
CA PRO J 126 -47.30 -32.83 -13.11
C PRO J 126 -47.61 -31.74 -14.11
N LYS J 127 -47.02 -30.56 -13.94
CA LYS J 127 -47.20 -29.41 -14.79
C LYS J 127 -46.09 -29.26 -15.84
N THR J 128 -45.26 -30.31 -16.09
CA THR J 128 -44.20 -30.35 -17.11
C THR J 128 -44.57 -29.70 -18.44
N ALA J 129 -43.75 -28.74 -18.89
CA ALA J 129 -44.01 -27.93 -20.05
C ALA J 129 -43.58 -28.62 -21.33
N ARG J 130 -43.98 -28.04 -22.48
CA ARG J 130 -43.84 -28.54 -23.84
C ARG J 130 -42.72 -29.51 -24.18
N ASP J 131 -43.08 -30.68 -24.77
CA ASP J 131 -42.17 -31.69 -25.27
C ASP J 131 -41.45 -31.22 -26.53
N PHE J 132 -40.18 -31.65 -26.71
CA PHE J 132 -39.36 -31.20 -27.82
C PHE J 132 -39.35 -32.24 -28.97
N THR K 1 34.58 6.87 -38.85
CA THR K 1 35.25 6.39 -37.61
C THR K 1 34.33 5.62 -36.68
N LYS K 2 34.78 4.44 -36.21
CA LYS K 2 34.05 3.65 -35.24
C LYS K 2 34.22 4.13 -33.81
N ALA K 3 35.19 5.05 -33.59
CA ALA K 3 35.57 5.72 -32.35
C ALA K 3 37.09 5.85 -32.30
N GLY K 4 37.58 6.91 -31.62
CA GLY K 4 39.01 7.17 -31.45
C GLY K 4 39.65 8.02 -32.49
N ALA K 5 38.96 9.02 -33.05
CA ALA K 5 39.50 9.93 -34.05
C ALA K 5 39.93 11.26 -33.44
N GLY K 6 41.21 11.64 -33.57
CA GLY K 6 41.71 12.93 -33.11
C GLY K 6 41.56 14.03 -34.11
N PHE K 7 40.31 14.50 -34.32
CA PHE K 7 39.97 15.62 -35.20
C PHE K 7 40.76 16.90 -34.94
N LYS K 8 41.32 17.51 -36.00
CA LYS K 8 41.97 18.82 -35.91
C LYS K 8 41.06 19.93 -35.38
N ALA K 9 41.62 20.85 -34.57
CA ALA K 9 40.90 21.97 -33.98
C ALA K 9 40.24 22.94 -34.98
N GLY K 10 38.90 23.02 -34.96
CA GLY K 10 38.10 23.89 -35.81
C GLY K 10 36.83 23.22 -36.22
N VAL K 11 36.13 23.75 -37.22
CA VAL K 11 34.88 23.18 -37.70
C VAL K 11 35.02 22.71 -39.14
N LYS K 12 34.99 21.39 -39.37
CA LYS K 12 34.97 20.81 -40.71
C LYS K 12 33.57 20.98 -41.33
N ASP K 13 33.48 21.37 -42.62
CA ASP K 13 32.23 21.63 -43.32
C ASP K 13 31.25 20.45 -43.25
N TYR K 14 29.96 20.75 -42.97
CA TYR K 14 28.91 19.76 -42.83
C TYR K 14 28.64 19.03 -44.12
N ARG K 15 28.92 19.65 -45.28
CA ARG K 15 28.76 19.00 -46.56
C ARG K 15 29.82 17.94 -46.84
N LEU K 16 30.93 17.98 -46.08
CA LEU K 16 32.00 17.00 -46.13
C LEU K 16 31.90 15.99 -44.99
N THR K 17 30.85 16.06 -44.14
CA THR K 17 30.72 15.16 -42.98
C THR K 17 29.32 14.63 -42.70
N TYR K 18 28.23 15.32 -43.12
CA TYR K 18 26.86 14.90 -42.85
C TYR K 18 25.96 14.85 -44.09
N TYR K 19 26.52 14.86 -45.32
CA TYR K 19 25.77 14.78 -46.57
C TYR K 19 26.16 13.55 -47.38
N THR K 20 25.19 12.65 -47.64
CA THR K 20 25.43 11.38 -48.33
C THR K 20 24.27 11.08 -49.27
N PRO K 21 24.20 11.65 -50.47
CA PRO K 21 23.02 11.54 -51.32
C PRO K 21 22.89 10.18 -52.00
N ASP K 22 23.86 9.28 -51.81
CA ASP K 22 23.86 7.92 -52.32
C ASP K 22 23.46 6.90 -51.27
N TYR K 23 23.14 7.34 -50.03
CA TYR K 23 22.81 6.48 -48.91
C TYR K 23 21.59 5.56 -49.15
N VAL K 24 21.67 4.30 -48.69
CA VAL K 24 20.59 3.34 -48.78
C VAL K 24 20.07 3.08 -47.38
N VAL K 25 18.82 3.49 -47.11
CA VAL K 25 18.21 3.39 -45.79
C VAL K 25 18.03 1.96 -45.28
N ARG K 26 18.14 1.76 -43.95
CA ARG K 26 17.84 0.48 -43.34
C ARG K 26 16.35 0.43 -43.01
N ASP K 27 15.83 -0.77 -42.71
CA ASP K 27 14.45 -1.00 -42.33
C ASP K 27 14.17 -0.45 -40.93
N THR K 28 15.23 -0.29 -40.12
CA THR K 28 15.19 0.24 -38.77
C THR K 28 15.47 1.74 -38.71
N ASP K 29 15.86 2.39 -39.82
CA ASP K 29 16.13 3.81 -39.86
C ASP K 29 14.88 4.69 -39.71
N ILE K 30 15.00 5.84 -39.04
CA ILE K 30 13.96 6.84 -38.87
C ILE K 30 14.24 7.93 -39.90
N LEU K 31 13.29 8.24 -40.81
CA LEU K 31 13.55 9.22 -41.86
C LEU K 31 12.59 10.39 -41.70
N ALA K 32 13.02 11.62 -42.06
CA ALA K 32 12.17 12.79 -42.01
C ALA K 32 12.29 13.63 -43.28
N ALA K 33 11.15 14.13 -43.81
CA ALA K 33 11.11 14.99 -44.97
C ALA K 33 10.64 16.38 -44.56
N PHE K 34 11.44 17.43 -44.86
CA PHE K 34 11.17 18.80 -44.46
C PHE K 34 11.17 19.75 -45.65
N ARG K 35 10.26 20.74 -45.67
CA ARG K 35 10.26 21.83 -46.63
C ARG K 35 10.95 23.03 -46.00
N MET K 36 11.97 23.61 -46.66
CA MET K 36 12.80 24.64 -46.04
C MET K 36 13.13 25.82 -46.94
N THR K 37 13.33 27.02 -46.34
CA THR K 37 13.97 28.14 -47.03
C THR K 37 15.12 28.63 -46.13
N PRO K 38 16.39 28.41 -46.49
CA PRO K 38 17.54 29.00 -45.82
C PRO K 38 17.56 30.53 -45.83
N GLN K 39 18.30 31.17 -44.91
CA GLN K 39 18.67 32.59 -44.98
C GLN K 39 19.66 32.80 -46.12
N LEU K 40 19.75 34.03 -46.67
CA LEU K 40 20.61 34.30 -47.81
C LEU K 40 22.10 34.02 -47.55
N GLY K 41 22.76 33.29 -48.48
CA GLY K 41 24.15 32.88 -48.36
C GLY K 41 24.36 31.56 -47.65
N VAL K 42 23.29 30.78 -47.41
CA VAL K 42 23.40 29.46 -46.82
C VAL K 42 23.00 28.43 -47.87
N PRO K 43 23.90 27.63 -48.43
CA PRO K 43 23.58 26.53 -49.34
C PRO K 43 22.55 25.53 -48.80
N PRO K 44 21.63 24.96 -49.57
CA PRO K 44 20.64 24.04 -49.04
C PRO K 44 21.26 22.72 -48.62
N GLU K 45 22.43 22.30 -49.19
CA GLU K 45 23.09 21.10 -48.73
C GLU K 45 23.84 21.40 -47.43
N GLU K 46 24.32 22.65 -47.23
CA GLU K 46 24.89 23.06 -45.97
C GLU K 46 23.84 23.09 -44.87
N CYS K 47 22.63 23.62 -45.18
CA CYS K 47 21.51 23.65 -44.25
C CYS K 47 21.02 22.25 -43.87
N GLY K 48 20.78 21.37 -44.87
CA GLY K 48 20.39 19.98 -44.61
C GLY K 48 21.37 19.19 -43.79
N ALA K 49 22.66 19.25 -44.18
CA ALA K 49 23.75 18.63 -43.46
C ALA K 49 23.93 19.17 -42.05
N ALA K 50 23.83 20.51 -41.86
CA ALA K 50 23.90 21.16 -40.57
C ALA K 50 22.77 20.77 -39.63
N VAL K 51 21.54 20.62 -40.18
CA VAL K 51 20.38 20.13 -39.44
C VAL K 51 20.59 18.70 -38.96
N ALA K 52 21.10 17.82 -39.86
CA ALA K 52 21.46 16.46 -39.55
C ALA K 52 22.59 16.35 -38.52
N ALA K 53 23.59 17.26 -38.60
CA ALA K 53 24.71 17.30 -37.68
C ALA K 53 24.30 17.78 -36.29
N GLU K 54 23.46 18.82 -36.20
CA GLU K 54 22.99 19.36 -34.94
C GLU K 54 21.97 18.49 -34.23
N SER K 55 21.13 17.75 -34.99
CA SER K 55 20.20 16.79 -34.41
C SER K 55 20.85 15.46 -34.05
N SER K 56 22.06 15.19 -34.58
CA SER K 56 22.83 13.99 -34.31
C SER K 56 23.90 14.17 -33.25
N THR K 57 24.84 15.11 -33.46
CA THR K 57 26.06 15.21 -32.67
C THR K 57 26.25 16.58 -32.07
N GLY K 58 26.20 17.65 -32.88
CA GLY K 58 26.35 19.04 -32.43
C GLY K 58 27.77 19.48 -32.19
N THR K 59 28.13 20.72 -32.59
CA THR K 59 29.46 21.25 -32.31
C THR K 59 29.48 22.75 -32.48
N TRP K 60 30.41 23.43 -31.78
CA TRP K 60 30.66 24.85 -31.94
C TRP K 60 32.15 25.08 -32.20
N THR K 61 32.94 23.97 -32.19
CA THR K 61 34.37 23.87 -32.45
C THR K 61 34.69 22.43 -32.14
N THR K 62 35.15 21.66 -33.13
CA THR K 62 35.44 20.24 -32.99
C THR K 62 36.92 20.06 -32.74
N VAL K 63 37.25 19.18 -31.78
CA VAL K 63 38.59 18.78 -31.42
C VAL K 63 38.51 17.29 -31.15
N TRP K 64 39.62 16.67 -30.68
CA TRP K 64 39.73 15.25 -30.39
C TRP K 64 38.65 14.67 -29.47
N THR K 65 37.99 15.49 -28.62
CA THR K 65 36.98 15.00 -27.68
C THR K 65 35.70 14.58 -28.36
N ASP K 66 35.45 15.03 -29.62
CA ASP K 66 34.30 14.56 -30.38
C ASP K 66 34.57 13.15 -30.94
N GLY K 67 35.85 12.74 -30.93
CA GLY K 67 36.36 11.41 -31.28
C GLY K 67 36.06 10.32 -30.28
N LEU K 68 35.58 10.70 -29.09
CA LEU K 68 35.31 9.78 -28.00
C LEU K 68 34.04 8.95 -28.20
N THR K 69 33.15 9.33 -29.13
CA THR K 69 31.91 8.60 -29.40
C THR K 69 32.02 7.85 -30.72
N SER K 70 31.28 6.73 -30.85
CA SER K 70 31.25 5.95 -32.08
C SER K 70 30.36 6.61 -33.13
N LEU K 71 30.91 6.97 -34.31
CA LEU K 71 30.18 7.74 -35.30
C LEU K 71 29.64 6.89 -36.45
N ASP K 72 30.50 6.04 -37.06
CA ASP K 72 30.30 5.16 -38.21
C ASP K 72 28.89 5.11 -38.85
N ARG K 73 28.04 4.19 -38.36
CA ARG K 73 26.68 4.02 -38.85
C ARG K 73 25.69 4.64 -37.88
N TYR K 74 26.21 5.23 -36.79
CA TYR K 74 25.43 5.71 -35.67
C TYR K 74 25.01 7.17 -35.79
N LYS K 75 25.58 7.94 -36.73
CA LYS K 75 25.27 9.35 -36.88
C LYS K 75 24.16 9.57 -37.90
N GLY K 76 23.37 10.66 -37.73
CA GLY K 76 22.39 11.14 -38.71
C GLY K 76 22.97 11.51 -40.05
N ARG K 77 22.22 11.29 -41.14
CA ARG K 77 22.69 11.48 -42.49
C ARG K 77 21.72 12.29 -43.33
N CYS K 78 22.21 13.31 -44.07
CA CYS K 78 21.37 14.07 -44.98
C CYS K 78 21.42 13.42 -46.35
N TYR K 79 20.26 12.99 -46.85
CA TYR K 79 20.08 12.33 -48.13
C TYR K 79 19.90 13.39 -49.23
N ASP K 80 19.75 12.96 -50.49
CA ASP K 80 19.49 13.79 -51.65
C ASP K 80 18.27 14.73 -51.45
N ILE K 81 18.34 16.00 -51.87
CA ILE K 81 17.30 16.99 -51.63
C ILE K 81 16.74 17.45 -52.97
N GLU K 82 15.54 18.08 -53.00
CA GLU K 82 14.95 18.48 -54.28
C GLU K 82 14.36 19.89 -54.16
N PRO K 83 14.24 20.68 -55.24
CA PRO K 83 13.57 21.99 -55.22
C PRO K 83 12.06 21.93 -55.05
N VAL K 84 11.48 23.01 -54.49
CA VAL K 84 10.04 23.22 -54.37
C VAL K 84 9.58 24.04 -55.58
N PRO K 85 8.55 23.67 -56.36
CA PRO K 85 8.18 24.43 -57.55
C PRO K 85 7.64 25.82 -57.25
N GLY K 86 6.94 25.99 -56.12
CA GLY K 86 6.30 27.23 -55.71
C GLY K 86 7.18 28.43 -55.46
N GLU K 87 8.42 28.22 -54.98
CA GLU K 87 9.28 29.34 -54.61
C GLU K 87 10.75 29.04 -54.84
N ASP K 88 11.50 30.01 -55.42
CA ASP K 88 12.88 29.89 -55.83
C ASP K 88 13.84 29.52 -54.69
N ASN K 89 13.59 30.04 -53.46
CA ASN K 89 14.39 29.77 -52.28
C ASN K 89 13.88 28.58 -51.46
N GLN K 90 12.81 27.89 -51.87
CA GLN K 90 12.33 26.71 -51.16
C GLN K 90 12.83 25.37 -51.70
N TYR K 91 13.22 24.47 -50.79
CA TYR K 91 13.76 23.14 -51.07
C TYR K 91 13.13 22.11 -50.15
N ILE K 92 13.08 20.82 -50.57
CA ILE K 92 12.66 19.71 -49.73
C ILE K 92 13.90 18.94 -49.30
N ALA K 93 14.17 18.89 -47.99
CA ALA K 93 15.25 18.15 -47.38
C ALA K 93 14.79 16.79 -46.89
N TYR K 94 15.63 15.75 -47.07
CA TYR K 94 15.38 14.39 -46.63
C TYR K 94 16.50 13.95 -45.69
N VAL K 95 16.19 13.69 -44.41
CA VAL K 95 17.21 13.38 -43.40
C VAL K 95 16.94 12.02 -42.78
N ALA K 96 17.97 11.13 -42.77
CA ALA K 96 17.89 9.81 -42.20
C ALA K 96 18.60 9.74 -40.84
N TYR K 97 18.05 8.96 -39.89
CA TYR K 97 18.66 8.69 -38.60
C TYR K 97 18.67 7.18 -38.36
N PRO K 98 19.73 6.55 -37.89
CA PRO K 98 19.68 5.16 -37.42
C PRO K 98 18.88 4.99 -36.13
N ILE K 99 18.44 3.74 -35.84
CA ILE K 99 17.72 3.36 -34.63
C ILE K 99 18.52 3.63 -33.37
N ASP K 100 19.87 3.49 -33.47
CA ASP K 100 20.85 3.64 -32.42
C ASP K 100 20.83 5.00 -31.71
N LEU K 101 20.41 6.07 -32.39
CA LEU K 101 20.49 7.41 -31.84
C LEU K 101 19.43 7.76 -30.80
N PHE K 102 18.25 7.10 -30.83
CA PHE K 102 17.12 7.45 -29.96
C PHE K 102 16.73 6.30 -29.04
N GLU K 103 16.30 6.62 -27.80
CA GLU K 103 15.73 5.63 -26.88
C GLU K 103 14.46 4.98 -27.43
N GLU K 104 14.28 3.65 -27.23
CA GLU K 104 13.18 2.88 -27.79
C GLU K 104 11.78 3.36 -27.40
N GLY K 105 11.01 3.90 -28.36
CA GLY K 105 9.67 4.44 -28.14
C GLY K 105 9.59 5.62 -27.20
N SER K 106 10.67 6.41 -27.12
CA SER K 106 10.76 7.54 -26.20
C SER K 106 10.30 8.83 -26.86
N VAL K 107 9.03 9.21 -26.59
CA VAL K 107 8.37 10.29 -27.30
C VAL K 107 8.97 11.67 -27.05
N THR K 108 9.44 12.00 -25.82
CA THR K 108 10.04 13.33 -25.59
C THR K 108 11.45 13.39 -26.13
N ASN K 109 12.17 12.25 -26.19
CA ASN K 109 13.52 12.23 -26.74
C ASN K 109 13.48 12.36 -28.26
N MET K 110 12.58 11.59 -28.93
CA MET K 110 12.36 11.69 -30.36
C MET K 110 11.82 13.05 -30.78
N PHE K 111 10.80 13.57 -30.07
CA PHE K 111 10.22 14.89 -30.30
C PHE K 111 11.23 16.01 -30.12
N THR K 112 12.00 16.00 -29.01
CA THR K 112 13.02 17.01 -28.73
C THR K 112 14.15 16.96 -29.76
N SER K 113 14.62 15.75 -30.12
CA SER K 113 15.66 15.58 -31.14
C SER K 113 15.29 16.02 -32.55
N ILE K 114 14.07 15.63 -33.00
CA ILE K 114 13.59 15.80 -34.37
C ILE K 114 12.94 17.14 -34.60
N VAL K 115 12.14 17.63 -33.64
CA VAL K 115 11.41 18.88 -33.78
C VAL K 115 12.02 19.94 -32.88
N GLY K 116 12.25 19.64 -31.58
CA GLY K 116 12.70 20.62 -30.59
C GLY K 116 13.98 21.37 -30.92
N ASN K 117 15.08 20.62 -31.19
CA ASN K 117 16.37 21.19 -31.54
C ASN K 117 16.36 21.80 -32.95
N VAL K 118 15.79 21.05 -33.91
CA VAL K 118 15.74 21.39 -35.32
C VAL K 118 14.98 22.66 -35.66
N PHE K 119 13.78 22.86 -35.09
CA PHE K 119 12.94 23.99 -35.44
C PHE K 119 13.28 25.15 -34.51
N GLY K 120 14.53 25.65 -34.61
CA GLY K 120 15.05 26.76 -33.82
C GLY K 120 15.90 27.71 -34.61
N PHE K 121 16.89 27.17 -35.34
CA PHE K 121 17.97 27.83 -36.07
C PHE K 121 17.77 29.24 -36.61
N LYS K 122 18.63 30.19 -36.16
CA LYS K 122 18.67 31.60 -36.55
C LYS K 122 18.88 31.85 -38.04
N ALA K 123 19.74 31.05 -38.71
CA ALA K 123 20.02 31.22 -40.12
C ALA K 123 19.04 30.43 -41.01
N LEU K 124 18.01 29.81 -40.41
CA LEU K 124 16.93 29.17 -41.12
C LEU K 124 15.73 30.11 -41.09
N ARG K 125 15.23 30.55 -42.27
CA ARG K 125 14.09 31.46 -42.30
C ARG K 125 12.77 30.77 -42.00
N ALA K 126 12.48 29.68 -42.71
CA ALA K 126 11.29 28.90 -42.44
C ALA K 126 11.55 27.44 -42.74
N LEU K 127 10.90 26.57 -41.95
CA LEU K 127 11.02 25.13 -42.06
C LEU K 127 9.68 24.52 -41.73
N ARG K 128 9.17 23.65 -42.61
CA ARG K 128 7.89 22.98 -42.47
C ARG K 128 8.06 21.48 -42.57
N LEU K 129 7.45 20.71 -41.65
CA LEU K 129 7.57 19.25 -41.72
C LEU K 129 6.59 18.69 -42.75
N GLU K 130 7.10 17.90 -43.72
CA GLU K 130 6.28 17.36 -44.81
C GLU K 130 5.95 15.90 -44.67
N ASP K 131 6.87 15.06 -44.14
CA ASP K 131 6.54 13.67 -43.86
C ASP K 131 7.57 13.05 -42.90
N LEU K 132 7.27 11.84 -42.41
CA LEU K 132 8.08 11.06 -41.50
C LEU K 132 8.00 9.58 -41.84
N ARG K 133 9.14 8.87 -41.79
CA ARG K 133 9.19 7.42 -41.88
C ARG K 133 9.44 6.91 -40.48
N ILE K 134 8.44 6.25 -39.86
CA ILE K 134 8.58 5.68 -38.54
C ILE K 134 8.76 4.18 -38.77
N PRO K 135 9.92 3.57 -38.55
CA PRO K 135 10.14 2.14 -38.82
C PRO K 135 9.26 1.25 -37.95
N PRO K 136 8.83 0.05 -38.38
CA PRO K 136 7.85 -0.79 -37.68
C PRO K 136 8.23 -1.08 -36.23
N ALA K 137 9.53 -1.19 -35.91
CA ALA K 137 10.01 -1.49 -34.58
C ALA K 137 9.88 -0.30 -33.62
N TYR K 138 9.67 0.92 -34.14
CA TYR K 138 9.46 2.10 -33.33
C TYR K 138 7.94 2.32 -33.24
N VAL K 139 7.18 1.96 -34.30
CA VAL K 139 5.71 1.93 -34.31
C VAL K 139 5.16 0.97 -33.25
N LYS K 140 5.82 -0.17 -33.04
CA LYS K 140 5.44 -1.16 -32.06
C LYS K 140 6.05 -0.95 -30.67
N THR K 141 6.83 0.13 -30.45
CA THR K 141 7.38 0.43 -29.12
C THR K 141 6.92 1.79 -28.61
N PHE K 142 6.44 2.70 -29.50
CA PHE K 142 5.12 3.32 -29.41
C PHE K 142 3.94 2.40 -29.06
N VAL K 143 2.81 2.95 -28.61
CA VAL K 143 1.67 2.14 -28.19
C VAL K 143 0.45 2.28 -29.10
N GLY K 144 0.32 3.38 -29.86
CA GLY K 144 -0.79 3.64 -30.78
C GLY K 144 -2.16 3.70 -30.11
N PRO K 145 -3.27 3.72 -30.86
CA PRO K 145 -4.63 3.67 -30.33
C PRO K 145 -4.87 2.64 -29.22
N PRO K 146 -5.55 2.89 -28.12
CA PRO K 146 -5.89 1.85 -27.16
C PRO K 146 -6.96 0.89 -27.65
N HIS K 147 -8.05 1.37 -28.29
CA HIS K 147 -9.17 0.56 -28.73
C HIS K 147 -9.58 1.04 -30.11
N GLY K 148 -8.69 0.85 -31.13
CA GLY K 148 -8.90 1.27 -32.52
C GLY K 148 -10.20 0.90 -33.21
N ILE K 149 -10.36 1.26 -34.51
CA ILE K 149 -11.63 1.14 -35.23
C ILE K 149 -12.13 -0.30 -35.31
N GLN K 150 -11.23 -1.28 -35.46
CA GLN K 150 -11.61 -2.67 -35.53
C GLN K 150 -11.98 -3.26 -34.17
N VAL K 151 -11.71 -2.53 -33.08
CA VAL K 151 -12.16 -2.87 -31.73
C VAL K 151 -13.44 -2.08 -31.41
N GLU K 152 -13.45 -0.78 -31.75
CA GLU K 152 -14.48 0.21 -31.44
C GLU K 152 -15.80 -0.07 -32.12
N ARG K 153 -15.76 -0.60 -33.38
CA ARG K 153 -16.96 -1.04 -34.09
C ARG K 153 -17.73 -2.10 -33.32
N ASP K 154 -17.04 -3.07 -32.69
CA ASP K 154 -17.71 -4.14 -31.98
C ASP K 154 -18.06 -3.67 -30.57
N LYS K 155 -17.21 -2.82 -29.94
CA LYS K 155 -17.45 -2.27 -28.62
C LYS K 155 -18.65 -1.34 -28.48
N LEU K 156 -18.97 -0.51 -29.49
CA LEU K 156 -20.09 0.40 -29.40
C LEU K 156 -21.44 -0.26 -29.70
N ASN K 157 -21.44 -1.52 -30.18
CA ASN K 157 -22.63 -2.34 -30.40
C ASN K 157 -23.63 -1.81 -31.46
N LYS K 158 -23.28 -0.76 -32.22
CA LYS K 158 -24.16 -0.18 -33.21
C LYS K 158 -23.33 0.40 -34.34
N TYR K 159 -23.71 0.15 -35.61
CA TYR K 159 -22.95 0.60 -36.75
C TYR K 159 -23.81 0.36 -37.99
N GLY K 160 -23.57 1.12 -39.08
CA GLY K 160 -24.29 0.98 -40.35
C GLY K 160 -24.81 2.28 -40.87
N ARG K 161 -24.45 3.38 -40.21
CA ARG K 161 -24.80 4.72 -40.56
C ARG K 161 -23.81 5.53 -39.74
N GLY K 162 -23.66 6.84 -40.00
CA GLY K 162 -22.85 7.72 -39.16
C GLY K 162 -23.30 7.79 -37.72
N LEU K 163 -22.43 8.23 -36.81
CA LEU K 163 -22.76 8.36 -35.39
C LEU K 163 -23.10 9.82 -35.09
N LEU K 164 -24.37 10.05 -34.74
CA LEU K 164 -25.00 11.34 -34.59
C LEU K 164 -24.85 11.98 -33.23
N GLY K 165 -24.42 13.24 -33.17
CA GLY K 165 -24.23 13.90 -31.90
C GLY K 165 -24.38 15.39 -31.92
N CYS K 166 -23.99 16.02 -30.81
CA CYS K 166 -24.01 17.46 -30.70
C CYS K 166 -23.08 17.91 -29.60
N THR K 167 -22.48 19.09 -29.83
CA THR K 167 -21.48 19.75 -29.00
C THR K 167 -22.21 20.71 -28.10
N ILE K 168 -22.06 20.61 -26.75
CA ILE K 168 -22.92 21.33 -25.85
C ILE K 168 -22.41 22.74 -25.58
N LYS K 169 -23.29 23.73 -25.83
CA LYS K 169 -23.05 25.15 -25.72
C LYS K 169 -24.29 25.75 -25.07
N PRO K 170 -24.29 26.92 -24.44
CA PRO K 170 -23.16 27.82 -24.23
C PRO K 170 -22.08 27.19 -23.35
N LYS K 171 -20.80 27.47 -23.66
CA LYS K 171 -19.63 27.02 -22.91
C LYS K 171 -19.61 27.51 -21.46
N LEU K 172 -20.00 28.78 -21.24
CA LEU K 172 -20.24 29.38 -19.94
C LEU K 172 -21.40 28.69 -19.21
N GLY K 173 -21.08 27.91 -18.16
CA GLY K 173 -21.50 28.23 -16.80
C GLY K 173 -22.88 27.72 -16.46
N LEU K 174 -23.54 27.08 -17.44
CA LEU K 174 -24.85 26.47 -17.37
C LEU K 174 -25.01 25.57 -16.15
N SER K 175 -26.04 25.80 -15.32
CA SER K 175 -26.26 25.01 -14.12
C SER K 175 -26.58 23.55 -14.37
N ALA K 176 -26.13 22.67 -13.47
CA ALA K 176 -26.14 21.24 -13.64
C ALA K 176 -27.51 20.61 -13.91
N LYS K 177 -28.59 21.07 -13.25
CA LYS K 177 -29.91 20.54 -13.54
C LYS K 177 -30.53 20.99 -14.86
N ASN K 178 -30.19 22.20 -15.37
CA ASN K 178 -30.66 22.64 -16.67
C ASN K 178 -29.85 22.00 -17.80
N TYR K 179 -28.57 21.69 -17.52
CA TYR K 179 -27.71 20.89 -18.36
C TYR K 179 -28.19 19.43 -18.43
N GLY K 180 -28.59 18.86 -17.27
CA GLY K 180 -29.14 17.51 -17.14
C GLY K 180 -30.42 17.34 -17.94
N ARG K 181 -31.28 18.37 -17.89
CA ARG K 181 -32.50 18.42 -18.68
C ARG K 181 -32.25 18.49 -20.18
N ALA K 182 -31.31 19.37 -20.61
CA ALA K 182 -30.94 19.51 -22.01
C ALA K 182 -30.32 18.24 -22.60
N VAL K 183 -29.41 17.59 -21.84
CA VAL K 183 -28.74 16.35 -22.23
C VAL K 183 -29.72 15.19 -22.35
N TYR K 184 -30.63 15.04 -21.35
CA TYR K 184 -31.66 14.01 -21.36
C TYR K 184 -32.58 14.16 -22.57
N GLU K 185 -33.09 15.38 -22.80
CA GLU K 185 -34.01 15.65 -23.89
C GLU K 185 -33.40 15.43 -25.28
N CYS K 186 -32.14 15.86 -25.53
CA CYS K 186 -31.53 15.64 -26.84
C CYS K 186 -31.16 14.18 -27.08
N LEU K 187 -30.77 13.43 -26.03
CA LEU K 187 -30.51 12.00 -26.15
C LEU K 187 -31.81 11.24 -26.38
N ARG K 188 -32.90 11.63 -25.70
CA ARG K 188 -34.20 10.98 -25.84
C ARG K 188 -34.82 11.29 -27.21
N GLY K 189 -34.46 12.46 -27.81
CA GLY K 189 -34.87 12.88 -29.14
C GLY K 189 -34.25 12.12 -30.29
N GLY K 190 -33.11 11.45 -30.06
CA GLY K 190 -32.46 10.66 -31.10
C GLY K 190 -30.98 10.86 -31.33
N LEU K 191 -30.27 11.68 -30.54
CA LEU K 191 -28.81 11.73 -30.64
C LEU K 191 -28.17 10.45 -30.11
N ASP K 192 -27.02 10.04 -30.67
CA ASP K 192 -26.26 8.92 -30.16
C ASP K 192 -25.30 9.38 -29.06
N PHE K 193 -24.59 10.50 -29.30
CA PHE K 193 -23.56 10.98 -28.38
C PHE K 193 -23.57 12.50 -28.24
N THR K 194 -23.42 13.01 -27.01
CA THR K 194 -23.31 14.46 -26.76
C THR K 194 -21.91 14.74 -26.30
N LYS K 195 -21.43 16.00 -26.36
CA LYS K 195 -20.07 16.31 -25.94
C LYS K 195 -20.02 17.58 -25.09
N ASP K 196 -19.14 17.55 -24.07
CA ASP K 196 -18.77 18.69 -23.25
C ASP K 196 -17.61 19.46 -23.85
N ASP K 197 -17.47 20.74 -23.47
CA ASP K 197 -16.33 21.56 -23.80
C ASP K 197 -15.56 21.81 -22.50
N GLU K 198 -14.38 22.45 -22.59
CA GLU K 198 -13.43 22.66 -21.51
C GLU K 198 -14.03 23.38 -20.30
N ASN K 199 -14.86 24.43 -20.52
CA ASN K 199 -15.48 25.18 -19.43
C ASN K 199 -16.68 24.45 -18.83
N VAL K 200 -17.32 23.57 -19.62
CA VAL K 200 -18.52 22.83 -19.22
C VAL K 200 -18.20 21.88 -18.08
N ASN K 201 -17.02 21.22 -18.15
CA ASN K 201 -16.47 20.31 -17.18
C ASN K 201 -16.48 20.78 -15.71
N SER K 202 -15.82 21.91 -15.39
CA SER K 202 -15.63 22.35 -14.02
C SER K 202 -15.58 23.87 -14.01
N GLN K 203 -16.23 24.50 -13.02
CA GLN K 203 -16.32 25.95 -12.88
C GLN K 203 -16.10 26.28 -11.41
N PRO K 204 -15.78 27.50 -10.97
CA PRO K 204 -15.54 27.85 -9.56
C PRO K 204 -16.52 27.28 -8.55
N PHE K 205 -17.85 27.40 -8.79
CA PHE K 205 -18.87 26.83 -7.93
C PHE K 205 -19.13 25.36 -8.21
N MET K 206 -19.40 25.02 -9.48
CA MET K 206 -19.78 23.68 -9.90
C MET K 206 -18.62 22.76 -10.25
N ARG K 207 -18.41 21.72 -9.43
CA ARG K 207 -17.39 20.71 -9.59
C ARG K 207 -17.77 19.71 -10.67
N TRP K 208 -16.74 19.18 -11.40
CA TRP K 208 -16.86 18.11 -12.37
C TRP K 208 -17.59 16.88 -11.79
N ARG K 209 -17.35 16.60 -10.50
CA ARG K 209 -17.88 15.53 -9.69
C ARG K 209 -19.41 15.53 -9.62
N ASP K 210 -20.00 16.73 -9.49
CA ASP K 210 -21.43 16.92 -9.35
C ASP K 210 -22.05 17.03 -10.74
N ARG K 211 -21.30 17.58 -11.73
CA ARG K 211 -21.72 17.60 -13.12
C ARG K 211 -21.83 16.18 -13.67
N PHE K 212 -20.87 15.32 -13.28
CA PHE K 212 -20.79 13.89 -13.53
C PHE K 212 -21.95 13.12 -12.91
N LEU K 213 -22.42 13.54 -11.72
CA LEU K 213 -23.55 12.90 -11.06
C LEU K 213 -24.87 13.19 -11.76
N PHE K 214 -25.00 14.40 -12.35
CA PHE K 214 -26.13 14.73 -13.20
C PHE K 214 -26.06 14.01 -14.55
N VAL K 215 -24.85 13.78 -15.08
CA VAL K 215 -24.66 12.93 -16.26
C VAL K 215 -25.06 11.48 -15.99
N ALA K 216 -24.67 10.91 -14.83
CA ALA K 216 -25.02 9.56 -14.42
C ALA K 216 -26.53 9.36 -14.26
N GLU K 217 -27.21 10.33 -13.62
CA GLU K 217 -28.65 10.32 -13.40
C GLU K 217 -29.40 10.33 -14.73
N ALA K 218 -28.98 11.25 -15.64
CA ALA K 218 -29.51 11.39 -16.98
C ALA K 218 -29.24 10.21 -17.90
N ILE K 219 -28.00 9.66 -17.89
CA ILE K 219 -27.54 8.63 -18.83
C ILE K 219 -28.24 7.31 -18.59
N TYR K 220 -28.55 6.95 -17.31
CA TYR K 220 -29.23 5.70 -17.03
C TYR K 220 -30.58 5.62 -17.74
N LYS K 221 -31.38 6.71 -17.71
CA LYS K 221 -32.65 6.77 -18.42
C LYS K 221 -32.49 7.08 -19.91
N ALA K 222 -31.42 7.80 -20.30
CA ALA K 222 -31.17 8.11 -21.68
C ALA K 222 -30.61 6.96 -22.50
N GLN K 223 -30.14 5.85 -21.88
CA GLN K 223 -30.40 4.54 -22.45
C GLN K 223 -31.70 3.80 -22.09
N ALA K 224 -32.05 3.68 -20.80
CA ALA K 224 -33.14 2.81 -20.34
C ALA K 224 -34.54 3.11 -20.88
N GLU K 225 -34.90 4.39 -21.02
CA GLU K 225 -36.22 4.82 -21.48
C GLU K 225 -36.32 4.90 -23.00
N THR K 226 -35.21 4.70 -23.73
CA THR K 226 -35.21 4.81 -25.19
C THR K 226 -34.96 3.47 -25.87
N GLY K 227 -34.42 2.45 -25.17
CA GLY K 227 -34.11 1.13 -25.72
C GLY K 227 -32.99 1.04 -26.73
N GLU K 228 -32.25 2.14 -26.92
CA GLU K 228 -31.15 2.26 -27.86
C GLU K 228 -29.87 2.67 -27.15
N VAL K 229 -28.71 2.09 -27.52
CA VAL K 229 -27.41 2.46 -26.99
C VAL K 229 -27.01 3.88 -27.40
N LYS K 230 -26.72 4.74 -26.41
CA LYS K 230 -26.39 6.14 -26.55
C LYS K 230 -25.37 6.46 -25.45
N GLY K 231 -24.57 7.54 -25.56
CA GLY K 231 -23.93 8.10 -24.35
C GLY K 231 -23.56 9.55 -24.36
N HIS K 232 -22.60 9.93 -23.49
CA HIS K 232 -22.10 11.29 -23.43
C HIS K 232 -20.59 11.38 -23.21
N TYR K 233 -19.87 12.08 -24.11
CA TYR K 233 -18.45 12.33 -24.00
C TYR K 233 -18.14 13.38 -22.93
N LEU K 234 -17.67 12.95 -21.74
CA LEU K 234 -17.15 13.83 -20.71
C LEU K 234 -15.78 14.32 -21.17
N ASN K 235 -15.39 15.60 -20.94
CA ASN K 235 -14.20 16.17 -21.53
C ASN K 235 -13.03 16.29 -20.55
N ALA K 236 -13.29 16.44 -19.22
CA ALA K 236 -12.44 15.87 -18.18
C ALA K 236 -11.12 16.62 -17.96
N THR K 237 -10.96 17.82 -18.57
CA THR K 237 -9.79 18.70 -18.55
C THR K 237 -9.30 19.07 -17.15
N ALA K 238 -8.01 19.41 -16.97
CA ALA K 238 -7.46 19.69 -15.65
C ALA K 238 -6.17 20.49 -15.64
N GLY K 239 -5.82 21.05 -14.48
CA GLY K 239 -4.61 21.84 -14.25
C GLY K 239 -3.35 21.06 -13.93
N THR K 240 -3.46 19.88 -13.31
CA THR K 240 -2.28 19.09 -12.94
C THR K 240 -2.58 17.64 -13.32
N CYS K 241 -1.56 16.78 -13.43
CA CYS K 241 -1.72 15.37 -13.80
C CYS K 241 -2.40 14.55 -12.71
N GLU K 242 -2.25 14.96 -11.43
CA GLU K 242 -2.89 14.37 -10.28
C GLU K 242 -4.41 14.58 -10.39
N GLU K 243 -4.82 15.79 -10.79
CA GLU K 243 -6.20 16.13 -11.10
C GLU K 243 -6.75 15.33 -12.29
N MET K 244 -5.95 15.14 -13.37
CA MET K 244 -6.30 14.27 -14.50
C MET K 244 -6.54 12.82 -14.09
N MET K 245 -5.64 12.27 -13.26
CA MET K 245 -5.79 10.93 -12.71
C MET K 245 -6.97 10.80 -11.77
N LYS K 246 -7.24 11.82 -10.92
CA LYS K 246 -8.43 11.85 -10.08
C LYS K 246 -9.72 11.86 -10.88
N ARG K 247 -9.76 12.66 -11.96
CA ARG K 247 -10.85 12.71 -12.92
C ARG K 247 -11.08 11.37 -13.63
N ALA K 248 -9.99 10.67 -14.04
CA ALA K 248 -10.06 9.33 -14.59
C ALA K 248 -10.67 8.30 -13.62
N VAL K 249 -10.22 8.31 -12.35
CA VAL K 249 -10.27 7.11 -11.50
C VAL K 249 -11.65 7.08 -10.88
N CYS K 250 -12.18 8.26 -10.53
CA CYS K 250 -13.50 8.39 -9.91
C CYS K 250 -14.63 8.00 -10.87
N ALA K 251 -14.42 8.14 -12.19
CA ALA K 251 -15.40 7.71 -13.16
C ALA K 251 -15.16 6.28 -13.61
N LYS K 252 -13.99 5.70 -13.29
CA LYS K 252 -13.69 4.28 -13.44
C LYS K 252 -14.50 3.41 -12.50
N GLU K 253 -14.78 3.89 -11.26
CA GLU K 253 -15.58 3.20 -10.26
C GLU K 253 -16.99 2.86 -10.74
N LEU K 254 -17.59 3.76 -11.54
CA LEU K 254 -18.92 3.58 -12.13
C LEU K 254 -18.78 3.06 -13.56
N GLY K 255 -17.53 2.99 -14.07
CA GLY K 255 -17.07 2.59 -15.40
C GLY K 255 -17.90 3.04 -16.57
N VAL K 256 -18.18 4.35 -16.67
CA VAL K 256 -18.98 4.93 -17.72
C VAL K 256 -18.42 4.74 -19.15
N PRO K 257 -19.27 4.58 -20.17
CA PRO K 257 -18.81 4.52 -21.56
C PRO K 257 -18.75 5.94 -22.10
N ILE K 258 -18.42 6.08 -23.40
CA ILE K 258 -17.19 6.69 -23.89
C ILE K 258 -16.95 8.15 -23.46
N ILE K 259 -15.67 8.50 -23.17
CA ILE K 259 -15.28 9.85 -22.78
C ILE K 259 -14.24 10.41 -23.72
N MET K 260 -13.94 11.73 -23.59
CA MET K 260 -12.94 12.38 -24.40
C MET K 260 -11.98 13.19 -23.53
N HIS K 261 -10.78 13.52 -24.04
CA HIS K 261 -9.89 14.41 -23.32
C HIS K 261 -9.01 15.32 -24.19
N ASP K 262 -8.82 16.59 -23.75
CA ASP K 262 -7.98 17.61 -24.37
C ASP K 262 -6.68 17.86 -23.59
N TYR K 263 -6.36 16.95 -22.67
CA TYR K 263 -5.08 16.24 -22.53
C TYR K 263 -4.07 16.32 -23.67
N LEU K 264 -4.46 16.25 -24.96
CA LEU K 264 -3.49 16.31 -26.06
C LEU K 264 -3.45 17.75 -26.60
N THR K 265 -4.02 18.70 -25.84
CA THR K 265 -3.77 20.14 -25.98
C THR K 265 -2.88 20.51 -24.79
N GLY K 266 -3.02 19.78 -23.66
CA GLY K 266 -2.17 19.84 -22.47
C GLY K 266 -0.75 19.32 -22.61
N GLY K 267 -0.59 18.07 -23.11
CA GLY K 267 0.73 17.47 -23.28
C GLY K 267 0.72 16.08 -23.87
N PHE K 268 1.71 15.78 -24.74
CA PHE K 268 1.82 14.54 -25.48
C PHE K 268 2.01 13.29 -24.61
N THR K 269 2.80 13.41 -23.53
CA THR K 269 3.10 12.25 -22.68
C THR K 269 1.99 12.01 -21.68
N ALA K 270 1.23 13.08 -21.33
CA ALA K 270 0.04 13.03 -20.52
C ALA K 270 -1.04 12.22 -21.21
N ASN K 271 -1.22 12.43 -22.54
CA ASN K 271 -2.20 11.73 -23.32
C ASN K 271 -1.80 10.28 -23.56
N THR K 272 -0.48 10.05 -23.77
CA THR K 272 0.06 8.71 -24.00
C THR K 272 -0.11 7.81 -22.78
N SER K 273 0.22 8.31 -21.58
CA SER K 273 0.02 7.59 -20.32
C SER K 273 -1.43 7.28 -20.01
N LEU K 274 -2.34 8.26 -20.24
CA LEU K 274 -3.77 8.09 -20.10
C LEU K 274 -4.32 7.05 -21.07
N ALA K 275 -3.89 7.06 -22.35
CA ALA K 275 -4.28 6.07 -23.34
C ALA K 275 -3.86 4.65 -22.94
N ILE K 276 -2.67 4.49 -22.33
CA ILE K 276 -2.21 3.24 -21.73
C ILE K 276 -3.12 2.79 -20.58
N TYR K 277 -3.50 3.71 -19.67
CA TYR K 277 -4.47 3.49 -18.60
C TYR K 277 -5.86 3.08 -19.15
N CYS K 278 -6.34 3.78 -20.20
CA CYS K 278 -7.58 3.50 -20.91
C CYS K 278 -7.60 2.12 -21.55
N ARG K 279 -6.46 1.69 -22.14
CA ARG K 279 -6.21 0.35 -22.64
C ARG K 279 -6.28 -0.71 -21.53
N ASP K 280 -5.66 -0.41 -20.37
CA ASP K 280 -5.61 -1.26 -19.19
C ASP K 280 -7.00 -1.48 -18.56
N ASN K 281 -7.86 -0.44 -18.57
CA ASN K 281 -9.16 -0.50 -17.90
C ASN K 281 -10.28 -0.81 -18.86
N GLY K 282 -9.95 -1.13 -20.13
CA GLY K 282 -10.88 -1.58 -21.17
C GLY K 282 -11.89 -0.58 -21.64
N LEU K 283 -11.58 0.74 -21.54
CA LEU K 283 -12.49 1.82 -21.88
C LEU K 283 -12.75 2.01 -23.38
N LEU K 284 -13.06 3.26 -23.80
CA LEU K 284 -12.88 3.77 -25.15
C LEU K 284 -12.50 5.24 -24.97
N LEU K 285 -11.56 5.76 -25.78
CA LEU K 285 -10.97 7.08 -25.65
C LEU K 285 -11.10 8.03 -26.85
N HIS K 286 -11.92 9.09 -26.74
CA HIS K 286 -11.96 10.17 -27.73
C HIS K 286 -10.92 11.27 -27.47
N ILE K 287 -10.15 11.65 -28.50
CA ILE K 287 -9.07 12.63 -28.38
C ILE K 287 -9.49 13.94 -29.00
N HIS K 288 -9.41 15.05 -28.23
CA HIS K 288 -9.72 16.39 -28.73
C HIS K 288 -8.51 17.01 -29.43
N ARG K 289 -8.71 17.97 -30.35
CA ARG K 289 -7.61 18.72 -30.94
C ARG K 289 -8.04 20.14 -31.25
N ALA K 290 -7.19 21.12 -30.96
CA ALA K 290 -7.44 22.53 -31.13
C ALA K 290 -6.13 23.22 -31.53
N MET K 291 -6.10 24.57 -31.58
CA MET K 291 -4.91 25.38 -31.89
C MET K 291 -4.63 25.54 -33.39
N HIS K 292 -5.66 25.45 -34.22
CA HIS K 292 -5.58 25.36 -35.66
C HIS K 292 -4.84 26.47 -36.42
N ALA K 293 -4.91 27.74 -35.97
CA ALA K 293 -4.18 28.84 -36.59
C ALA K 293 -2.70 28.95 -36.19
N VAL K 294 -2.27 28.30 -35.09
CA VAL K 294 -0.88 28.37 -34.64
C VAL K 294 -0.13 27.06 -34.77
N ILE K 295 -0.83 25.92 -34.99
CA ILE K 295 -0.22 24.63 -35.30
C ILE K 295 -0.57 24.24 -36.73
N ASP K 296 -1.82 23.82 -36.97
CA ASP K 296 -2.31 23.17 -38.18
C ASP K 296 -2.11 24.01 -39.46
N ARG K 297 -2.32 25.33 -39.37
CA ARG K 297 -2.22 26.28 -40.48
C ARG K 297 -0.83 26.90 -40.67
N GLN K 298 0.26 26.28 -40.17
CA GLN K 298 1.60 26.85 -40.29
C GLN K 298 2.24 26.77 -41.69
N ARG K 299 1.66 27.52 -42.65
CA ARG K 299 1.94 27.62 -44.08
C ARG K 299 3.20 26.96 -44.63
N ASN K 300 4.34 27.67 -44.52
CA ASN K 300 5.65 27.15 -44.91
C ASN K 300 6.56 27.12 -43.69
N HIS K 301 6.01 27.37 -42.49
CA HIS K 301 6.81 27.66 -41.32
C HIS K 301 6.67 26.67 -40.17
N GLY K 302 5.98 25.54 -40.33
CA GLY K 302 5.95 24.56 -39.24
C GLY K 302 5.16 23.32 -39.55
N ILE K 303 4.13 23.04 -38.72
CA ILE K 303 3.39 21.79 -38.73
C ILE K 303 2.41 21.77 -39.91
N HIS K 304 2.10 20.59 -40.46
CA HIS K 304 1.16 20.47 -41.55
C HIS K 304 0.25 19.28 -41.28
N PHE K 305 -0.93 19.23 -41.93
CA PHE K 305 -1.98 18.25 -41.67
C PHE K 305 -1.63 16.77 -41.77
N ARG K 306 -0.86 16.32 -42.78
CA ARG K 306 -0.54 14.90 -42.88
C ARG K 306 0.41 14.42 -41.78
N VAL K 307 1.41 15.26 -41.41
CA VAL K 307 2.31 14.97 -40.30
C VAL K 307 1.61 15.05 -38.96
N LEU K 308 0.63 15.96 -38.83
CA LEU K 308 -0.24 16.06 -37.67
C LEU K 308 -1.08 14.80 -37.48
N ALA K 309 -1.70 14.27 -38.56
CA ALA K 309 -2.44 13.02 -38.52
C ALA K 309 -1.58 11.83 -38.15
N LYS K 310 -0.35 11.76 -38.72
CA LYS K 310 0.62 10.74 -38.35
C LYS K 310 1.07 10.85 -36.89
N ALA K 311 1.40 12.07 -36.40
CA ALA K 311 1.80 12.33 -35.03
C ALA K 311 0.71 12.03 -34.00
N LEU K 312 -0.55 12.41 -34.31
CA LEU K 312 -1.70 12.13 -33.47
C LEU K 312 -1.96 10.64 -33.34
N ARG K 313 -1.87 9.87 -34.45
CA ARG K 313 -2.09 8.43 -34.41
C ARG K 313 -0.90 7.68 -33.77
N MET K 314 0.32 8.24 -33.83
CA MET K 314 1.52 7.74 -33.18
C MET K 314 1.71 8.14 -31.69
N SER K 315 0.86 9.02 -31.13
CA SER K 315 0.40 8.82 -29.75
C SER K 315 -0.78 7.88 -29.62
N GLY K 316 -1.92 8.15 -30.27
CA GLY K 316 -3.08 7.27 -30.26
C GLY K 316 -4.32 7.89 -29.71
N GLY K 317 -5.46 7.28 -30.06
CA GLY K 317 -6.80 7.69 -29.67
C GLY K 317 -7.72 6.80 -30.42
N ASP K 318 -8.97 6.64 -29.97
CA ASP K 318 -9.93 5.74 -30.60
C ASP K 318 -10.82 6.54 -31.53
N HIS K 319 -11.37 7.68 -31.04
CA HIS K 319 -11.82 8.75 -31.90
C HIS K 319 -10.85 9.94 -31.86
N LEU K 320 -10.78 10.75 -32.92
CA LEU K 320 -9.97 11.95 -32.96
C LEU K 320 -10.58 13.08 -33.80
N HIS K 321 -10.58 14.30 -33.24
CA HIS K 321 -11.09 15.54 -33.81
C HIS K 321 -10.39 16.06 -35.08
N SER K 322 -11.06 16.97 -35.80
CA SER K 322 -11.34 16.83 -37.23
C SER K 322 -12.41 17.87 -37.50
N GLY K 323 -12.38 18.46 -38.71
CA GLY K 323 -13.10 19.65 -39.16
C GLY K 323 -14.39 20.09 -38.51
N THR K 324 -14.51 21.41 -38.26
CA THR K 324 -15.75 21.99 -37.78
C THR K 324 -16.58 22.51 -38.93
N VAL K 325 -15.99 22.49 -40.15
CA VAL K 325 -16.57 22.86 -41.44
C VAL K 325 -16.48 24.37 -41.66
N VAL K 326 -16.85 25.13 -40.63
CA VAL K 326 -16.79 26.58 -40.54
C VAL K 326 -16.34 26.86 -39.12
N GLY K 327 -15.95 28.10 -38.79
CA GLY K 327 -15.43 28.46 -37.47
C GLY K 327 -14.02 28.00 -37.18
N LYS K 328 -13.79 27.40 -35.99
CA LYS K 328 -12.48 27.09 -35.44
C LYS K 328 -11.53 26.10 -36.15
N LEU K 329 -12.01 24.99 -36.76
CA LEU K 329 -11.15 24.03 -37.46
C LEU K 329 -11.47 23.92 -38.95
N GLU K 330 -10.69 23.10 -39.69
CA GLU K 330 -10.72 22.88 -41.14
C GLU K 330 -12.07 22.46 -41.73
N GLY K 331 -12.28 22.70 -43.06
CA GLY K 331 -13.43 22.16 -43.76
C GLY K 331 -13.15 21.84 -45.20
N GLU K 332 -11.87 21.71 -45.57
CA GLU K 332 -11.44 21.67 -46.96
C GLU K 332 -11.15 20.27 -47.49
N ARG K 333 -11.47 20.00 -48.77
CA ARG K 333 -11.29 18.69 -49.41
C ARG K 333 -9.83 18.22 -49.45
N GLU K 334 -8.89 19.11 -49.81
CA GLU K 334 -7.47 18.76 -49.93
C GLU K 334 -6.77 18.76 -48.57
N VAL K 335 -7.54 18.98 -47.49
CA VAL K 335 -7.05 18.94 -46.12
C VAL K 335 -7.61 17.71 -45.43
N THR K 336 -8.94 17.50 -45.49
CA THR K 336 -9.60 16.52 -44.65
C THR K 336 -9.44 15.07 -45.09
N LEU K 337 -9.12 14.83 -46.38
CA LEU K 337 -9.47 13.53 -46.94
C LEU K 337 -8.24 12.65 -46.77
N GLY K 338 -7.05 13.27 -46.95
CA GLY K 338 -5.72 12.76 -46.58
C GLY K 338 -5.60 12.52 -45.11
N PHE K 339 -5.95 13.54 -44.29
CA PHE K 339 -5.94 13.49 -42.83
C PHE K 339 -6.76 12.31 -42.31
N VAL K 340 -7.99 12.14 -42.85
CA VAL K 340 -8.87 11.02 -42.56
C VAL K 340 -8.32 9.67 -43.05
N ASP K 341 -7.74 9.57 -44.28
CA ASP K 341 -7.13 8.36 -44.80
C ASP K 341 -5.98 7.87 -43.92
N LEU K 342 -5.17 8.82 -43.39
CA LEU K 342 -4.02 8.49 -42.55
C LEU K 342 -4.46 8.07 -41.15
N MET K 343 -5.73 8.35 -40.77
CA MET K 343 -6.29 7.85 -39.54
C MET K 343 -7.06 6.54 -39.66
N ARG K 344 -7.93 6.40 -40.67
CA ARG K 344 -8.70 5.19 -40.94
C ARG K 344 -7.90 3.94 -41.35
N ASP K 345 -6.97 4.13 -42.31
CA ASP K 345 -6.46 3.05 -43.11
C ASP K 345 -5.05 2.59 -42.81
N ASP K 346 -4.73 1.40 -43.36
CA ASP K 346 -3.51 0.67 -43.16
C ASP K 346 -3.15 0.06 -44.52
N TYR K 347 -1.92 -0.47 -44.64
CA TYR K 347 -1.31 -1.07 -45.82
C TYR K 347 -1.52 -0.35 -47.17
N VAL K 348 -0.86 0.82 -47.33
CA VAL K 348 -0.92 1.62 -48.55
C VAL K 348 0.41 2.34 -48.78
N GLU K 349 1.05 2.10 -49.94
CA GLU K 349 2.32 2.73 -50.29
C GLU K 349 2.21 4.19 -50.71
N LYS K 350 3.35 4.92 -50.58
CA LYS K 350 3.51 6.33 -50.88
C LYS K 350 3.16 6.80 -52.29
N ASP K 351 2.59 8.02 -52.39
CA ASP K 351 2.26 8.66 -53.64
C ASP K 351 2.45 10.16 -53.48
N ARG K 352 3.23 10.79 -54.39
CA ARG K 352 3.54 12.22 -54.32
C ARG K 352 2.34 13.11 -54.62
N SER K 353 1.28 12.58 -55.27
CA SER K 353 0.06 13.32 -55.59
C SER K 353 -0.82 13.50 -54.36
N ARG K 354 -0.57 12.70 -53.32
CA ARG K 354 -1.28 12.72 -52.06
C ARG K 354 -0.42 13.29 -50.95
N GLY K 355 0.77 13.81 -51.31
CA GLY K 355 1.76 14.40 -50.42
C GLY K 355 2.45 13.42 -49.51
N ILE K 356 2.50 12.14 -49.89
CA ILE K 356 3.14 11.12 -49.07
C ILE K 356 4.52 10.87 -49.63
N TYR K 357 5.56 11.09 -48.80
CA TYR K 357 6.95 10.99 -49.19
C TYR K 357 7.55 9.75 -48.56
N PHE K 358 6.93 9.22 -47.50
CA PHE K 358 7.45 8.11 -46.73
C PHE K 358 6.38 7.15 -46.27
N THR K 359 6.66 5.84 -46.40
CA THR K 359 5.79 4.78 -45.92
C THR K 359 6.35 4.17 -44.67
N GLN K 360 5.59 4.27 -43.56
CA GLN K 360 5.87 3.59 -42.32
C GLN K 360 5.21 2.23 -42.47
N ASP K 361 5.92 1.12 -42.18
CA ASP K 361 5.40 -0.22 -42.42
C ASP K 361 4.29 -0.59 -41.44
N TRP K 362 3.07 -0.22 -41.88
CA TRP K 362 1.88 -1.01 -42.12
C TRP K 362 1.91 -2.53 -41.92
N CYS K 363 0.72 -3.06 -41.57
CA CYS K 363 0.42 -4.42 -41.13
C CYS K 363 0.28 -4.43 -39.61
N SER K 364 -0.98 -4.46 -39.12
CA SER K 364 -1.29 -4.43 -37.70
C SER K 364 -1.12 -3.06 -37.05
N MET K 365 -1.60 -1.98 -37.71
CA MET K 365 -1.56 -0.65 -37.10
C MET K 365 -3.03 -0.24 -36.87
N PRO K 366 -3.56 -0.23 -35.64
CA PRO K 366 -4.92 0.24 -35.32
C PRO K 366 -5.43 1.50 -36.01
N GLY K 367 -6.70 1.50 -36.48
CA GLY K 367 -7.34 2.68 -37.06
C GLY K 367 -7.91 3.59 -36.01
N VAL K 368 -8.21 4.85 -36.36
CA VAL K 368 -8.76 5.83 -35.42
C VAL K 368 -9.79 6.73 -36.11
N MET K 369 -10.86 7.12 -35.39
CA MET K 369 -12.16 7.42 -35.97
C MET K 369 -12.36 8.93 -36.05
N PRO K 370 -12.60 9.60 -37.18
CA PRO K 370 -12.72 11.06 -37.20
C PRO K 370 -13.96 11.60 -36.50
N VAL K 371 -13.83 12.70 -35.73
CA VAL K 371 -14.96 13.38 -35.09
C VAL K 371 -15.06 14.78 -35.64
N ALA K 372 -16.12 15.08 -36.40
CA ALA K 372 -16.37 16.40 -36.95
C ALA K 372 -17.36 17.16 -36.09
N SER K 373 -17.32 18.50 -36.13
CA SER K 373 -18.16 19.31 -35.24
C SER K 373 -18.39 20.69 -35.83
N GLY K 374 -18.95 20.79 -37.04
CA GLY K 374 -20.34 20.38 -37.31
C GLY K 374 -21.27 21.55 -37.18
N GLY K 375 -20.80 22.77 -37.50
CA GLY K 375 -21.54 24.01 -37.26
C GLY K 375 -22.83 24.17 -38.04
N ILE K 376 -22.83 23.79 -39.33
CA ILE K 376 -24.00 23.81 -40.20
C ILE K 376 -24.74 22.47 -40.26
N HIS K 377 -26.08 22.51 -40.18
CA HIS K 377 -26.94 21.34 -40.33
C HIS K 377 -27.56 21.24 -41.73
N VAL K 378 -28.91 21.27 -41.87
CA VAL K 378 -29.67 20.21 -42.56
C VAL K 378 -29.29 19.97 -44.02
N TRP K 379 -29.08 21.05 -44.80
CA TRP K 379 -28.78 21.04 -46.21
C TRP K 379 -27.38 20.57 -46.52
N HIS K 380 -26.48 20.57 -45.52
CA HIS K 380 -25.12 20.11 -45.73
C HIS K 380 -24.96 18.66 -45.27
N MET K 381 -26.02 17.99 -44.78
CA MET K 381 -25.99 16.55 -44.54
C MET K 381 -25.80 15.67 -45.79
N PRO K 382 -26.51 15.88 -46.91
CA PRO K 382 -26.24 15.22 -48.19
C PRO K 382 -24.80 15.27 -48.62
N ALA K 383 -24.21 16.48 -48.70
CA ALA K 383 -22.84 16.65 -49.16
C ALA K 383 -21.82 15.98 -48.25
N LEU K 384 -22.02 16.07 -46.91
CA LEU K 384 -21.19 15.43 -45.90
C LEU K 384 -21.20 13.92 -46.00
N VAL K 385 -22.40 13.32 -46.18
CA VAL K 385 -22.59 11.88 -46.32
C VAL K 385 -21.97 11.39 -47.63
N GLU K 386 -22.16 12.14 -48.73
CA GLU K 386 -21.59 11.80 -50.02
C GLU K 386 -20.05 11.86 -50.04
N ILE K 387 -19.44 12.86 -49.38
CA ILE K 387 -17.98 12.94 -49.25
C ILE K 387 -17.37 11.91 -48.28
N PHE K 388 -17.96 11.71 -47.09
CA PHE K 388 -17.34 10.93 -46.02
C PHE K 388 -17.93 9.55 -45.73
N GLY K 389 -19.12 9.20 -46.25
CA GLY K 389 -19.75 7.91 -45.96
C GLY K 389 -20.10 7.68 -44.50
N ASP K 390 -19.60 6.58 -43.90
CA ASP K 390 -19.90 6.16 -42.54
C ASP K 390 -18.64 6.20 -41.66
N ASP K 391 -17.63 7.01 -42.04
CA ASP K 391 -16.85 7.80 -41.09
C ASP K 391 -17.70 8.85 -40.34
N ALA K 392 -17.29 9.21 -39.09
CA ALA K 392 -17.93 10.17 -38.21
C ALA K 392 -19.20 9.64 -37.53
N CYS K 393 -19.58 10.00 -36.27
CA CYS K 393 -19.06 10.93 -35.28
C CYS K 393 -19.20 12.38 -35.69
N LEU K 394 -20.43 12.76 -36.05
CA LEU K 394 -20.78 14.10 -36.44
C LEU K 394 -21.45 14.79 -35.29
N GLN K 395 -20.77 15.76 -34.64
CA GLN K 395 -21.27 16.42 -33.48
C GLN K 395 -21.77 17.80 -33.87
N PHE K 396 -23.10 17.98 -34.02
CA PHE K 396 -23.59 19.25 -34.52
C PHE K 396 -23.40 20.41 -33.53
N GLY K 397 -23.33 21.64 -34.09
CA GLY K 397 -23.26 22.87 -33.32
C GLY K 397 -24.44 23.75 -33.56
N GLY K 398 -25.05 23.65 -34.76
CA GLY K 398 -26.29 24.36 -35.09
C GLY K 398 -27.48 23.51 -34.78
N GLY K 399 -27.38 22.20 -35.06
CA GLY K 399 -28.42 21.21 -34.80
C GLY K 399 -28.69 21.05 -33.32
N THR K 400 -29.93 20.66 -32.94
CA THR K 400 -30.30 20.40 -31.55
C THR K 400 -30.47 21.67 -30.73
N LEU K 401 -29.36 22.35 -30.37
CA LEU K 401 -29.32 23.52 -29.50
C LEU K 401 -29.56 24.83 -30.26
N GLY K 402 -30.15 24.72 -31.45
CA GLY K 402 -30.52 25.82 -32.34
C GLY K 402 -31.95 25.70 -32.77
N HIS K 403 -32.69 24.69 -32.27
CA HIS K 403 -34.05 24.43 -32.70
C HIS K 403 -35.02 25.11 -31.73
N PRO K 404 -35.90 26.02 -32.14
CA PRO K 404 -36.70 26.80 -31.20
C PRO K 404 -37.86 26.01 -30.61
N TRP K 405 -38.04 24.72 -30.97
CA TRP K 405 -39.02 23.86 -30.34
C TRP K 405 -38.40 23.01 -29.24
N GLY K 406 -37.10 23.17 -28.96
CA GLY K 406 -36.42 22.50 -27.85
C GLY K 406 -35.57 21.34 -28.24
N ASN K 407 -34.89 20.73 -27.25
CA ASN K 407 -33.87 19.73 -27.49
C ASN K 407 -34.37 18.43 -28.10
N ALA K 408 -35.54 17.88 -27.66
CA ALA K 408 -36.09 16.68 -28.27
C ALA K 408 -36.48 16.86 -29.75
N PRO K 409 -37.23 17.88 -30.20
CA PRO K 409 -37.49 18.06 -31.63
C PRO K 409 -36.27 18.45 -32.42
N GLY K 410 -35.27 19.12 -31.79
CA GLY K 410 -34.00 19.45 -32.42
C GLY K 410 -33.21 18.22 -32.79
N ALA K 411 -33.01 17.35 -31.79
CA ALA K 411 -32.37 16.07 -31.91
C ALA K 411 -33.12 15.12 -32.84
N ALA K 412 -34.47 15.14 -32.78
CA ALA K 412 -35.32 14.37 -33.65
C ALA K 412 -35.19 14.78 -35.10
N ALA K 413 -35.13 16.10 -35.39
CA ALA K 413 -34.90 16.60 -36.73
C ALA K 413 -33.55 16.17 -37.28
N ASN K 414 -32.49 16.20 -36.43
CA ASN K 414 -31.16 15.77 -36.83
C ASN K 414 -31.11 14.25 -37.08
N ARG K 415 -31.81 13.47 -36.23
CA ARG K 415 -31.98 12.04 -36.36
C ARG K 415 -32.77 11.61 -37.58
N VAL K 416 -33.87 12.33 -37.89
CA VAL K 416 -34.68 12.12 -39.08
C VAL K 416 -33.87 12.44 -40.32
N ALA K 417 -33.11 13.56 -40.34
CA ALA K 417 -32.23 13.86 -41.44
C ALA K 417 -31.10 12.84 -41.63
N LEU K 418 -30.52 12.31 -40.54
CA LEU K 418 -29.51 11.25 -40.62
C LEU K 418 -30.04 9.94 -41.20
N GLU K 419 -31.23 9.50 -40.75
CA GLU K 419 -31.87 8.31 -41.24
C GLU K 419 -32.37 8.47 -42.67
N ALA K 420 -32.94 9.64 -43.03
CA ALA K 420 -33.35 9.96 -44.38
C ALA K 420 -32.19 10.00 -45.37
N CYS K 421 -31.03 10.59 -44.98
CA CYS K 421 -29.81 10.56 -45.78
C CYS K 421 -29.27 9.14 -45.93
N THR K 422 -29.31 8.36 -44.84
CA THR K 422 -28.86 6.96 -44.87
C THR K 422 -29.76 6.07 -45.71
N GLN K 423 -31.08 6.30 -45.71
CA GLN K 423 -32.01 5.62 -46.61
C GLN K 423 -31.78 5.97 -48.08
N ALA K 424 -31.53 7.25 -48.38
CA ALA K 424 -31.16 7.71 -49.71
C ALA K 424 -29.85 7.08 -50.20
N ARG K 425 -28.87 6.94 -49.29
CA ARG K 425 -27.59 6.31 -49.54
C ARG K 425 -27.76 4.79 -49.76
N ASN K 426 -28.67 4.14 -49.02
CA ASN K 426 -29.04 2.73 -49.17
C ASN K 426 -29.80 2.45 -50.45
N GLU K 427 -30.56 3.43 -50.99
CA GLU K 427 -31.26 3.27 -52.25
C GLU K 427 -30.35 3.53 -53.45
N GLY K 428 -29.10 3.98 -53.21
CA GLY K 428 -28.15 4.28 -54.28
C GLY K 428 -28.46 5.55 -55.02
N ARG K 429 -29.06 6.54 -54.33
CA ARG K 429 -29.37 7.85 -54.88
C ARG K 429 -28.16 8.69 -55.22
N ASP K 430 -28.29 9.63 -56.18
CA ASP K 430 -27.27 10.59 -56.53
C ASP K 430 -27.37 11.72 -55.52
N LEU K 431 -26.83 11.47 -54.30
CA LEU K 431 -27.12 12.19 -53.08
C LEU K 431 -26.89 13.69 -53.14
N ALA K 432 -25.85 14.16 -53.85
CA ALA K 432 -25.57 15.59 -53.99
C ALA K 432 -26.71 16.37 -54.65
N ARG K 433 -27.46 15.76 -55.59
CA ARG K 433 -28.57 16.40 -56.28
C ARG K 433 -29.91 15.90 -55.78
N GLU K 434 -30.03 14.62 -55.39
CA GLU K 434 -31.26 14.03 -54.89
C GLU K 434 -31.59 14.45 -53.46
N GLY K 435 -30.56 14.71 -52.62
CA GLY K 435 -30.71 14.94 -51.18
C GLY K 435 -31.63 16.06 -50.77
N GLY K 436 -31.68 17.16 -51.56
CA GLY K 436 -32.60 18.27 -51.34
C GLY K 436 -34.05 17.89 -51.45
N ASP K 437 -34.37 16.97 -52.38
CA ASP K 437 -35.72 16.52 -52.62
C ASP K 437 -36.09 15.45 -51.60
N VAL K 438 -35.10 14.67 -51.12
CA VAL K 438 -35.23 13.73 -50.01
C VAL K 438 -35.59 14.46 -48.71
N ILE K 439 -34.92 15.60 -48.43
CA ILE K 439 -35.23 16.46 -47.30
C ILE K 439 -36.64 17.04 -47.37
N ARG K 440 -37.05 17.56 -48.55
CA ARG K 440 -38.41 17.98 -48.82
C ARG K 440 -39.45 16.88 -48.65
N SER K 441 -39.12 15.65 -49.09
CA SER K 441 -39.97 14.46 -48.98
C SER K 441 -40.15 14.04 -47.52
N ALA K 442 -39.08 14.09 -46.71
CA ALA K 442 -39.09 13.85 -45.28
C ALA K 442 -39.96 14.83 -44.48
N CYS K 443 -39.96 16.12 -44.90
CA CYS K 443 -40.63 17.23 -44.21
C CYS K 443 -42.14 17.15 -44.17
N LYS K 444 -42.79 16.31 -45.01
CA LYS K 444 -44.24 16.15 -45.04
C LYS K 444 -44.80 15.67 -43.71
N TRP K 445 -44.07 14.78 -43.00
CA TRP K 445 -44.46 14.36 -41.67
C TRP K 445 -43.23 13.76 -40.96
N SER K 446 -42.11 14.49 -40.94
CA SER K 446 -41.61 15.07 -39.71
C SER K 446 -41.78 16.60 -39.65
N PRO K 447 -42.70 17.14 -38.85
CA PRO K 447 -42.79 18.58 -38.58
C PRO K 447 -41.49 19.16 -38.04
N GLU K 448 -40.72 18.35 -37.26
CA GLU K 448 -39.47 18.76 -36.64
C GLU K 448 -38.42 19.13 -37.68
N LEU K 449 -38.38 18.36 -38.80
CA LEU K 449 -37.48 18.62 -39.90
C LEU K 449 -37.99 19.77 -40.76
N ALA K 450 -39.31 19.95 -40.88
CA ALA K 450 -39.89 21.11 -41.55
C ALA K 450 -39.49 22.41 -40.89
N ALA K 451 -39.48 22.42 -39.53
CA ALA K 451 -39.06 23.55 -38.73
C ALA K 451 -37.56 23.77 -38.85
N ALA K 452 -36.76 22.68 -38.92
CA ALA K 452 -35.33 22.70 -39.14
C ALA K 452 -34.95 23.35 -40.49
N CYS K 453 -35.79 23.18 -41.52
CA CYS K 453 -35.51 23.63 -42.87
C CYS K 453 -36.03 25.04 -43.09
N GLU K 454 -37.02 25.49 -42.31
CA GLU K 454 -37.38 26.92 -42.28
C GLU K 454 -36.34 27.71 -41.49
N VAL K 455 -35.89 27.18 -40.33
CA VAL K 455 -34.92 27.80 -39.45
C VAL K 455 -33.55 27.94 -40.12
N TRP K 456 -33.08 26.90 -40.82
CA TRP K 456 -31.84 26.94 -41.58
C TRP K 456 -32.09 26.98 -43.07
N LYS K 457 -32.82 28.01 -43.55
CA LYS K 457 -33.16 28.15 -44.95
C LYS K 457 -32.10 28.82 -45.83
N GLU K 458 -31.07 29.49 -45.26
CA GLU K 458 -30.11 30.22 -46.08
C GLU K 458 -28.79 29.50 -46.29
N ILE K 459 -28.51 28.42 -45.53
CA ILE K 459 -27.24 27.72 -45.63
C ILE K 459 -27.33 26.56 -46.60
N LYS K 460 -26.62 26.64 -47.75
CA LYS K 460 -26.62 25.60 -48.76
C LYS K 460 -25.21 25.13 -49.08
N PHE K 461 -24.21 25.60 -48.32
CA PHE K 461 -22.79 25.32 -48.47
C PHE K 461 -22.38 23.84 -48.48
N GLU K 462 -21.38 23.49 -49.33
CA GLU K 462 -20.78 22.17 -49.39
C GLU K 462 -19.48 22.20 -48.61
N PHE K 463 -18.34 22.29 -49.33
CA PHE K 463 -17.00 22.37 -48.80
C PHE K 463 -16.23 23.18 -49.82
N ASP K 464 -15.21 23.94 -49.39
CA ASP K 464 -14.19 24.47 -50.28
C ASP K 464 -13.11 23.41 -50.51
N THR K 465 -12.31 23.54 -51.60
CA THR K 465 -11.44 22.44 -52.02
C THR K 465 -10.02 22.63 -51.57
N ILE K 466 -9.47 23.85 -51.68
CA ILE K 466 -8.05 24.11 -51.60
C ILE K 466 -7.75 24.56 -50.18
N ASP K 467 -6.59 24.20 -49.60
CA ASP K 467 -6.18 24.63 -48.28
C ASP K 467 -5.98 26.15 -48.16
N LYS K 468 -6.69 26.78 -47.21
CA LYS K 468 -6.70 28.22 -47.01
C LYS K 468 -6.07 28.55 -45.68
N LEU K 469 -4.75 28.35 -45.57
CA LEU K 469 -4.04 28.43 -44.33
C LEU K 469 -3.73 29.91 -43.96
N MET L 1 55.48 -26.53 2.50
CA MET L 1 54.57 -25.89 1.52
C MET L 1 53.11 -25.83 1.98
N MET L 2 52.31 -24.78 1.71
CA MET L 2 52.67 -23.52 1.05
C MET L 2 52.13 -22.32 1.82
N VAL L 3 53.04 -21.45 2.31
CA VAL L 3 52.65 -20.20 2.95
C VAL L 3 52.35 -19.16 1.89
N TRP L 4 51.05 -18.82 1.74
CA TRP L 4 50.57 -17.94 0.71
C TRP L 4 49.91 -16.75 1.38
N THR L 5 50.25 -15.52 0.98
CA THR L 5 49.70 -14.26 1.48
C THR L 5 50.55 -13.10 0.98
N PRO L 6 50.00 -12.10 0.28
CA PRO L 6 50.73 -10.89 -0.10
C PRO L 6 51.23 -10.09 1.11
N VAL L 7 52.53 -10.14 1.44
CA VAL L 7 53.06 -9.49 2.64
C VAL L 7 53.62 -8.12 2.32
N ASN L 8 53.17 -7.10 3.10
CA ASN L 8 53.54 -5.69 3.05
C ASN L 8 53.14 -4.95 1.79
N ASN L 9 52.24 -5.54 0.99
CA ASN L 9 51.83 -5.06 -0.29
C ASN L 9 50.59 -5.85 -0.63
N LYS L 10 49.75 -5.39 -1.57
CA LYS L 10 48.56 -6.08 -2.01
C LYS L 10 48.69 -6.31 -3.51
N MET L 11 47.87 -7.23 -4.07
CA MET L 11 47.83 -7.47 -5.50
C MET L 11 47.08 -6.40 -6.29
N PHE L 12 47.82 -5.45 -6.91
CA PHE L 12 47.24 -4.41 -7.73
C PHE L 12 46.76 -4.88 -9.11
N GLU L 13 45.66 -5.65 -9.09
CA GLU L 13 44.92 -6.13 -10.25
C GLU L 13 45.73 -6.91 -11.29
N THR L 14 45.32 -6.85 -12.57
CA THR L 14 45.85 -7.68 -13.65
C THR L 14 47.33 -7.46 -13.94
N PHE L 15 48.11 -8.55 -13.89
CA PHE L 15 49.56 -8.64 -14.10
C PHE L 15 50.37 -8.36 -12.86
N SER L 16 49.72 -8.22 -11.68
CA SER L 16 50.42 -8.06 -10.40
C SER L 16 50.88 -9.37 -9.81
N TYR L 17 50.28 -10.50 -10.23
CA TYR L 17 50.57 -11.82 -9.72
C TYR L 17 51.81 -12.42 -10.37
N LEU L 18 52.12 -12.00 -11.62
CA LEU L 18 53.33 -12.35 -12.33
C LEU L 18 54.50 -11.43 -11.99
N PRO L 19 55.77 -11.84 -12.14
CA PRO L 19 56.93 -10.96 -12.00
C PRO L 19 56.85 -9.69 -12.86
N PRO L 20 57.18 -8.51 -12.38
CA PRO L 20 56.96 -7.25 -13.10
C PRO L 20 57.69 -7.12 -14.42
N LEU L 21 56.95 -6.74 -15.49
CA LEU L 21 57.47 -6.44 -16.81
C LEU L 21 58.46 -5.29 -16.87
N THR L 22 59.42 -5.36 -17.80
CA THR L 22 60.37 -4.28 -18.05
C THR L 22 59.82 -3.37 -19.13
N ASP L 23 60.40 -2.16 -19.34
CA ASP L 23 59.91 -1.16 -20.27
C ASP L 23 59.87 -1.65 -21.72
N GLU L 24 60.86 -2.49 -22.11
CA GLU L 24 60.98 -3.10 -23.41
C GLU L 24 59.87 -4.09 -23.69
N GLN L 25 59.47 -4.89 -22.67
CA GLN L 25 58.37 -5.85 -22.78
C GLN L 25 57.03 -5.15 -22.96
N ILE L 26 56.85 -4.01 -22.24
CA ILE L 26 55.68 -3.16 -22.34
C ILE L 26 55.59 -2.53 -23.72
N ALA L 27 56.70 -1.98 -24.25
CA ALA L 27 56.76 -1.43 -25.59
C ALA L 27 56.46 -2.44 -26.70
N ALA L 28 56.96 -3.69 -26.56
CA ALA L 28 56.69 -4.78 -27.49
C ALA L 28 55.23 -5.21 -27.48
N GLN L 29 54.62 -5.29 -26.28
CA GLN L 29 53.23 -5.66 -26.13
C GLN L 29 52.28 -4.55 -26.56
N VAL L 30 52.68 -3.26 -26.42
CA VAL L 30 51.96 -2.12 -26.99
C VAL L 30 51.97 -2.16 -28.51
N ASP L 31 53.14 -2.46 -29.15
CA ASP L 31 53.23 -2.59 -30.60
C ASP L 31 52.28 -3.67 -31.15
N TYR L 32 52.20 -4.84 -30.45
CA TYR L 32 51.24 -5.88 -30.78
C TYR L 32 49.79 -5.40 -30.62
N ILE L 33 49.45 -4.71 -29.51
CA ILE L 33 48.09 -4.24 -29.24
C ILE L 33 47.66 -3.18 -30.26
N VAL L 34 48.60 -2.31 -30.70
CA VAL L 34 48.38 -1.35 -31.77
C VAL L 34 48.14 -2.03 -33.11
N ALA L 35 48.94 -3.06 -33.45
CA ALA L 35 48.78 -3.85 -34.66
C ALA L 35 47.41 -4.54 -34.78
N ASN L 36 46.85 -4.96 -33.63
CA ASN L 36 45.59 -5.67 -33.53
C ASN L 36 44.37 -4.75 -33.48
N GLY L 37 44.55 -3.42 -33.59
CA GLY L 37 43.42 -2.49 -33.69
C GLY L 37 42.96 -1.89 -32.39
N TRP L 38 43.75 -1.98 -31.33
CA TRP L 38 43.43 -1.37 -30.05
C TRP L 38 43.98 0.04 -29.99
N ILE L 39 43.31 0.97 -29.28
CA ILE L 39 43.76 2.36 -29.17
C ILE L 39 44.21 2.67 -27.74
N PRO L 40 45.52 2.79 -27.43
CA PRO L 40 46.03 3.10 -26.10
C PRO L 40 45.65 4.44 -25.50
N CYS L 41 45.57 4.51 -24.16
CA CYS L 41 45.49 5.74 -23.40
C CYS L 41 46.35 5.57 -22.16
N LEU L 42 47.11 6.61 -21.76
CA LEU L 42 47.90 6.56 -20.54
C LEU L 42 47.10 7.22 -19.43
N GLU L 43 46.99 6.57 -18.27
CA GLU L 43 46.17 7.08 -17.18
C GLU L 43 46.91 6.85 -15.87
N PHE L 44 46.54 7.62 -14.84
CA PHE L 44 47.20 7.59 -13.56
C PHE L 44 46.18 7.80 -12.45
N ALA L 45 46.50 7.39 -11.22
CA ALA L 45 45.62 7.59 -10.10
C ALA L 45 46.41 7.69 -8.81
N GLU L 46 46.05 8.65 -7.93
CA GLU L 46 46.69 8.85 -6.63
C GLU L 46 46.59 7.62 -5.74
N ALA L 47 47.59 7.33 -4.89
CA ALA L 47 47.70 6.05 -4.20
C ALA L 47 46.46 5.61 -3.41
N ASP L 48 45.83 6.52 -2.63
CA ASP L 48 44.57 6.27 -1.95
C ASP L 48 43.41 6.05 -2.92
N LYS L 49 43.37 6.86 -3.99
CA LYS L 49 42.38 6.86 -5.05
C LYS L 49 42.49 5.70 -6.05
N ALA L 50 43.60 4.96 -6.04
CA ALA L 50 43.82 3.80 -6.88
C ALA L 50 43.51 2.50 -6.15
N TYR L 51 43.14 2.55 -4.86
CA TYR L 51 42.86 1.38 -4.05
C TYR L 51 41.40 1.46 -3.61
N VAL L 52 40.62 0.40 -3.87
CA VAL L 52 39.17 0.36 -3.78
C VAL L 52 38.57 0.78 -2.44
N SER L 53 37.45 1.54 -2.51
CA SER L 53 36.87 2.21 -1.36
C SER L 53 35.35 2.16 -1.43
N ASN L 54 34.66 2.49 -0.33
CA ASN L 54 33.21 2.56 -0.33
C ASN L 54 32.65 3.56 0.69
N GLU L 55 33.47 4.47 1.26
CA GLU L 55 33.06 5.44 2.28
C GLU L 55 31.98 6.38 1.77
N SER L 56 32.07 6.74 0.47
CA SER L 56 31.15 7.63 -0.22
C SER L 56 29.71 7.13 -0.31
N ALA L 57 29.48 5.84 0.02
CA ALA L 57 28.18 5.21 0.15
C ALA L 57 27.30 5.85 1.22
N ILE L 58 27.88 6.58 2.18
CA ILE L 58 27.15 7.31 3.21
C ILE L 58 26.23 8.41 2.67
N ARG L 59 26.65 9.13 1.61
CA ARG L 59 25.90 10.19 0.97
C ARG L 59 24.68 9.72 0.16
N PHE L 60 24.59 8.41 -0.15
CA PHE L 60 23.53 7.87 -0.99
C PHE L 60 22.61 6.93 -0.19
N GLY L 61 21.29 6.99 -0.44
CA GLY L 61 20.29 6.25 0.35
C GLY L 61 20.22 4.76 0.08
N SER L 62 20.32 4.34 -1.19
CA SER L 62 20.25 2.94 -1.61
C SER L 62 21.59 2.43 -2.10
N VAL L 63 22.20 1.54 -1.30
CA VAL L 63 23.54 1.00 -1.50
C VAL L 63 23.50 -0.49 -1.19
N SER L 64 24.48 -1.33 -1.59
CA SER L 64 25.64 -1.11 -2.45
C SER L 64 25.27 -0.70 -3.87
N CYS L 65 24.23 -1.33 -4.43
CA CYS L 65 23.63 -1.10 -5.74
C CYS L 65 24.56 -0.88 -6.93
N LEU L 66 25.59 -1.75 -7.06
CA LEU L 66 26.60 -1.73 -8.12
C LEU L 66 27.60 -0.55 -8.05
N TYR L 67 27.40 0.41 -7.12
CA TYR L 67 28.31 1.50 -6.83
C TYR L 67 29.66 1.03 -6.27
N TYR L 68 30.75 1.75 -6.56
CA TYR L 68 32.07 1.42 -6.09
C TYR L 68 32.80 2.76 -6.02
N ASP L 69 33.92 2.84 -5.27
CA ASP L 69 34.68 4.07 -5.19
C ASP L 69 36.17 3.74 -5.19
N ASN L 70 37.01 4.77 -5.44
CA ASN L 70 38.45 4.72 -5.62
C ASN L 70 38.95 3.66 -6.61
N ARG L 71 38.27 3.56 -7.76
CA ARG L 71 38.75 2.83 -8.91
C ARG L 71 38.77 3.69 -10.17
N TYR L 72 38.63 5.02 -10.01
CA TYR L 72 38.65 5.97 -11.10
C TYR L 72 40.07 6.49 -11.35
N TRP L 73 40.53 6.44 -12.61
CA TRP L 73 41.86 6.84 -13.02
C TRP L 73 41.76 8.07 -13.91
N THR L 74 42.70 9.00 -13.80
CA THR L 74 42.76 10.26 -14.54
C THR L 74 43.64 10.11 -15.76
N MET L 75 43.25 10.64 -16.94
CA MET L 75 44.04 10.53 -18.15
C MET L 75 45.21 11.51 -18.24
N TRP L 76 46.37 11.05 -18.76
CA TRP L 76 47.57 11.86 -18.92
C TRP L 76 47.56 12.73 -20.19
N LYS L 77 46.93 13.92 -20.07
CA LYS L 77 46.83 14.96 -21.08
C LYS L 77 45.96 14.65 -22.30
N LEU L 78 46.33 13.61 -23.06
CA LEU L 78 45.75 13.26 -24.33
C LEU L 78 45.59 11.75 -24.41
N PRO L 79 44.63 11.19 -25.14
CA PRO L 79 44.66 9.78 -25.50
C PRO L 79 45.59 9.60 -26.69
N MET L 80 46.04 8.37 -27.02
CA MET L 80 46.96 8.17 -28.14
C MET L 80 46.23 8.13 -29.48
N PHE L 81 45.66 9.26 -29.91
CA PHE L 81 44.97 9.38 -31.18
C PHE L 81 45.95 9.79 -32.27
N GLY L 82 45.84 9.17 -33.46
CA GLY L 82 46.76 9.34 -34.57
C GLY L 82 48.05 8.61 -34.30
N CYS L 83 49.02 9.30 -33.65
CA CYS L 83 50.28 8.72 -33.24
C CYS L 83 50.09 7.61 -32.20
N ARG L 84 50.79 6.48 -32.39
CA ARG L 84 50.72 5.32 -31.52
C ARG L 84 52.07 4.92 -30.97
N ASP L 85 53.16 5.57 -31.43
CA ASP L 85 54.56 5.32 -31.08
C ASP L 85 54.86 4.94 -29.62
N PRO L 86 55.36 3.73 -29.31
CA PRO L 86 55.70 3.36 -27.95
C PRO L 86 56.81 4.20 -27.32
N MET L 87 57.67 4.89 -28.10
CA MET L 87 58.66 5.75 -27.49
C MET L 87 58.09 7.09 -27.05
N GLN L 88 57.02 7.57 -27.72
CA GLN L 88 56.24 8.71 -27.24
C GLN L 88 55.54 8.36 -25.93
N VAL L 89 55.01 7.13 -25.85
CA VAL L 89 54.37 6.60 -24.66
C VAL L 89 55.36 6.49 -23.51
N LEU L 90 56.59 5.99 -23.77
CA LEU L 90 57.64 5.90 -22.77
C LEU L 90 58.10 7.27 -22.25
N ARG L 91 58.26 8.28 -23.14
CA ARG L 91 58.53 9.65 -22.70
C ARG L 91 57.41 10.26 -21.87
N GLU L 92 56.15 10.01 -22.24
CA GLU L 92 54.96 10.43 -21.50
C GLU L 92 54.88 9.74 -20.14
N ILE L 93 55.22 8.44 -20.04
CA ILE L 93 55.28 7.70 -18.77
C ILE L 93 56.31 8.29 -17.82
N VAL L 94 57.51 8.64 -18.33
CA VAL L 94 58.55 9.32 -17.54
C VAL L 94 58.11 10.70 -17.07
N ALA L 95 57.49 11.51 -17.96
CA ALA L 95 56.96 12.80 -17.63
C ALA L 95 55.82 12.76 -16.60
N CYS L 96 54.93 11.75 -16.72
CA CYS L 96 53.84 11.46 -15.80
C CYS L 96 54.38 11.05 -14.43
N THR L 97 55.40 10.16 -14.42
CA THR L 97 56.05 9.65 -13.22
C THR L 97 56.74 10.75 -12.44
N LYS L 98 57.44 11.66 -13.14
CA LYS L 98 58.02 12.85 -12.55
C LYS L 98 56.99 13.84 -12.00
N ALA L 99 55.89 14.05 -12.74
CA ALA L 99 54.82 14.95 -12.34
C ALA L 99 54.07 14.51 -11.08
N PHE L 100 53.83 13.20 -10.90
CA PHE L 100 53.11 12.69 -9.75
C PHE L 100 53.76 11.48 -9.09
N PRO L 101 54.67 11.63 -8.11
CA PRO L 101 55.29 10.46 -7.47
C PRO L 101 54.35 9.73 -6.53
N ASP L 102 53.22 10.37 -6.12
CA ASP L 102 52.27 9.75 -5.22
C ASP L 102 51.09 9.16 -5.97
N ALA L 103 51.16 9.11 -7.31
CA ALA L 103 50.18 8.46 -8.11
C ALA L 103 50.77 7.23 -8.77
N TYR L 104 49.93 6.23 -9.02
CA TYR L 104 50.27 5.08 -9.83
C TYR L 104 50.00 5.44 -11.29
N VAL L 105 50.83 4.95 -12.22
CA VAL L 105 50.71 5.20 -13.64
C VAL L 105 50.48 3.85 -14.33
N ARG L 106 49.50 3.76 -15.23
CA ARG L 106 49.10 2.51 -15.88
C ARG L 106 48.72 2.76 -17.34
N LEU L 107 48.83 1.74 -18.22
CA LEU L 107 48.33 1.81 -19.58
C LEU L 107 47.02 1.06 -19.75
N VAL L 108 46.10 1.68 -20.49
CA VAL L 108 44.81 1.12 -20.83
C VAL L 108 44.63 1.31 -22.31
N ALA L 109 43.67 0.63 -22.93
CA ALA L 109 43.43 0.78 -24.36
C ALA L 109 41.96 0.50 -24.62
N PHE L 110 41.42 0.87 -25.79
CA PHE L 110 40.06 0.48 -26.10
C PHE L 110 39.89 -0.10 -27.50
N ASP L 111 38.85 -0.94 -27.63
CA ASP L 111 38.35 -1.58 -28.82
C ASP L 111 37.16 -0.78 -29.35
N ASN L 112 37.36 -0.04 -30.45
CA ASN L 112 36.40 0.84 -31.10
C ASN L 112 35.15 0.12 -31.61
N GLN L 113 35.27 -1.16 -32.02
CA GLN L 113 34.19 -1.96 -32.57
C GLN L 113 32.96 -2.04 -31.67
N LYS L 114 33.17 -2.27 -30.36
CA LYS L 114 32.13 -2.26 -29.36
C LYS L 114 32.30 -1.13 -28.34
N GLN L 115 33.30 -0.25 -28.58
CA GLN L 115 33.80 0.81 -27.71
C GLN L 115 34.07 0.42 -26.25
N VAL L 116 34.79 -0.71 -26.08
CA VAL L 116 35.08 -1.30 -24.78
C VAL L 116 36.55 -1.12 -24.41
N GLN L 117 36.79 -0.65 -23.16
CA GLN L 117 38.10 -0.37 -22.61
C GLN L 117 38.74 -1.54 -21.90
N ILE L 118 40.01 -1.83 -22.21
CA ILE L 118 40.83 -2.83 -21.56
C ILE L 118 41.81 -2.15 -20.62
N MET L 119 41.90 -2.64 -19.39
CA MET L 119 42.81 -2.12 -18.38
C MET L 119 43.95 -3.11 -18.27
N GLY L 120 45.14 -2.72 -18.77
CA GLY L 120 46.30 -3.59 -18.96
C GLY L 120 47.38 -3.41 -17.95
N PHE L 121 48.62 -3.64 -18.38
CA PHE L 121 49.83 -3.49 -17.58
C PHE L 121 50.19 -2.01 -17.36
N LEU L 122 50.80 -1.60 -16.24
CA LEU L 122 51.12 -2.32 -15.02
C LEU L 122 50.96 -1.26 -13.96
N VAL L 123 50.54 -1.57 -12.73
CA VAL L 123 50.35 -0.53 -11.71
C VAL L 123 51.69 -0.22 -11.06
N GLN L 124 52.22 1.00 -11.35
CA GLN L 124 53.60 1.37 -11.03
C GLN L 124 53.68 2.81 -10.51
N ARG L 125 54.54 3.02 -9.50
CA ARG L 125 54.76 4.27 -8.80
C ARG L 125 56.21 4.23 -8.32
N PRO L 126 56.99 5.29 -8.14
CA PRO L 126 58.37 5.20 -7.69
C PRO L 126 58.49 4.90 -6.19
N LYS L 127 57.38 4.57 -5.52
CA LYS L 127 57.30 4.21 -4.12
C LYS L 127 56.59 2.87 -3.95
N THR L 128 56.52 2.03 -5.02
CA THR L 128 55.89 0.71 -5.02
C THR L 128 56.39 -0.22 -3.92
N ALA L 129 55.47 -0.87 -3.20
CA ALA L 129 55.79 -1.74 -2.08
C ALA L 129 56.32 -3.12 -2.48
N ARG L 130 56.74 -3.92 -1.48
CA ARG L 130 57.40 -5.23 -1.61
C ARG L 130 57.04 -6.13 -2.80
N ASP L 131 58.06 -6.68 -3.48
CA ASP L 131 57.93 -7.60 -4.59
C ASP L 131 57.51 -8.99 -4.10
N PHE L 132 56.64 -9.70 -4.84
CA PHE L 132 56.10 -10.98 -4.43
C PHE L 132 56.98 -12.17 -4.91
N THR M 1 -9.41 -15.36 -49.47
CA THR M 1 -10.63 -14.72 -48.90
C THR M 1 -10.37 -13.95 -47.63
N LYS M 2 -11.01 -12.77 -47.47
CA LYS M 2 -10.95 -11.96 -46.28
C LYS M 2 -12.07 -12.27 -45.29
N ALA M 3 -12.92 -13.28 -45.61
CA ALA M 3 -14.04 -13.83 -44.84
C ALA M 3 -15.26 -13.96 -45.73
N GLY M 4 -16.17 -14.91 -45.40
CA GLY M 4 -17.43 -15.12 -46.13
C GLY M 4 -17.49 -16.32 -47.04
N ALA M 5 -16.57 -17.28 -46.88
CA ALA M 5 -16.58 -18.50 -47.68
C ALA M 5 -17.49 -19.57 -47.10
N GLY M 6 -18.43 -20.09 -47.91
CA GLY M 6 -19.36 -21.15 -47.50
C GLY M 6 -18.85 -22.53 -47.78
N PHE M 7 -17.73 -22.93 -47.14
CA PHE M 7 -17.13 -24.24 -47.29
C PHE M 7 -18.04 -25.44 -47.02
N LYS M 8 -17.91 -26.49 -47.84
CA LYS M 8 -18.57 -27.78 -47.67
C LYS M 8 -17.80 -28.59 -46.63
N ALA M 9 -18.45 -29.59 -45.99
CA ALA M 9 -17.81 -30.45 -45.01
C ALA M 9 -16.62 -31.26 -45.53
N GLY M 10 -15.65 -31.51 -44.63
CA GLY M 10 -14.40 -32.21 -44.92
C GLY M 10 -13.23 -31.36 -44.50
N VAL M 11 -12.00 -31.82 -44.78
CA VAL M 11 -10.77 -31.10 -44.54
C VAL M 11 -10.09 -30.97 -45.89
N LYS M 12 -9.89 -29.73 -46.36
CA LYS M 12 -9.27 -29.48 -47.65
C LYS M 12 -7.76 -29.76 -47.66
N ASP M 13 -7.20 -30.23 -48.79
CA ASP M 13 -5.78 -30.48 -48.96
C ASP M 13 -4.93 -29.25 -48.66
N TYR M 14 -4.00 -29.39 -47.71
CA TYR M 14 -3.13 -28.35 -47.24
C TYR M 14 -2.21 -27.84 -48.33
N ARG M 15 -1.86 -28.68 -49.33
CA ARG M 15 -1.01 -28.27 -50.42
C ARG M 15 -1.70 -27.31 -51.39
N LEU M 16 -3.05 -27.26 -51.34
CA LEU M 16 -3.84 -26.34 -52.12
C LEU M 16 -4.33 -25.15 -51.31
N THR M 17 -3.96 -25.05 -50.01
CA THR M 17 -4.50 -24.01 -49.13
C THR M 17 -3.49 -23.36 -48.21
N TYR M 18 -2.40 -24.03 -47.83
CA TYR M 18 -1.36 -23.49 -46.94
C TYR M 18 0.04 -23.65 -47.54
N TYR M 19 0.17 -23.93 -48.85
CA TYR M 19 1.46 -24.06 -49.53
C TYR M 19 1.56 -23.10 -50.70
N THR M 20 2.56 -22.20 -50.69
CA THR M 20 2.73 -21.15 -51.69
C THR M 20 4.18 -20.95 -52.05
N PRO M 21 4.78 -21.74 -52.95
CA PRO M 21 6.22 -21.67 -53.25
C PRO M 21 6.56 -20.49 -54.16
N ASP M 22 5.66 -19.51 -54.34
CA ASP M 22 5.90 -18.29 -55.09
C ASP M 22 5.85 -17.04 -54.19
N TYR M 23 5.55 -17.23 -52.88
CA TYR M 23 5.44 -16.17 -51.89
C TYR M 23 6.71 -15.33 -51.68
N VAL M 24 6.57 -14.00 -51.51
CA VAL M 24 7.68 -13.10 -51.19
C VAL M 24 7.36 -12.41 -49.86
N VAL M 25 8.30 -12.48 -48.89
CA VAL M 25 8.10 -12.02 -47.52
C VAL M 25 7.95 -10.52 -47.33
N ARG M 26 7.24 -10.12 -46.25
CA ARG M 26 7.15 -8.75 -45.77
C ARG M 26 8.22 -8.56 -44.71
N ASP M 27 8.46 -7.31 -44.28
CA ASP M 27 9.46 -6.99 -43.25
C ASP M 27 8.92 -7.34 -41.86
N THR M 28 7.60 -7.52 -41.74
CA THR M 28 6.92 -7.84 -40.50
C THR M 28 6.63 -9.32 -40.36
N ASP M 29 6.93 -10.15 -41.38
CA ASP M 29 6.72 -11.59 -41.34
C ASP M 29 7.72 -12.33 -40.43
N ILE M 30 7.24 -13.34 -39.70
CA ILE M 30 8.00 -14.25 -38.85
C ILE M 30 8.20 -15.54 -39.64
N LEU M 31 9.44 -15.99 -39.86
CA LEU M 31 9.69 -17.22 -40.61
C LEU M 31 10.39 -18.25 -39.76
N ALA M 32 10.12 -19.55 -40.01
CA ALA M 32 10.77 -20.64 -39.31
C ALA M 32 11.23 -21.70 -40.29
N ALA M 33 12.46 -22.22 -40.08
CA ALA M 33 13.06 -23.28 -40.89
C ALA M 33 13.18 -24.54 -40.03
N PHE M 34 12.62 -25.67 -40.49
CA PHE M 34 12.59 -26.92 -39.73
C PHE M 34 13.16 -28.07 -40.55
N ARG M 35 13.92 -28.98 -39.90
CA ARG M 35 14.39 -30.23 -40.47
C ARG M 35 13.43 -31.34 -40.08
N MET M 36 12.87 -32.11 -41.02
CA MET M 36 11.82 -33.06 -40.74
C MET M 36 11.99 -34.41 -41.41
N THR M 37 11.47 -35.49 -40.77
CA THR M 37 11.25 -36.77 -41.44
C THR M 37 9.79 -37.18 -41.21
N PRO M 38 8.92 -37.15 -42.23
CA PRO M 38 7.56 -37.70 -42.16
C PRO M 38 7.48 -39.19 -41.81
N GLN M 39 6.33 -39.67 -41.30
CA GLN M 39 6.01 -41.09 -41.21
C GLN M 39 5.89 -41.69 -42.60
N LEU M 40 6.21 -42.98 -42.77
CA LEU M 40 6.18 -43.58 -44.10
C LEU M 40 4.77 -43.62 -44.69
N GLY M 41 4.61 -43.06 -45.90
CA GLY M 41 3.33 -42.90 -46.58
C GLY M 41 2.75 -41.51 -46.44
N VAL M 42 3.53 -40.55 -45.92
CA VAL M 42 3.10 -39.17 -45.75
C VAL M 42 3.93 -38.27 -46.67
N PRO M 43 3.38 -37.61 -47.70
CA PRO M 43 4.08 -36.62 -48.51
C PRO M 43 4.71 -35.47 -47.71
N PRO M 44 5.94 -35.00 -47.94
CA PRO M 44 6.54 -33.94 -47.14
C PRO M 44 5.88 -32.60 -47.39
N GLU M 45 5.24 -32.38 -48.56
CA GLU M 45 4.54 -31.12 -48.79
C GLU M 45 3.20 -31.12 -48.06
N GLU M 46 2.57 -32.31 -47.89
CA GLU M 46 1.38 -32.46 -47.06
C GLU M 46 1.71 -32.21 -45.60
N CYS M 47 2.85 -32.74 -45.11
CA CYS M 47 3.34 -32.53 -43.76
C CYS M 47 3.72 -31.07 -43.47
N GLY M 48 4.52 -30.42 -44.36
CA GLY M 48 4.91 -29.01 -44.21
C GLY M 48 3.72 -28.07 -44.19
N ALA M 49 2.82 -28.26 -45.17
CA ALA M 49 1.58 -27.54 -45.26
C ALA M 49 0.64 -27.77 -44.06
N ALA M 50 0.54 -29.01 -43.56
CA ALA M 50 -0.26 -29.38 -42.40
C ALA M 50 0.25 -28.71 -41.13
N VAL M 51 1.58 -28.61 -40.96
CA VAL M 51 2.20 -27.88 -39.86
C VAL M 51 1.88 -26.39 -39.91
N ALA M 52 1.97 -25.78 -41.12
CA ALA M 52 1.59 -24.39 -41.34
C ALA M 52 0.10 -24.14 -41.10
N ALA M 53 -0.76 -25.11 -41.49
CA ALA M 53 -2.19 -25.04 -41.31
C ALA M 53 -2.62 -25.18 -39.86
N GLU M 54 -2.01 -26.13 -39.12
CA GLU M 54 -2.33 -26.38 -37.73
C GLU M 54 -1.81 -25.33 -36.77
N SER M 55 -0.66 -24.69 -37.09
CA SER M 55 -0.16 -23.57 -36.31
C SER M 55 -0.86 -22.26 -36.63
N SER M 56 -1.59 -22.20 -37.76
CA SER M 56 -2.36 -21.04 -38.19
C SER M 56 -3.83 -21.11 -37.80
N THR M 57 -4.54 -22.18 -38.20
CA THR M 57 -6.00 -22.26 -38.17
C THR M 57 -6.44 -23.50 -37.45
N GLY M 58 -6.03 -24.68 -37.95
CA GLY M 58 -6.32 -25.98 -37.36
C GLY M 58 -7.70 -26.51 -37.69
N THR M 59 -7.80 -27.79 -38.08
CA THR M 59 -9.09 -28.36 -38.40
C THR M 59 -9.12 -29.87 -38.31
N TRP M 60 -10.29 -30.40 -37.94
CA TRP M 60 -10.57 -31.82 -37.91
C TRP M 60 -11.87 -32.08 -38.67
N THR M 61 -12.39 -31.03 -39.34
CA THR M 61 -13.60 -30.97 -40.17
C THR M 61 -13.90 -29.49 -40.30
N THR M 62 -13.94 -28.97 -41.54
CA THR M 62 -14.16 -27.57 -41.83
C THR M 62 -15.48 -27.44 -42.54
N VAL M 63 -16.30 -26.46 -42.14
CA VAL M 63 -17.53 -26.11 -42.83
C VAL M 63 -17.52 -24.59 -42.94
N TRP M 64 -18.66 -23.97 -43.32
CA TRP M 64 -18.83 -22.54 -43.49
C TRP M 64 -18.42 -21.69 -42.30
N THR M 65 -18.38 -22.25 -41.06
CA THR M 65 -18.00 -21.50 -39.87
C THR M 65 -16.50 -21.21 -39.82
N ASP M 66 -15.66 -21.95 -40.56
CA ASP M 66 -14.25 -21.63 -40.66
C ASP M 66 -14.05 -20.44 -41.61
N GLY M 67 -15.09 -20.13 -42.41
CA GLY M 67 -15.22 -18.96 -43.28
C GLY M 67 -15.46 -17.67 -42.56
N LEU M 68 -15.74 -17.72 -41.24
CA LEU M 68 -15.93 -16.56 -40.39
C LEU M 68 -14.65 -15.75 -40.16
N THR M 69 -13.48 -16.41 -40.11
CA THR M 69 -12.21 -15.72 -39.87
C THR M 69 -11.65 -15.16 -41.16
N SER M 70 -10.87 -14.06 -41.07
CA SER M 70 -10.23 -13.48 -42.23
C SER M 70 -8.96 -14.25 -42.54
N LEU M 71 -8.92 -14.98 -43.67
CA LEU M 71 -7.82 -15.88 -43.95
C LEU M 71 -6.68 -15.15 -44.65
N ASP M 72 -6.96 -14.56 -45.83
CA ASP M 72 -6.10 -13.80 -46.73
C ASP M 72 -4.58 -13.80 -46.45
N ARG M 73 -4.06 -12.64 -46.03
CA ARG M 73 -2.66 -12.42 -45.73
C ARG M 73 -2.32 -12.88 -44.32
N TYR M 74 -3.38 -13.13 -43.51
CA TYR M 74 -3.33 -13.40 -42.09
C TYR M 74 -2.92 -14.83 -41.75
N LYS M 75 -3.08 -15.78 -42.68
CA LYS M 75 -2.76 -17.17 -42.43
C LYS M 75 -1.29 -17.52 -42.66
N GLY M 76 -0.79 -18.54 -41.93
CA GLY M 76 0.52 -19.16 -42.15
C GLY M 76 0.70 -19.75 -43.53
N ARG M 77 1.93 -19.68 -44.07
CA ARG M 77 2.20 -20.14 -45.43
C ARG M 77 3.43 -21.03 -45.43
N CYS M 78 3.36 -22.21 -46.09
CA CYS M 78 4.51 -23.06 -46.30
C CYS M 78 5.15 -22.69 -47.63
N TYR M 79 6.43 -22.28 -47.59
CA TYR M 79 7.20 -21.91 -48.75
C TYR M 79 7.85 -23.18 -49.33
N ASP M 80 8.60 -23.05 -50.44
CA ASP M 80 9.37 -24.10 -51.09
C ASP M 80 10.31 -24.83 -50.11
N ILE M 81 10.39 -26.18 -50.20
CA ILE M 81 11.12 -27.01 -49.26
C ILE M 81 12.23 -27.74 -50.00
N GLU M 82 13.24 -28.28 -49.28
CA GLU M 82 14.39 -28.91 -49.93
C GLU M 82 14.76 -30.24 -49.26
N PRO M 83 15.36 -31.20 -49.95
CA PRO M 83 15.95 -32.40 -49.36
C PRO M 83 17.24 -32.15 -48.59
N VAL M 84 17.53 -33.00 -47.59
CA VAL M 84 18.77 -33.03 -46.82
C VAL M 84 19.59 -34.21 -47.32
N PRO M 85 20.91 -34.14 -47.56
CA PRO M 85 21.67 -35.28 -48.11
C PRO M 85 22.00 -36.31 -47.04
N GLY M 86 21.57 -36.09 -45.78
CA GLY M 86 21.85 -36.97 -44.64
C GLY M 86 21.04 -38.23 -44.59
N GLU M 87 19.83 -38.23 -45.17
CA GLU M 87 18.95 -39.38 -45.15
C GLU M 87 17.92 -39.18 -46.25
N ASP M 88 17.33 -40.27 -46.77
CA ASP M 88 16.44 -40.26 -47.92
C ASP M 88 15.03 -39.76 -47.60
N ASN M 89 14.70 -39.64 -46.29
CA ASN M 89 13.42 -39.17 -45.83
C ASN M 89 13.53 -37.84 -45.06
N GLN M 90 14.73 -37.22 -44.99
CA GLN M 90 14.89 -35.93 -44.33
C GLN M 90 14.84 -34.72 -45.26
N TYR M 91 14.04 -33.70 -44.87
CA TYR M 91 13.77 -32.50 -45.65
C TYR M 91 13.85 -31.25 -44.77
N ILE M 92 14.14 -30.07 -45.37
CA ILE M 92 14.05 -28.79 -44.68
C ILE M 92 12.79 -28.07 -45.15
N ALA M 93 11.85 -27.82 -44.22
CA ALA M 93 10.62 -27.09 -44.40
C ALA M 93 10.79 -25.63 -44.01
N TYR M 94 10.21 -24.69 -44.79
CA TYR M 94 10.26 -23.26 -44.54
C TYR M 94 8.84 -22.70 -44.40
N VAL M 95 8.46 -22.18 -43.21
CA VAL M 95 7.10 -21.72 -42.96
C VAL M 95 7.10 -20.25 -42.56
N ALA M 96 6.28 -19.41 -43.23
CA ALA M 96 6.11 -18.00 -42.93
C ALA M 96 4.80 -17.72 -42.20
N TYR M 97 4.81 -16.78 -41.24
CA TYR M 97 3.67 -16.30 -40.50
C TYR M 97 3.67 -14.77 -40.55
N PRO M 98 2.57 -14.07 -40.73
CA PRO M 98 2.55 -12.61 -40.60
C PRO M 98 2.51 -12.18 -39.14
N ILE M 99 2.74 -10.88 -38.88
CA ILE M 99 2.71 -10.28 -37.55
C ILE M 99 1.37 -10.44 -36.87
N ASP M 100 0.29 -10.39 -37.67
CA ASP M 100 -1.12 -10.46 -37.32
C ASP M 100 -1.53 -11.67 -36.48
N LEU M 101 -0.83 -12.80 -36.61
CA LEU M 101 -1.21 -14.04 -35.97
C LEU M 101 -0.80 -14.16 -34.51
N PHE M 102 0.22 -13.39 -34.03
CA PHE M 102 0.75 -13.54 -32.68
C PHE M 102 0.65 -12.24 -31.88
N GLU M 103 0.34 -12.33 -30.56
CA GLU M 103 0.38 -11.18 -29.67
C GLU M 103 1.78 -10.56 -29.56
N GLU M 104 1.87 -9.20 -29.53
CA GLU M 104 3.12 -8.46 -29.56
C GLU M 104 4.09 -8.78 -28.42
N GLY M 105 5.24 -9.42 -28.75
CA GLY M 105 6.26 -9.87 -27.79
C GLY M 105 5.80 -10.91 -26.81
N SER M 106 4.76 -11.70 -27.15
CA SER M 106 4.16 -12.65 -26.24
C SER M 106 4.82 -14.01 -26.31
N VAL M 107 5.76 -14.27 -25.39
CA VAL M 107 6.64 -15.43 -25.43
C VAL M 107 5.93 -16.77 -25.25
N THR M 108 4.87 -16.90 -24.39
CA THR M 108 4.19 -18.20 -24.27
C THR M 108 3.27 -18.43 -25.45
N ASN M 109 2.75 -17.35 -26.08
CA ASN M 109 1.90 -17.47 -27.24
C ASN M 109 2.71 -17.86 -28.48
N MET M 110 3.86 -17.19 -28.70
CA MET M 110 4.81 -17.52 -29.75
C MET M 110 5.39 -18.92 -29.59
N PHE M 111 5.84 -19.27 -28.36
CA PHE M 111 6.35 -20.59 -28.01
C PHE M 111 5.31 -21.69 -28.23
N THR M 112 4.08 -21.50 -27.73
CA THR M 112 3.00 -22.46 -27.89
C THR M 112 2.60 -22.61 -29.35
N SER M 113 2.50 -21.50 -30.12
CA SER M 113 2.18 -21.54 -31.55
C SER M 113 3.22 -22.22 -32.42
N ILE M 114 4.51 -21.90 -32.20
CA ILE M 114 5.63 -22.30 -33.03
C ILE M 114 6.18 -23.66 -32.64
N VAL M 115 6.27 -23.94 -31.33
CA VAL M 115 6.84 -25.19 -30.84
C VAL M 115 5.77 -26.10 -30.28
N GLY M 116 4.87 -25.59 -29.39
CA GLY M 116 3.87 -26.43 -28.72
C GLY M 116 2.91 -27.16 -29.62
N ASN M 117 2.22 -26.44 -30.52
CA ASN M 117 1.28 -27.03 -31.47
C ASN M 117 1.97 -27.89 -32.52
N VAL M 118 3.05 -27.35 -33.11
CA VAL M 118 3.83 -27.97 -34.18
C VAL M 118 4.52 -29.27 -33.84
N PHE M 119 5.26 -29.32 -32.71
CA PHE M 119 6.08 -30.47 -32.36
C PHE M 119 5.27 -31.45 -31.54
N GLY M 120 4.22 -32.04 -32.17
CA GLY M 120 3.34 -33.02 -31.55
C GLY M 120 3.01 -34.17 -32.46
N PHE M 121 2.55 -33.84 -33.68
CA PHE M 121 2.00 -34.72 -34.70
C PHE M 121 2.47 -36.17 -34.81
N LYS M 122 1.50 -37.10 -34.77
CA LYS M 122 1.69 -38.53 -34.82
C LYS M 122 2.04 -39.08 -36.20
N ALA M 123 1.80 -38.31 -37.27
CA ALA M 123 2.21 -38.65 -38.62
C ALA M 123 3.61 -38.09 -38.92
N LEU M 124 4.21 -37.36 -37.96
CA LEU M 124 5.55 -36.85 -38.02
C LEU M 124 6.49 -37.70 -37.15
N ARG M 125 7.54 -38.31 -37.74
CA ARG M 125 8.47 -39.14 -36.99
C ARG M 125 9.45 -38.32 -36.16
N ALA M 126 10.13 -37.35 -36.79
CA ALA M 126 11.04 -36.48 -36.08
C ALA M 126 11.05 -35.13 -36.75
N LEU M 127 11.21 -34.07 -35.94
CA LEU M 127 11.22 -32.70 -36.39
C LEU M 127 12.22 -31.91 -35.54
N ARG M 128 13.14 -31.19 -36.20
CA ARG M 128 14.18 -30.40 -35.58
C ARG M 128 14.14 -28.96 -36.04
N LEU M 129 14.21 -27.98 -35.13
CA LEU M 129 14.20 -26.58 -35.53
C LEU M 129 15.60 -26.16 -36.00
N GLU M 130 15.71 -25.61 -37.23
CA GLU M 130 17.00 -25.25 -37.81
C GLU M 130 17.27 -23.76 -37.79
N ASP M 131 16.24 -22.90 -37.99
CA ASP M 131 16.44 -21.45 -37.87
C ASP M 131 15.10 -20.72 -37.72
N LEU M 132 15.17 -19.40 -37.41
CA LEU M 132 14.06 -18.49 -37.24
C LEU M 132 14.39 -17.10 -37.79
N ARG M 133 13.43 -16.45 -38.49
CA ARG M 133 13.52 -15.06 -38.89
C ARG M 133 12.63 -14.29 -37.94
N ILE M 134 13.21 -13.47 -37.04
CA ILE M 134 12.46 -12.67 -36.11
C ILE M 134 12.45 -11.25 -36.66
N PRO M 135 11.35 -10.68 -37.13
CA PRO M 135 11.32 -9.34 -37.70
C PRO M 135 11.60 -8.24 -36.67
N PRO M 136 12.15 -7.07 -37.01
CA PRO M 136 12.51 -6.02 -36.06
C PRO M 136 11.43 -5.60 -35.10
N ALA M 137 10.14 -5.61 -35.51
CA ALA M 137 9.06 -5.19 -34.65
C ALA M 137 8.73 -6.22 -33.57
N TYR M 138 9.19 -7.48 -33.72
CA TYR M 138 9.03 -8.49 -32.70
C TYR M 138 10.32 -8.55 -31.88
N VAL M 139 11.50 -8.27 -32.50
CA VAL M 139 12.79 -8.15 -31.81
C VAL M 139 12.79 -7.05 -30.76
N LYS M 140 12.14 -5.89 -31.04
CA LYS M 140 12.05 -4.81 -30.08
C LYS M 140 10.85 -4.86 -29.15
N THR M 141 10.00 -5.90 -29.24
CA THR M 141 8.88 -6.07 -28.30
C THR M 141 9.09 -7.28 -27.42
N PHE M 142 9.99 -8.22 -27.79
CA PHE M 142 11.10 -8.68 -26.96
C PHE M 142 11.93 -7.61 -26.24
N VAL M 143 12.68 -7.99 -25.19
CA VAL M 143 13.47 -7.06 -24.40
C VAL M 143 14.98 -7.28 -24.51
N GLY M 144 15.43 -8.51 -24.86
CA GLY M 144 16.84 -8.87 -25.00
C GLY M 144 17.68 -8.71 -23.74
N PRO M 145 19.01 -8.81 -23.79
CA PRO M 145 19.89 -8.57 -22.65
C PRO M 145 19.61 -7.26 -21.91
N PRO M 146 19.42 -7.18 -20.61
CA PRO M 146 19.27 -5.91 -19.92
C PRO M 146 20.56 -5.10 -19.87
N HIS M 147 21.72 -5.74 -19.65
CA HIS M 147 22.98 -5.04 -19.48
C HIS M 147 24.08 -5.84 -20.12
N GLY M 148 23.89 -6.22 -21.40
CA GLY M 148 24.82 -6.97 -22.25
C GLY M 148 26.24 -6.44 -22.39
N ILE M 149 27.03 -6.97 -23.34
CA ILE M 149 28.48 -6.76 -23.37
C ILE M 149 28.94 -5.31 -23.48
N GLN M 150 28.25 -4.46 -24.25
CA GLN M 150 28.67 -3.07 -24.35
C GLN M 150 28.31 -2.23 -23.11
N VAL M 151 27.46 -2.79 -22.21
CA VAL M 151 27.13 -2.20 -20.93
C VAL M 151 28.00 -2.82 -19.82
N GLU M 152 28.14 -4.16 -19.83
CA GLU M 152 28.81 -4.99 -18.84
C GLU M 152 30.30 -4.74 -18.78
N ARG M 153 30.92 -4.47 -19.94
CA ARG M 153 32.32 -4.06 -20.03
C ARG M 153 32.62 -2.78 -19.26
N ASP M 154 31.72 -1.77 -19.27
CA ASP M 154 31.98 -0.54 -18.56
C ASP M 154 31.54 -0.72 -17.10
N LYS M 155 30.46 -1.50 -16.85
CA LYS M 155 29.95 -1.77 -15.51
C LYS M 155 30.87 -2.56 -14.58
N LEU M 156 31.65 -3.54 -15.09
CA LEU M 156 32.52 -4.37 -14.26
C LEU M 156 33.86 -3.73 -13.92
N ASN M 157 34.20 -2.57 -14.52
CA ASN M 157 35.39 -1.78 -14.20
C ASN M 157 36.75 -2.47 -14.46
N LYS M 158 36.78 -3.55 -15.26
CA LYS M 158 37.99 -4.30 -15.55
C LYS M 158 37.74 -5.12 -16.81
N TYR M 159 38.81 -5.53 -17.53
CA TYR M 159 38.75 -6.24 -18.81
C TYR M 159 40.16 -6.13 -19.43
N GLY M 160 40.51 -7.03 -20.36
CA GLY M 160 41.82 -7.04 -21.05
C GLY M 160 42.47 -8.39 -21.05
N ARG M 161 41.75 -9.38 -20.52
CA ARG M 161 42.14 -10.76 -20.43
C ARG M 161 40.80 -11.40 -20.10
N GLY M 162 40.67 -12.73 -20.18
CA GLY M 162 39.48 -13.45 -19.76
C GLY M 162 39.12 -13.23 -18.30
N LEU M 163 37.88 -13.54 -17.91
CA LEU M 163 37.43 -13.39 -16.54
C LEU M 163 37.51 -14.75 -15.85
N LEU M 164 38.40 -14.84 -14.85
CA LEU M 164 38.83 -16.05 -14.19
C LEU M 164 37.97 -16.46 -13.02
N GLY M 165 37.51 -17.72 -12.96
CA GLY M 165 36.67 -18.15 -11.87
C GLY M 165 36.72 -19.60 -11.54
N CYS M 166 35.79 -20.02 -10.68
CA CYS M 166 35.67 -21.40 -10.28
C CYS M 166 34.27 -21.68 -9.76
N THR M 167 33.81 -22.91 -10.02
CA THR M 167 32.51 -23.44 -9.66
C THR M 167 32.68 -24.14 -8.33
N ILE M 168 31.92 -23.77 -7.28
CA ILE M 168 32.23 -24.25 -5.95
C ILE M 168 31.60 -25.60 -5.71
N LYS M 169 32.46 -26.58 -5.34
CA LYS M 169 32.09 -27.96 -5.15
C LYS M 169 32.77 -28.49 -3.90
N PRO M 170 32.36 -29.58 -3.25
CA PRO M 170 31.22 -30.45 -3.57
C PRO M 170 29.88 -29.73 -3.61
N LYS M 171 28.97 -30.17 -4.50
CA LYS M 171 27.61 -29.69 -4.63
C LYS M 171 26.77 -29.87 -3.36
N LEU M 172 26.92 -31.04 -2.72
CA LEU M 172 26.39 -31.36 -1.40
C LEU M 172 27.01 -30.48 -0.32
N GLY M 173 26.24 -29.50 0.21
CA GLY M 173 25.87 -29.46 1.62
C GLY M 173 26.91 -28.84 2.52
N LEU M 174 27.92 -28.18 1.91
CA LEU M 174 29.02 -27.51 2.58
C LEU M 174 28.55 -26.45 3.57
N SER M 175 28.98 -26.54 4.85
CA SER M 175 28.60 -25.59 5.89
C SER M 175 29.11 -24.18 5.64
N ALA M 176 28.35 -23.15 6.08
CA ALA M 176 28.56 -21.77 5.74
C ALA M 176 29.92 -21.19 6.08
N LYS M 177 30.51 -21.53 7.24
CA LYS M 177 31.85 -21.04 7.56
C LYS M 177 32.98 -21.71 6.79
N ASN M 178 32.83 -23.00 6.38
CA ASN M 178 33.83 -23.64 5.55
C ASN M 178 33.69 -23.20 4.08
N TYR M 179 32.46 -22.89 3.65
CA TYR M 179 32.18 -22.26 2.36
C TYR M 179 32.71 -20.83 2.29
N GLY M 180 32.52 -20.05 3.37
CA GLY M 180 33.01 -18.68 3.53
C GLY M 180 34.51 -18.60 3.46
N ARG M 181 35.17 -19.58 4.13
CA ARG M 181 36.60 -19.73 4.12
C ARG M 181 37.16 -20.10 2.74
N ALA M 182 36.52 -21.07 2.05
CA ALA M 182 36.90 -21.47 0.72
C ALA M 182 36.75 -20.36 -0.32
N VAL M 183 35.63 -19.63 -0.27
CA VAL M 183 35.33 -18.52 -1.17
C VAL M 183 36.27 -17.34 -0.95
N TYR M 184 36.51 -16.95 0.32
CA TYR M 184 37.44 -15.88 0.67
C TYR M 184 38.85 -16.19 0.20
N GLU M 185 39.36 -17.40 0.51
CA GLU M 185 40.69 -17.81 0.11
C GLU M 185 40.91 -17.89 -1.40
N CYS M 186 39.95 -18.45 -2.18
CA CYS M 186 40.13 -18.51 -3.63
C CYS M 186 40.00 -17.14 -4.31
N LEU M 187 39.13 -16.24 -3.80
CA LEU M 187 39.02 -14.90 -4.36
C LEU M 187 40.26 -14.07 -4.02
N ARG M 188 40.77 -14.19 -2.77
CA ARG M 188 41.96 -13.46 -2.34
C ARG M 188 43.22 -14.02 -3.01
N GLY M 189 43.19 -15.33 -3.38
CA GLY M 189 44.23 -16.02 -4.12
C GLY M 189 44.39 -15.64 -5.56
N GLY M 190 43.37 -15.05 -6.22
CA GLY M 190 43.50 -14.68 -7.62
C GLY M 190 42.30 -14.77 -8.50
N LEU M 191 41.23 -15.49 -8.11
CA LEU M 191 40.00 -15.55 -8.91
C LEU M 191 39.28 -14.21 -9.02
N ASP M 192 38.60 -13.95 -10.16
CA ASP M 192 37.76 -12.80 -10.34
C ASP M 192 36.35 -13.09 -9.82
N PHE M 193 35.80 -14.27 -10.19
CA PHE M 193 34.41 -14.61 -9.88
C PHE M 193 34.27 -16.07 -9.47
N THR M 194 33.48 -16.35 -8.44
CA THR M 194 33.19 -17.72 -8.01
C THR M 194 31.73 -18.01 -8.31
N LYS M 195 31.31 -19.28 -8.37
CA LYS M 195 29.92 -19.61 -8.67
C LYS M 195 29.38 -20.70 -7.77
N ASP M 196 28.10 -20.57 -7.39
CA ASP M 196 27.33 -21.58 -6.67
C ASP M 196 26.67 -22.56 -7.63
N ASP M 197 26.35 -23.77 -7.14
CA ASP M 197 25.49 -24.72 -7.82
C ASP M 197 24.15 -24.69 -7.09
N GLU M 198 23.11 -25.34 -7.66
CA GLU M 198 21.73 -25.28 -7.22
C GLU M 198 21.52 -25.67 -5.76
N ASN M 199 22.21 -26.73 -5.28
CA ASN M 199 22.08 -27.19 -3.90
C ASN M 199 22.85 -26.32 -2.90
N VAL M 200 23.88 -25.59 -3.37
CA VAL M 200 24.76 -24.78 -2.52
C VAL M 200 24.00 -23.63 -1.86
N ASN M 201 23.07 -23.02 -2.61
CA ASN M 201 22.22 -21.92 -2.18
C ASN M 201 21.40 -22.14 -0.90
N SER M 202 20.68 -23.25 -0.78
CA SER M 202 19.75 -23.47 0.32
C SER M 202 19.67 -24.96 0.57
N GLN M 203 19.73 -25.37 1.85
CA GLN M 203 19.71 -26.74 2.28
C GLN M 203 18.77 -26.79 3.49
N PRO M 204 18.27 -27.92 3.98
CA PRO M 204 17.30 -27.98 5.08
C PRO M 204 17.51 -27.07 6.28
N PHE M 205 18.71 -26.96 6.87
CA PHE M 205 18.93 -26.06 7.99
C PHE M 205 19.32 -24.67 7.52
N MET M 206 20.27 -24.62 6.56
CA MET M 206 20.86 -23.41 6.04
C MET M 206 20.05 -22.74 4.94
N ARG M 207 19.42 -21.61 5.28
CA ARG M 207 18.66 -20.79 4.36
C ARG M 207 19.57 -19.96 3.49
N TRP M 208 19.12 -19.63 2.25
CA TRP M 208 19.79 -18.75 1.32
C TRP M 208 20.15 -17.39 1.96
N ARG M 209 19.25 -16.91 2.83
CA ARG M 209 19.30 -15.68 3.60
C ARG M 209 20.52 -15.61 4.52
N ASP M 210 20.85 -16.74 5.17
CA ASP M 210 21.95 -16.82 6.11
C ASP M 210 23.24 -17.11 5.34
N ARG M 211 23.15 -17.87 4.23
CA ARG M 211 24.28 -18.13 3.33
C ARG M 211 24.76 -16.83 2.70
N PHE M 212 23.79 -15.96 2.34
CA PHE M 212 23.97 -14.61 1.83
C PHE M 212 24.64 -13.67 2.84
N LEU M 213 24.35 -13.82 4.15
CA LEU M 213 24.96 -13.00 5.18
C LEU M 213 26.43 -13.34 5.39
N PHE M 214 26.78 -14.64 5.23
CA PHE M 214 28.17 -15.09 5.24
C PHE M 214 28.90 -14.68 3.97
N VAL M 215 28.19 -14.61 2.82
CA VAL M 215 28.72 -14.06 1.58
C VAL M 215 29.00 -12.58 1.73
N ALA M 216 28.10 -11.78 2.35
CA ALA M 216 28.29 -10.37 2.59
C ALA M 216 29.51 -10.03 3.45
N GLU M 217 29.70 -10.79 4.56
CA GLU M 217 30.83 -10.65 5.47
C GLU M 217 32.15 -10.94 4.76
N ALA M 218 32.19 -12.05 4.01
CA ALA M 218 33.32 -12.48 3.21
C ALA M 218 33.64 -11.54 2.04
N ILE M 219 32.62 -11.09 1.27
CA ILE M 219 32.78 -10.32 0.03
C ILE M 219 33.32 -8.93 0.27
N TYR M 220 32.93 -8.27 1.39
CA TYR M 220 33.40 -6.92 1.72
C TYR M 220 34.93 -6.92 1.84
N LYS M 221 35.46 -7.93 2.55
CA LYS M 221 36.89 -8.09 2.73
C LYS M 221 37.58 -8.76 1.55
N ALA M 222 36.89 -9.60 0.77
CA ALA M 222 37.42 -10.23 -0.42
C ALA M 222 37.47 -9.31 -1.65
N GLN M 223 36.81 -8.14 -1.63
CA GLN M 223 37.37 -6.96 -2.27
C GLN M 223 38.33 -6.07 -1.47
N ALA M 224 38.00 -5.66 -0.22
CA ALA M 224 38.79 -4.67 0.50
C ALA M 224 40.25 -5.03 0.77
N GLU M 225 40.54 -6.32 1.06
CA GLU M 225 41.87 -6.77 1.41
C GLU M 225 42.72 -7.14 0.20
N THR M 226 42.15 -7.11 -1.01
CA THR M 226 42.86 -7.51 -2.23
C THR M 226 42.99 -6.38 -3.24
N GLY M 227 42.33 -5.22 -3.04
CA GLY M 227 42.36 -4.06 -3.96
C GLY M 227 41.61 -4.24 -5.25
N GLU M 228 41.87 -5.34 -5.96
CA GLU M 228 41.26 -5.71 -7.22
C GLU M 228 39.76 -5.99 -7.14
N VAL M 229 38.98 -5.51 -8.14
CA VAL M 229 37.56 -5.81 -8.27
C VAL M 229 37.31 -7.28 -8.57
N LYS M 230 36.49 -7.96 -7.74
CA LYS M 230 36.18 -9.38 -7.78
C LYS M 230 34.70 -9.50 -7.37
N GLY M 231 34.02 -10.64 -7.64
CA GLY M 231 32.94 -11.03 -6.75
C GLY M 231 32.49 -12.48 -6.77
N HIS M 232 31.19 -12.71 -6.51
CA HIS M 232 30.62 -14.05 -6.52
C HIS M 232 29.24 -14.14 -7.13
N TYR M 233 29.05 -15.00 -8.15
CA TYR M 233 27.78 -15.28 -8.79
C TYR M 233 26.91 -16.14 -7.87
N LEU M 234 25.92 -15.53 -7.19
CA LEU M 234 24.93 -16.24 -6.39
C LEU M 234 23.93 -16.99 -7.26
N ASN M 235 23.47 -18.18 -6.85
CA ASN M 235 22.53 -19.00 -7.62
C ASN M 235 21.46 -19.53 -6.64
N ALA M 236 20.71 -18.69 -5.91
CA ALA M 236 19.57 -17.91 -6.36
C ALA M 236 18.32 -18.72 -6.76
N THR M 237 18.45 -20.05 -6.98
CA THR M 237 17.40 -20.98 -7.38
C THR M 237 16.19 -21.02 -6.44
N ALA M 238 15.00 -21.38 -6.93
CA ALA M 238 13.78 -21.33 -6.12
C ALA M 238 12.67 -22.23 -6.65
N GLY M 239 11.72 -22.61 -5.77
CA GLY M 239 10.59 -23.47 -6.12
C GLY M 239 9.36 -22.78 -6.64
N THR M 240 9.11 -21.53 -6.24
CA THR M 240 7.92 -20.77 -6.66
C THR M 240 8.39 -19.38 -7.01
N CYS M 241 7.58 -18.60 -7.76
CA CYS M 241 7.90 -17.24 -8.15
C CYS M 241 7.89 -16.26 -6.99
N GLU M 242 7.09 -16.52 -5.93
CA GLU M 242 7.07 -15.73 -4.71
C GLU M 242 8.42 -15.85 -4.01
N GLU M 243 8.96 -17.09 -3.96
CA GLU M 243 10.29 -17.37 -3.47
C GLU M 243 11.38 -16.69 -4.29
N MET M 244 11.26 -16.68 -5.64
CA MET M 244 12.15 -15.94 -6.54
C MET M 244 12.15 -14.43 -6.27
N MET M 245 10.95 -13.84 -6.11
CA MET M 245 10.79 -12.44 -5.78
C MET M 245 11.32 -12.09 -4.39
N LYS M 246 11.11 -12.95 -3.38
CA LYS M 246 11.70 -12.79 -2.06
C LYS M 246 13.22 -12.81 -2.10
N ARG M 247 13.79 -13.76 -2.88
CA ARG M 247 15.22 -13.86 -3.13
C ARG M 247 15.79 -12.62 -3.81
N ALA M 248 15.08 -12.04 -4.80
CA ALA M 248 15.45 -10.78 -5.42
C ALA M 248 15.50 -9.60 -4.44
N VAL M 249 14.46 -9.46 -3.58
CA VAL M 249 14.11 -8.16 -3.00
C VAL M 249 14.98 -7.97 -1.77
N CYS M 250 15.23 -9.07 -1.04
CA CYS M 250 16.09 -9.10 0.13
C CYS M 250 17.54 -8.84 -0.23
N ALA M 251 17.96 -9.16 -1.48
CA ALA M 251 19.30 -8.89 -1.93
C ALA M 251 19.40 -7.52 -2.62
N LYS M 252 18.26 -6.87 -2.94
CA LYS M 252 18.17 -5.47 -3.37
C LYS M 252 18.55 -4.58 -2.19
N GLU M 253 18.18 -4.97 -0.95
CA GLU M 253 18.52 -4.26 0.28
C GLU M 253 20.01 -4.06 0.48
N LEU M 254 20.84 -5.04 0.08
CA LEU M 254 22.29 -4.92 0.16
C LEU M 254 22.88 -4.50 -1.19
N GLY M 255 22.04 -4.50 -2.25
CA GLY M 255 22.33 -4.20 -3.65
C GLY M 255 23.58 -4.84 -4.21
N VAL M 256 23.73 -6.16 -4.00
CA VAL M 256 24.91 -6.90 -4.41
C VAL M 256 25.23 -6.94 -5.92
N PRO M 257 26.51 -6.88 -6.32
CA PRO M 257 26.96 -7.17 -7.68
C PRO M 257 26.63 -8.59 -8.15
N ILE M 258 27.15 -8.95 -9.35
CA ILE M 258 26.50 -9.82 -10.33
C ILE M 258 26.08 -11.19 -9.82
N ILE M 259 24.84 -11.61 -10.13
CA ILE M 259 24.30 -12.91 -9.75
C ILE M 259 23.88 -13.70 -10.96
N MET M 260 23.55 -15.01 -10.77
CA MET M 260 23.11 -15.84 -11.85
C MET M 260 21.83 -16.58 -11.49
N HIS M 261 21.07 -17.05 -12.50
CA HIS M 261 19.92 -17.90 -12.20
C HIS M 261 19.57 -18.98 -13.22
N ASP M 262 19.18 -20.16 -12.71
CA ASP M 262 18.63 -21.33 -13.38
C ASP M 262 17.09 -21.34 -13.47
N TYR M 263 16.47 -20.22 -13.05
CA TYR M 263 15.32 -19.59 -13.70
C TYR M 263 15.06 -19.87 -15.17
N LEU M 264 16.08 -19.96 -16.06
CA LEU M 264 15.83 -20.24 -17.48
C LEU M 264 16.03 -21.74 -17.73
N THR M 265 16.07 -22.53 -16.64
CA THR M 265 15.89 -23.98 -16.66
C THR M 265 14.49 -24.23 -16.13
N GLY M 266 13.99 -23.30 -15.27
CA GLY M 266 12.62 -23.19 -14.76
C GLY M 266 11.57 -22.79 -15.78
N GLY M 267 11.78 -21.67 -16.50
CA GLY M 267 10.84 -21.21 -17.52
C GLY M 267 11.17 -19.88 -18.14
N PHE M 268 10.77 -19.71 -19.42
CA PHE M 268 11.07 -18.54 -20.24
C PHE M 268 10.49 -17.22 -19.75
N THR M 269 9.26 -17.24 -19.20
CA THR M 269 8.59 -16.00 -18.82
C THR M 269 9.04 -15.52 -17.47
N ALA M 270 9.51 -16.45 -16.61
CA ALA M 270 10.16 -16.19 -15.34
C ALA M 270 11.46 -15.41 -15.54
N ASN M 271 12.24 -15.82 -16.56
CA ASN M 271 13.51 -15.20 -16.89
C ASN M 271 13.29 -13.84 -17.55
N THR M 272 12.25 -13.73 -18.40
CA THR M 272 11.90 -12.50 -19.10
C THR M 272 11.50 -11.41 -18.11
N SER M 273 10.64 -11.76 -17.13
CA SER M 273 10.24 -10.85 -16.05
C SER M 273 11.40 -10.41 -15.19
N LEU M 274 12.32 -11.34 -14.83
CA LEU M 274 13.55 -11.06 -14.12
C LEU M 274 14.48 -10.14 -14.91
N ALA M 275 14.67 -10.37 -16.23
CA ALA M 275 15.49 -9.53 -17.08
C ALA M 275 14.98 -8.08 -17.13
N ILE M 276 13.65 -7.88 -17.14
CA ILE M 276 13.00 -6.59 -16.98
C ILE M 276 13.30 -5.97 -15.60
N TYR M 277 13.19 -6.76 -14.51
CA TYR M 277 13.54 -6.37 -13.15
C TYR M 277 15.02 -5.95 -13.05
N CYS M 278 15.94 -6.73 -13.65
CA CYS M 278 17.35 -6.44 -13.77
C CYS M 278 17.64 -5.15 -14.55
N ARG M 279 16.89 -4.91 -15.65
CA ARG M 279 16.93 -3.68 -16.43
C ARG M 279 16.52 -2.48 -15.57
N ASP M 280 15.43 -2.63 -14.79
CA ASP M 280 14.91 -1.65 -13.85
C ASP M 280 15.85 -1.33 -12.68
N ASN M 281 16.57 -2.32 -12.12
CA ASN M 281 17.35 -2.14 -10.91
C ASN M 281 18.83 -1.95 -11.17
N GLY M 282 19.25 -1.83 -12.45
CA GLY M 282 20.63 -1.57 -12.83
C GLY M 282 21.59 -2.70 -12.54
N LEU M 283 21.08 -3.94 -12.48
CA LEU M 283 21.85 -5.13 -12.18
C LEU M 283 22.76 -5.58 -13.32
N LEU M 284 23.49 -6.68 -13.13
CA LEU M 284 24.03 -7.50 -14.21
C LEU M 284 23.49 -8.91 -13.97
N LEU M 285 23.05 -9.61 -15.04
CA LEU M 285 22.37 -10.88 -14.95
C LEU M 285 23.03 -12.06 -15.69
N HIS M 286 23.60 -13.03 -14.95
CA HIS M 286 24.13 -14.26 -15.52
C HIS M 286 23.08 -15.38 -15.67
N ILE M 287 22.99 -16.01 -16.85
CA ILE M 287 21.99 -17.03 -17.14
C ILE M 287 22.59 -18.42 -17.17
N HIS M 288 22.03 -19.34 -16.36
CA HIS M 288 22.44 -20.73 -16.31
C HIS M 288 21.78 -21.55 -17.42
N ARG M 289 22.38 -22.70 -17.80
CA ARG M 289 21.82 -23.56 -18.82
C ARG M 289 22.16 -25.01 -18.49
N ALA M 290 21.22 -25.94 -18.69
CA ALA M 290 21.35 -27.34 -18.37
C ALA M 290 20.36 -28.13 -19.23
N MET M 291 20.40 -29.47 -19.13
CA MET M 291 19.54 -30.43 -19.82
C MET M 291 20.09 -30.83 -21.18
N HIS M 292 21.42 -30.83 -21.31
CA HIS M 292 22.15 -30.97 -22.56
C HIS M 292 21.88 -32.24 -23.36
N ALA M 293 21.65 -33.40 -22.70
CA ALA M 293 21.32 -34.65 -23.38
C ALA M 293 19.87 -34.76 -23.86
N VAL M 294 18.94 -33.91 -23.40
CA VAL M 294 17.53 -33.97 -23.79
C VAL M 294 17.01 -32.71 -24.48
N ILE M 295 17.76 -31.59 -24.44
CA ILE M 295 17.46 -30.39 -25.21
C ILE M 295 18.51 -30.21 -26.28
N ASP M 296 19.72 -29.77 -25.89
CA ASP M 296 20.81 -29.33 -26.74
C ASP M 296 21.25 -30.38 -27.78
N ARG M 297 21.28 -31.66 -27.37
CA ARG M 297 21.72 -32.79 -28.16
C ARG M 297 20.61 -33.51 -28.95
N GLN M 298 19.46 -32.87 -29.24
CA GLN M 298 18.37 -33.53 -29.94
C GLN M 298 18.54 -33.73 -31.45
N ARG M 299 19.54 -34.57 -31.83
CA ARG M 299 20.03 -34.95 -33.14
C ARG M 299 19.26 -34.46 -34.37
N ASN M 300 18.27 -35.24 -34.84
CA ASN M 300 17.39 -34.89 -35.93
C ASN M 300 15.97 -34.69 -35.39
N HIS M 301 15.80 -34.65 -34.06
CA HIS M 301 14.50 -34.78 -33.41
C HIS M 301 14.07 -33.63 -32.52
N GLY M 302 14.77 -32.49 -32.48
CA GLY M 302 14.27 -31.37 -31.68
C GLY M 302 15.13 -30.15 -31.72
N ILE M 303 15.58 -29.69 -30.55
CA ILE M 303 16.27 -28.42 -30.37
C ILE M 303 17.73 -28.53 -30.83
N HIS M 304 18.33 -27.42 -31.29
CA HIS M 304 19.71 -27.39 -31.70
C HIS M 304 20.37 -26.14 -31.13
N PHE M 305 21.71 -26.13 -31.07
CA PHE M 305 22.53 -25.05 -30.55
C PHE M 305 22.33 -23.68 -31.16
N ARG M 306 22.18 -23.55 -32.50
CA ARG M 306 22.01 -22.22 -33.06
C ARG M 306 20.65 -21.60 -32.75
N VAL M 307 19.58 -22.42 -32.77
CA VAL M 307 18.24 -22.00 -32.39
C VAL M 307 18.13 -21.73 -30.89
N LEU M 308 18.87 -22.52 -30.08
CA LEU M 308 19.00 -22.32 -28.65
C LEU M 308 19.69 -20.99 -28.33
N ALA M 309 20.79 -20.64 -29.03
CA ALA M 309 21.46 -19.36 -28.86
C ALA M 309 20.58 -18.17 -29.25
N LYS M 310 19.82 -18.30 -30.37
CA LYS M 310 18.85 -17.30 -30.75
C LYS M 310 17.71 -17.15 -29.73
N ALA M 311 17.13 -18.27 -29.27
CA ALA M 311 16.07 -18.29 -28.26
C ALA M 311 16.51 -17.75 -26.90
N LEU M 312 17.72 -18.09 -26.45
CA LEU M 312 18.29 -17.61 -25.20
C LEU M 312 18.52 -16.11 -25.23
N ARG M 313 19.05 -15.57 -26.35
CA ARG M 313 19.30 -14.14 -26.45
C ARG M 313 18.01 -13.32 -26.65
N MET M 314 16.97 -13.94 -27.24
CA MET M 314 15.64 -13.36 -27.40
C MET M 314 14.67 -13.48 -26.21
N SER M 315 15.04 -14.20 -25.14
CA SER M 315 14.71 -13.73 -23.79
C SER M 315 15.72 -12.77 -23.23
N GLY M 316 17.02 -13.13 -23.12
CA GLY M 316 18.05 -12.21 -22.67
C GLY M 316 18.80 -12.68 -21.46
N GLY M 317 20.01 -12.11 -21.30
CA GLY M 317 20.93 -12.39 -20.22
C GLY M 317 22.18 -11.64 -20.58
N ASP M 318 23.02 -11.31 -19.59
CA ASP M 318 24.20 -10.51 -19.82
C ASP M 318 25.42 -11.43 -19.90
N HIS M 319 25.49 -12.42 -19.00
CA HIS M 319 26.32 -13.61 -19.18
C HIS M 319 25.41 -14.80 -19.45
N LEU M 320 25.90 -15.86 -20.14
CA LEU M 320 25.13 -17.08 -20.37
C LEU M 320 26.00 -18.32 -20.41
N HIS M 321 25.57 -19.40 -19.71
CA HIS M 321 26.27 -20.67 -19.60
C HIS M 321 26.02 -21.61 -20.79
N SER M 322 26.84 -22.67 -20.93
CA SER M 322 27.80 -22.76 -22.02
C SER M 322 28.85 -23.77 -21.61
N GLY M 323 29.36 -24.55 -22.60
CA GLY M 323 30.27 -25.70 -22.51
C GLY M 323 31.13 -25.92 -21.29
N THR M 324 31.15 -27.17 -20.79
CA THR M 324 32.01 -27.58 -19.69
C THR M 324 33.30 -28.19 -20.21
N VAL M 325 33.42 -28.35 -21.54
CA VAL M 325 34.56 -28.84 -22.32
C VAL M 325 34.55 -30.35 -22.36
N VAL M 326 34.41 -30.96 -21.17
CA VAL M 326 34.31 -32.37 -20.92
C VAL M 326 33.18 -32.51 -19.93
N GLY M 327 32.61 -33.72 -19.73
CA GLY M 327 31.47 -33.90 -18.83
C GLY M 327 30.10 -33.51 -19.36
N LYS M 328 29.35 -32.70 -18.59
CA LYS M 328 27.94 -32.48 -18.81
C LYS M 328 27.44 -31.52 -19.90
N LEU M 329 28.27 -30.58 -20.40
CA LEU M 329 27.89 -29.70 -21.51
C LEU M 329 28.96 -29.79 -22.60
N GLU M 330 28.69 -29.26 -23.80
CA GLU M 330 29.48 -29.33 -25.02
C GLU M 330 30.96 -28.94 -24.93
N GLY M 331 31.78 -29.46 -25.87
CA GLY M 331 33.14 -28.97 -26.03
C GLY M 331 33.64 -29.02 -27.45
N GLU M 332 32.75 -29.14 -28.45
CA GLU M 332 33.14 -29.38 -29.83
C GLU M 332 33.29 -28.11 -30.67
N ARG M 333 34.33 -28.03 -31.53
CA ARG M 333 34.66 -26.85 -32.32
C ARG M 333 33.55 -26.40 -33.26
N GLU M 334 32.78 -27.34 -33.84
CA GLU M 334 31.72 -27.01 -34.79
C GLU M 334 30.38 -26.83 -34.09
N VAL M 335 30.40 -26.79 -32.75
CA VAL M 335 29.23 -26.56 -31.91
C VAL M 335 29.36 -25.20 -31.22
N THR M 336 30.53 -24.93 -30.61
CA THR M 336 30.67 -23.80 -29.67
C THR M 336 30.80 -22.46 -30.36
N LEU M 337 31.19 -22.43 -31.65
CA LEU M 337 31.80 -21.22 -32.18
C LEU M 337 30.68 -20.43 -32.83
N GLY M 338 29.72 -21.14 -33.46
CA GLY M 338 28.42 -20.66 -33.91
C GLY M 338 27.58 -20.18 -32.76
N PHE M 339 27.45 -21.02 -31.70
CA PHE M 339 26.71 -20.69 -30.48
C PHE M 339 27.18 -19.38 -29.85
N VAL M 340 28.52 -19.21 -29.69
CA VAL M 340 29.13 -17.96 -29.23
C VAL M 340 28.95 -16.79 -30.21
N ASP M 341 29.11 -16.99 -31.54
CA ASP M 341 28.95 -15.95 -32.56
C ASP M 341 27.56 -15.35 -32.54
N LEU M 342 26.52 -16.18 -32.33
CA LEU M 342 25.14 -15.71 -32.29
C LEU M 342 24.83 -14.96 -30.99
N MET M 343 25.69 -15.12 -29.96
CA MET M 343 25.59 -14.40 -28.71
C MET M 343 26.38 -13.11 -28.62
N ARG M 344 27.66 -13.13 -29.05
CA ARG M 344 28.56 -11.99 -29.03
C ARG M 344 28.20 -10.81 -29.92
N ASP M 345 27.85 -11.09 -31.19
CA ASP M 345 27.91 -10.12 -32.28
C ASP M 345 26.58 -9.70 -32.88
N ASP M 346 26.60 -8.60 -33.67
CA ASP M 346 25.44 -7.94 -34.25
C ASP M 346 25.76 -7.63 -35.72
N TYR M 347 24.72 -7.28 -36.51
CA TYR M 347 24.73 -6.95 -37.93
C TYR M 347 25.53 -7.91 -38.83
N VAL M 348 24.99 -9.12 -39.06
CA VAL M 348 25.67 -10.14 -39.84
C VAL M 348 24.67 -11.00 -40.61
N GLU M 349 24.89 -11.19 -41.92
CA GLU M 349 24.03 -11.97 -42.80
C GLU M 349 24.13 -13.49 -42.66
N LYS M 350 23.06 -14.17 -43.11
CA LYS M 350 22.89 -15.60 -43.16
C LYS M 350 23.89 -16.36 -44.06
N ASP M 351 24.31 -17.56 -43.65
CA ASP M 351 25.19 -18.39 -44.44
C ASP M 351 24.90 -19.86 -44.14
N ARG M 352 24.68 -20.66 -45.20
CA ARG M 352 24.37 -22.08 -45.07
C ARG M 352 25.57 -22.91 -44.58
N SER M 353 26.81 -22.39 -44.73
CA SER M 353 28.01 -23.06 -44.27
C SER M 353 28.16 -22.95 -42.75
N ARG M 354 27.41 -22.02 -42.14
CA ARG M 354 27.33 -21.80 -40.71
C ARG M 354 25.97 -22.26 -40.18
N GLY M 355 25.15 -22.90 -41.05
CA GLY M 355 23.80 -23.38 -40.74
C GLY M 355 22.77 -22.31 -40.50
N ILE M 356 22.98 -21.09 -41.02
CA ILE M 356 22.05 -19.99 -40.83
C ILE M 356 21.20 -19.85 -42.08
N TYR M 357 19.88 -19.89 -41.92
CA TYR M 357 18.91 -19.87 -43.00
C TYR M 357 18.17 -18.54 -43.02
N PHE M 358 18.23 -17.77 -41.91
CA PHE M 358 17.48 -16.53 -41.78
C PHE M 358 18.24 -15.46 -41.01
N THR M 359 18.03 -14.19 -41.40
CA THR M 359 18.62 -13.04 -40.75
C THR M 359 17.54 -12.23 -40.06
N GLN M 360 17.69 -12.04 -38.74
CA GLN M 360 16.84 -11.18 -37.93
C GLN M 360 17.55 -9.85 -37.87
N ASP M 361 16.96 -8.78 -38.46
CA ASP M 361 17.64 -7.50 -38.64
C ASP M 361 17.84 -6.68 -37.35
N TRP M 362 18.85 -7.11 -36.56
CA TRP M 362 20.08 -6.40 -36.28
C TRP M 362 20.14 -4.87 -36.13
N CYS M 363 21.25 -4.39 -35.55
CA CYS M 363 21.50 -3.01 -35.16
C CYS M 363 20.78 -2.66 -33.88
N SER M 364 21.54 -2.50 -32.79
CA SER M 364 21.09 -2.12 -31.45
C SER M 364 20.65 -3.32 -30.62
N MET M 365 21.14 -4.54 -30.90
CA MET M 365 20.80 -5.70 -30.09
C MET M 365 22.05 -6.00 -29.24
N PRO M 366 22.15 -5.69 -27.96
CA PRO M 366 23.34 -5.98 -27.13
C PRO M 366 23.84 -7.41 -27.16
N GLY M 367 25.18 -7.60 -27.03
CA GLY M 367 25.82 -8.92 -26.95
C GLY M 367 25.67 -9.57 -25.60
N VAL M 368 25.92 -10.89 -25.51
CA VAL M 368 25.83 -11.65 -24.28
C VAL M 368 26.98 -12.64 -24.14
N MET M 369 27.54 -12.78 -22.92
CA MET M 369 28.91 -13.20 -22.69
C MET M 369 28.95 -14.70 -22.34
N PRO M 370 29.61 -15.62 -23.04
CA PRO M 370 29.59 -17.04 -22.68
C PRO M 370 30.35 -17.37 -21.40
N VAL M 371 29.79 -18.24 -20.54
CA VAL M 371 30.42 -18.73 -19.31
C VAL M 371 30.71 -20.21 -19.42
N ALA M 372 31.99 -20.58 -19.59
CA ALA M 372 32.42 -21.97 -19.65
C ALA M 372 32.77 -22.50 -18.26
N SER M 373 32.67 -23.83 -18.07
CA SER M 373 32.88 -24.41 -16.74
C SER M 373 33.31 -25.86 -16.85
N GLY M 374 34.45 -26.17 -17.50
CA GLY M 374 35.76 -25.77 -17.00
C GLY M 374 36.42 -26.91 -16.24
N GLY M 375 36.19 -28.16 -16.69
CA GLY M 375 36.61 -29.36 -15.97
C GLY M 375 38.09 -29.67 -16.02
N ILE M 376 38.83 -29.15 -17.02
CA ILE M 376 40.27 -29.32 -17.12
C ILE M 376 40.99 -27.97 -17.06
N HIS M 377 42.07 -27.90 -16.27
CA HIS M 377 42.93 -26.73 -16.17
C HIS M 377 44.18 -26.83 -17.06
N VAL M 378 45.40 -26.88 -16.48
CA VAL M 378 46.46 -25.93 -16.79
C VAL M 378 46.92 -25.92 -18.26
N TRP M 379 47.08 -27.10 -18.88
CA TRP M 379 47.58 -27.29 -20.22
C TRP M 379 46.56 -26.94 -21.29
N HIS M 380 45.25 -26.85 -20.94
CA HIS M 380 44.21 -26.57 -21.91
C HIS M 380 43.86 -25.08 -21.96
N MET M 381 44.56 -24.24 -21.16
CA MET M 381 44.45 -22.79 -21.27
C MET M 381 44.94 -22.21 -22.61
N PRO M 382 46.09 -22.60 -23.20
CA PRO M 382 46.50 -22.22 -24.55
C PRO M 382 45.44 -22.41 -25.63
N ALA M 383 44.86 -23.62 -25.78
CA ALA M 383 43.85 -23.90 -26.78
C ALA M 383 42.57 -23.10 -26.55
N LEU M 384 42.15 -22.95 -25.28
CA LEU M 384 40.98 -22.18 -24.90
C LEU M 384 41.12 -20.71 -25.29
N VAL M 385 42.29 -20.11 -25.00
CA VAL M 385 42.62 -18.73 -25.35
C VAL M 385 42.73 -18.55 -26.86
N GLU M 386 43.38 -19.50 -27.58
CA GLU M 386 43.51 -19.41 -29.03
C GLU M 386 42.17 -19.53 -29.76
N ILE M 387 41.27 -20.42 -29.31
CA ILE M 387 39.94 -20.56 -29.87
C ILE M 387 38.98 -19.43 -29.53
N PHE M 388 38.89 -19.00 -28.25
CA PHE M 388 37.87 -18.04 -27.81
C PHE M 388 38.38 -16.64 -27.48
N GLY M 389 39.70 -16.42 -27.35
CA GLY M 389 40.25 -15.12 -26.98
C GLY M 389 39.82 -14.58 -25.64
N ASP M 390 39.21 -13.39 -25.64
CA ASP M 390 38.81 -12.65 -24.45
C ASP M 390 37.29 -12.60 -24.28
N ASP M 391 36.56 -13.49 -24.98
CA ASP M 391 35.40 -14.18 -24.42
C ASP M 391 35.71 -15.05 -23.19
N ALA M 392 34.71 -15.22 -22.29
CA ALA M 392 34.76 -15.99 -21.06
C ALA M 392 35.51 -15.28 -19.92
N CYS M 393 35.16 -15.39 -18.62
CA CYS M 393 34.15 -16.15 -17.90
C CYS M 393 34.41 -17.64 -17.89
N LEU M 394 35.63 -18.00 -17.48
CA LEU M 394 36.07 -19.38 -17.39
C LEU M 394 36.00 -19.82 -15.93
N GLN M 395 35.03 -20.68 -15.59
CA GLN M 395 34.81 -21.09 -14.21
C GLN M 395 35.36 -22.50 -14.02
N PHE M 396 36.56 -22.64 -13.43
CA PHE M 396 37.16 -23.96 -13.30
C PHE M 396 36.41 -24.88 -12.34
N GLY M 397 36.57 -26.21 -12.54
CA GLY M 397 36.05 -27.22 -11.62
C GLY M 397 37.12 -28.22 -11.28
N GLY M 398 38.23 -28.23 -12.05
CA GLY M 398 39.42 -29.01 -11.72
C GLY M 398 40.38 -28.14 -10.97
N GLY M 399 40.55 -26.88 -11.43
CA GLY M 399 41.41 -25.88 -10.81
C GLY M 399 40.88 -25.41 -9.48
N THR M 400 41.74 -24.77 -8.67
CA THR M 400 41.37 -24.17 -7.38
C THR M 400 41.05 -25.20 -6.31
N LEU M 401 39.86 -25.81 -6.34
CA LEU M 401 39.35 -26.76 -5.35
C LEU M 401 39.81 -28.18 -5.63
N GLY M 402 40.94 -28.30 -6.31
CA GLY M 402 41.62 -29.53 -6.69
C GLY M 402 43.09 -29.47 -6.34
N HIS M 403 43.55 -28.35 -5.74
CA HIS M 403 44.97 -28.13 -5.47
C HIS M 403 45.29 -28.60 -4.05
N PRO M 404 46.25 -29.51 -3.80
CA PRO M 404 46.45 -30.09 -2.47
C PRO M 404 47.13 -29.13 -1.50
N TRP M 405 47.47 -27.90 -1.92
CA TRP M 405 47.98 -26.87 -1.03
C TRP M 405 46.89 -25.86 -0.65
N GLY M 406 45.63 -26.11 -1.06
CA GLY M 406 44.49 -25.30 -0.65
C GLY M 406 44.00 -24.31 -1.66
N ASN M 407 42.95 -23.58 -1.27
CA ASN M 407 42.18 -22.73 -2.16
C ASN M 407 42.99 -21.55 -2.70
N ALA M 408 43.80 -20.90 -1.84
CA ALA M 408 44.67 -19.80 -2.24
C ALA M 408 45.78 -20.18 -3.23
N PRO M 409 46.62 -21.23 -3.06
CA PRO M 409 47.61 -21.60 -4.07
C PRO M 409 46.96 -22.16 -5.32
N GLY M 410 45.76 -22.77 -5.21
CA GLY M 410 44.98 -23.24 -6.35
C GLY M 410 44.55 -22.11 -7.24
N ALA M 411 43.91 -21.09 -6.64
CA ALA M 411 43.49 -19.87 -7.29
C ALA M 411 44.65 -19.08 -7.86
N ALA M 412 45.78 -19.00 -7.11
CA ALA M 412 46.99 -18.35 -7.53
C ALA M 412 47.62 -19.02 -8.73
N ALA M 413 47.68 -20.36 -8.77
CA ALA M 413 48.15 -21.11 -9.90
C ALA M 413 47.30 -20.88 -11.15
N ASN M 414 45.96 -20.83 -10.98
CA ASN M 414 45.05 -20.58 -12.08
C ASN M 414 45.19 -19.15 -12.60
N ARG M 415 45.39 -18.18 -11.68
CA ARG M 415 45.66 -16.79 -11.98
C ARG M 415 46.99 -16.56 -12.68
N VAL M 416 48.06 -17.25 -12.24
CA VAL M 416 49.37 -17.22 -12.86
C VAL M 416 49.30 -17.81 -14.26
N ALA M 417 48.61 -18.95 -14.45
CA ALA M 417 48.41 -19.52 -15.76
C ALA M 417 47.59 -18.64 -16.71
N LEU M 418 46.54 -17.95 -16.20
CA LEU M 418 45.74 -17.00 -16.96
C LEU M 418 46.54 -15.80 -17.43
N GLU M 419 47.35 -15.21 -16.52
CA GLU M 419 48.20 -14.09 -16.85
C GLU M 419 49.36 -14.48 -17.75
N ALA M 420 50.00 -15.65 -17.53
CA ALA M 420 51.05 -16.17 -18.38
C ALA M 420 50.62 -16.46 -19.82
N CYS M 421 49.41 -17.06 -19.99
CA CYS M 421 48.82 -17.26 -21.31
C CYS M 421 48.50 -15.95 -21.99
N THR M 422 47.97 -14.98 -21.22
CA THR M 422 47.63 -13.66 -21.73
C THR M 422 48.86 -12.85 -22.10
N GLN M 423 49.97 -12.97 -21.36
CA GLN M 423 51.24 -12.36 -21.75
C GLN M 423 51.80 -12.96 -23.03
N ALA M 424 51.74 -14.30 -23.20
CA ALA M 424 52.12 -14.98 -24.44
C ALA M 424 51.27 -14.53 -25.63
N ARG M 425 49.96 -14.34 -25.40
CA ARG M 425 48.99 -13.83 -26.36
C ARG M 425 49.25 -12.34 -26.68
N ASN M 426 49.66 -11.53 -25.69
CA ASN M 426 50.06 -10.13 -25.85
C ASN M 426 51.38 -10.00 -26.64
N GLU M 427 52.27 -11.01 -26.55
CA GLU M 427 53.54 -11.01 -27.27
C GLU M 427 53.36 -11.51 -28.71
N GLY M 428 52.15 -11.97 -29.08
CA GLY M 428 51.87 -12.48 -30.42
C GLY M 428 52.56 -13.78 -30.71
N ARG M 429 52.64 -14.67 -29.70
CA ARG M 429 53.23 -15.99 -29.83
C ARG M 429 52.38 -16.97 -30.61
N ASP M 430 52.99 -18.09 -31.04
CA ASP M 430 52.30 -19.20 -31.69
C ASP M 430 51.75 -20.09 -30.58
N LEU M 431 50.71 -19.57 -29.87
CA LEU M 431 50.24 -20.04 -28.58
C LEU M 431 49.88 -21.52 -28.49
N ALA M 432 49.31 -22.10 -29.56
CA ALA M 432 48.97 -23.51 -29.63
C ALA M 432 50.17 -24.44 -29.46
N ARG M 433 51.35 -24.01 -29.94
CA ARG M 433 52.57 -24.78 -29.84
C ARG M 433 53.51 -24.24 -28.78
N GLU M 434 53.56 -22.92 -28.56
CA GLU M 434 54.42 -22.32 -27.54
C GLU M 434 53.92 -22.52 -26.11
N GLY M 435 52.58 -22.58 -25.90
CA GLY M 435 51.97 -22.48 -24.57
C GLY M 435 52.39 -23.46 -23.51
N GLY M 436 52.70 -24.72 -23.87
CA GLY M 436 53.22 -25.72 -22.93
C GLY M 436 54.56 -25.35 -22.35
N ASP M 437 55.42 -24.72 -23.18
CA ASP M 437 56.75 -24.32 -22.79
C ASP M 437 56.69 -23.00 -22.04
N VAL M 438 55.71 -22.12 -22.36
CA VAL M 438 55.42 -20.91 -21.61
C VAL M 438 54.99 -21.21 -20.18
N ILE M 439 54.10 -22.21 -20.01
CA ILE M 439 53.67 -22.71 -18.70
C ILE M 439 54.81 -23.33 -17.92
N ARG M 440 55.64 -24.18 -18.56
CA ARG M 440 56.85 -24.75 -17.99
C ARG M 440 57.86 -23.66 -17.56
N SER M 441 58.01 -22.60 -18.37
CA SER M 441 58.87 -21.46 -18.09
C SER M 441 58.37 -20.66 -16.89
N ALA M 442 57.04 -20.48 -16.76
CA ALA M 442 56.38 -19.82 -15.64
C ALA M 442 56.62 -20.53 -14.31
N CYS M 443 56.67 -21.89 -14.33
CA CYS M 443 56.80 -22.78 -13.18
C CYS M 443 58.11 -22.65 -12.42
N LYS M 444 59.16 -22.02 -13.01
CA LYS M 444 60.47 -21.85 -12.39
C LYS M 444 60.41 -21.20 -11.02
N TRP M 445 59.50 -20.21 -10.85
CA TRP M 445 59.19 -19.66 -9.56
C TRP M 445 57.86 -18.91 -9.66
N SER M 446 56.80 -19.62 -10.08
CA SER M 446 55.70 -19.89 -9.15
C SER M 446 55.71 -21.34 -8.67
N PRO M 447 56.05 -21.67 -7.41
CA PRO M 447 55.89 -23.02 -6.86
C PRO M 447 54.44 -23.49 -6.96
N GLU M 448 53.45 -22.57 -6.85
CA GLU M 448 52.03 -22.89 -6.90
C GLU M 448 51.65 -23.50 -8.25
N LEU M 449 52.22 -22.95 -9.34
CA LEU M 449 52.02 -23.46 -10.69
C LEU M 449 52.82 -24.72 -10.95
N ALA M 450 54.02 -24.88 -10.34
CA ALA M 450 54.79 -26.10 -10.42
C ALA M 450 54.05 -27.31 -9.82
N ALA M 451 53.35 -27.08 -8.68
CA ALA M 451 52.52 -28.07 -8.03
C ALA M 451 51.27 -28.35 -8.85
N ALA M 452 50.68 -27.30 -9.47
CA ALA M 452 49.55 -27.40 -10.38
C ALA M 452 49.86 -28.25 -11.60
N CYS M 453 51.11 -28.20 -12.09
CA CYS M 453 51.54 -28.86 -13.30
C CYS M 453 52.04 -30.26 -13.02
N GLU M 454 52.46 -30.57 -11.78
CA GLU M 454 52.69 -31.96 -11.39
C GLU M 454 51.36 -32.68 -11.11
N VAL M 455 50.42 -32.02 -10.40
CA VAL M 455 49.11 -32.56 -10.03
C VAL M 455 48.25 -32.85 -11.24
N TRP M 456 48.22 -31.91 -12.21
CA TRP M 456 47.52 -32.01 -13.47
C TRP M 456 48.46 -32.23 -14.65
N LYS M 457 49.25 -33.32 -14.67
CA LYS M 457 50.22 -33.54 -15.72
C LYS M 457 49.72 -34.43 -16.86
N GLU M 458 48.50 -34.96 -16.79
CA GLU M 458 47.97 -35.84 -17.82
C GLU M 458 46.86 -35.21 -18.65
N ILE M 459 46.31 -34.05 -18.25
CA ILE M 459 45.25 -33.38 -19.00
C ILE M 459 45.78 -32.55 -20.16
N LYS M 460 45.88 -33.16 -21.36
CA LYS M 460 46.36 -32.47 -22.55
C LYS M 460 45.28 -32.28 -23.59
N PHE M 461 44.03 -32.67 -23.29
CA PHE M 461 42.91 -32.57 -24.20
C PHE M 461 42.63 -31.15 -24.73
N GLU M 462 42.31 -31.04 -26.03
CA GLU M 462 41.98 -29.77 -26.68
C GLU M 462 40.46 -29.69 -26.82
N PHE M 463 39.95 -29.93 -28.03
CA PHE M 463 38.55 -29.97 -28.37
C PHE M 463 38.46 -30.98 -29.50
N ASP M 464 37.37 -31.73 -29.63
CA ASP M 464 37.06 -32.46 -30.85
C ASP M 464 36.35 -31.52 -31.82
N THR M 465 36.42 -31.76 -33.14
CA THR M 465 35.89 -30.80 -34.12
C THR M 465 34.41 -31.04 -34.35
N ILE M 466 34.03 -32.27 -34.75
CA ILE M 466 32.72 -32.59 -35.31
C ILE M 466 31.79 -33.06 -34.20
N ASP M 467 30.59 -32.42 -34.13
CA ASP M 467 29.52 -32.67 -33.18
C ASP M 467 29.22 -34.11 -32.70
N LYS M 468 29.00 -34.26 -31.38
CA LYS M 468 28.72 -35.53 -30.75
C LYS M 468 27.49 -35.39 -29.88
N LEU M 469 26.32 -35.75 -30.43
CA LEU M 469 25.03 -35.54 -29.82
C LEU M 469 24.42 -36.88 -29.35
N MET N 1 -47.13 23.83 -31.42
CA MET N 1 -45.98 22.90 -31.62
C MET N 1 -44.97 22.94 -30.46
N MET N 2 -44.24 21.87 -30.11
CA MET N 2 -44.30 20.51 -30.65
C MET N 2 -44.22 19.51 -29.51
N VAL N 3 -45.27 18.69 -29.31
CA VAL N 3 -45.27 17.59 -28.35
C VAL N 3 -44.36 16.47 -28.83
N TRP N 4 -43.42 16.01 -27.98
CA TRP N 4 -42.49 14.98 -28.39
C TRP N 4 -42.34 13.95 -27.28
N THR N 5 -42.67 12.66 -27.55
CA THR N 5 -42.55 11.53 -26.61
C THR N 5 -43.04 10.27 -27.29
N PRO N 6 -42.25 9.20 -27.48
CA PRO N 6 -42.73 7.91 -28.01
C PRO N 6 -43.77 7.25 -27.09
N VAL N 7 -45.00 6.97 -27.58
CA VAL N 7 -46.06 6.42 -26.73
C VAL N 7 -46.49 5.02 -27.18
N ASN N 8 -46.63 4.10 -26.19
CA ASN N 8 -46.97 2.69 -26.28
C ASN N 8 -45.91 1.82 -26.93
N ASN N 9 -44.77 2.40 -27.27
CA ASN N 9 -43.70 1.76 -28.00
C ASN N 9 -42.50 2.64 -27.75
N LYS N 10 -41.29 2.11 -27.95
CA LYS N 10 -40.06 2.86 -27.80
C LYS N 10 -39.34 2.83 -29.14
N MET N 11 -38.28 3.65 -29.28
CA MET N 11 -37.46 3.69 -30.48
C MET N 11 -36.48 2.54 -30.56
N PHE N 12 -36.81 1.47 -31.32
CA PHE N 12 -35.92 0.35 -31.54
C PHE N 12 -34.76 0.63 -32.49
N GLU N 13 -33.81 1.43 -31.98
CA GLU N 13 -32.54 1.80 -32.60
C GLU N 13 -32.66 2.38 -34.03
N THR N 14 -31.67 2.12 -34.91
CA THR N 14 -31.57 2.75 -36.22
C THR N 14 -32.67 2.35 -37.18
N PHE N 15 -33.35 3.36 -37.78
CA PHE N 15 -34.45 3.27 -38.73
C PHE N 15 -35.80 3.14 -38.06
N SER N 16 -35.87 3.41 -36.74
CA SER N 16 -37.12 3.41 -35.99
C SER N 16 -37.71 4.79 -35.88
N TYR N 17 -36.96 5.84 -36.29
CA TYR N 17 -37.40 7.21 -36.23
C TYR N 17 -38.00 7.63 -37.57
N LEU N 18 -38.11 6.66 -38.50
CA LEU N 18 -38.74 6.78 -39.80
C LEU N 18 -39.78 5.67 -39.94
N PRO N 19 -40.82 5.80 -40.78
CA PRO N 19 -41.83 4.76 -41.03
C PRO N 19 -41.26 3.42 -41.49
N PRO N 20 -41.88 2.27 -41.26
CA PRO N 20 -41.31 0.98 -41.65
C PRO N 20 -41.18 0.79 -43.16
N LEU N 21 -39.97 0.46 -43.65
CA LEU N 21 -39.72 0.12 -45.05
C LEU N 21 -40.49 -1.11 -45.51
N THR N 22 -41.06 -1.11 -46.74
CA THR N 22 -41.80 -2.26 -47.28
C THR N 22 -40.89 -3.43 -47.62
N ASP N 23 -41.45 -4.65 -47.76
CA ASP N 23 -40.70 -5.88 -48.02
C ASP N 23 -39.90 -5.80 -49.33
N GLU N 24 -40.49 -5.14 -50.35
CA GLU N 24 -39.89 -4.85 -51.63
C GLU N 24 -38.71 -3.90 -51.53
N GLN N 25 -38.83 -2.85 -50.68
CA GLN N 25 -37.77 -1.91 -50.38
C GLN N 25 -36.61 -2.55 -49.64
N ILE N 26 -36.91 -3.46 -48.71
CA ILE N 26 -35.93 -4.23 -47.95
C ILE N 26 -35.14 -5.15 -48.88
N ALA N 27 -35.84 -5.88 -49.78
CA ALA N 27 -35.20 -6.72 -50.79
C ALA N 27 -34.34 -5.94 -51.78
N ALA N 28 -34.81 -4.75 -52.22
CA ALA N 28 -34.07 -3.86 -53.11
C ALA N 28 -32.80 -3.31 -52.48
N GLN N 29 -32.88 -2.94 -51.18
CA GLN N 29 -31.74 -2.46 -50.42
C GLN N 29 -30.76 -3.57 -50.08
N VAL N 30 -31.24 -4.82 -49.92
CA VAL N 30 -30.37 -5.99 -49.79
C VAL N 30 -29.62 -6.26 -51.09
N ASP N 31 -30.30 -6.20 -52.26
CA ASP N 31 -29.67 -6.38 -53.56
C ASP N 31 -28.55 -5.35 -53.81
N TYR N 32 -28.81 -4.08 -53.43
CA TYR N 32 -27.85 -3.00 -53.44
C TYR N 32 -26.66 -3.25 -52.50
N ILE N 33 -26.91 -3.68 -51.24
CA ILE N 33 -25.87 -3.90 -50.24
C ILE N 33 -24.98 -5.07 -50.66
N VAL N 34 -25.58 -6.10 -51.30
CA VAL N 34 -24.86 -7.22 -51.89
C VAL N 34 -24.01 -6.76 -53.07
N ALA N 35 -24.54 -5.89 -53.95
CA ALA N 35 -23.83 -5.27 -55.05
C ALA N 35 -22.62 -4.44 -54.61
N ASN N 36 -22.72 -3.81 -53.43
CA ASN N 36 -21.67 -2.99 -52.85
C ASN N 36 -20.64 -3.83 -52.08
N GLY N 37 -20.78 -5.18 -52.07
CA GLY N 37 -19.78 -6.08 -51.51
C GLY N 37 -19.96 -6.43 -50.06
N TRP N 38 -21.15 -6.15 -49.49
CA TRP N 38 -21.48 -6.49 -48.12
C TRP N 38 -22.09 -7.88 -48.08
N ILE N 39 -21.92 -8.62 -46.96
CA ILE N 39 -22.43 -9.97 -46.82
C ILE N 39 -23.56 -10.04 -45.78
N PRO N 40 -24.84 -10.16 -46.17
CA PRO N 40 -25.97 -10.25 -45.25
C PRO N 40 -26.00 -11.44 -44.31
N CYS N 41 -26.64 -11.25 -43.13
CA CYS N 41 -27.01 -12.32 -42.22
C CYS N 41 -28.38 -11.98 -41.65
N LEU N 42 -29.28 -12.97 -41.55
CA LEU N 42 -30.60 -12.79 -40.95
C LEU N 42 -30.53 -13.21 -39.49
N GLU N 43 -31.01 -12.36 -38.58
CA GLU N 43 -30.87 -12.60 -37.16
C GLU N 43 -32.14 -12.18 -36.43
N PHE N 44 -32.34 -12.70 -35.21
CA PHE N 44 -33.55 -12.49 -34.45
C PHE N 44 -33.22 -12.38 -32.97
N ALA N 45 -34.11 -11.76 -32.18
CA ALA N 45 -33.91 -11.59 -30.76
C ALA N 45 -35.22 -11.54 -30.01
N GLU N 46 -35.28 -12.25 -28.86
CA GLU N 46 -36.42 -12.34 -27.97
C GLU N 46 -36.83 -10.97 -27.43
N ALA N 47 -38.12 -10.72 -27.16
CA ALA N 47 -38.66 -9.40 -26.88
C ALA N 47 -37.95 -8.63 -25.75
N ASP N 48 -37.60 -9.31 -24.64
CA ASP N 48 -36.84 -8.72 -23.56
C ASP N 48 -35.34 -8.71 -23.83
N LYS N 49 -34.87 -9.50 -24.81
CA LYS N 49 -33.45 -9.62 -25.16
C LYS N 49 -33.04 -8.71 -26.31
N ALA N 50 -34.00 -8.01 -26.94
CA ALA N 50 -33.75 -7.02 -27.97
C ALA N 50 -33.81 -5.60 -27.42
N TYR N 51 -34.11 -5.46 -26.13
CA TYR N 51 -34.23 -4.19 -25.44
C TYR N 51 -33.14 -4.19 -24.38
N VAL N 52 -32.28 -3.15 -24.35
CA VAL N 52 -31.06 -3.12 -23.55
C VAL N 52 -31.29 -3.31 -22.04
N SER N 53 -30.39 -4.03 -21.34
CA SER N 53 -30.56 -4.38 -19.94
C SER N 53 -29.24 -4.22 -19.25
N ASN N 54 -29.26 -3.86 -17.95
CA ASN N 54 -28.05 -3.74 -17.16
C ASN N 54 -28.12 -4.58 -15.90
N GLU N 55 -29.15 -5.44 -15.74
CA GLU N 55 -29.38 -6.21 -14.53
C GLU N 55 -28.27 -7.19 -14.18
N SER N 56 -27.65 -7.80 -15.21
CA SER N 56 -26.59 -8.79 -15.10
C SER N 56 -25.30 -8.28 -14.47
N ALA N 57 -25.20 -6.95 -14.30
CA ALA N 57 -24.17 -6.22 -13.57
C ALA N 57 -24.08 -6.63 -12.10
N ILE N 58 -25.15 -7.25 -11.56
CA ILE N 58 -25.24 -7.81 -10.23
C ILE N 58 -24.22 -8.94 -9.99
N ARG N 59 -23.95 -9.77 -11.03
CA ARG N 59 -23.02 -10.88 -10.93
C ARG N 59 -21.54 -10.51 -10.94
N PHE N 60 -21.16 -9.31 -11.45
CA PHE N 60 -19.76 -8.94 -11.65
C PHE N 60 -19.30 -7.78 -10.77
N GLY N 61 -18.07 -7.85 -10.20
CA GLY N 61 -17.56 -6.86 -9.24
C GLY N 61 -17.15 -5.50 -9.75
N SER N 62 -16.84 -5.38 -11.05
CA SER N 62 -16.45 -4.11 -11.66
C SER N 62 -17.48 -3.74 -12.69
N VAL N 63 -18.30 -2.70 -12.44
CA VAL N 63 -19.41 -2.31 -13.28
C VAL N 63 -19.56 -0.79 -13.23
N SER N 64 -20.13 -0.11 -14.23
CA SER N 64 -20.62 -0.54 -15.54
C SER N 64 -19.53 -1.11 -16.43
N CYS N 65 -18.33 -0.50 -16.40
CA CYS N 65 -17.10 -0.88 -17.09
C CYS N 65 -17.21 -1.35 -18.54
N LEU N 66 -17.94 -0.58 -19.38
CA LEU N 66 -18.19 -0.83 -20.80
C LEU N 66 -19.10 -2.02 -21.11
N TYR N 67 -19.40 -2.88 -20.13
CA TYR N 67 -20.34 -4.00 -20.23
C TYR N 67 -21.76 -3.59 -20.61
N TYR N 68 -22.45 -4.44 -21.41
CA TYR N 68 -23.83 -4.25 -21.78
C TYR N 68 -24.50 -5.62 -21.81
N ASP N 69 -25.85 -5.64 -21.76
CA ASP N 69 -26.60 -6.88 -21.86
C ASP N 69 -27.89 -6.60 -22.63
N ASN N 70 -28.55 -7.67 -23.11
CA ASN N 70 -29.76 -7.67 -23.95
C ASN N 70 -29.69 -6.75 -25.18
N ARG N 71 -28.54 -6.82 -25.88
CA ARG N 71 -28.34 -6.22 -27.18
C ARG N 71 -27.68 -7.19 -28.15
N TYR N 72 -27.88 -8.50 -27.91
CA TYR N 72 -27.31 -9.57 -28.69
C TYR N 72 -28.40 -10.28 -29.49
N TRP N 73 -28.12 -10.56 -30.78
CA TRP N 73 -29.06 -11.13 -31.71
C TRP N 73 -28.61 -12.53 -32.09
N THR N 74 -29.54 -13.48 -32.23
CA THR N 74 -29.30 -14.87 -32.57
C THR N 74 -29.45 -15.07 -34.06
N MET N 75 -28.56 -15.82 -34.74
CA MET N 75 -28.61 -16.02 -36.18
C MET N 75 -29.64 -17.04 -36.68
N TRP N 76 -30.31 -16.73 -37.80
CA TRP N 76 -31.27 -17.61 -38.44
C TRP N 76 -30.60 -18.64 -39.35
N LYS N 77 -30.16 -19.77 -38.75
CA LYS N 77 -29.62 -20.97 -39.39
C LYS N 77 -28.27 -20.82 -40.07
N LEU N 78 -28.19 -19.94 -41.08
CA LEU N 78 -27.02 -19.76 -41.93
C LEU N 78 -26.81 -18.27 -42.19
N PRO N 79 -25.58 -17.80 -42.41
CA PRO N 79 -25.33 -16.51 -43.05
C PRO N 79 -25.47 -16.65 -44.57
N MET N 80 -25.59 -15.54 -45.33
CA MET N 80 -25.75 -15.61 -46.78
C MET N 80 -24.43 -15.82 -47.54
N PHE N 81 -23.70 -16.92 -47.24
CA PHE N 81 -22.45 -17.27 -47.91
C PHE N 81 -22.78 -18.08 -49.16
N GLY N 82 -22.09 -17.80 -50.29
CA GLY N 82 -22.41 -18.42 -51.58
C GLY N 82 -23.58 -17.69 -52.20
N CYS N 83 -24.76 -18.34 -52.29
CA CYS N 83 -25.99 -17.75 -52.82
C CYS N 83 -26.42 -16.49 -52.08
N ARG N 84 -26.83 -15.43 -52.83
CA ARG N 84 -27.20 -14.14 -52.26
C ARG N 84 -28.65 -13.73 -52.45
N ASP N 85 -29.49 -14.54 -53.13
CA ASP N 85 -30.89 -14.25 -53.46
C ASP N 85 -31.76 -13.52 -52.41
N PRO N 86 -32.22 -12.27 -52.63
CA PRO N 86 -33.10 -11.56 -51.71
C PRO N 86 -34.45 -12.23 -51.51
N MET N 87 -34.89 -13.09 -52.46
CA MET N 87 -36.14 -13.81 -52.32
C MET N 87 -35.98 -15.02 -51.41
N GLN N 88 -34.75 -15.58 -51.31
CA GLN N 88 -34.41 -16.54 -50.27
C GLN N 88 -34.44 -15.90 -48.89
N VAL N 89 -33.94 -14.65 -48.79
CA VAL N 89 -33.97 -13.88 -47.55
C VAL N 89 -35.41 -13.60 -47.12
N LEU N 90 -36.28 -13.22 -48.08
CA LEU N 90 -37.70 -13.02 -47.83
C LEU N 90 -38.42 -14.29 -47.39
N ARG N 91 -38.10 -15.46 -47.99
CA ARG N 91 -38.61 -16.75 -47.52
C ARG N 91 -38.15 -17.11 -46.11
N GLU N 92 -36.88 -16.83 -45.79
CA GLU N 92 -36.32 -17.03 -44.47
C GLU N 92 -36.96 -16.11 -43.42
N ILE N 93 -37.24 -14.83 -43.78
CA ILE N 93 -37.96 -13.89 -42.92
C ILE N 93 -39.36 -14.39 -42.59
N VAL N 94 -40.10 -14.92 -43.59
CA VAL N 94 -41.39 -15.55 -43.38
C VAL N 94 -41.33 -16.78 -42.50
N ALA N 95 -40.35 -17.69 -42.73
CA ALA N 95 -40.14 -18.86 -41.91
C ALA N 95 -39.77 -18.53 -40.46
N CYS N 96 -38.94 -17.50 -40.27
CA CYS N 96 -38.54 -16.94 -38.98
C CYS N 96 -39.74 -16.35 -38.25
N THR N 97 -40.56 -15.56 -38.97
CA THR N 97 -41.76 -14.90 -38.47
C THR N 97 -42.79 -15.91 -38.00
N LYS N 98 -42.99 -17.01 -38.78
CA LYS N 98 -43.82 -18.12 -38.37
C LYS N 98 -43.28 -18.90 -37.16
N ALA N 99 -41.96 -19.13 -37.12
CA ALA N 99 -41.29 -19.83 -36.03
C ALA N 99 -41.32 -19.08 -34.70
N PHE N 100 -41.14 -17.74 -34.70
CA PHE N 100 -41.10 -17.00 -33.45
C PHE N 100 -42.00 -15.77 -33.46
N PRO N 101 -43.23 -15.84 -32.96
CA PRO N 101 -44.13 -14.67 -32.93
C PRO N 101 -43.72 -13.68 -31.85
N ASP N 102 -43.02 -14.12 -30.79
CA ASP N 102 -42.68 -13.30 -29.66
C ASP N 102 -41.23 -12.81 -29.72
N ALA N 103 -40.52 -13.07 -30.84
CA ALA N 103 -39.18 -12.56 -31.07
C ALA N 103 -39.18 -11.54 -32.21
N TYR N 104 -38.27 -10.56 -32.15
CA TYR N 104 -38.04 -9.59 -33.20
C TYR N 104 -37.07 -10.15 -34.24
N VAL N 105 -37.28 -9.85 -35.54
CA VAL N 105 -36.45 -10.29 -36.64
C VAL N 105 -35.84 -9.08 -37.32
N ARG N 106 -34.51 -9.09 -37.60
CA ARG N 106 -33.80 -7.98 -38.19
C ARG N 106 -32.76 -8.48 -39.20
N LEU N 107 -32.37 -7.66 -40.20
CA LEU N 107 -31.26 -7.98 -41.08
C LEU N 107 -30.01 -7.19 -40.72
N VAL N 108 -28.86 -7.87 -40.74
CA VAL N 108 -27.55 -7.29 -40.47
C VAL N 108 -26.64 -7.73 -41.60
N ALA N 109 -25.47 -7.11 -41.78
CA ALA N 109 -24.56 -7.49 -42.85
C ALA N 109 -23.15 -7.17 -42.41
N PHE N 110 -22.10 -7.72 -43.06
CA PHE N 110 -20.75 -7.27 -42.75
C PHE N 110 -19.89 -6.95 -43.97
N ASP N 111 -18.92 -6.04 -43.76
CA ASP N 111 -17.85 -5.67 -44.66
C ASP N 111 -16.58 -6.39 -44.24
N ASN N 112 -16.14 -7.40 -45.02
CA ASN N 112 -15.03 -8.25 -44.65
C ASN N 112 -13.64 -7.61 -44.70
N GLN N 113 -13.46 -6.38 -45.24
CA GLN N 113 -12.15 -5.73 -45.34
C GLN N 113 -11.43 -5.55 -44.00
N LYS N 114 -12.13 -5.01 -42.99
CA LYS N 114 -11.69 -4.86 -41.61
C LYS N 114 -12.65 -5.63 -40.69
N GLN N 115 -13.39 -6.61 -41.26
CA GLN N 115 -14.48 -7.38 -40.67
C GLN N 115 -15.44 -6.65 -39.71
N VAL N 116 -16.17 -5.64 -40.22
CA VAL N 116 -17.11 -4.87 -39.42
C VAL N 116 -18.54 -5.21 -39.81
N GLN N 117 -19.37 -5.50 -38.79
CA GLN N 117 -20.77 -5.83 -38.95
C GLN N 117 -21.64 -4.58 -38.83
N ILE N 118 -22.56 -4.39 -39.77
CA ILE N 118 -23.53 -3.30 -39.81
C ILE N 118 -24.88 -3.85 -39.40
N MET N 119 -25.57 -3.15 -38.48
CA MET N 119 -26.86 -3.58 -37.97
C MET N 119 -27.85 -2.65 -38.66
N GLY N 120 -28.62 -3.20 -39.61
CA GLY N 120 -29.46 -2.40 -40.49
C GLY N 120 -30.92 -2.42 -40.15
N PHE N 121 -31.77 -2.30 -41.18
CA PHE N 121 -33.21 -2.39 -41.06
C PHE N 121 -33.66 -3.85 -40.84
N LEU N 122 -34.75 -4.12 -40.11
CA LEU N 122 -35.59 -3.25 -39.32
C LEU N 122 -36.04 -4.11 -38.15
N VAL N 123 -36.28 -3.58 -36.94
CA VAL N 123 -36.71 -4.40 -35.82
C VAL N 123 -38.21 -4.62 -35.92
N GLN N 124 -38.61 -5.86 -36.26
CA GLN N 124 -39.98 -6.21 -36.62
C GLN N 124 -40.43 -7.53 -36.05
N ARG N 125 -41.69 -7.60 -35.61
CA ARG N 125 -42.30 -8.75 -34.99
C ARG N 125 -43.77 -8.74 -35.41
N PRO N 126 -44.51 -9.83 -35.57
CA PRO N 126 -45.91 -9.78 -36.03
C PRO N 126 -46.86 -9.30 -34.95
N LYS N 127 -46.32 -8.87 -33.79
CA LYS N 127 -47.04 -8.30 -32.68
C LYS N 127 -46.42 -6.94 -32.36
N THR N 128 -45.62 -6.37 -33.30
CA THR N 128 -44.97 -5.05 -33.18
C THR N 128 -45.87 -3.95 -32.63
N ALA N 129 -45.36 -3.20 -31.62
CA ALA N 129 -46.12 -2.18 -30.92
C ALA N 129 -46.30 -0.90 -31.74
N ARG N 130 -47.16 -0.01 -31.24
CA ARG N 130 -47.65 1.23 -31.85
C ARG N 130 -46.75 2.00 -32.82
N ASP N 131 -47.30 2.40 -33.99
CA ASP N 131 -46.60 3.20 -34.97
C ASP N 131 -46.62 4.69 -34.60
N PHE N 132 -45.59 5.44 -35.02
CA PHE N 132 -45.41 6.83 -34.70
C PHE N 132 -45.71 7.66 -35.98
N THR O 1 33.11 -40.88 5.87
CA THR O 1 33.46 -39.67 6.67
C THR O 1 32.28 -38.74 6.87
N LYS O 2 32.08 -38.20 8.08
CA LYS O 2 31.06 -37.20 8.37
C LYS O 2 31.57 -35.78 8.18
N ALA O 3 32.83 -35.63 7.73
CA ALA O 3 33.57 -34.42 7.40
C ALA O 3 34.95 -34.50 8.02
N GLY O 4 35.95 -33.86 7.39
CA GLY O 4 37.33 -33.86 7.88
C GLY O 4 38.18 -34.98 7.35
N ALA O 5 38.17 -35.22 6.03
CA ALA O 5 38.97 -36.26 5.41
C ALA O 5 40.02 -35.65 4.48
N GLY O 6 41.30 -36.04 4.64
CA GLY O 6 42.40 -35.56 3.81
C GLY O 6 42.66 -36.36 2.58
N PHE O 7 41.65 -36.54 1.71
CA PHE O 7 41.74 -37.24 0.43
C PHE O 7 42.99 -36.95 -0.41
N LYS O 8 43.75 -37.98 -0.82
CA LYS O 8 44.87 -37.84 -1.73
C LYS O 8 44.42 -37.36 -3.11
N ALA O 9 45.27 -36.60 -3.82
CA ALA O 9 44.95 -36.04 -5.13
C ALA O 9 44.53 -37.05 -6.20
N GLY O 10 43.57 -36.66 -7.05
CA GLY O 10 43.02 -37.49 -8.12
C GLY O 10 41.55 -37.69 -7.93
N VAL O 11 40.96 -38.67 -8.61
CA VAL O 11 39.55 -39.02 -8.48
C VAL O 11 39.45 -40.50 -8.18
N LYS O 12 38.81 -40.86 -7.05
CA LYS O 12 38.58 -42.23 -6.63
C LYS O 12 37.51 -42.91 -7.48
N ASP O 13 37.60 -44.25 -7.71
CA ASP O 13 36.63 -45.00 -8.50
C ASP O 13 35.22 -44.84 -7.96
N TYR O 14 34.25 -44.47 -8.83
CA TYR O 14 32.87 -44.23 -8.45
C TYR O 14 32.21 -45.50 -7.94
N ARG O 15 32.66 -46.68 -8.38
CA ARG O 15 32.17 -47.96 -7.91
C ARG O 15 32.67 -48.32 -6.51
N LEU O 16 33.72 -47.62 -6.04
CA LEU O 16 34.25 -47.76 -4.70
C LEU O 16 33.76 -46.63 -3.81
N THR O 17 32.91 -45.72 -4.31
CA THR O 17 32.47 -44.56 -3.51
C THR O 17 31.00 -44.23 -3.60
N TYR O 18 30.29 -44.51 -4.71
CA TYR O 18 28.88 -44.16 -4.87
C TYR O 18 28.01 -45.35 -5.27
N TYR O 19 28.50 -46.59 -5.15
CA TYR O 19 27.76 -47.80 -5.49
C TYR O 19 27.52 -48.72 -4.30
N THR O 20 26.25 -49.03 -3.99
CA THR O 20 25.86 -49.81 -2.81
C THR O 20 24.65 -50.69 -3.14
N PRO O 21 24.79 -51.87 -3.73
CA PRO O 21 23.66 -52.68 -4.18
C PRO O 21 22.97 -53.41 -3.03
N ASP O 22 23.41 -53.20 -1.78
CA ASP O 22 22.86 -53.75 -0.56
C ASP O 22 22.22 -52.67 0.32
N TYR O 23 22.06 -51.44 -0.21
CA TYR O 23 21.52 -50.30 0.52
C TYR O 23 20.09 -50.50 1.05
N VAL O 24 19.82 -50.02 2.30
CA VAL O 24 18.50 -50.05 2.90
C VAL O 24 17.97 -48.62 2.94
N VAL O 25 16.95 -48.33 2.13
CA VAL O 25 16.36 -47.01 1.97
C VAL O 25 15.75 -46.41 3.23
N ARG O 26 15.67 -45.07 3.31
CA ARG O 26 14.94 -44.40 4.37
C ARG O 26 13.59 -43.99 3.84
N ASP O 27 12.63 -43.68 4.75
CA ASP O 27 11.29 -43.24 4.41
C ASP O 27 11.33 -41.79 3.94
N THR O 28 12.45 -41.11 4.21
CA THR O 28 12.74 -39.74 3.83
C THR O 28 13.60 -39.67 2.57
N ASP O 29 14.05 -40.82 2.01
CA ASP O 29 14.88 -40.83 0.82
C ASP O 29 14.09 -40.58 -0.48
N ILE O 30 14.72 -39.87 -1.42
CA ILE O 30 14.22 -39.58 -2.76
C ILE O 30 14.91 -40.55 -3.71
N LEU O 31 14.16 -41.37 -4.47
CA LEU O 31 14.78 -42.32 -5.39
C LEU O 31 14.39 -42.04 -6.83
N ALA O 32 15.29 -42.32 -7.78
CA ALA O 32 15.03 -42.16 -9.19
C ALA O 32 15.48 -43.39 -9.97
N ALA O 33 14.64 -43.85 -10.93
CA ALA O 33 14.93 -44.98 -11.79
C ALA O 33 15.10 -44.48 -13.21
N PHE O 34 16.25 -44.79 -13.86
CA PHE O 34 16.58 -44.32 -15.19
C PHE O 34 16.93 -45.47 -16.12
N ARG O 35 16.50 -45.40 -17.39
CA ARG O 35 16.90 -46.31 -18.45
C ARG O 35 18.06 -45.67 -19.22
N MET O 36 19.21 -46.33 -19.36
CA MET O 36 20.42 -45.70 -19.90
C MET O 36 21.18 -46.56 -20.89
N THR O 37 21.87 -45.92 -21.86
CA THR O 37 22.88 -46.59 -22.68
C THR O 37 24.20 -45.80 -22.63
N PRO O 38 25.27 -46.30 -21.97
CA PRO O 38 26.61 -45.71 -22.00
C PRO O 38 27.25 -45.61 -23.39
N GLN O 39 28.25 -44.73 -23.59
CA GLN O 39 29.12 -44.74 -24.75
C GLN O 39 30.08 -45.92 -24.66
N LEU O 40 30.50 -46.46 -25.83
CA LEU O 40 31.30 -47.66 -25.92
C LEU O 40 32.66 -47.63 -25.21
N GLY O 41 32.82 -48.55 -24.24
CA GLY O 41 34.03 -48.71 -23.44
C GLY O 41 33.83 -48.41 -21.98
N VAL O 42 32.76 -47.69 -21.61
CA VAL O 42 32.49 -47.34 -20.22
C VAL O 42 31.64 -48.41 -19.55
N PRO O 43 32.04 -49.10 -18.47
CA PRO O 43 31.20 -50.01 -17.70
C PRO O 43 29.87 -49.41 -17.22
N PRO O 44 28.73 -50.08 -17.23
CA PRO O 44 27.46 -49.45 -16.84
C PRO O 44 27.39 -49.12 -15.36
N GLU O 45 28.14 -49.81 -14.48
CA GLU O 45 28.17 -49.47 -13.08
C GLU O 45 29.08 -48.26 -12.84
N GLU O 46 30.12 -48.09 -13.68
CA GLU O 46 30.95 -46.88 -13.66
C GLU O 46 30.15 -45.66 -14.10
N CYS O 47 29.33 -45.82 -15.15
CA CYS O 47 28.41 -44.79 -15.63
C CYS O 47 27.31 -44.45 -14.63
N GLY O 48 26.63 -45.48 -14.06
CA GLY O 48 25.57 -45.30 -13.07
C GLY O 48 26.03 -44.60 -11.80
N ALA O 49 27.18 -45.07 -11.26
CA ALA O 49 27.85 -44.48 -10.13
C ALA O 49 28.31 -43.05 -10.40
N ALA O 50 28.86 -42.76 -11.60
CA ALA O 50 29.27 -41.43 -12.03
C ALA O 50 28.11 -40.45 -12.11
N VAL O 51 26.92 -40.92 -12.58
CA VAL O 51 25.70 -40.12 -12.60
C VAL O 51 25.24 -39.76 -11.18
N ALA O 52 25.27 -40.76 -10.26
CA ALA O 52 24.96 -40.57 -8.85
C ALA O 52 25.96 -39.64 -8.15
N ALA O 53 27.25 -39.73 -8.50
CA ALA O 53 28.31 -38.92 -7.95
C ALA O 53 28.23 -37.48 -8.43
N GLU O 54 27.97 -37.26 -9.73
CA GLU O 54 27.87 -35.92 -10.30
C GLU O 54 26.61 -35.18 -9.90
N SER O 55 25.49 -35.90 -9.69
CA SER O 55 24.27 -35.26 -9.21
C SER O 55 24.25 -35.01 -7.71
N SER O 56 25.14 -35.67 -6.94
CA SER O 56 25.30 -35.45 -5.50
C SER O 56 26.43 -34.51 -5.14
N THR O 57 27.67 -34.84 -5.55
CA THR O 57 28.90 -34.20 -5.11
C THR O 57 29.57 -33.47 -6.26
N GLY O 58 30.07 -34.23 -7.24
CA GLY O 58 30.73 -33.74 -8.43
C GLY O 58 32.21 -33.55 -8.25
N THR O 59 33.01 -33.95 -9.26
CA THR O 59 34.45 -33.77 -9.17
C THR O 59 35.11 -33.80 -10.53
N TRP O 60 36.26 -33.12 -10.63
CA TRP O 60 37.11 -33.11 -11.79
C TRP O 60 38.56 -33.17 -11.29
N THR O 61 38.73 -33.50 -9.98
CA THR O 61 39.96 -33.62 -9.20
C THR O 61 39.55 -33.38 -7.76
N THR O 62 39.78 -34.36 -6.87
CA THR O 62 39.38 -34.29 -5.47
C THR O 62 40.63 -34.28 -4.62
N VAL O 63 40.67 -33.36 -3.63
CA VAL O 63 41.74 -33.28 -2.65
C VAL O 63 41.06 -33.06 -1.30
N TRP O 64 41.82 -32.70 -0.25
CA TRP O 64 41.33 -32.45 1.10
C TRP O 64 40.17 -31.46 1.21
N THR O 65 40.00 -30.53 0.24
CA THR O 65 38.94 -29.54 0.28
C THR O 65 37.57 -30.14 0.01
N ASP O 66 37.50 -31.34 -0.63
CA ASP O 66 36.26 -32.05 -0.78
C ASP O 66 35.87 -32.73 0.54
N GLY O 67 36.86 -32.85 1.45
CA GLY O 67 36.73 -33.30 2.83
C GLY O 67 36.05 -32.33 3.76
N LEU O 68 35.85 -31.07 3.31
CA LEU O 68 35.18 -30.03 4.07
C LEU O 68 33.69 -30.30 4.29
N THR O 69 33.03 -30.97 3.34
CA THR O 69 31.60 -31.27 3.43
C THR O 69 31.37 -32.61 4.11
N SER O 70 30.20 -32.77 4.75
CA SER O 70 29.80 -34.00 5.39
C SER O 70 29.26 -34.98 4.37
N LEU O 71 29.96 -36.11 4.13
CA LEU O 71 29.61 -37.03 3.06
C LEU O 71 28.70 -38.14 3.55
N ASP O 72 29.15 -38.91 4.57
CA ASP O 72 28.56 -40.07 5.21
C ASP O 72 27.24 -40.62 4.65
N ARG O 73 26.12 -40.29 5.32
CA ARG O 73 24.77 -40.71 5.01
C ARG O 73 24.09 -39.66 4.12
N TYR O 74 24.80 -38.56 3.84
CA TYR O 74 24.30 -37.37 3.18
C TYR O 74 24.51 -37.39 1.67
N LYS O 75 25.35 -38.31 1.15
CA LYS O 75 25.66 -38.40 -0.27
C LYS O 75 24.70 -39.36 -0.97
N GLY O 76 24.43 -39.12 -2.27
CA GLY O 76 23.68 -40.03 -3.13
C GLY O 76 24.27 -41.41 -3.29
N ARG O 77 23.40 -42.42 -3.49
CA ARG O 77 23.83 -43.81 -3.56
C ARG O 77 23.25 -44.51 -4.79
N CYS O 78 24.06 -45.23 -5.57
CA CYS O 78 23.61 -46.03 -6.68
C CYS O 78 23.32 -47.46 -6.20
N TYR O 79 22.07 -47.93 -6.35
CA TYR O 79 21.63 -49.25 -5.96
C TYR O 79 21.89 -50.22 -7.13
N ASP O 80 21.58 -51.52 -6.97
CA ASP O 80 21.69 -52.55 -7.99
C ASP O 80 20.99 -52.17 -9.31
N ILE O 81 21.61 -52.46 -10.47
CA ILE O 81 21.11 -52.06 -11.78
C ILE O 81 20.82 -53.32 -12.57
N GLU O 82 20.03 -53.24 -13.65
CA GLU O 82 19.66 -54.44 -14.40
C GLU O 82 19.75 -54.15 -15.90
N PRO O 83 20.00 -55.12 -16.78
CA PRO O 83 19.88 -54.95 -18.22
C PRO O 83 18.45 -54.83 -18.71
N VAL O 84 18.24 -54.12 -19.84
CA VAL O 84 16.96 -53.98 -20.51
C VAL O 84 16.84 -55.04 -21.60
N PRO O 85 15.73 -55.79 -21.76
CA PRO O 85 15.66 -56.88 -22.72
C PRO O 85 15.63 -56.42 -24.18
N GLY O 86 15.06 -55.23 -24.49
CA GLY O 86 14.93 -54.73 -25.87
C GLY O 86 16.22 -54.35 -26.56
N GLU O 87 17.24 -53.88 -25.82
CA GLU O 87 18.50 -53.48 -26.41
C GLU O 87 19.64 -53.83 -25.49
N ASP O 88 20.67 -54.52 -26.02
CA ASP O 88 21.78 -55.11 -25.28
C ASP O 88 22.61 -54.11 -24.48
N ASN O 89 22.80 -52.87 -24.97
CA ASN O 89 23.55 -51.85 -24.25
C ASN O 89 22.64 -50.97 -23.39
N GLN O 90 21.34 -51.26 -23.29
CA GLN O 90 20.46 -50.54 -22.39
C GLN O 90 20.32 -51.21 -21.02
N TYR O 91 20.36 -50.40 -19.94
CA TYR O 91 20.30 -50.83 -18.55
C TYR O 91 19.34 -49.95 -17.78
N ILE O 92 18.77 -50.44 -16.67
CA ILE O 92 17.99 -49.63 -15.74
C ILE O 92 18.84 -49.36 -14.51
N ALA O 93 19.16 -48.08 -14.27
CA ALA O 93 19.89 -47.58 -13.12
C ALA O 93 18.93 -47.09 -12.03
N TYR O 94 19.26 -47.38 -10.75
CA TYR O 94 18.47 -47.01 -9.60
C TYR O 94 19.29 -46.14 -8.64
N VAL O 95 18.93 -44.86 -8.44
CA VAL O 95 19.73 -43.94 -7.62
C VAL O 95 18.92 -43.38 -6.47
N ALA O 96 19.46 -43.47 -5.23
CA ALA O 96 18.86 -42.88 -4.04
C ALA O 96 19.58 -41.60 -3.62
N TYR O 97 18.81 -40.62 -3.12
CA TYR O 97 19.27 -39.35 -2.59
C TYR O 97 18.61 -39.15 -1.22
N PRO O 98 19.27 -38.69 -0.17
CA PRO O 98 18.60 -38.36 1.08
C PRO O 98 17.94 -36.98 1.06
N ILE O 99 17.00 -36.72 1.99
CA ILE O 99 16.28 -35.46 2.12
C ILE O 99 17.21 -34.29 2.41
N ASP O 100 18.32 -34.57 3.11
CA ASP O 100 19.38 -33.68 3.53
C ASP O 100 19.97 -32.84 2.40
N LEU O 101 19.97 -33.35 1.16
CA LEU O 101 20.58 -32.73 0.00
C LEU O 101 19.73 -31.64 -0.68
N PHE O 102 18.40 -31.61 -0.49
CA PHE O 102 17.52 -30.69 -1.23
C PHE O 102 16.74 -29.72 -0.36
N GLU O 103 16.46 -28.49 -0.86
CA GLU O 103 15.54 -27.56 -0.20
C GLU O 103 14.12 -28.13 -0.21
N GLU O 104 13.37 -28.02 0.91
CA GLU O 104 12.07 -28.64 1.10
C GLU O 104 10.98 -28.19 0.11
N GLY O 105 10.56 -29.09 -0.82
CA GLY O 105 9.56 -28.82 -1.85
C GLY O 105 9.97 -27.80 -2.88
N SER O 106 11.29 -27.66 -3.14
CA SER O 106 11.83 -26.64 -4.03
C SER O 106 11.96 -27.14 -5.45
N VAL O 107 11.00 -26.77 -6.32
CA VAL O 107 10.87 -27.35 -7.64
C VAL O 107 12.01 -27.09 -8.62
N THR O 108 12.65 -25.89 -8.65
CA THR O 108 13.78 -25.69 -9.58
C THR O 108 15.04 -26.33 -9.04
N ASN O 109 15.16 -26.48 -7.70
CA ASN O 109 16.32 -27.12 -7.11
C ASN O 109 16.27 -28.62 -7.35
N MET O 110 15.10 -29.24 -7.12
CA MET O 110 14.85 -30.64 -7.43
C MET O 110 14.97 -30.94 -8.92
N PHE O 111 14.36 -30.10 -9.79
CA PHE O 111 14.43 -30.22 -11.24
C PHE O 111 15.85 -30.13 -11.78
N THR O 112 16.61 -29.10 -11.35
CA THR O 112 18.00 -28.93 -11.76
C THR O 112 18.88 -30.06 -11.24
N SER O 113 18.70 -30.49 -9.97
CA SER O 113 19.46 -31.61 -9.41
C SER O 113 19.24 -32.96 -10.08
N ILE O 114 17.96 -33.31 -10.33
CA ILE O 114 17.51 -34.60 -10.80
C ILE O 114 17.54 -34.72 -12.32
N VAL O 115 17.15 -33.66 -13.04
CA VAL O 115 17.09 -33.68 -14.49
C VAL O 115 18.20 -32.84 -15.08
N GLY O 116 18.40 -31.58 -14.63
CA GLY O 116 19.38 -30.66 -15.21
C GLY O 116 20.81 -31.15 -15.23
N ASN O 117 21.35 -31.55 -14.07
CA ASN O 117 22.71 -32.06 -13.94
C ASN O 117 22.87 -33.43 -14.61
N VAL O 118 21.91 -34.33 -14.35
CA VAL O 118 21.91 -35.72 -14.81
C VAL O 118 21.86 -35.91 -16.31
N PHE O 119 20.96 -35.20 -17.02
CA PHE O 119 20.74 -35.40 -18.43
C PHE O 119 21.64 -34.50 -19.24
N GLY O 120 22.97 -34.70 -19.12
CA GLY O 120 23.97 -33.90 -19.82
C GLY O 120 25.14 -34.68 -20.37
N PHE O 121 25.78 -35.52 -19.53
CA PHE O 121 27.03 -36.25 -19.74
C PHE O 121 27.36 -36.74 -21.15
N LYS O 122 28.56 -36.38 -21.65
CA LYS O 122 29.06 -36.72 -22.96
C LYS O 122 29.45 -38.18 -23.17
N ALA O 123 29.76 -38.91 -22.09
CA ALA O 123 30.06 -40.34 -22.16
C ALA O 123 28.79 -41.19 -22.04
N LEU O 124 27.63 -40.52 -21.92
CA LEU O 124 26.30 -41.12 -21.92
C LEU O 124 25.65 -40.91 -23.28
N ARG O 125 25.27 -41.98 -24.01
CA ARG O 125 24.66 -41.85 -25.34
C ARG O 125 23.20 -41.44 -25.26
N ALA O 126 22.39 -42.16 -24.46
CA ALA O 126 20.99 -41.83 -24.26
C ALA O 126 20.57 -42.23 -22.86
N LEU O 127 19.64 -41.45 -22.28
CA LEU O 127 19.16 -41.65 -20.93
C LEU O 127 17.68 -41.28 -20.87
N ARG O 128 16.82 -42.16 -20.32
CA ARG O 128 15.39 -41.99 -20.20
C ARG O 128 14.92 -42.14 -18.77
N LEU O 129 14.09 -41.22 -18.26
CA LEU O 129 13.59 -41.30 -16.91
C LEU O 129 12.43 -42.29 -16.84
N GLU O 130 12.51 -43.31 -15.96
CA GLU O 130 11.50 -44.35 -15.88
C GLU O 130 10.59 -44.23 -14.67
N ASP O 131 11.12 -43.82 -13.49
CA ASP O 131 10.27 -43.57 -12.33
C ASP O 131 10.98 -42.74 -11.26
N LEU O 132 10.21 -42.30 -10.25
CA LEU O 132 10.65 -41.50 -9.11
C LEU O 132 9.91 -41.92 -7.84
N ARG O 133 10.64 -42.01 -6.70
CA ARG O 133 10.08 -42.20 -5.37
C ARG O 133 10.14 -40.85 -4.70
N ILE O 134 8.98 -40.21 -4.46
CA ILE O 134 8.90 -38.93 -3.79
C ILE O 134 8.45 -39.23 -2.36
N PRO O 135 9.27 -39.08 -1.31
CA PRO O 135 8.87 -39.40 0.06
C PRO O 135 7.74 -38.50 0.58
N PRO O 136 6.89 -38.93 1.53
CA PRO O 136 5.75 -38.15 2.03
C PRO O 136 6.08 -36.75 2.51
N ALA O 137 7.27 -36.54 3.09
CA ALA O 137 7.67 -35.25 3.61
C ALA O 137 8.01 -34.24 2.51
N TYR O 138 8.24 -34.71 1.26
CA TYR O 138 8.48 -33.83 0.14
C TYR O 138 7.16 -33.68 -0.64
N VAL O 139 6.30 -34.72 -0.65
CA VAL O 139 4.94 -34.67 -1.25
C VAL O 139 4.04 -33.63 -0.60
N LYS O 140 4.12 -33.48 0.72
CA LYS O 140 3.32 -32.51 1.46
C LYS O 140 3.98 -31.14 1.62
N THR O 141 5.17 -30.92 1.01
CA THR O 141 5.82 -29.60 1.02
C THR O 141 5.90 -29.01 -0.38
N PHE O 142 5.81 -29.85 -1.44
CA PHE O 142 4.84 -29.72 -2.53
C PHE O 142 3.38 -29.43 -2.12
N VAL O 143 2.53 -28.93 -3.04
CA VAL O 143 1.15 -28.56 -2.71
C VAL O 143 0.11 -29.43 -3.42
N GLY O 144 0.46 -30.09 -4.54
CA GLY O 144 -0.45 -30.94 -5.32
C GLY O 144 -1.62 -30.17 -5.94
N PRO O 145 -2.65 -30.82 -6.48
CA PRO O 145 -3.85 -30.15 -7.01
C PRO O 145 -4.48 -29.10 -6.08
N PRO O 146 -4.86 -27.90 -6.50
CA PRO O 146 -5.57 -26.99 -5.63
C PRO O 146 -6.99 -27.42 -5.33
N HIS O 147 -7.79 -27.91 -6.31
CA HIS O 147 -9.19 -28.25 -6.16
C HIS O 147 -9.52 -29.51 -6.96
N GLY O 148 -8.80 -30.62 -6.69
CA GLY O 148 -8.95 -31.94 -7.33
C GLY O 148 -10.33 -32.58 -7.45
N ILE O 149 -10.39 -33.84 -7.91
CA ILE O 149 -11.63 -34.50 -8.36
C ILE O 149 -12.72 -34.62 -7.29
N GLN O 150 -12.36 -34.87 -6.03
CA GLN O 150 -13.33 -34.95 -4.95
C GLN O 150 -13.84 -33.58 -4.50
N VAL O 151 -13.18 -32.49 -4.96
CA VAL O 151 -13.61 -31.12 -4.72
C VAL O 151 -14.40 -30.62 -5.93
N GLU O 152 -13.88 -30.91 -7.14
CA GLU O 152 -14.38 -30.45 -8.43
C GLU O 152 -15.75 -31.01 -8.77
N ARG O 153 -16.03 -32.26 -8.35
CA ARG O 153 -17.36 -32.84 -8.46
C ARG O 153 -18.43 -32.04 -7.72
N ASP O 154 -18.14 -31.54 -6.50
CA ASP O 154 -19.15 -30.81 -5.75
C ASP O 154 -19.16 -29.36 -6.22
N LYS O 155 -17.98 -28.79 -6.59
CA LYS O 155 -17.84 -27.44 -7.13
C LYS O 155 -18.52 -27.14 -8.46
N LEU O 156 -18.54 -28.10 -9.41
CA LEU O 156 -19.16 -27.87 -10.71
C LEU O 156 -20.67 -28.08 -10.72
N ASN O 157 -21.25 -28.61 -9.62
CA ASN O 157 -22.68 -28.75 -9.42
C ASN O 157 -23.39 -29.70 -10.42
N LYS O 158 -22.65 -30.57 -11.12
CA LYS O 158 -23.21 -31.48 -12.11
C LYS O 158 -22.16 -32.56 -12.31
N TYR O 159 -22.57 -33.77 -12.78
CA TYR O 159 -21.74 -34.96 -12.93
C TYR O 159 -22.71 -36.15 -13.09
N GLY O 160 -22.24 -37.27 -13.68
CA GLY O 160 -23.02 -38.49 -13.89
C GLY O 160 -22.92 -39.01 -15.29
N ARG O 161 -22.13 -38.34 -16.10
CA ARG O 161 -21.84 -38.69 -17.46
C ARG O 161 -20.62 -37.84 -17.70
N GLY O 162 -19.84 -38.10 -18.77
CA GLY O 162 -18.73 -37.25 -19.19
C GLY O 162 -19.08 -35.78 -19.35
N LEU O 163 -18.06 -34.91 -19.28
CA LEU O 163 -18.26 -33.47 -19.41
C LEU O 163 -17.93 -33.03 -20.83
N LEU O 164 -18.96 -32.58 -21.56
CA LEU O 164 -18.97 -32.33 -22.98
C LEU O 164 -18.50 -30.95 -23.39
N GLY O 165 -17.56 -30.86 -24.33
CA GLY O 165 -17.06 -29.57 -24.78
C GLY O 165 -16.56 -29.54 -26.18
N CYS O 166 -15.90 -28.42 -26.53
CA CYS O 166 -15.33 -28.26 -27.85
C CYS O 166 -14.25 -27.20 -27.78
N THR O 167 -13.23 -27.40 -28.63
CA THR O 167 -12.05 -26.57 -28.77
C THR O 167 -12.34 -25.57 -29.87
N ILE O 168 -12.25 -24.25 -29.60
CA ILE O 168 -12.75 -23.26 -30.54
C ILE O 168 -11.68 -22.93 -31.58
N LYS O 169 -12.06 -23.08 -32.86
CA LYS O 169 -11.21 -22.90 -34.03
C LYS O 169 -12.01 -22.16 -35.09
N PRO O 170 -11.45 -21.49 -36.10
CA PRO O 170 -10.03 -21.32 -36.39
C PRO O 170 -9.22 -20.67 -35.26
N LYS O 171 -7.98 -21.11 -35.03
CA LYS O 171 -7.06 -20.53 -34.06
C LYS O 171 -6.72 -19.07 -34.36
N LEU O 172 -6.48 -18.76 -35.65
CA LEU O 172 -6.35 -17.41 -36.17
C LEU O 172 -7.66 -16.63 -36.02
N GLY O 173 -7.70 -15.70 -35.05
CA GLY O 173 -7.93 -14.28 -35.35
C GLY O 173 -9.38 -13.95 -35.54
N LEU O 174 -10.27 -14.86 -35.16
CA LEU O 174 -11.71 -14.71 -35.25
C LEU O 174 -12.24 -13.47 -34.55
N SER O 175 -13.05 -12.65 -35.25
CA SER O 175 -13.64 -11.44 -34.73
C SER O 175 -14.50 -11.64 -33.49
N ALA O 176 -14.44 -10.69 -32.51
CA ALA O 176 -15.05 -10.86 -31.21
C ALA O 176 -16.56 -11.10 -31.21
N LYS O 177 -17.33 -10.43 -32.09
CA LYS O 177 -18.76 -10.71 -32.17
C LYS O 177 -19.10 -12.02 -32.88
N ASN O 178 -18.26 -12.48 -33.82
CA ASN O 178 -18.47 -13.77 -34.48
C ASN O 178 -18.03 -14.93 -33.60
N TYR O 179 -17.01 -14.70 -32.74
CA TYR O 179 -16.60 -15.59 -31.67
C TYR O 179 -17.68 -15.70 -30.59
N GLY O 180 -18.27 -14.54 -30.20
CA GLY O 180 -19.36 -14.44 -29.23
C GLY O 180 -20.57 -15.19 -29.67
N ARG O 181 -20.90 -15.09 -30.98
CA ARG O 181 -21.98 -15.82 -31.61
C ARG O 181 -21.75 -17.32 -31.63
N ALA O 182 -20.53 -17.77 -32.04
CA ALA O 182 -20.18 -19.18 -32.07
C ALA O 182 -20.20 -19.85 -30.70
N VAL O 183 -19.64 -19.16 -29.67
CA VAL O 183 -19.59 -19.63 -28.29
C VAL O 183 -20.97 -19.72 -27.68
N TYR O 184 -21.81 -18.67 -27.87
CA TYR O 184 -23.18 -18.64 -27.40
C TYR O 184 -24.01 -19.78 -28.00
N GLU O 185 -23.95 -19.96 -29.33
CA GLU O 185 -24.71 -20.99 -30.00
C GLU O 185 -24.32 -22.41 -29.60
N CYS O 186 -23.01 -22.73 -29.47
CA CYS O 186 -22.62 -24.09 -29.09
C CYS O 186 -22.91 -24.40 -27.61
N LEU O 187 -22.81 -23.40 -26.70
CA LEU O 187 -23.18 -23.60 -25.31
C LEU O 187 -24.69 -23.75 -25.17
N ARG O 188 -25.47 -22.95 -25.93
CA ARG O 188 -26.92 -23.02 -25.88
C ARG O 188 -27.45 -24.30 -26.52
N GLY O 189 -26.69 -24.87 -27.49
CA GLY O 189 -26.97 -26.13 -28.16
C GLY O 189 -26.80 -27.38 -27.32
N GLY O 190 -26.04 -27.29 -26.21
CA GLY O 190 -25.84 -28.44 -25.33
C GLY O 190 -24.46 -28.79 -24.89
N LEU O 191 -23.41 -28.01 -25.24
CA LEU O 191 -22.10 -28.21 -24.65
C LEU O 191 -22.09 -27.80 -23.18
N ASP O 192 -21.27 -28.45 -22.33
CA ASP O 192 -21.10 -28.05 -20.95
C ASP O 192 -20.06 -26.94 -20.85
N PHE O 193 -18.92 -27.12 -21.55
CA PHE O 193 -17.76 -26.25 -21.47
C PHE O 193 -17.14 -26.04 -22.84
N THR O 194 -16.71 -24.81 -23.17
CA THR O 194 -16.02 -24.53 -24.44
C THR O 194 -14.60 -24.16 -24.11
N LYS O 195 -13.64 -24.21 -25.06
CA LYS O 195 -12.26 -23.85 -24.77
C LYS O 195 -11.63 -22.98 -25.83
N ASP O 196 -10.80 -22.02 -25.36
CA ASP O 196 -9.93 -21.16 -26.17
C ASP O 196 -8.58 -21.81 -26.43
N ASP O 197 -7.89 -21.36 -27.49
CA ASP O 197 -6.51 -21.69 -27.78
C ASP O 197 -5.67 -20.43 -27.62
N GLU O 198 -4.33 -20.56 -27.72
CA GLU O 198 -3.35 -19.52 -27.45
C GLU O 198 -3.54 -18.27 -28.32
N ASN O 199 -3.80 -18.43 -29.64
CA ASN O 199 -4.01 -17.31 -30.55
C ASN O 199 -5.40 -16.71 -30.42
N VAL O 200 -6.35 -17.45 -29.81
CA VAL O 200 -7.72 -16.99 -29.66
C VAL O 200 -7.79 -15.97 -28.52
N ASN O 201 -6.90 -16.11 -27.53
CA ASN O 201 -6.79 -15.22 -26.39
C ASN O 201 -6.48 -13.75 -26.70
N SER O 202 -5.53 -13.47 -27.62
CA SER O 202 -5.09 -12.10 -27.85
C SER O 202 -4.45 -12.04 -29.21
N GLN O 203 -4.58 -10.91 -29.94
CA GLN O 203 -4.04 -10.72 -31.27
C GLN O 203 -3.65 -9.25 -31.36
N PRO O 204 -2.76 -8.75 -32.22
CA PRO O 204 -2.33 -7.35 -32.28
C PRO O 204 -3.41 -6.28 -32.12
N PHE O 205 -4.51 -6.33 -32.89
CA PHE O 205 -5.61 -5.39 -32.77
C PHE O 205 -6.46 -5.54 -31.51
N MET O 206 -6.77 -6.82 -31.15
CA MET O 206 -7.72 -7.20 -30.13
C MET O 206 -7.11 -7.72 -28.83
N ARG O 207 -7.41 -7.05 -27.71
CA ARG O 207 -6.94 -7.43 -26.40
C ARG O 207 -7.83 -8.51 -25.77
N TRP O 208 -7.21 -9.36 -24.93
CA TRP O 208 -7.86 -10.38 -24.11
C TRP O 208 -9.03 -9.82 -23.30
N ARG O 209 -8.89 -8.56 -22.83
CA ARG O 209 -9.79 -7.82 -21.98
C ARG O 209 -11.17 -7.67 -22.61
N ASP O 210 -11.22 -7.41 -23.92
CA ASP O 210 -12.43 -7.19 -24.66
C ASP O 210 -13.00 -8.51 -25.16
N ARG O 211 -12.12 -9.50 -25.47
CA ARG O 211 -12.54 -10.85 -25.81
C ARG O 211 -13.26 -11.49 -24.62
N PHE O 212 -12.74 -11.24 -23.41
CA PHE O 212 -13.28 -11.59 -22.12
C PHE O 212 -14.63 -10.93 -21.83
N LEU O 213 -14.84 -9.68 -22.29
CA LEU O 213 -16.10 -8.99 -22.09
C LEU O 213 -17.22 -9.57 -22.96
N PHE O 214 -16.87 -10.08 -24.16
CA PHE O 214 -17.79 -10.84 -25.00
C PHE O 214 -18.07 -12.21 -24.42
N VAL O 215 -17.07 -12.83 -23.74
CA VAL O 215 -17.28 -14.05 -22.96
C VAL O 215 -18.24 -13.80 -21.80
N ALA O 216 -18.08 -12.68 -21.06
CA ALA O 216 -18.93 -12.31 -19.93
C ALA O 216 -20.41 -12.14 -20.29
N GLU O 217 -20.73 -11.44 -21.40
CA GLU O 217 -22.11 -11.31 -21.88
C GLU O 217 -22.67 -12.67 -22.27
N ALA O 218 -21.86 -13.46 -23.01
CA ALA O 218 -22.23 -14.76 -23.53
C ALA O 218 -22.45 -15.78 -22.42
N ILE O 219 -21.57 -15.85 -21.41
CA ILE O 219 -21.63 -16.84 -20.33
C ILE O 219 -22.81 -16.59 -19.42
N TYR O 220 -23.14 -15.30 -19.14
CA TYR O 220 -24.28 -14.94 -18.30
C TYR O 220 -25.58 -15.49 -18.91
N LYS O 221 -25.75 -15.30 -20.23
CA LYS O 221 -26.94 -15.76 -20.93
C LYS O 221 -26.89 -17.24 -21.31
N ALA O 222 -25.70 -17.80 -21.49
CA ALA O 222 -25.48 -19.21 -21.75
C ALA O 222 -25.59 -20.10 -20.52
N GLN O 223 -25.59 -19.54 -19.29
CA GLN O 223 -26.43 -20.08 -18.23
C GLN O 223 -27.88 -19.59 -18.10
N ALA O 224 -28.16 -18.27 -18.10
CA ALA O 224 -29.48 -17.74 -17.80
C ALA O 224 -30.62 -18.18 -18.72
N GLU O 225 -30.35 -18.30 -20.02
CA GLU O 225 -31.34 -18.68 -21.02
C GLU O 225 -31.45 -20.19 -21.19
N THR O 226 -30.59 -20.99 -20.53
CA THR O 226 -30.60 -22.45 -20.72
C THR O 226 -30.96 -23.22 -19.45
N GLY O 227 -30.92 -22.60 -18.25
CA GLY O 227 -31.19 -23.27 -16.96
C GLY O 227 -30.06 -24.14 -16.44
N GLU O 228 -29.48 -24.97 -17.32
CA GLU O 228 -28.38 -25.86 -17.04
C GLU O 228 -27.05 -25.15 -16.74
N VAL O 229 -26.26 -25.67 -15.78
CA VAL O 229 -24.92 -25.18 -15.48
C VAL O 229 -23.93 -25.49 -16.62
N LYS O 230 -23.26 -24.44 -17.15
CA LYS O 230 -22.32 -24.49 -18.26
C LYS O 230 -21.22 -23.48 -17.93
N GLY O 231 -20.01 -23.58 -18.55
CA GLY O 231 -19.22 -22.37 -18.76
C GLY O 231 -18.22 -22.36 -19.91
N HIS O 232 -17.14 -21.56 -19.77
CA HIS O 232 -16.09 -21.48 -20.77
C HIS O 232 -14.68 -21.39 -20.20
N TYR O 233 -13.78 -22.31 -20.61
CA TYR O 233 -12.38 -22.31 -20.24
C TYR O 233 -11.60 -21.22 -20.98
N LEU O 234 -11.30 -20.09 -20.30
CA LEU O 234 -10.39 -19.07 -20.81
C LEU O 234 -8.97 -19.63 -20.74
N ASN O 235 -8.11 -19.39 -21.75
CA ASN O 235 -6.81 -20.05 -21.86
C ASN O 235 -5.61 -19.15 -21.54
N ALA O 236 -5.74 -17.82 -21.65
CA ALA O 236 -5.19 -16.89 -20.67
C ALA O 236 -3.68 -16.58 -20.84
N THR O 237 -3.02 -17.25 -21.81
CA THR O 237 -1.61 -17.15 -22.25
C THR O 237 -0.97 -15.76 -22.22
N ALA O 238 0.36 -15.67 -21.99
CA ALA O 238 1.04 -14.38 -21.90
C ALA O 238 2.56 -14.46 -22.07
N GLY O 239 3.22 -13.31 -22.34
CA GLY O 239 4.66 -13.20 -22.51
C GLY O 239 5.49 -12.95 -21.29
N THR O 240 4.96 -12.28 -20.27
CA THR O 240 5.71 -11.97 -19.06
C THR O 240 4.82 -12.30 -17.88
N CYS O 241 5.39 -12.45 -16.67
CA CYS O 241 4.65 -12.80 -15.47
C CYS O 241 3.76 -11.67 -14.98
N GLU O 242 4.11 -10.40 -15.28
CA GLU O 242 3.30 -9.23 -14.98
C GLU O 242 2.01 -9.28 -15.79
N GLU O 243 2.12 -9.65 -17.09
CA GLU O 243 1.00 -9.87 -17.97
C GLU O 243 0.13 -11.06 -17.52
N MET O 244 0.75 -12.18 -17.06
CA MET O 244 0.04 -13.30 -16.45
C MET O 244 -0.77 -12.92 -15.22
N MET O 245 -0.14 -12.16 -14.29
CA MET O 245 -0.79 -11.65 -13.11
C MET O 245 -1.90 -10.66 -13.42
N LYS O 246 -1.71 -9.76 -14.42
CA LYS O 246 -2.74 -8.86 -14.88
C LYS O 246 -3.95 -9.57 -15.46
N ARG O 247 -3.70 -10.62 -16.26
CA ARG O 247 -4.73 -11.51 -16.79
C ARG O 247 -5.50 -12.24 -15.69
N ALA O 248 -4.80 -12.72 -14.63
CA ALA O 248 -5.43 -13.31 -13.45
C ALA O 248 -6.39 -12.34 -12.74
N VAL O 249 -5.93 -11.09 -12.52
CA VAL O 249 -6.47 -10.26 -11.43
C VAL O 249 -7.72 -9.58 -11.98
N CYS O 250 -7.69 -9.20 -13.27
CA CYS O 250 -8.82 -8.63 -13.96
C CYS O 250 -9.97 -9.62 -14.13
N ALA O 251 -9.68 -10.94 -14.17
CA ALA O 251 -10.73 -11.94 -14.25
C ALA O 251 -11.15 -12.43 -12.86
N LYS O 252 -10.37 -12.07 -11.80
CA LYS O 252 -10.73 -12.21 -10.40
C LYS O 252 -11.86 -11.25 -10.06
N GLU O 253 -11.88 -10.04 -10.67
CA GLU O 253 -12.93 -9.03 -10.52
C GLU O 253 -14.32 -9.57 -10.87
N LEU O 254 -14.40 -10.43 -11.91
CA LEU O 254 -15.66 -11.05 -12.31
C LEU O 254 -15.85 -12.40 -11.61
N GLY O 255 -14.76 -12.99 -11.09
CA GLY O 255 -14.69 -14.29 -10.41
C GLY O 255 -15.33 -15.46 -11.11
N VAL O 256 -15.02 -15.63 -12.40
CA VAL O 256 -15.54 -16.70 -13.24
C VAL O 256 -15.12 -18.12 -12.82
N PRO O 257 -15.96 -19.14 -12.97
CA PRO O 257 -15.57 -20.53 -12.74
C PRO O 257 -15.01 -21.14 -14.01
N ILE O 258 -14.54 -22.40 -13.92
CA ILE O 258 -13.25 -22.94 -14.36
C ILE O 258 -12.53 -22.30 -15.56
N ILE O 259 -11.22 -22.00 -15.41
CA ILE O 259 -10.38 -21.50 -16.49
C ILE O 259 -9.19 -22.43 -16.69
N MET O 260 -8.41 -22.24 -17.78
CA MET O 260 -7.24 -23.05 -18.05
C MET O 260 -6.05 -22.16 -18.35
N HIS O 261 -4.82 -22.70 -18.23
CA HIS O 261 -3.66 -21.93 -18.63
C HIS O 261 -2.53 -22.78 -19.20
N ASP O 262 -1.85 -22.25 -20.25
CA ASP O 262 -0.75 -22.90 -20.95
C ASP O 262 0.64 -22.33 -20.64
N TYR O 263 0.75 -21.34 -19.75
CA TYR O 263 1.52 -21.30 -18.51
C TYR O 263 2.44 -22.48 -18.14
N LEU O 264 2.09 -23.78 -18.34
CA LEU O 264 3.00 -24.88 -18.01
C LEU O 264 3.72 -25.33 -19.29
N THR O 265 3.62 -24.51 -20.35
CA THR O 265 4.46 -24.56 -21.53
C THR O 265 5.39 -23.37 -21.40
N GLY O 266 4.93 -22.31 -20.69
CA GLY O 266 5.67 -21.12 -20.28
C GLY O 266 6.73 -21.39 -19.23
N GLY O 267 6.37 -21.99 -18.08
CA GLY O 267 7.35 -22.35 -17.06
C GLY O 267 6.79 -23.07 -15.86
N PHE O 268 7.58 -23.99 -15.27
CA PHE O 268 7.17 -24.85 -14.16
C PHE O 268 6.82 -24.11 -12.88
N THR O 269 7.57 -23.04 -12.56
CA THR O 269 7.38 -22.30 -11.33
C THR O 269 6.27 -21.29 -11.46
N ALA O 270 5.98 -20.85 -12.71
CA ALA O 270 4.86 -20.00 -13.06
C ALA O 270 3.54 -20.72 -12.77
N ASN O 271 3.47 -22.02 -13.12
CA ASN O 271 2.28 -22.83 -12.91
C ASN O 271 2.11 -23.18 -11.44
N THR O 272 3.24 -23.41 -10.74
CA THR O 272 3.25 -23.71 -9.30
C THR O 272 2.72 -22.54 -8.49
N SER O 273 3.20 -21.32 -8.81
CA SER O 273 2.74 -20.08 -8.21
C SER O 273 1.27 -19.80 -8.45
N LEU O 274 0.79 -20.02 -9.69
CA LEU O 274 -0.61 -19.91 -10.07
C LEU O 274 -1.47 -20.90 -9.32
N ALA O 275 -1.06 -22.18 -9.19
CA ALA O 275 -1.80 -23.19 -8.44
C ALA O 275 -1.98 -22.82 -6.96
N ILE O 276 -0.94 -22.22 -6.33
CA ILE O 276 -1.01 -21.65 -4.99
C ILE O 276 -2.01 -20.49 -4.91
N TYR O 277 -1.98 -19.56 -5.88
CA TYR O 277 -2.92 -18.46 -6.04
C TYR O 277 -4.37 -18.95 -6.22
N CYS O 278 -4.56 -19.97 -7.08
CA CYS O 278 -5.83 -20.65 -7.35
C CYS O 278 -6.39 -21.34 -6.12
N ARG O 279 -5.52 -21.96 -5.30
CA ARG O 279 -5.87 -22.50 -3.99
C ARG O 279 -6.33 -21.40 -3.03
N ASP O 280 -5.59 -20.27 -3.00
CA ASP O 280 -5.88 -19.11 -2.17
C ASP O 280 -7.20 -18.41 -2.54
N ASN O 281 -7.56 -18.33 -3.84
CA ASN O 281 -8.75 -17.60 -4.27
C ASN O 281 -9.91 -18.54 -4.53
N GLY O 282 -9.75 -19.84 -4.21
CA GLY O 282 -10.82 -20.84 -4.31
C GLY O 282 -11.31 -21.18 -5.69
N LEU O 283 -10.47 -20.98 -6.71
CA LEU O 283 -10.74 -21.23 -8.12
C LEU O 283 -11.04 -22.69 -8.52
N LEU O 284 -11.14 -22.97 -9.83
CA LEU O 284 -10.84 -24.27 -10.39
C LEU O 284 -9.82 -24.04 -11.51
N LEU O 285 -8.78 -24.89 -11.60
CA LEU O 285 -7.64 -24.70 -12.50
C LEU O 285 -7.38 -25.84 -13.50
N HIS O 286 -7.65 -25.60 -14.80
CA HIS O 286 -7.29 -26.50 -15.88
C HIS O 286 -5.87 -26.29 -16.43
N ILE O 287 -5.08 -27.36 -16.54
CA ILE O 287 -3.70 -27.31 -16.98
C ILE O 287 -3.57 -27.83 -18.40
N HIS O 288 -2.99 -27.01 -19.30
CA HIS O 288 -2.72 -27.38 -20.67
C HIS O 288 -1.39 -28.13 -20.77
N ARG O 289 -1.20 -28.95 -21.83
CA ARG O 289 0.10 -29.58 -22.06
C ARG O 289 0.30 -29.79 -23.55
N ALA O 290 1.54 -29.56 -24.02
CA ALA O 290 1.92 -29.63 -25.41
C ALA O 290 3.40 -29.97 -25.49
N MET O 291 3.95 -30.09 -26.72
CA MET O 291 5.34 -30.38 -27.05
C MET O 291 5.59 -31.88 -27.16
N HIS O 292 4.55 -32.62 -27.57
CA HIS O 292 4.48 -34.07 -27.54
C HIS O 292 5.53 -34.83 -28.34
N ALA O 293 6.01 -34.30 -29.48
CA ALA O 293 7.04 -34.94 -30.27
C ALA O 293 8.45 -34.51 -29.91
N VAL O 294 8.65 -33.69 -28.86
CA VAL O 294 9.99 -33.30 -28.41
C VAL O 294 10.19 -33.49 -26.92
N ILE O 295 9.11 -33.58 -26.11
CA ILE O 295 9.17 -33.94 -24.70
C ILE O 295 8.59 -35.33 -24.50
N ASP O 296 7.26 -35.48 -24.62
CA ASP O 296 6.49 -36.66 -24.25
C ASP O 296 6.94 -37.95 -24.95
N ARG O 297 7.29 -37.85 -26.25
CA ARG O 297 7.71 -38.95 -27.10
C ARG O 297 9.22 -39.19 -27.12
N GLN O 298 9.99 -38.83 -26.06
CA GLN O 298 11.43 -39.02 -26.02
C GLN O 298 11.90 -40.49 -25.83
N ARG O 299 11.55 -41.35 -26.82
CA ARG O 299 11.68 -42.79 -26.95
C ARG O 299 12.50 -43.53 -25.90
N ASN O 300 13.82 -43.66 -26.10
CA ASN O 300 14.73 -44.27 -25.14
C ASN O 300 15.66 -43.18 -24.59
N HIS O 301 15.37 -41.91 -24.90
CA HIS O 301 16.32 -40.82 -24.76
C HIS O 301 15.87 -39.70 -23.86
N GLY O 302 14.77 -39.82 -23.09
CA GLY O 302 14.43 -38.78 -22.12
C GLY O 302 13.15 -39.04 -21.38
N ILE O 303 12.21 -38.09 -21.44
CA ILE O 303 10.98 -38.04 -20.66
C ILE O 303 9.99 -39.13 -21.09
N HIS O 304 9.16 -39.65 -20.15
CA HIS O 304 8.14 -40.62 -20.47
C HIS O 304 6.84 -40.20 -19.79
N PHE O 305 5.71 -40.73 -20.27
CA PHE O 305 4.36 -40.45 -19.82
C PHE O 305 4.08 -40.69 -18.35
N ARG O 306 4.57 -41.79 -17.74
CA ARG O 306 4.27 -42.02 -16.33
C ARG O 306 4.96 -41.03 -15.39
N VAL O 307 6.23 -40.68 -15.71
CA VAL O 307 6.99 -39.67 -14.98
C VAL O 307 6.44 -38.28 -15.22
N LEU O 308 5.93 -38.01 -16.44
CA LEU O 308 5.24 -36.80 -16.79
C LEU O 308 3.96 -36.63 -15.98
N ALA O 309 3.14 -37.70 -15.83
CA ALA O 309 1.94 -37.69 -15.01
C ALA O 309 2.24 -37.47 -13.53
N LYS O 310 3.33 -38.11 -13.02
CA LYS O 310 3.78 -37.86 -11.66
C LYS O 310 4.27 -36.41 -11.45
N ALA O 311 5.09 -35.88 -12.39
CA ALA O 311 5.58 -34.51 -12.36
C ALA O 311 4.49 -33.46 -12.46
N LEU O 312 3.50 -33.68 -13.35
CA LEU O 312 2.35 -32.81 -13.51
C LEU O 312 1.49 -32.76 -12.27
N ARG O 313 1.24 -33.92 -11.61
CA ARG O 313 0.42 -33.97 -10.42
C ARG O 313 1.15 -33.42 -9.18
N MET O 314 2.50 -33.49 -9.16
CA MET O 314 3.38 -32.91 -8.15
C MET O 314 3.76 -31.43 -8.31
N SER O 315 3.41 -30.78 -9.42
CA SER O 315 2.99 -29.37 -9.36
C SER O 315 1.51 -29.21 -9.04
N GLY O 316 0.59 -29.80 -9.82
CA GLY O 316 -0.83 -29.75 -9.53
C GLY O 316 -1.66 -29.13 -10.62
N GLY O 317 -2.96 -29.48 -10.61
CA GLY O 317 -3.95 -29.01 -11.55
C GLY O 317 -5.20 -29.75 -11.23
N ASP O 318 -6.37 -29.23 -11.60
CA ASP O 318 -7.64 -29.85 -11.27
C ASP O 318 -8.16 -30.60 -12.48
N HIS O 319 -8.04 -29.96 -13.65
CA HIS O 319 -8.09 -30.62 -14.95
C HIS O 319 -6.69 -30.65 -15.55
N LEU O 320 -6.39 -31.63 -16.42
CA LEU O 320 -5.11 -31.68 -17.12
C LEU O 320 -5.21 -32.29 -18.52
N HIS O 321 -4.60 -31.64 -19.53
CA HIS O 321 -4.63 -32.07 -20.92
C HIS O 321 -3.65 -33.20 -21.28
N SER O 322 -3.89 -33.88 -22.40
CA SER O 322 -4.28 -35.29 -22.40
C SER O 322 -4.81 -35.57 -23.78
N GLY O 323 -4.43 -36.72 -24.35
CA GLY O 323 -4.63 -37.21 -25.72
C GLY O 323 -5.66 -36.60 -26.64
N THR O 324 -5.23 -36.33 -27.89
CA THR O 324 -6.11 -35.85 -28.94
C THR O 324 -6.59 -37.01 -29.80
N VAL O 325 -6.03 -38.23 -29.56
CA VAL O 325 -6.38 -39.52 -30.16
C VAL O 325 -5.67 -39.69 -31.50
N VAL O 326 -5.81 -38.67 -32.35
CA VAL O 326 -5.22 -38.52 -33.66
C VAL O 326 -4.62 -37.13 -33.65
N GLY O 327 -3.73 -36.80 -34.60
CA GLY O 327 -3.04 -35.51 -34.60
C GLY O 327 -1.92 -35.34 -33.58
N LYS O 328 -1.95 -34.22 -32.83
CA LYS O 328 -0.84 -33.75 -32.04
C LYS O 328 -0.52 -34.36 -30.67
N LEU O 329 -1.44 -35.04 -29.97
CA LEU O 329 -1.16 -35.72 -28.70
C LEU O 329 -1.58 -37.19 -28.77
N GLU O 330 -1.16 -38.00 -27.78
CA GLU O 330 -1.32 -39.45 -27.66
C GLU O 330 -2.74 -40.02 -27.86
N GLY O 331 -2.84 -41.31 -28.25
CA GLY O 331 -4.13 -42.00 -28.26
C GLY O 331 -4.04 -43.47 -27.95
N GLU O 332 -2.94 -43.95 -27.37
CA GLU O 332 -2.65 -45.38 -27.27
C GLU O 332 -3.02 -46.00 -25.92
N ARG O 333 -3.53 -47.26 -25.91
CA ARG O 333 -3.95 -47.96 -24.70
C ARG O 333 -2.82 -48.15 -23.68
N GLU O 334 -1.60 -48.52 -24.12
CA GLU O 334 -0.45 -48.74 -23.25
C GLU O 334 0.26 -47.45 -22.87
N VAL O 335 -0.28 -46.29 -23.29
CA VAL O 335 0.23 -44.98 -22.92
C VAL O 335 -0.76 -44.28 -22.00
N THR O 336 -2.05 -44.22 -22.41
CA THR O 336 -3.03 -43.34 -21.79
C THR O 336 -3.58 -43.83 -20.46
N LEU O 337 -3.50 -45.14 -20.18
CA LEU O 337 -4.46 -45.71 -19.24
C LEU O 337 -3.75 -45.69 -17.89
N GLY O 338 -2.43 -45.95 -17.91
CA GLY O 338 -1.48 -45.69 -16.84
C GLY O 338 -1.41 -44.24 -16.48
N PHE O 339 -1.21 -43.36 -17.50
CA PHE O 339 -1.16 -41.92 -17.35
C PHE O 339 -2.40 -41.36 -16.61
N VAL O 340 -3.61 -41.78 -17.04
CA VAL O 340 -4.85 -41.45 -16.35
C VAL O 340 -4.96 -42.07 -14.95
N ASP O 341 -4.56 -43.34 -14.72
CA ASP O 341 -4.59 -43.99 -13.41
C ASP O 341 -3.74 -43.24 -12.38
N LEU O 342 -2.57 -42.71 -12.80
CA LEU O 342 -1.66 -41.99 -11.94
C LEU O 342 -2.19 -40.59 -11.63
N MET O 343 -3.16 -40.09 -12.41
CA MET O 343 -3.82 -38.83 -12.14
C MET O 343 -5.11 -38.94 -11.33
N ARG O 344 -5.99 -39.89 -11.67
CA ARG O 344 -7.22 -40.18 -10.96
C ARG O 344 -7.14 -40.73 -9.54
N ASP O 345 -6.25 -41.74 -9.30
CA ASP O 345 -6.31 -42.57 -8.11
C ASP O 345 -5.11 -42.44 -7.17
N ASP O 346 -5.36 -42.74 -5.88
CA ASP O 346 -4.46 -42.63 -4.75
C ASP O 346 -4.41 -44.01 -4.06
N TYR O 347 -3.38 -44.28 -3.23
CA TYR O 347 -3.09 -45.49 -2.48
C TYR O 347 -3.03 -46.77 -3.31
N VAL O 348 -1.95 -46.93 -4.11
CA VAL O 348 -1.77 -48.08 -4.97
C VAL O 348 -0.28 -48.37 -5.23
N GLU O 349 0.17 -49.60 -4.90
CA GLU O 349 1.55 -50.05 -5.05
C GLU O 349 2.09 -50.22 -6.47
N LYS O 350 3.43 -50.11 -6.60
CA LYS O 350 4.25 -50.31 -7.78
C LYS O 350 4.10 -51.68 -8.46
N ASP O 351 4.24 -51.72 -9.81
CA ASP O 351 4.16 -52.93 -10.59
C ASP O 351 4.97 -52.77 -11.87
N ARG O 352 5.88 -53.71 -12.18
CA ARG O 352 6.74 -53.64 -13.36
C ARG O 352 6.00 -53.83 -14.68
N SER O 353 4.79 -54.44 -14.67
CA SER O 353 3.98 -54.61 -15.88
C SER O 353 3.30 -53.31 -16.28
N ARG O 354 3.25 -52.36 -15.34
CA ARG O 354 2.69 -51.04 -15.51
C ARG O 354 3.78 -49.99 -15.54
N GLY O 355 5.06 -50.44 -15.58
CA GLY O 355 6.26 -49.61 -15.60
C GLY O 355 6.49 -48.76 -14.38
N ILE O 356 5.94 -49.16 -13.22
CA ILE O 356 6.10 -48.41 -11.99
C ILE O 356 7.11 -49.14 -11.15
N TYR O 357 8.20 -48.44 -10.81
CA TYR O 357 9.35 -48.96 -10.10
C TYR O 357 9.33 -48.46 -8.67
N PHE O 358 8.52 -47.42 -8.37
CA PHE O 358 8.49 -46.79 -7.07
C PHE O 358 7.11 -46.33 -6.66
N THR O 359 6.82 -46.42 -5.35
CA THR O 359 5.58 -45.97 -4.75
C THR O 359 5.87 -44.78 -3.85
N GLN O 360 5.14 -43.68 -4.05
CA GLN O 360 5.20 -42.47 -3.24
C GLN O 360 3.99 -42.52 -2.35
N ASP O 361 4.17 -42.64 -1.02
CA ASP O 361 3.07 -42.91 -0.10
C ASP O 361 2.09 -41.75 0.12
N TRP O 362 1.20 -41.57 -0.86
CA TRP O 362 -0.24 -41.81 -0.78
C TRP O 362 -1.04 -41.53 0.50
N CYS O 363 -2.38 -41.52 0.37
CA CYS O 363 -3.35 -41.14 1.38
C CYS O 363 -3.43 -39.64 1.56
N SER O 364 -4.58 -39.05 1.17
CA SER O 364 -4.90 -37.64 1.21
C SER O 364 -4.35 -36.90 0.01
N MET O 365 -4.12 -37.59 -1.13
CA MET O 365 -3.63 -36.95 -2.34
C MET O 365 -4.83 -36.72 -3.27
N PRO O 366 -5.28 -35.51 -3.59
CA PRO O 366 -6.38 -35.26 -4.52
C PRO O 366 -6.18 -35.86 -5.91
N GLY O 367 -7.27 -36.30 -6.57
CA GLY O 367 -7.25 -36.74 -7.96
C GLY O 367 -7.29 -35.57 -8.92
N VAL O 368 -6.88 -35.78 -10.18
CA VAL O 368 -6.88 -34.74 -11.21
C VAL O 368 -7.37 -35.27 -12.55
N MET O 369 -8.14 -34.46 -13.30
CA MET O 369 -9.15 -34.95 -14.23
C MET O 369 -8.62 -34.84 -15.66
N PRO O 370 -8.49 -35.89 -16.48
CA PRO O 370 -7.96 -35.75 -17.84
C PRO O 370 -8.92 -35.01 -18.77
N VAL O 371 -8.40 -34.11 -19.61
CA VAL O 371 -9.16 -33.41 -20.62
C VAL O 371 -8.66 -33.83 -21.99
N ALA O 372 -9.45 -34.66 -22.70
CA ALA O 372 -9.13 -35.14 -24.03
C ALA O 372 -9.70 -34.25 -25.12
N SER O 373 -9.11 -34.28 -26.33
CA SER O 373 -9.53 -33.38 -27.39
C SER O 373 -9.12 -33.96 -28.73
N GLY O 374 -9.69 -35.11 -29.14
CA GLY O 374 -11.12 -35.22 -29.43
C GLY O 374 -11.36 -34.95 -30.89
N GLY O 375 -10.43 -35.40 -31.75
CA GLY O 375 -10.41 -35.07 -33.17
C GLY O 375 -11.47 -35.74 -33.99
N ILE O 376 -11.93 -36.94 -33.60
CA ILE O 376 -13.03 -37.63 -34.26
C ILE O 376 -14.24 -37.80 -33.35
N HIS O 377 -15.45 -37.50 -33.87
CA HIS O 377 -16.70 -37.68 -33.16
C HIS O 377 -17.34 -39.04 -33.47
N VAL O 378 -18.53 -39.08 -34.12
CA VAL O 378 -19.70 -39.80 -33.57
C VAL O 378 -19.49 -41.29 -33.34
N TRP O 379 -18.86 -41.99 -34.31
CA TRP O 379 -18.67 -43.43 -34.30
C TRP O 379 -17.63 -43.88 -33.31
N HIS O 380 -16.75 -42.97 -32.85
CA HIS O 380 -15.71 -43.28 -31.90
C HIS O 380 -16.12 -42.95 -30.47
N MET O 381 -17.37 -42.46 -30.27
CA MET O 381 -17.94 -42.31 -28.94
C MET O 381 -18.14 -43.62 -28.16
N PRO O 382 -18.68 -44.72 -28.73
CA PRO O 382 -18.73 -46.04 -28.09
C PRO O 382 -17.43 -46.52 -27.48
N ALA O 383 -16.32 -46.57 -28.27
CA ALA O 383 -15.04 -47.01 -27.75
C ALA O 383 -14.49 -46.08 -26.69
N LEU O 384 -14.64 -44.75 -26.87
CA LEU O 384 -14.19 -43.76 -25.90
C LEU O 384 -14.88 -43.92 -24.54
N VAL O 385 -16.21 -44.11 -24.55
CA VAL O 385 -17.01 -44.31 -23.36
C VAL O 385 -16.70 -45.64 -22.69
N GLU O 386 -16.53 -46.74 -23.47
CA GLU O 386 -16.18 -48.04 -22.92
C GLU O 386 -14.78 -48.07 -22.29
N ILE O 387 -13.79 -47.41 -22.92
CA ILE O 387 -12.44 -47.31 -22.40
C ILE O 387 -12.29 -46.38 -21.19
N PHE O 388 -12.90 -45.17 -21.22
CA PHE O 388 -12.69 -44.15 -20.19
C PHE O 388 -13.84 -43.89 -19.23
N GLY O 389 -15.06 -44.37 -19.50
CA GLY O 389 -16.23 -44.14 -18.64
C GLY O 389 -16.60 -42.69 -18.41
N ASP O 390 -16.53 -42.25 -17.14
CA ASP O 390 -16.90 -40.93 -16.67
C ASP O 390 -15.67 -40.15 -16.19
N ASP O 391 -14.45 -40.59 -16.58
CA ASP O 391 -13.36 -39.69 -16.97
C ASP O 391 -13.66 -38.84 -18.20
N ALA O 392 -13.09 -37.60 -18.24
CA ALA O 392 -13.22 -36.61 -19.31
C ALA O 392 -14.60 -35.94 -19.34
N CYS O 393 -14.78 -34.64 -19.69
CA CYS O 393 -13.89 -33.58 -20.15
C CYS O 393 -13.39 -33.86 -21.54
N LEU O 394 -14.34 -34.11 -22.45
CA LEU O 394 -14.07 -34.38 -23.84
C LEU O 394 -14.34 -33.14 -24.66
N GLN O 395 -13.27 -32.50 -25.16
CA GLN O 395 -13.39 -31.25 -25.87
C GLN O 395 -13.22 -31.54 -27.35
N PHE O 396 -14.33 -31.60 -28.10
CA PHE O 396 -14.24 -32.02 -29.49
C PHE O 396 -13.49 -31.01 -30.39
N GLY O 397 -12.92 -31.54 -31.49
CA GLY O 397 -12.26 -30.73 -32.50
C GLY O 397 -12.95 -30.88 -33.83
N GLY O 398 -13.59 -32.04 -34.06
CA GLY O 398 -14.40 -32.29 -35.26
C GLY O 398 -15.83 -31.92 -35.06
N GLY O 399 -16.36 -32.22 -33.85
CA GLY O 399 -17.75 -31.96 -33.47
C GLY O 399 -18.05 -30.48 -33.38
N THR O 400 -19.35 -30.10 -33.43
CA THR O 400 -19.79 -28.72 -33.27
C THR O 400 -19.41 -27.82 -34.45
N LEU O 401 -18.13 -27.40 -34.56
CA LEU O 401 -17.61 -26.48 -35.56
C LEU O 401 -17.29 -27.16 -36.88
N GLY O 402 -17.91 -28.32 -37.12
CA GLY O 402 -17.81 -29.14 -38.31
C GLY O 402 -19.17 -29.51 -38.84
N HIS O 403 -20.26 -29.05 -38.20
CA HIS O 403 -21.61 -29.45 -38.58
C HIS O 403 -22.20 -28.38 -39.49
N PRO O 404 -22.63 -28.66 -40.73
CA PRO O 404 -23.04 -27.61 -41.66
C PRO O 404 -24.43 -27.06 -41.34
N TRP O 405 -25.12 -27.57 -40.29
CA TRP O 405 -26.36 -26.97 -39.83
C TRP O 405 -26.09 -25.91 -38.76
N GLY O 406 -24.82 -25.69 -38.38
CA GLY O 406 -24.40 -24.64 -37.46
C GLY O 406 -24.04 -25.11 -36.08
N ASN O 407 -23.60 -24.18 -35.22
CA ASN O 407 -23.05 -24.51 -33.91
C ASN O 407 -24.07 -25.11 -32.95
N ALA O 408 -25.31 -24.62 -32.90
CA ALA O 408 -26.34 -25.19 -32.06
C ALA O 408 -26.74 -26.62 -32.44
N PRO O 409 -27.06 -27.00 -33.70
CA PRO O 409 -27.34 -28.40 -34.04
C PRO O 409 -26.12 -29.28 -33.96
N GLY O 410 -24.90 -28.71 -34.14
CA GLY O 410 -23.64 -29.43 -33.97
C GLY O 410 -23.43 -29.87 -32.55
N ALA O 411 -23.54 -28.91 -31.62
CA ALA O 411 -23.48 -29.13 -30.19
C ALA O 411 -24.58 -30.02 -29.68
N ALA O 412 -25.82 -29.85 -30.22
CA ALA O 412 -26.97 -30.67 -29.90
C ALA O 412 -26.77 -32.11 -30.33
N ALA O 413 -26.21 -32.36 -31.53
CA ALA O 413 -25.88 -33.69 -32.00
C ALA O 413 -24.83 -34.37 -31.13
N ASN O 414 -23.81 -33.61 -30.67
CA ASN O 414 -22.77 -34.14 -29.80
C ASN O 414 -23.34 -34.47 -28.41
N ARG O 415 -24.25 -33.61 -27.92
CA ARG O 415 -25.00 -33.79 -26.69
C ARG O 415 -25.96 -34.97 -26.72
N VAL O 416 -26.66 -35.16 -27.85
CA VAL O 416 -27.54 -36.28 -28.11
C VAL O 416 -26.75 -37.57 -28.17
N ALA O 417 -25.59 -37.59 -28.86
CA ALA O 417 -24.74 -38.75 -28.90
C ALA O 417 -24.17 -39.13 -27.52
N LEU O 418 -23.79 -38.13 -26.69
CA LEU O 418 -23.38 -38.38 -25.32
C LEU O 418 -24.48 -38.96 -24.43
N GLU O 419 -25.70 -38.39 -24.51
CA GLU O 419 -26.82 -38.87 -23.73
C GLU O 419 -27.31 -40.24 -24.20
N ALA O 420 -27.35 -40.50 -25.52
CA ALA O 420 -27.67 -41.80 -26.09
C ALA O 420 -26.67 -42.89 -25.72
N CYS O 421 -25.36 -42.57 -25.76
CA CYS O 421 -24.29 -43.46 -25.29
C CYS O 421 -24.39 -43.70 -23.80
N THR O 422 -24.72 -42.66 -23.02
CA THR O 422 -24.87 -42.78 -21.57
C THR O 422 -26.10 -43.60 -21.20
N GLN O 423 -27.21 -43.51 -21.97
CA GLN O 423 -28.35 -44.40 -21.78
C GLN O 423 -28.03 -45.86 -22.08
N ALA O 424 -27.27 -46.13 -23.17
CA ALA O 424 -26.78 -47.47 -23.50
C ALA O 424 -25.86 -48.05 -22.42
N ARG O 425 -24.98 -47.19 -21.87
CA ARG O 425 -24.07 -47.48 -20.78
C ARG O 425 -24.81 -47.72 -19.47
N ASN O 426 -25.90 -46.98 -19.20
CA ASN O 426 -26.77 -47.15 -18.05
C ASN O 426 -27.55 -48.48 -18.11
N GLU O 427 -27.84 -48.99 -19.32
CA GLU O 427 -28.49 -50.28 -19.49
C GLU O 427 -27.49 -51.44 -19.43
N GLY O 428 -26.18 -51.14 -19.37
CA GLY O 428 -25.11 -52.11 -19.31
C GLY O 428 -24.80 -52.80 -20.62
N ARG O 429 -25.21 -52.20 -21.76
CA ARG O 429 -24.98 -52.75 -23.09
C ARG O 429 -23.54 -53.10 -23.44
N ASP O 430 -23.35 -54.05 -24.37
CA ASP O 430 -22.05 -54.48 -24.89
C ASP O 430 -21.57 -53.45 -25.91
N LEU O 431 -21.14 -52.26 -25.39
CA LEU O 431 -21.02 -51.01 -26.11
C LEU O 431 -20.17 -51.01 -27.36
N ALA O 432 -19.07 -51.79 -27.41
CA ALA O 432 -18.23 -51.91 -28.58
C ALA O 432 -18.93 -52.50 -29.80
N ARG O 433 -19.90 -53.41 -29.57
CA ARG O 433 -20.61 -54.08 -30.63
C ARG O 433 -22.01 -53.50 -30.80
N GLU O 434 -22.66 -53.06 -29.70
CA GLU O 434 -23.98 -52.45 -29.74
C GLU O 434 -23.97 -51.01 -30.25
N GLY O 435 -22.88 -50.24 -30.01
CA GLY O 435 -22.83 -48.80 -30.21
C GLY O 435 -23.15 -48.25 -31.59
N GLY O 436 -22.78 -48.97 -32.67
CA GLY O 436 -23.16 -48.61 -34.04
C GLY O 436 -24.65 -48.64 -34.28
N ASP O 437 -25.33 -49.60 -33.64
CA ASP O 437 -26.77 -49.78 -33.77
C ASP O 437 -27.52 -48.81 -32.85
N VAL O 438 -26.90 -48.43 -31.71
CA VAL O 438 -27.39 -47.40 -30.82
C VAL O 438 -27.40 -46.04 -31.53
N ILE O 439 -26.31 -45.73 -32.26
CA ILE O 439 -26.21 -44.53 -33.08
C ILE O 439 -27.22 -44.52 -34.23
N ARG O 440 -27.36 -45.65 -34.96
CA ARG O 440 -28.39 -45.80 -35.99
C ARG O 440 -29.82 -45.63 -35.50
N SER O 441 -30.15 -46.17 -34.31
CA SER O 441 -31.45 -45.99 -33.69
C SER O 441 -31.68 -44.55 -33.24
N ALA O 442 -30.66 -43.89 -32.66
CA ALA O 442 -30.74 -42.52 -32.19
C ALA O 442 -31.04 -41.55 -33.34
N CYS O 443 -30.46 -41.84 -34.52
CA CYS O 443 -30.63 -41.07 -35.74
C CYS O 443 -32.05 -41.08 -36.29
N LYS O 444 -32.95 -41.99 -35.86
CA LYS O 444 -34.33 -42.03 -36.34
C LYS O 444 -35.09 -40.74 -36.03
N TRP O 445 -34.89 -40.15 -34.84
CA TRP O 445 -35.40 -38.83 -34.56
C TRP O 445 -34.68 -38.24 -33.35
N SER O 446 -33.34 -38.13 -33.43
CA SER O 446 -32.70 -36.84 -33.60
C SER O 446 -32.30 -36.56 -35.06
N PRO O 447 -32.97 -35.67 -35.81
CA PRO O 447 -32.52 -35.26 -37.15
C PRO O 447 -31.12 -34.68 -37.12
N GLU O 448 -30.73 -33.98 -36.02
CA GLU O 448 -29.43 -33.36 -35.83
C GLU O 448 -28.30 -34.39 -35.83
N LEU O 449 -28.55 -35.55 -35.18
CA LEU O 449 -27.61 -36.66 -35.15
C LEU O 449 -27.58 -37.42 -36.46
N ALA O 450 -28.74 -37.51 -37.17
CA ALA O 450 -28.79 -38.09 -38.49
C ALA O 450 -27.90 -37.34 -39.48
N ALA O 451 -27.91 -35.98 -39.38
CA ALA O 451 -27.09 -35.10 -40.17
C ALA O 451 -25.62 -35.22 -39.77
N ALA O 452 -25.34 -35.38 -38.46
CA ALA O 452 -24.01 -35.61 -37.91
C ALA O 452 -23.39 -36.91 -38.43
N CYS O 453 -24.21 -37.93 -38.65
CA CYS O 453 -23.78 -39.26 -39.04
C CYS O 453 -23.72 -39.41 -40.54
N GLU O 454 -24.47 -38.58 -41.31
CA GLU O 454 -24.24 -38.50 -42.74
C GLU O 454 -22.97 -37.69 -43.03
N VAL O 455 -22.76 -36.58 -42.32
CA VAL O 455 -21.60 -35.71 -42.44
C VAL O 455 -20.31 -36.40 -42.05
N TRP O 456 -20.32 -37.16 -40.93
CA TRP O 456 -19.17 -37.93 -40.46
C TRP O 456 -19.33 -39.43 -40.68
N LYS O 457 -19.49 -39.87 -41.95
CA LYS O 457 -19.66 -41.28 -42.27
C LYS O 457 -18.38 -41.99 -42.68
N GLU O 458 -17.23 -41.31 -42.69
CA GLU O 458 -15.96 -41.93 -43.08
C GLU O 458 -15.02 -42.19 -41.91
N ILE O 459 -15.32 -41.67 -40.70
CA ILE O 459 -14.47 -41.85 -39.52
C ILE O 459 -14.92 -43.05 -38.70
N LYS O 460 -14.01 -44.03 -38.47
CA LYS O 460 -14.33 -45.24 -37.73
C LYS O 460 -13.23 -45.70 -36.78
N PHE O 461 -12.08 -45.00 -36.69
CA PHE O 461 -10.97 -45.36 -35.82
C PHE O 461 -11.31 -45.48 -34.33
N GLU O 462 -10.71 -46.47 -33.63
CA GLU O 462 -10.90 -46.69 -32.20
C GLU O 462 -9.71 -46.10 -31.46
N PHE O 463 -8.74 -46.96 -31.10
CA PHE O 463 -7.49 -46.62 -30.45
C PHE O 463 -6.52 -47.71 -30.89
N ASP O 464 -5.22 -47.41 -30.99
CA ASP O 464 -4.16 -48.41 -31.08
C ASP O 464 -3.72 -48.82 -29.67
N THR O 465 -3.05 -49.98 -29.51
CA THR O 465 -2.73 -50.50 -28.19
C THR O 465 -1.33 -50.05 -27.80
N ILE O 466 -0.35 -50.29 -28.68
CA ILE O 466 1.08 -50.25 -28.35
C ILE O 466 1.64 -48.88 -28.65
N ASP O 467 2.43 -48.29 -27.71
CA ASP O 467 3.10 -47.00 -27.83
C ASP O 467 3.71 -46.65 -29.21
N LYS O 468 3.43 -45.42 -29.68
CA LYS O 468 3.89 -44.91 -30.96
C LYS O 468 4.67 -43.64 -30.76
N LEU O 469 5.84 -43.78 -30.15
CA LEU O 469 6.71 -42.70 -29.74
C LEU O 469 7.63 -42.29 -30.90
N MET P 1 39.11 -2.44 47.16
CA MET P 1 38.58 -3.38 46.12
C MET P 1 37.21 -2.98 45.61
N MET P 2 36.87 -3.16 44.32
CA MET P 2 37.67 -3.65 43.21
C MET P 2 37.55 -2.72 42.02
N VAL P 3 38.68 -2.15 41.54
CA VAL P 3 38.69 -1.29 40.37
C VAL P 3 38.87 -2.15 39.13
N TRP P 4 37.75 -2.45 38.42
CA TRP P 4 37.74 -3.35 37.30
C TRP P 4 37.88 -2.57 36.00
N THR P 5 38.73 -3.02 35.05
CA THR P 5 38.98 -2.40 33.75
C THR P 5 40.21 -3.03 33.10
N PRO P 6 40.23 -3.39 31.82
CA PRO P 6 41.44 -3.87 31.16
C PRO P 6 42.26 -2.70 30.61
N VAL P 7 43.36 -2.31 31.28
CA VAL P 7 44.15 -1.14 30.91
C VAL P 7 45.20 -1.45 29.85
N ASN P 8 45.18 -0.70 28.72
CA ASN P 8 46.08 -0.77 27.57
C ASN P 8 45.90 -1.99 26.67
N ASN P 9 44.82 -2.77 26.85
CA ASN P 9 44.59 -3.99 26.13
C ASN P 9 43.11 -4.27 26.32
N LYS P 10 42.54 -5.22 25.56
CA LYS P 10 41.14 -5.59 25.64
C LYS P 10 41.05 -7.06 26.02
N MET P 11 39.81 -7.58 26.22
CA MET P 11 39.61 -8.99 26.47
C MET P 11 39.39 -9.75 25.17
N PHE P 12 40.45 -10.39 24.64
CA PHE P 12 40.39 -11.17 23.42
C PHE P 12 39.68 -12.51 23.57
N GLU P 13 38.35 -12.43 23.75
CA GLU P 13 37.39 -13.52 23.85
C GLU P 13 37.73 -14.61 24.89
N THR P 14 37.30 -15.86 24.65
CA THR P 14 37.38 -16.96 25.61
C THR P 14 38.80 -17.35 25.96
N PHE P 15 39.13 -17.37 27.26
CA PHE P 15 40.41 -17.69 27.89
C PHE P 15 41.32 -16.49 28.01
N SER P 16 40.81 -15.27 27.80
CA SER P 16 41.60 -14.05 27.98
C SER P 16 41.38 -13.42 29.34
N TYR P 17 40.43 -13.94 30.15
CA TYR P 17 40.13 -13.40 31.46
C TYR P 17 40.93 -14.14 32.54
N LEU P 18 41.67 -15.19 32.12
CA LEU P 18 42.58 -15.97 32.92
C LEU P 18 43.99 -15.83 32.34
N PRO P 19 45.08 -15.92 33.11
CA PRO P 19 46.45 -15.84 32.61
C PRO P 19 46.79 -16.85 31.48
N PRO P 20 47.70 -16.59 30.54
CA PRO P 20 47.97 -17.47 29.40
C PRO P 20 48.34 -18.91 29.71
N LEU P 21 47.88 -19.86 28.88
CA LEU P 21 48.32 -21.25 28.91
C LEU P 21 49.74 -21.38 28.36
N THR P 22 50.56 -22.30 28.90
CA THR P 22 51.91 -22.56 28.39
C THR P 22 51.81 -23.47 27.17
N ASP P 23 52.89 -23.60 26.38
CA ASP P 23 52.89 -24.42 25.17
C ASP P 23 52.61 -25.90 25.50
N GLU P 24 53.10 -26.37 26.66
CA GLU P 24 52.88 -27.69 27.20
C GLU P 24 51.43 -27.94 27.56
N GLN P 25 50.74 -26.94 28.18
CA GLN P 25 49.33 -27.01 28.49
C GLN P 25 48.46 -27.03 27.25
N ILE P 26 48.85 -26.23 26.22
CA ILE P 26 48.18 -26.19 24.93
C ILE P 26 48.32 -27.51 24.20
N ALA P 27 49.54 -28.09 24.13
CA ALA P 27 49.78 -29.38 23.52
C ALA P 27 49.05 -30.54 24.19
N ALA P 28 48.99 -30.55 25.55
CA ALA P 28 48.26 -31.53 26.31
C ALA P 28 46.75 -31.46 26.08
N GLN P 29 46.20 -30.23 26.02
CA GLN P 29 44.79 -30.01 25.75
C GLN P 29 44.42 -30.30 24.30
N VAL P 30 45.35 -30.10 23.33
CA VAL P 30 45.19 -30.53 21.95
C VAL P 30 45.14 -32.05 21.84
N ASP P 31 46.05 -32.77 22.53
CA ASP P 31 46.09 -34.23 22.58
C ASP P 31 44.77 -34.82 23.11
N TYR P 32 44.20 -34.17 24.16
CA TYR P 32 42.87 -34.45 24.69
C TYR P 32 41.75 -34.19 23.67
N ILE P 33 41.81 -33.04 22.95
CA ILE P 33 40.78 -32.63 21.99
C ILE P 33 40.77 -33.58 20.80
N VAL P 34 41.96 -34.07 20.40
CA VAL P 34 42.16 -35.10 19.39
C VAL P 34 41.61 -36.45 19.86
N ALA P 35 41.89 -36.84 21.12
CA ALA P 35 41.40 -38.06 21.73
C ALA P 35 39.88 -38.15 21.77
N ASN P 36 39.21 -37.00 21.98
CA ASN P 36 37.77 -36.89 22.05
C ASN P 36 37.09 -36.73 20.68
N GLY P 37 37.86 -36.75 19.57
CA GLY P 37 37.31 -36.74 18.22
C GLY P 37 36.95 -35.40 17.65
N TRP P 38 37.56 -34.32 18.16
CA TRP P 38 37.41 -33.00 17.59
C TRP P 38 38.50 -32.87 16.55
N ILE P 39 38.30 -32.09 15.46
CA ILE P 39 39.29 -32.00 14.40
C ILE P 39 39.92 -30.61 14.37
N PRO P 40 41.16 -30.41 14.86
CA PRO P 40 41.83 -29.10 14.91
C PRO P 40 42.11 -28.43 13.57
N CYS P 41 42.15 -27.09 13.57
CA CYS P 41 42.66 -26.30 12.48
C CYS P 41 43.42 -25.14 13.11
N LEU P 42 44.60 -24.79 12.56
CA LEU P 42 45.34 -23.63 13.05
C LEU P 42 44.99 -22.47 12.13
N GLU P 43 44.62 -21.32 12.72
CA GLU P 43 44.13 -20.20 11.95
C GLU P 43 44.72 -18.93 12.54
N PHE P 44 44.73 -17.84 11.74
CA PHE P 44 45.38 -16.61 12.13
C PHE P 44 44.57 -15.44 11.61
N ALA P 45 44.73 -14.25 12.21
CA ALA P 45 44.03 -13.08 11.76
C ALA P 45 44.82 -11.82 12.06
N GLU P 46 44.89 -10.88 11.09
CA GLU P 46 45.53 -9.59 11.25
C GLU P 46 44.90 -8.78 12.38
N ALA P 47 45.66 -7.98 13.13
CA ALA P 47 45.18 -7.35 14.35
C ALA P 47 43.93 -6.49 14.22
N ASP P 48 43.84 -5.70 13.13
CA ASP P 48 42.72 -4.87 12.78
C ASP P 48 41.53 -5.67 12.24
N LYS P 49 41.74 -6.92 11.81
CA LYS P 49 40.72 -7.80 11.27
C LYS P 49 40.26 -8.86 12.27
N ALA P 50 40.93 -8.96 13.44
CA ALA P 50 40.54 -9.84 14.52
C ALA P 50 39.83 -9.09 15.63
N TYR P 51 39.78 -7.76 15.52
CA TYR P 51 39.14 -6.90 16.49
C TYR P 51 37.88 -6.36 15.85
N VAL P 52 36.73 -6.68 16.47
CA VAL P 52 35.39 -6.53 15.96
C VAL P 52 35.04 -5.11 15.49
N SER P 53 34.27 -5.01 14.40
CA SER P 53 33.99 -3.75 13.73
C SER P 53 32.62 -3.81 13.12
N ASN P 54 31.95 -2.66 12.96
CA ASN P 54 30.67 -2.59 12.29
C ASN P 54 30.69 -1.54 11.19
N GLU P 55 31.89 -1.06 10.80
CA GLU P 55 32.10 0.01 9.84
C GLU P 55 31.55 -0.30 8.43
N SER P 56 31.64 -1.58 8.03
CA SER P 56 31.21 -2.11 6.72
C SER P 56 29.73 -1.98 6.46
N ALA P 57 28.95 -1.63 7.50
CA ALA P 57 27.55 -1.26 7.50
C ALA P 57 27.29 -0.04 6.60
N ILE P 58 28.33 0.75 6.31
CA ILE P 58 28.30 1.89 5.39
C ILE P 58 27.95 1.49 3.95
N ARG P 59 28.42 0.33 3.47
CA ARG P 59 28.15 -0.17 2.13
C ARG P 59 26.78 -0.84 1.92
N PHE P 60 26.06 -1.21 3.00
CA PHE P 60 24.82 -1.97 2.89
C PHE P 60 23.60 -1.22 3.36
N GLY P 61 22.47 -1.35 2.62
CA GLY P 61 21.25 -0.58 2.89
C GLY P 61 20.52 -0.87 4.18
N SER P 62 20.38 -2.15 4.61
CA SER P 62 19.69 -2.49 5.84
C SER P 62 20.58 -3.19 6.85
N VAL P 63 20.66 -2.58 8.05
CA VAL P 63 21.56 -2.96 9.12
C VAL P 63 20.78 -2.83 10.44
N SER P 64 21.22 -3.42 11.58
CA SER P 64 22.36 -4.30 11.78
C SER P 64 22.10 -5.73 11.32
N CYS P 65 20.83 -6.13 11.22
CA CYS P 65 20.30 -7.43 10.82
C CYS P 65 21.16 -8.68 11.02
N LEU P 66 21.62 -8.93 12.27
CA LEU P 66 22.47 -10.07 12.65
C LEU P 66 23.89 -10.10 12.07
N TYR P 67 24.26 -9.15 11.18
CA TYR P 67 25.57 -8.93 10.61
C TYR P 67 26.67 -8.59 11.63
N TYR P 68 27.93 -8.98 11.35
CA TYR P 68 29.07 -8.69 12.19
C TYR P 68 30.24 -8.51 11.22
N ASP P 69 31.39 -7.97 11.67
CA ASP P 69 32.55 -7.84 10.83
C ASP P 69 33.82 -7.82 11.72
N ASN P 70 34.99 -8.04 11.10
CA ASN P 70 36.32 -8.18 11.70
C ASN P 70 36.39 -9.18 12.84
N ARG P 71 35.82 -10.37 12.58
CA ARG P 71 35.98 -11.57 13.37
C ARG P 71 36.43 -12.74 12.52
N TYR P 72 36.98 -12.46 11.31
CA TYR P 72 37.35 -13.49 10.37
C TYR P 72 38.80 -13.96 10.54
N TRP P 73 39.02 -15.29 10.47
CA TRP P 73 40.30 -15.92 10.64
C TRP P 73 40.67 -16.64 9.36
N THR P 74 41.94 -16.50 8.93
CA THR P 74 42.50 -17.10 7.73
C THR P 74 43.21 -18.38 8.14
N MET P 75 43.09 -19.49 7.38
CA MET P 75 43.67 -20.75 7.79
C MET P 75 45.17 -20.87 7.55
N TRP P 76 45.92 -21.48 8.50
CA TRP P 76 47.34 -21.67 8.36
C TRP P 76 47.68 -22.90 7.51
N LYS P 77 47.69 -22.69 6.18
CA LYS P 77 48.07 -23.62 5.12
C LYS P 77 47.12 -24.78 4.91
N LEU P 78 46.93 -25.60 5.95
CA LEU P 78 46.17 -26.83 5.93
C LEU P 78 45.34 -26.95 7.20
N PRO P 79 44.21 -27.63 7.22
CA PRO P 79 43.59 -28.10 8.47
C PRO P 79 44.29 -29.37 8.92
N MET P 80 44.11 -29.83 10.18
CA MET P 80 44.80 -31.04 10.64
C MET P 80 44.08 -32.32 10.20
N PHE P 81 43.92 -32.53 8.89
CA PHE P 81 43.31 -33.72 8.34
C PHE P 81 44.39 -34.79 8.22
N GLY P 82 44.03 -36.06 8.46
CA GLY P 82 44.99 -37.15 8.54
C GLY P 82 45.69 -37.10 9.88
N CYS P 83 47.01 -36.84 9.86
CA CYS P 83 47.83 -36.71 11.06
C CYS P 83 47.36 -35.63 12.04
N ARG P 84 47.42 -35.91 13.35
CA ARG P 84 46.97 -35.01 14.39
C ARG P 84 48.08 -34.57 15.35
N ASP P 85 49.33 -35.01 15.11
CA ASP P 85 50.54 -34.75 15.91
C ASP P 85 50.68 -33.35 16.54
N PRO P 86 50.67 -33.19 17.88
CA PRO P 86 50.84 -31.89 18.52
C PRO P 86 52.19 -31.24 18.25
N MET P 87 53.24 -31.99 17.87
CA MET P 87 54.52 -31.38 17.56
C MET P 87 54.51 -30.75 16.17
N GLN P 88 53.67 -31.28 15.25
CA GLN P 88 53.41 -30.63 13.98
C GLN P 88 52.69 -29.32 14.16
N VAL P 89 51.71 -29.28 15.10
CA VAL P 89 50.97 -28.07 15.47
C VAL P 89 51.90 -27.03 16.07
N LEU P 90 52.80 -27.44 16.98
CA LEU P 90 53.79 -26.56 17.58
C LEU P 90 54.79 -25.99 16.58
N ARG P 91 55.30 -26.80 15.62
CA ARG P 91 56.12 -26.32 14.52
C ARG P 91 55.40 -25.34 13.62
N GLU P 92 54.13 -25.60 13.31
CA GLU P 92 53.27 -24.74 12.52
C GLU P 92 52.98 -23.41 13.22
N ILE P 93 52.76 -23.41 14.56
CA ILE P 93 52.60 -22.20 15.36
C ILE P 93 53.86 -21.34 15.32
N VAL P 94 55.05 -21.95 15.44
CA VAL P 94 56.33 -21.27 15.29
C VAL P 94 56.53 -20.71 13.89
N ALA P 95 56.21 -21.49 12.84
CA ALA P 95 56.29 -21.08 11.44
C ALA P 95 55.35 -19.91 11.11
N CYS P 96 54.14 -19.94 11.67
CA CYS P 96 53.13 -18.89 11.58
C CYS P 96 53.62 -17.62 12.27
N THR P 97 54.18 -17.77 13.49
CA THR P 97 54.74 -16.67 14.29
C THR P 97 55.90 -15.99 13.59
N LYS P 98 56.79 -16.79 12.97
CA LYS P 98 57.87 -16.29 12.14
C LYS P 98 57.36 -15.58 10.88
N ALA P 99 56.32 -16.14 10.21
CA ALA P 99 55.69 -15.55 9.04
C ALA P 99 54.93 -14.24 9.26
N PHE P 100 54.19 -14.08 10.37
CA PHE P 100 53.34 -12.92 10.58
C PHE P 100 53.54 -12.23 11.93
N PRO P 101 54.22 -11.08 11.98
CA PRO P 101 54.40 -10.35 13.23
C PRO P 101 53.13 -9.65 13.68
N ASP P 102 52.26 -9.24 12.72
CA ASP P 102 51.12 -8.41 12.99
C ASP P 102 49.79 -9.15 12.94
N ALA P 103 49.83 -10.49 12.93
CA ALA P 103 48.63 -11.30 13.02
C ALA P 103 48.59 -12.05 14.34
N TYR P 104 47.37 -12.29 14.83
CA TYR P 104 47.10 -13.14 15.97
C TYR P 104 46.97 -14.57 15.48
N VAL P 105 47.41 -15.56 16.27
CA VAL P 105 47.34 -16.96 15.93
C VAL P 105 46.47 -17.67 16.95
N ARG P 106 45.52 -18.52 16.52
CA ARG P 106 44.61 -19.20 17.43
C ARG P 106 44.36 -20.62 16.92
N LEU P 107 44.00 -21.58 17.82
CA LEU P 107 43.57 -22.90 17.43
C LEU P 107 42.06 -23.01 17.55
N VAL P 108 41.44 -23.65 16.55
CA VAL P 108 40.02 -23.91 16.51
C VAL P 108 39.88 -25.38 16.17
N ALA P 109 38.68 -25.96 16.36
CA ALA P 109 38.47 -27.36 16.06
C ALA P 109 37.02 -27.57 15.67
N PHE P 110 36.65 -28.70 15.05
CA PHE P 110 35.22 -28.95 14.82
C PHE P 110 34.75 -30.35 15.19
N ASP P 111 33.43 -30.42 15.51
CA ASP P 111 32.64 -31.62 15.77
C ASP P 111 31.88 -31.96 14.50
N ASN P 112 32.29 -33.01 13.78
CA ASN P 112 31.75 -33.33 12.47
C ASN P 112 30.33 -33.91 12.51
N GLN P 113 29.80 -34.27 13.70
CA GLN P 113 28.46 -34.82 13.87
C GLN P 113 27.36 -33.88 13.39
N LYS P 114 27.45 -32.58 13.76
CA LYS P 114 26.55 -31.54 13.25
C LYS P 114 27.34 -30.53 12.42
N GLN P 115 28.66 -30.78 12.24
CA GLN P 115 29.66 -29.93 11.61
C GLN P 115 29.75 -28.53 12.21
N VAL P 116 29.98 -28.47 13.54
CA VAL P 116 30.07 -27.22 14.29
C VAL P 116 31.51 -26.98 14.72
N GLN P 117 31.99 -25.73 14.48
CA GLN P 117 33.32 -25.30 14.81
C GLN P 117 33.39 -24.67 16.20
N ILE P 118 34.35 -25.09 17.02
CA ILE P 118 34.65 -24.57 18.33
C ILE P 118 35.88 -23.69 18.24
N MET P 119 35.84 -22.49 18.84
CA MET P 119 36.93 -21.55 18.80
C MET P 119 37.57 -21.65 20.18
N GLY P 120 38.78 -22.23 20.28
CA GLY P 120 39.38 -22.54 21.58
C GLY P 120 40.47 -21.59 21.98
N PHE P 121 41.43 -22.11 22.75
CA PHE P 121 42.62 -21.41 23.18
C PHE P 121 43.63 -21.27 22.02
N LEU P 122 44.44 -20.21 21.91
CA LEU P 122 44.47 -18.99 22.71
C LEU P 122 44.87 -17.91 21.72
N VAL P 123 44.39 -16.66 21.87
CA VAL P 123 44.74 -15.58 20.96
C VAL P 123 46.08 -14.99 21.34
N GLN P 124 47.12 -15.18 20.49
CA GLN P 124 48.50 -14.84 20.76
C GLN P 124 49.22 -14.26 19.55
N ARG P 125 50.07 -13.25 19.77
CA ARG P 125 50.84 -12.54 18.76
C ARG P 125 52.16 -12.15 19.42
N PRO P 126 53.31 -11.97 18.78
CA PRO P 126 54.56 -11.63 19.48
C PRO P 126 54.60 -10.18 19.94
N LYS P 127 53.52 -9.41 19.72
CA LYS P 127 53.36 -8.03 20.11
C LYS P 127 52.10 -7.88 20.95
N THR P 128 51.63 -8.94 21.64
CA THR P 128 50.43 -8.93 22.48
C THR P 128 50.46 -7.84 23.55
N ALA P 129 49.49 -6.91 23.54
CA ALA P 129 49.39 -5.81 24.46
C ALA P 129 49.21 -6.19 25.94
N ARG P 130 49.55 -5.27 26.85
CA ARG P 130 49.63 -5.38 28.30
C ARG P 130 48.85 -6.46 29.04
N ASP P 131 49.56 -7.23 29.87
CA ASP P 131 49.05 -8.28 30.74
C ASP P 131 48.13 -7.77 31.87
N PHE P 132 47.16 -8.59 32.30
CA PHE P 132 46.19 -8.23 33.32
C PHE P 132 46.53 -8.97 34.63
#